data_4DUV
#
_entry.id   4DUV
#
_cell.length_a   150.570
_cell.length_b   167.731
_cell.length_c   201.640
_cell.angle_alpha   90.00
_cell.angle_beta   90.00
_cell.angle_gamma   90.00
#
_symmetry.space_group_name_H-M   'P 21 21 21'
#
loop_
_entity.id
_entity.type
_entity.pdbx_description
1 polymer Beta-galactosidase
2 non-polymer 2-deoxy-alpha-D-galactopyranose
3 non-polymer 2-[BIS-(2-HYDROXY-ETHYL)-AMINO]-2-HYDROXYMETHYL-PROPANE-1,3-DIOL
4 non-polymer 'MAGNESIUM ION'
5 non-polymer 'SODIUM ION'
6 non-polymer 'DIMETHYL SULFOXIDE'
7 water water
#
_entity_poly.entity_id   1
_entity_poly.type   'polypeptide(L)'
_entity_poly.pdbx_seq_one_letter_code
;MGGSHHHHHHGMASMTGGQQMGRDLYDDDDKDPMIDPVVLQRRDWENPGVTQLNRLAAHPPFASWRNSEEARTDRPSQQL
RSLNGEWRFAWFPAPEAVPESWLECDLPEADTVVVPSNWQMHGYDAPIYTNVTYPITVNPPFVPTENPTGCYSLTFNVDE
SWLQEGQTRIIFDGVNSAFHLWCNGRWVGYGQDSRLPSEFDLSAFLRAGENRLAVMVLRWSDGSYLEDQDMWRMSGIFRD
VSLLHKPTTQISDFHVATRFNDDFSRAVLEAEVQMCGELRDYLRVTVSLWQGETQVASGTAPFGGEIIDERGGYADRVTL
RLNVENPKLWSAEIPNLYRAVVELHTADGTLIEAEACDVGFREVRIENGLLLLNGKPLLIRGVNRHEHHPLHGQVMDEQT
MVQDILLMKQNNFNAVRCSHYPNHPLWYTLCDRYGLYVVDEANIETHGMVPMNRLTDDPRWLPAMSERVTRMVQRDRNHP
SVIIWSLGNESGHGANHDALYRWIKSVDPSRPVQYEGGGADTTATDIICPMYARVDEDQPFPAVPKWSIKKWLSLPGETR
PLILCEYAHAMGNSLGGFAKYWQAFRQYPRLQGGFVWDWVDQSLIKYDENGNPWSAYGGDFGDTPNDRQFCMNGLVFADR
TPHPALTEAKHQQQFFQFRLSGQTIEVTSEYLFRHSDNELLHWMVALDGKPLASGEVPLDVAPQGKQLIELPELPQPESA
GQLWLTVRVVQPNATAWSEAGHISAWQQWRLAENLSVTLPAASHAIPHLTTSEMDFCIELGNKRWQFNRQSGFLSQMWIG
DKKQLLTPLRDQFTRAPLDNDIAVSEATRIDPNAWVERWKAAGHYQAEAALLQCTADTLADAVLITTAHAWQHQGKTLFI
SRKTYRIDGSGQMAITVDVEVASDTPHPARIGLNCQLAQVAERVNWLGLGPQENYPDRLTAACFDRWDLPLSDMYTPYVF
PSENGLRCGTRELNYGPHQWRGDFQFNISRYSQQQLMETSHRHLLHAEEGTWLNIDGFHMGIGGDDSWSPSVSAEFQLSA
GRYHYQLVWCQK
;
_entity_poly.pdbx_strand_id   A,B,C,D
#
# COMPACT_ATOMS: atom_id res chain seq x y z
N MET A 34 -58.98 -15.80 -26.59
CA MET A 34 -57.87 -14.96 -26.03
C MET A 34 -56.50 -15.45 -26.51
N ILE A 35 -55.54 -14.52 -26.61
CA ILE A 35 -54.16 -14.85 -27.01
C ILE A 35 -53.56 -15.83 -26.03
N ASP A 36 -53.00 -16.91 -26.56
CA ASP A 36 -52.62 -18.05 -25.75
C ASP A 36 -51.54 -18.81 -26.54
N PRO A 37 -51.18 -20.03 -26.12
CA PRO A 37 -51.45 -20.66 -24.82
C PRO A 37 -50.26 -20.50 -23.88
N VAL A 38 -49.09 -20.87 -24.38
CA VAL A 38 -47.82 -20.79 -23.66
C VAL A 38 -47.55 -19.37 -23.10
N VAL A 39 -47.89 -18.35 -23.89
CA VAL A 39 -47.64 -16.95 -23.53
C VAL A 39 -48.41 -16.52 -22.27
N LEU A 40 -49.71 -16.77 -22.23
CA LEU A 40 -50.51 -16.46 -21.04
C LEU A 40 -50.25 -17.42 -19.89
N GLN A 41 -49.83 -18.64 -20.21
CA GLN A 41 -49.60 -19.67 -19.21
C GLN A 41 -48.33 -19.42 -18.40
N ARG A 42 -47.25 -19.05 -19.08
CA ARG A 42 -45.95 -18.85 -18.44
C ARG A 42 -45.86 -17.61 -17.56
N ARG A 43 -46.62 -16.57 -17.91
CA ARG A 43 -46.58 -15.29 -17.18
C ARG A 43 -45.14 -14.86 -16.95
N ASP A 44 -44.42 -14.65 -18.04
CA ASP A 44 -43.00 -14.31 -18.02
C ASP A 44 -42.73 -12.93 -17.39
N TRP A 45 -43.78 -12.10 -17.34
CA TRP A 45 -43.72 -10.77 -16.75
C TRP A 45 -43.88 -10.77 -15.24
N GLU A 46 -43.93 -11.97 -14.66
CA GLU A 46 -43.93 -12.14 -13.20
C GLU A 46 -42.83 -13.12 -12.79
N ASN A 47 -41.70 -13.02 -13.47
CA ASN A 47 -40.59 -13.94 -13.26
C ASN A 47 -39.28 -13.23 -13.55
N PRO A 48 -38.52 -12.88 -12.49
CA PRO A 48 -37.25 -12.16 -12.64
C PRO A 48 -36.15 -13.05 -13.23
N GLY A 49 -36.40 -14.35 -13.30
CA GLY A 49 -35.50 -15.29 -13.98
C GLY A 49 -35.64 -15.26 -15.50
N VAL A 50 -36.72 -14.64 -16.00
CA VAL A 50 -36.94 -14.49 -17.43
C VAL A 50 -37.09 -13.01 -17.78
N THR A 51 -36.04 -12.46 -18.40
CA THR A 51 -36.00 -11.04 -18.73
C THR A 51 -36.00 -10.87 -20.24
N GLN A 52 -36.00 -11.99 -20.95
CA GLN A 52 -36.02 -11.99 -22.41
C GLN A 52 -36.20 -13.42 -22.93
N LEU A 53 -36.72 -13.53 -24.15
CA LEU A 53 -36.70 -14.79 -24.90
C LEU A 53 -36.34 -14.48 -26.35
N ASN A 54 -35.33 -15.18 -26.88
CA ASN A 54 -34.89 -15.03 -28.28
C ASN A 54 -34.35 -13.64 -28.64
N ARG A 55 -33.97 -12.87 -27.63
CA ARG A 55 -33.38 -11.57 -27.86
C ARG A 55 -31.91 -11.71 -28.29
N LEU A 56 -31.50 -10.88 -29.24
CA LEU A 56 -30.13 -10.88 -29.72
C LEU A 56 -29.20 -10.17 -28.74
N ALA A 57 -27.91 -10.50 -28.81
CA ALA A 57 -26.88 -9.88 -28.00
C ALA A 57 -26.82 -8.37 -28.22
N ALA A 58 -26.54 -7.65 -27.14
CA ALA A 58 -26.35 -6.21 -27.21
C ALA A 58 -25.01 -5.88 -27.89
N HIS A 59 -24.91 -4.66 -28.42
CA HIS A 59 -23.76 -4.23 -29.21
C HIS A 59 -23.83 -2.72 -29.40
N PRO A 60 -22.74 -2.10 -29.86
CA PRO A 60 -22.71 -0.66 -30.14
C PRO A 60 -23.56 -0.33 -31.37
N PRO A 61 -23.93 0.96 -31.54
CA PRO A 61 -24.85 1.32 -32.64
C PRO A 61 -24.35 0.82 -34.01
N PHE A 62 -25.22 0.12 -34.73
CA PHE A 62 -24.90 -0.43 -36.06
C PHE A 62 -25.78 0.23 -37.14
N ALA A 63 -25.26 0.27 -38.36
CA ALA A 63 -26.00 0.74 -39.51
C ALA A 63 -25.80 -0.17 -40.73
N SER A 64 -24.79 -1.04 -40.67
CA SER A 64 -24.46 -1.97 -41.74
C SER A 64 -24.37 -1.27 -43.11
N TRP A 65 -23.49 -0.27 -43.19
CA TRP A 65 -23.18 0.36 -44.46
C TRP A 65 -22.54 -0.67 -45.38
N ARG A 66 -22.83 -0.57 -46.67
CA ARG A 66 -22.20 -1.42 -47.68
C ARG A 66 -21.34 -0.56 -48.58
N ASN A 67 -21.07 0.65 -48.11
CA ASN A 67 -20.15 1.55 -48.76
C ASN A 67 -19.38 2.28 -47.66
N SER A 68 -18.06 2.25 -47.76
CA SER A 68 -17.18 2.74 -46.71
C SER A 68 -17.18 4.25 -46.59
N GLU A 69 -17.30 4.93 -47.73
CA GLU A 69 -17.42 6.38 -47.76
C GLU A 69 -18.68 6.87 -47.03
N GLU A 70 -19.80 6.15 -47.21
CA GLU A 70 -21.03 6.46 -46.50
C GLU A 70 -20.88 6.28 -44.97
N ALA A 71 -20.16 5.22 -44.58
CA ALA A 71 -19.83 4.96 -43.18
C ALA A 71 -19.00 6.12 -42.60
N ARG A 72 -18.01 6.56 -43.36
CA ARG A 72 -17.11 7.64 -42.93
C ARG A 72 -17.86 8.95 -42.67
N THR A 73 -18.76 9.30 -43.58
CA THR A 73 -19.47 10.58 -43.53
C THR A 73 -20.69 10.54 -42.60
N ASP A 74 -21.00 9.35 -42.09
CA ASP A 74 -22.17 9.12 -41.22
C ASP A 74 -23.50 9.44 -41.93
N ARG A 75 -23.53 9.22 -43.25
CA ARG A 75 -24.75 9.43 -44.02
C ARG A 75 -25.69 8.25 -43.84
N PRO A 76 -27.00 8.46 -44.08
CA PRO A 76 -27.98 7.40 -43.86
C PRO A 76 -27.60 6.09 -44.53
N SER A 77 -27.98 4.99 -43.91
CA SER A 77 -27.72 3.68 -44.46
C SER A 77 -29.01 3.09 -44.99
N GLN A 78 -28.96 2.58 -46.22
CA GLN A 78 -30.10 1.90 -46.82
C GLN A 78 -30.43 0.57 -46.11
N GLN A 79 -29.50 0.11 -45.28
CA GLN A 79 -29.68 -1.14 -44.55
C GLN A 79 -30.29 -0.93 -43.17
N LEU A 80 -30.51 0.34 -42.81
CA LEU A 80 -31.17 0.68 -41.55
C LEU A 80 -32.44 1.51 -41.80
N ARG A 81 -33.59 0.86 -41.67
CA ARG A 81 -34.89 1.45 -41.96
C ARG A 81 -35.61 1.82 -40.68
N SER A 82 -36.24 2.98 -40.67
CA SER A 82 -37.08 3.37 -39.54
C SER A 82 -38.52 2.88 -39.73
N LEU A 83 -39.09 2.33 -38.67
CA LEU A 83 -40.49 1.90 -38.68
C LEU A 83 -41.39 2.82 -37.86
N ASN A 84 -40.86 3.99 -37.49
CA ASN A 84 -41.63 5.03 -36.79
C ASN A 84 -42.71 5.60 -37.70
N GLY A 85 -43.80 6.08 -37.10
CA GLY A 85 -44.89 6.67 -37.85
C GLY A 85 -46.22 6.15 -37.33
N GLU A 86 -47.16 5.90 -38.25
CA GLU A 86 -48.51 5.51 -37.86
C GLU A 86 -48.67 4.01 -37.67
N TRP A 87 -48.91 3.62 -36.43
CA TRP A 87 -49.16 2.25 -36.05
C TRP A 87 -50.62 2.11 -35.67
N ARG A 88 -51.05 0.89 -35.41
CA ARG A 88 -52.38 0.64 -34.89
C ARG A 88 -52.28 0.25 -33.42
N PHE A 89 -53.22 0.73 -32.61
CA PHE A 89 -53.15 0.54 -31.17
C PHE A 89 -54.54 0.31 -30.58
N ALA A 90 -54.62 -0.65 -29.67
CA ALA A 90 -55.80 -0.90 -28.87
C ALA A 90 -55.39 -1.13 -27.42
N TRP A 91 -56.19 -0.65 -26.47
CA TRP A 91 -55.90 -0.75 -25.05
C TRP A 91 -56.75 -1.84 -24.40
N PHE A 92 -56.14 -2.61 -23.50
CA PHE A 92 -56.84 -3.65 -22.74
C PHE A 92 -56.47 -3.59 -21.26
N PRO A 93 -57.40 -3.99 -20.38
CA PRO A 93 -57.15 -3.90 -18.94
C PRO A 93 -56.21 -4.97 -18.39
N ALA A 94 -55.98 -6.04 -19.16
CA ALA A 94 -55.10 -7.14 -18.77
C ALA A 94 -54.73 -7.93 -20.03
N PRO A 95 -53.63 -8.71 -20.00
CA PRO A 95 -53.29 -9.54 -21.16
C PRO A 95 -54.34 -10.61 -21.49
N GLU A 96 -55.05 -11.08 -20.47
CA GLU A 96 -56.12 -12.07 -20.64
C GLU A 96 -57.31 -11.55 -21.46
N ALA A 97 -57.46 -10.23 -21.53
CA ALA A 97 -58.54 -9.58 -22.29
C ALA A 97 -58.25 -9.42 -23.78
N VAL A 98 -57.00 -9.66 -24.18
CA VAL A 98 -56.59 -9.52 -25.58
C VAL A 98 -57.15 -10.67 -26.45
N PRO A 99 -57.91 -10.34 -27.51
CA PRO A 99 -58.46 -11.38 -28.39
C PRO A 99 -57.40 -12.06 -29.28
N GLU A 100 -57.53 -13.37 -29.42
CA GLU A 100 -56.60 -14.17 -30.22
C GLU A 100 -56.52 -13.73 -31.69
N SER A 101 -57.62 -13.20 -32.22
CA SER A 101 -57.67 -12.71 -33.60
C SER A 101 -56.68 -11.57 -33.89
N TRP A 102 -56.39 -10.77 -32.88
CA TRP A 102 -55.44 -9.65 -33.03
C TRP A 102 -54.07 -10.10 -33.55
N LEU A 103 -53.69 -11.33 -33.23
CA LEU A 103 -52.43 -11.93 -33.71
C LEU A 103 -52.37 -12.06 -35.23
N GLU A 104 -53.52 -12.35 -35.85
CA GLU A 104 -53.60 -12.59 -37.29
C GLU A 104 -54.00 -11.36 -38.11
N CYS A 105 -54.95 -10.57 -37.59
CA CYS A 105 -55.42 -9.38 -38.31
C CYS A 105 -55.80 -8.22 -37.39
N ASP A 106 -55.76 -7.02 -37.97
CA ASP A 106 -56.12 -5.76 -37.29
C ASP A 106 -57.46 -5.83 -36.56
N LEU A 107 -57.51 -5.25 -35.37
CA LEU A 107 -58.76 -5.07 -34.65
C LEU A 107 -59.47 -3.84 -35.19
N PRO A 108 -60.76 -4.00 -35.58
CA PRO A 108 -61.57 -2.85 -35.98
C PRO A 108 -61.66 -1.76 -34.90
N GLU A 109 -61.68 -2.15 -33.63
CA GLU A 109 -61.78 -1.20 -32.51
C GLU A 109 -60.47 -0.44 -32.24
N ALA A 110 -59.39 -0.84 -32.90
CA ALA A 110 -58.08 -0.20 -32.71
C ALA A 110 -58.06 1.19 -33.35
N ASP A 111 -57.16 2.06 -32.88
CA ASP A 111 -56.98 3.38 -33.45
C ASP A 111 -55.64 3.48 -34.17
N THR A 112 -55.49 4.51 -34.99
CA THR A 112 -54.22 4.80 -35.63
C THR A 112 -53.49 5.87 -34.83
N VAL A 113 -52.31 5.52 -34.31
CA VAL A 113 -51.53 6.43 -33.47
C VAL A 113 -50.08 6.53 -33.93
N VAL A 114 -49.41 7.60 -33.53
CA VAL A 114 -47.99 7.78 -33.82
C VAL A 114 -47.16 6.91 -32.87
N VAL A 115 -46.07 6.35 -33.40
CA VAL A 115 -45.08 5.62 -32.62
C VAL A 115 -43.71 6.19 -33.01
N PRO A 116 -42.82 6.46 -32.03
CA PRO A 116 -42.95 6.21 -30.59
C PRO A 116 -43.86 7.16 -29.82
N SER A 117 -44.42 6.65 -28.74
CA SER A 117 -45.35 7.38 -27.89
C SER A 117 -45.54 6.60 -26.59
N ASN A 118 -45.93 7.31 -25.53
CA ASN A 118 -46.44 6.71 -24.31
C ASN A 118 -47.96 6.76 -24.40
N TRP A 119 -48.63 5.64 -24.15
CA TRP A 119 -50.08 5.60 -24.36
C TRP A 119 -50.91 6.47 -23.41
N GLN A 120 -50.32 6.83 -22.27
CA GLN A 120 -50.93 7.81 -21.36
C GLN A 120 -51.05 9.18 -22.02
N MET A 121 -50.11 9.50 -22.90
CA MET A 121 -50.08 10.80 -23.57
C MET A 121 -51.13 10.93 -24.67
N HIS A 122 -51.71 9.80 -25.08
CA HIS A 122 -52.83 9.79 -26.01
C HIS A 122 -54.17 9.63 -25.27
N GLY A 123 -54.09 9.56 -23.95
CA GLY A 123 -55.28 9.53 -23.10
C GLY A 123 -55.92 8.18 -22.84
N TYR A 124 -55.21 7.08 -23.14
CA TYR A 124 -55.78 5.74 -22.97
C TYR A 124 -55.88 5.30 -21.51
N ASP A 125 -54.92 5.74 -20.70
CA ASP A 125 -55.05 5.66 -19.24
C ASP A 125 -54.19 6.75 -18.57
N ALA A 126 -54.19 6.80 -17.25
CA ALA A 126 -53.54 7.90 -16.53
C ALA A 126 -52.05 7.67 -16.32
N PRO A 127 -51.22 8.70 -16.55
CA PRO A 127 -49.86 8.61 -16.03
C PRO A 127 -49.91 8.74 -14.50
N ILE A 128 -48.98 8.09 -13.80
CA ILE A 128 -48.97 8.11 -12.34
C ILE A 128 -47.70 8.79 -11.84
N TYR A 129 -47.83 9.83 -11.02
CA TYR A 129 -46.64 10.32 -10.36
C TYR A 129 -46.53 9.89 -8.90
N THR A 130 -45.58 8.99 -8.66
CA THR A 130 -45.17 8.63 -7.30
C THR A 130 -43.66 8.71 -7.20
N ASN A 131 -43.17 9.10 -6.02
CA ASN A 131 -41.74 9.25 -5.76
C ASN A 131 -41.12 7.92 -5.33
N VAL A 132 -41.30 7.55 -4.06
CA VAL A 132 -40.67 6.35 -3.49
C VAL A 132 -41.57 5.11 -3.52
N THR A 133 -42.79 5.26 -3.04
CA THR A 133 -43.74 4.14 -2.94
C THR A 133 -44.06 3.63 -4.34
N TYR A 134 -43.92 2.32 -4.52
CA TYR A 134 -44.19 1.68 -5.80
C TYR A 134 -45.64 1.98 -6.20
N PRO A 135 -45.90 2.13 -7.52
CA PRO A 135 -47.25 2.35 -8.02
C PRO A 135 -48.13 1.09 -7.97
N ILE A 136 -47.52 -0.04 -7.58
CA ILE A 136 -48.19 -1.33 -7.45
C ILE A 136 -47.91 -1.88 -6.05
N THR A 137 -48.75 -2.82 -5.58
CA THR A 137 -48.52 -3.49 -4.29
C THR A 137 -47.16 -4.17 -4.32
N VAL A 138 -46.38 -4.00 -3.25
CA VAL A 138 -45.05 -4.59 -3.18
C VAL A 138 -45.17 -6.08 -2.83
N ASN A 139 -45.11 -6.91 -3.87
CA ASN A 139 -45.28 -8.35 -3.71
C ASN A 139 -44.43 -9.10 -4.73
N PRO A 140 -43.10 -8.85 -4.76
CA PRO A 140 -42.26 -9.37 -5.85
C PRO A 140 -42.29 -10.90 -5.92
N PRO A 141 -42.29 -11.46 -7.14
CA PRO A 141 -42.20 -10.79 -8.44
C PRO A 141 -43.57 -10.45 -9.08
N PHE A 142 -44.63 -10.48 -8.30
CA PHE A 142 -45.97 -10.36 -8.85
C PHE A 142 -46.40 -8.92 -9.12
N VAL A 143 -47.23 -8.77 -10.17
CA VAL A 143 -47.84 -7.49 -10.49
C VAL A 143 -49.37 -7.65 -10.44
N PRO A 144 -50.13 -6.53 -10.44
CA PRO A 144 -51.59 -6.64 -10.35
C PRO A 144 -52.19 -7.42 -11.52
N THR A 145 -53.25 -8.16 -11.26
CA THR A 145 -53.95 -8.90 -12.33
C THR A 145 -54.50 -7.93 -13.36
N GLU A 146 -54.99 -6.79 -12.90
CA GLU A 146 -55.38 -5.68 -13.77
C GLU A 146 -54.13 -4.93 -14.21
N ASN A 147 -53.60 -5.35 -15.36
CA ASN A 147 -52.31 -4.91 -15.86
C ASN A 147 -52.51 -4.26 -17.22
N PRO A 148 -52.56 -2.92 -17.26
CA PRO A 148 -52.82 -2.23 -18.53
C PRO A 148 -51.93 -2.74 -19.65
N THR A 149 -52.56 -3.09 -20.76
CA THR A 149 -51.90 -3.81 -21.84
C THR A 149 -52.10 -3.07 -23.16
N GLY A 150 -51.00 -2.65 -23.77
CA GLY A 150 -51.04 -1.94 -25.05
C GLY A 150 -50.76 -2.85 -26.22
N CYS A 151 -51.75 -3.04 -27.08
CA CYS A 151 -51.60 -3.85 -28.29
C CYS A 151 -51.28 -3.00 -29.49
N TYR A 152 -50.01 -3.03 -29.90
CA TYR A 152 -49.53 -2.28 -31.04
C TYR A 152 -49.41 -3.24 -32.22
N SER A 153 -49.61 -2.72 -33.43
CA SER A 153 -49.46 -3.51 -34.64
C SER A 153 -49.10 -2.62 -35.80
N LEU A 154 -48.40 -3.19 -36.77
CA LEU A 154 -47.96 -2.46 -37.95
C LEU A 154 -47.99 -3.37 -39.16
N THR A 155 -48.63 -2.90 -40.24
CA THR A 155 -48.50 -3.53 -41.54
C THR A 155 -47.46 -2.73 -42.31
N PHE A 156 -46.43 -3.41 -42.79
CA PHE A 156 -45.31 -2.74 -43.45
C PHE A 156 -44.80 -3.61 -44.59
N ASN A 157 -44.04 -3.00 -45.49
CA ASN A 157 -43.45 -3.71 -46.61
C ASN A 157 -41.98 -4.09 -46.37
N VAL A 158 -41.62 -5.30 -46.79
CA VAL A 158 -40.22 -5.71 -46.85
C VAL A 158 -39.88 -6.11 -48.28
N ASP A 159 -38.80 -5.56 -48.79
CA ASP A 159 -38.36 -5.85 -50.15
C ASP A 159 -37.73 -7.23 -50.24
N GLU A 160 -38.04 -7.93 -51.33
CA GLU A 160 -37.47 -9.26 -51.64
C GLU A 160 -35.95 -9.33 -51.45
N SER A 161 -35.26 -8.25 -51.83
CA SER A 161 -33.79 -8.17 -51.76
C SER A 161 -33.23 -8.39 -50.34
N TRP A 162 -34.03 -8.03 -49.34
CA TRP A 162 -33.64 -8.19 -47.93
C TRP A 162 -33.76 -9.64 -47.47
N LEU A 163 -34.57 -10.42 -48.18
CA LEU A 163 -34.87 -11.79 -47.73
C LEU A 163 -34.13 -12.87 -48.51
N GLN A 164 -33.58 -12.49 -49.68
CA GLN A 164 -32.77 -13.39 -50.50
C GLN A 164 -31.45 -13.77 -49.83
N GLU A 165 -30.89 -12.83 -49.08
CA GLU A 165 -29.60 -13.01 -48.42
C GLU A 165 -29.55 -12.28 -47.09
N GLY A 166 -28.70 -12.76 -46.19
CA GLY A 166 -28.39 -12.05 -44.96
C GLY A 166 -29.48 -12.12 -43.91
N GLN A 167 -29.38 -11.21 -42.94
CA GLN A 167 -30.18 -11.23 -41.72
C GLN A 167 -30.99 -9.95 -41.58
N THR A 168 -32.30 -10.09 -41.39
CA THR A 168 -33.18 -8.96 -41.12
C THR A 168 -33.64 -9.01 -39.67
N ARG A 169 -33.22 -8.03 -38.89
CA ARG A 169 -33.61 -7.94 -37.48
C ARG A 169 -34.48 -6.71 -37.25
N ILE A 170 -35.32 -6.79 -36.23
CA ILE A 170 -36.05 -5.63 -35.73
C ILE A 170 -35.41 -5.13 -34.43
N ILE A 171 -35.37 -3.81 -34.28
CA ILE A 171 -34.82 -3.17 -33.08
C ILE A 171 -35.85 -2.28 -32.43
N PHE A 172 -36.21 -2.59 -31.19
CA PHE A 172 -37.04 -1.72 -30.35
C PHE A 172 -36.14 -1.01 -29.33
N ASP A 173 -35.87 0.27 -29.57
CA ASP A 173 -35.01 1.06 -28.67
C ASP A 173 -35.56 1.25 -27.25
N GLY A 174 -36.88 1.22 -27.10
CA GLY A 174 -37.49 1.42 -25.79
C GLY A 174 -38.94 1.00 -25.74
N VAL A 175 -39.21 -0.02 -24.93
CA VAL A 175 -40.55 -0.50 -24.66
C VAL A 175 -40.72 -0.64 -23.14
N ASN A 176 -41.80 -0.05 -22.62
CA ASN A 176 -42.02 0.11 -21.19
C ASN A 176 -43.32 -0.61 -20.75
N SER A 177 -43.25 -1.67 -19.93
CA SER A 177 -42.02 -2.16 -19.29
C SER A 177 -41.56 -3.54 -19.77
N ALA A 178 -42.46 -4.27 -20.43
CA ALA A 178 -42.16 -5.60 -20.97
C ALA A 178 -43.10 -5.87 -22.13
N PHE A 179 -42.69 -6.73 -23.07
CA PHE A 179 -43.49 -7.02 -24.25
C PHE A 179 -43.25 -8.40 -24.87
N HIS A 180 -44.32 -8.96 -25.44
CA HIS A 180 -44.22 -10.09 -26.35
C HIS A 180 -44.33 -9.58 -27.78
N LEU A 181 -43.56 -10.21 -28.68
CA LEU A 181 -43.57 -9.87 -30.10
C LEU A 181 -44.03 -11.04 -30.98
N TRP A 182 -44.92 -10.73 -31.93
CA TRP A 182 -45.33 -11.65 -32.97
C TRP A 182 -45.06 -11.02 -34.33
N CYS A 183 -44.71 -11.85 -35.31
CA CYS A 183 -44.56 -11.43 -36.70
C CYS A 183 -45.36 -12.38 -37.61
N ASN A 184 -46.30 -11.80 -38.36
CA ASN A 184 -47.19 -12.59 -39.23
C ASN A 184 -47.88 -13.72 -38.50
N GLY A 185 -48.33 -13.43 -37.28
CA GLY A 185 -49.07 -14.40 -36.48
C GLY A 185 -48.23 -15.37 -35.68
N ARG A 186 -46.92 -15.40 -35.94
CA ARG A 186 -46.03 -16.31 -35.22
C ARG A 186 -45.23 -15.59 -34.13
N TRP A 187 -45.17 -16.21 -32.95
CA TRP A 187 -44.44 -15.68 -31.80
C TRP A 187 -42.94 -15.61 -32.08
N VAL A 188 -42.34 -14.46 -31.77
CA VAL A 188 -40.92 -14.24 -32.00
C VAL A 188 -40.14 -14.27 -30.68
N GLY A 189 -40.58 -13.46 -29.72
CA GLY A 189 -39.81 -13.30 -28.51
C GLY A 189 -40.41 -12.39 -27.47
N TYR A 190 -39.61 -12.13 -26.45
CA TYR A 190 -40.03 -11.40 -25.26
C TYR A 190 -38.85 -10.55 -24.77
N GLY A 191 -39.16 -9.40 -24.16
CA GLY A 191 -38.11 -8.51 -23.68
C GLY A 191 -38.51 -7.67 -22.47
N GLN A 192 -37.50 -7.35 -21.65
CA GLN A 192 -37.67 -6.48 -20.50
C GLN A 192 -36.53 -5.44 -20.45
N ASP A 193 -36.60 -4.53 -19.48
CA ASP A 193 -35.75 -3.33 -19.39
C ASP A 193 -36.23 -2.26 -20.37
N SER A 194 -36.91 -1.27 -19.81
CA SER A 194 -37.58 -0.21 -20.57
C SER A 194 -36.64 0.72 -21.31
N ARG A 195 -35.35 0.66 -21.00
CA ARG A 195 -34.43 1.74 -21.41
C ARG A 195 -33.23 1.31 -22.25
N LEU A 196 -33.24 0.05 -22.71
CA LEU A 196 -32.24 -0.43 -23.65
C LEU A 196 -32.89 -1.13 -24.85
N PRO A 197 -32.21 -1.15 -26.02
CA PRO A 197 -32.82 -1.77 -27.20
C PRO A 197 -33.01 -3.29 -27.06
N SER A 198 -34.17 -3.78 -27.51
CA SER A 198 -34.40 -5.22 -27.66
C SER A 198 -34.46 -5.58 -29.14
N GLU A 199 -33.62 -6.53 -29.55
CA GLU A 199 -33.48 -6.89 -30.95
C GLU A 199 -33.78 -8.37 -31.20
N PHE A 200 -34.51 -8.63 -32.28
CA PHE A 200 -34.93 -9.98 -32.64
C PHE A 200 -34.71 -10.23 -34.12
N ASP A 201 -34.28 -11.45 -34.45
CA ASP A 201 -34.05 -11.86 -35.84
C ASP A 201 -35.38 -12.27 -36.46
N LEU A 202 -35.81 -11.55 -37.49
CA LEU A 202 -37.07 -11.84 -38.16
C LEU A 202 -36.89 -12.51 -39.54
N SER A 203 -35.65 -12.92 -39.85
CA SER A 203 -35.33 -13.50 -41.16
C SER A 203 -36.28 -14.62 -41.56
N ALA A 204 -36.53 -15.55 -40.64
CA ALA A 204 -37.37 -16.70 -40.89
C ALA A 204 -38.88 -16.41 -40.73
N PHE A 205 -39.23 -15.18 -40.38
CA PHE A 205 -40.64 -14.83 -40.14
C PHE A 205 -41.25 -13.98 -41.25
N LEU A 206 -40.41 -13.19 -41.91
CA LEU A 206 -40.86 -12.25 -42.91
C LEU A 206 -41.09 -12.89 -44.28
N ARG A 207 -41.98 -12.29 -45.05
CA ARG A 207 -42.20 -12.66 -46.45
C ARG A 207 -42.06 -11.41 -47.29
N ALA A 208 -41.80 -11.58 -48.58
CA ALA A 208 -41.78 -10.45 -49.52
C ALA A 208 -43.17 -9.81 -49.58
N GLY A 209 -43.21 -8.49 -49.65
CA GLY A 209 -44.47 -7.75 -49.67
C GLY A 209 -44.91 -7.28 -48.29
N GLU A 210 -46.18 -7.47 -47.98
CA GLU A 210 -46.76 -6.99 -46.73
C GLU A 210 -46.52 -7.93 -45.56
N ASN A 211 -46.16 -7.35 -44.42
CA ASN A 211 -45.95 -8.09 -43.17
C ASN A 211 -46.69 -7.40 -42.02
N ARG A 212 -47.05 -8.17 -41.01
CA ARG A 212 -47.68 -7.58 -39.82
C ARG A 212 -46.98 -7.93 -38.51
N LEU A 213 -46.52 -6.89 -37.82
CA LEU A 213 -46.00 -7.01 -36.46
C LEU A 213 -47.13 -6.87 -35.45
N ALA A 214 -47.09 -7.68 -34.40
CA ALA A 214 -47.99 -7.49 -33.26
C ALA A 214 -47.18 -7.48 -31.96
N VAL A 215 -47.31 -6.38 -31.22
CA VAL A 215 -46.55 -6.16 -29.99
C VAL A 215 -47.50 -5.97 -28.81
N MET A 216 -47.49 -6.93 -27.89
CA MET A 216 -48.26 -6.79 -26.66
C MET A 216 -47.36 -6.23 -25.56
N VAL A 217 -47.60 -4.97 -25.20
CA VAL A 217 -46.79 -4.28 -24.20
C VAL A 217 -47.50 -4.28 -22.85
N LEU A 218 -46.82 -4.80 -21.84
CA LEU A 218 -47.34 -4.81 -20.47
C LEU A 218 -46.84 -3.61 -19.69
N ARG A 219 -47.77 -2.91 -19.04
CA ARG A 219 -47.41 -1.75 -18.22
C ARG A 219 -46.57 -2.20 -17.02
N TRP A 220 -47.06 -3.21 -16.31
CA TRP A 220 -46.36 -3.75 -15.14
C TRP A 220 -45.74 -5.13 -15.42
N SER A 221 -44.51 -5.31 -14.92
CA SER A 221 -43.81 -6.58 -15.00
C SER A 221 -42.86 -6.70 -13.81
N ASP A 222 -42.20 -7.85 -13.66
CA ASP A 222 -41.19 -8.00 -12.60
C ASP A 222 -40.04 -6.98 -12.80
N GLY A 223 -39.88 -6.52 -14.03
CA GLY A 223 -38.93 -5.44 -14.36
C GLY A 223 -39.25 -4.13 -13.65
N SER A 224 -40.55 -3.91 -13.38
CA SER A 224 -41.03 -2.72 -12.66
C SER A 224 -40.45 -2.54 -11.27
N TYR A 225 -40.10 -3.65 -10.62
CA TYR A 225 -39.47 -3.62 -9.31
C TYR A 225 -38.08 -2.97 -9.36
N LEU A 226 -37.48 -2.97 -10.55
CA LEU A 226 -36.18 -2.31 -10.76
C LEU A 226 -36.32 -0.96 -11.46
N GLU A 227 -37.55 -0.48 -11.61
CA GLU A 227 -37.78 0.78 -12.31
C GLU A 227 -38.59 1.75 -11.44
N ASP A 228 -38.14 1.95 -10.20
CA ASP A 228 -38.88 2.79 -9.26
C ASP A 228 -38.33 4.21 -9.15
N GLN A 229 -37.90 4.77 -10.27
CA GLN A 229 -37.38 6.13 -10.32
C GLN A 229 -38.46 7.17 -9.99
N ASP A 230 -38.04 8.22 -9.30
CA ASP A 230 -38.90 9.35 -8.94
C ASP A 230 -39.30 10.16 -10.17
N MET A 231 -40.38 9.73 -10.83
CA MET A 231 -40.80 10.29 -12.11
C MET A 231 -42.16 9.75 -12.49
N TRP A 232 -42.75 10.30 -13.57
CA TRP A 232 -44.02 9.80 -14.09
C TRP A 232 -43.89 8.33 -14.49
N ARG A 233 -44.88 7.53 -14.11
CA ARG A 233 -44.90 6.12 -14.48
C ARG A 233 -45.81 6.00 -15.69
N MET A 234 -45.19 5.75 -16.84
CA MET A 234 -45.87 5.64 -18.12
C MET A 234 -45.60 4.26 -18.73
N SER A 235 -46.00 4.07 -19.97
CA SER A 235 -45.78 2.80 -20.67
C SER A 235 -45.96 2.96 -22.16
N GLY A 236 -45.51 1.96 -22.92
CA GLY A 236 -45.66 1.94 -24.37
C GLY A 236 -44.36 1.84 -25.14
N ILE A 237 -44.49 1.88 -26.46
CA ILE A 237 -43.32 1.87 -27.36
C ILE A 237 -42.87 3.32 -27.56
N PHE A 238 -41.97 3.76 -26.67
CA PHE A 238 -41.64 5.19 -26.52
C PHE A 238 -40.31 5.63 -27.12
N ARG A 239 -39.56 4.69 -27.70
CA ARG A 239 -38.39 5.03 -28.49
C ARG A 239 -38.50 4.39 -29.86
N ASP A 240 -37.55 4.71 -30.74
CA ASP A 240 -37.53 4.28 -32.15
C ASP A 240 -37.70 2.78 -32.36
N VAL A 241 -38.41 2.43 -33.43
CA VAL A 241 -38.45 1.06 -33.94
C VAL A 241 -37.77 1.07 -35.31
N SER A 242 -36.93 0.07 -35.57
CA SER A 242 -36.18 0.04 -36.81
C SER A 242 -35.90 -1.37 -37.34
N LEU A 243 -35.67 -1.48 -38.64
CA LEU A 243 -35.24 -2.73 -39.27
C LEU A 243 -33.80 -2.59 -39.75
N LEU A 244 -32.96 -3.54 -39.35
CA LEU A 244 -31.55 -3.54 -39.75
C LEU A 244 -31.25 -4.78 -40.57
N HIS A 245 -30.57 -4.58 -41.70
CA HIS A 245 -30.12 -5.69 -42.50
C HIS A 245 -28.61 -5.85 -42.37
N LYS A 246 -28.18 -7.03 -41.91
CA LYS A 246 -26.75 -7.37 -41.82
C LYS A 246 -26.47 -8.57 -42.72
N PRO A 247 -25.27 -8.63 -43.32
CA PRO A 247 -24.91 -9.83 -44.08
C PRO A 247 -24.78 -11.03 -43.15
N THR A 248 -24.82 -12.23 -43.71
CA THR A 248 -24.59 -13.45 -42.93
C THR A 248 -23.22 -13.43 -42.27
N THR A 249 -22.21 -13.00 -43.02
CA THR A 249 -20.89 -12.78 -42.44
C THR A 249 -20.80 -11.31 -42.07
N GLN A 250 -20.73 -11.05 -40.77
CA GLN A 250 -21.00 -9.70 -40.24
C GLN A 250 -20.10 -9.33 -39.06
N ILE A 251 -19.86 -8.04 -38.90
CA ILE A 251 -19.31 -7.48 -37.66
C ILE A 251 -20.39 -7.58 -36.60
N SER A 252 -20.12 -8.35 -35.56
CA SER A 252 -21.09 -8.55 -34.49
C SER A 252 -20.81 -7.69 -33.25
N ASP A 253 -19.57 -7.21 -33.13
CA ASP A 253 -19.17 -6.34 -32.01
C ASP A 253 -17.85 -5.65 -32.33
N PHE A 254 -17.62 -4.48 -31.75
CA PHE A 254 -16.31 -3.83 -31.82
C PHE A 254 -16.10 -2.85 -30.66
N HIS A 255 -14.89 -2.85 -30.11
CA HIS A 255 -14.55 -1.99 -28.98
C HIS A 255 -13.40 -1.09 -29.38
N VAL A 256 -13.48 0.18 -29.03
CA VAL A 256 -12.41 1.11 -29.32
C VAL A 256 -11.79 1.62 -28.02
N ALA A 257 -10.47 1.49 -27.91
CA ALA A 257 -9.75 2.02 -26.76
C ALA A 257 -8.66 2.98 -27.24
N THR A 258 -8.35 3.98 -26.42
CA THR A 258 -7.25 4.89 -26.70
C THR A 258 -6.36 5.05 -25.48
N ARG A 259 -5.09 4.66 -25.63
CA ARG A 259 -4.12 4.76 -24.56
C ARG A 259 -3.00 5.74 -24.96
N PHE A 260 -2.33 6.31 -23.95
CA PHE A 260 -1.46 7.46 -24.16
C PHE A 260 -0.14 7.30 -23.42
N ASN A 261 0.89 8.00 -23.91
CA ASN A 261 2.11 8.17 -23.16
C ASN A 261 1.92 9.27 -22.10
N ASP A 262 2.97 9.54 -21.33
CA ASP A 262 2.88 10.44 -20.16
C ASP A 262 2.37 11.85 -20.45
N ASP A 263 2.72 12.40 -21.62
CA ASP A 263 2.34 13.78 -21.94
C ASP A 263 1.30 13.88 -23.06
N PHE A 264 0.67 12.76 -23.40
CA PHE A 264 -0.41 12.73 -24.40
C PHE A 264 0.01 13.15 -25.81
N SER A 265 1.31 13.08 -26.08
CA SER A 265 1.85 13.41 -27.41
C SER A 265 1.81 12.21 -28.34
N ARG A 266 1.58 11.01 -27.77
CA ARG A 266 1.45 9.79 -28.55
C ARG A 266 0.28 8.96 -28.04
N ALA A 267 -0.46 8.36 -28.96
CA ALA A 267 -1.57 7.49 -28.58
C ALA A 267 -1.55 6.21 -29.40
N VAL A 268 -2.18 5.18 -28.86
CA VAL A 268 -2.44 3.97 -29.61
C VAL A 268 -3.94 3.77 -29.57
N LEU A 269 -4.56 3.73 -30.75
CA LEU A 269 -5.94 3.31 -30.87
C LEU A 269 -5.98 1.80 -31.07
N GLU A 270 -6.72 1.13 -30.19
CA GLU A 270 -6.84 -0.32 -30.22
C GLU A 270 -8.30 -0.67 -30.47
N ALA A 271 -8.57 -1.36 -31.57
CA ALA A 271 -9.94 -1.71 -31.92
C ALA A 271 -10.11 -3.22 -32.00
N GLU A 272 -10.87 -3.78 -31.06
CA GLU A 272 -11.17 -5.20 -31.10
C GLU A 272 -12.45 -5.38 -31.88
N VAL A 273 -12.42 -6.27 -32.87
CA VAL A 273 -13.57 -6.51 -33.74
C VAL A 273 -13.92 -7.99 -33.71
N GLN A 274 -15.22 -8.28 -33.59
CA GLN A 274 -15.72 -9.65 -33.57
C GLN A 274 -16.66 -9.88 -34.73
N MET A 275 -16.60 -11.08 -35.32
CA MET A 275 -17.48 -11.46 -36.41
C MET A 275 -18.37 -12.65 -36.05
N CYS A 276 -19.49 -12.75 -36.75
CA CYS A 276 -20.30 -13.96 -36.80
C CYS A 276 -20.37 -14.43 -38.25
N GLY A 277 -20.63 -15.73 -38.42
CA GLY A 277 -20.63 -16.33 -39.75
C GLY A 277 -19.48 -17.30 -39.89
N GLU A 278 -19.37 -17.92 -41.06
CA GLU A 278 -18.31 -18.91 -41.30
C GLU A 278 -16.97 -18.22 -41.36
N LEU A 279 -16.02 -18.74 -40.58
CA LEU A 279 -14.65 -18.25 -40.56
C LEU A 279 -13.95 -18.65 -41.84
N ARG A 280 -13.22 -17.72 -42.44
CA ARG A 280 -12.50 -17.96 -43.69
C ARG A 280 -11.17 -17.24 -43.71
N ASP A 281 -10.16 -17.90 -44.30
CA ASP A 281 -8.80 -17.35 -44.37
C ASP A 281 -8.71 -16.05 -45.17
N TYR A 282 -9.62 -15.84 -46.11
CA TYR A 282 -9.57 -14.63 -46.95
C TYR A 282 -10.15 -13.39 -46.24
N LEU A 283 -10.83 -13.60 -45.10
CA LEU A 283 -11.48 -12.50 -44.39
C LEU A 283 -10.47 -11.57 -43.72
N ARG A 284 -10.79 -10.28 -43.71
CA ARG A 284 -9.93 -9.25 -43.12
C ARG A 284 -10.80 -8.19 -42.46
N VAL A 285 -10.21 -7.49 -41.51
CA VAL A 285 -10.76 -6.22 -41.03
C VAL A 285 -9.74 -5.12 -41.28
N THR A 286 -10.22 -3.99 -41.80
CA THR A 286 -9.43 -2.76 -41.85
C THR A 286 -10.10 -1.74 -40.95
N VAL A 287 -9.30 -1.17 -40.05
CA VAL A 287 -9.76 -0.06 -39.25
C VAL A 287 -8.98 1.15 -39.71
N SER A 288 -9.71 2.16 -40.15
CA SER A 288 -9.11 3.40 -40.64
C SER A 288 -9.58 4.54 -39.76
N LEU A 289 -8.67 5.46 -39.48
CA LEU A 289 -8.98 6.60 -38.63
C LEU A 289 -8.88 7.89 -39.43
N TRP A 290 -9.94 8.69 -39.36
CA TRP A 290 -10.05 9.92 -40.17
C TRP A 290 -10.20 11.18 -39.31
N GLN A 291 -9.45 12.21 -39.67
CA GLN A 291 -9.63 13.56 -39.13
C GLN A 291 -10.18 14.41 -40.27
N GLY A 292 -11.49 14.64 -40.26
CA GLY A 292 -12.17 15.24 -41.40
C GLY A 292 -11.99 14.38 -42.63
N GLU A 293 -11.34 14.94 -43.65
CA GLU A 293 -11.15 14.26 -44.94
C GLU A 293 -9.81 13.54 -45.03
N THR A 294 -8.94 13.76 -44.05
CA THR A 294 -7.63 13.14 -43.99
C THR A 294 -7.67 11.82 -43.22
N GLN A 295 -7.16 10.76 -43.83
CA GLN A 295 -6.96 9.49 -43.13
C GLN A 295 -5.64 9.60 -42.38
N VAL A 296 -5.70 9.54 -41.05
CA VAL A 296 -4.49 9.71 -40.25
C VAL A 296 -3.80 8.39 -39.97
N ALA A 297 -4.56 7.30 -39.98
CA ALA A 297 -4.03 5.96 -39.67
C ALA A 297 -4.91 4.85 -40.21
N SER A 298 -4.28 3.68 -40.38
CA SER A 298 -4.95 2.51 -40.92
C SER A 298 -4.22 1.23 -40.54
N GLY A 299 -4.97 0.15 -40.38
CA GLY A 299 -4.40 -1.16 -40.13
C GLY A 299 -5.35 -2.23 -40.65
N THR A 300 -4.77 -3.30 -41.18
CA THR A 300 -5.51 -4.42 -41.76
C THR A 300 -4.94 -5.72 -41.20
N ALA A 301 -5.82 -6.67 -40.88
CA ALA A 301 -5.41 -7.95 -40.34
C ALA A 301 -6.47 -9.02 -40.60
N PRO A 302 -6.05 -10.28 -40.73
CA PRO A 302 -7.03 -11.36 -40.79
C PRO A 302 -7.53 -11.67 -39.38
N PHE A 303 -8.61 -12.44 -39.28
CA PHE A 303 -9.13 -12.83 -37.98
C PHE A 303 -8.23 -13.83 -37.29
N GLY A 304 -8.37 -13.94 -35.97
CA GLY A 304 -7.59 -14.86 -35.16
C GLY A 304 -6.83 -14.10 -34.12
N GLY A 305 -7.39 -14.03 -32.91
CA GLY A 305 -6.75 -13.30 -31.82
C GLY A 305 -5.54 -14.05 -31.27
N GLU A 306 -4.80 -13.40 -30.38
CA GLU A 306 -3.69 -14.05 -29.69
C GLU A 306 -4.19 -15.22 -28.85
N ILE A 307 -3.30 -16.14 -28.53
CA ILE A 307 -3.60 -17.22 -27.58
C ILE A 307 -3.97 -16.59 -26.23
N ILE A 308 -5.08 -17.02 -25.64
CA ILE A 308 -5.43 -16.54 -24.30
C ILE A 308 -5.43 -17.62 -23.22
N ASP A 309 -5.60 -18.88 -23.60
CA ASP A 309 -5.53 -19.98 -22.63
C ASP A 309 -5.17 -21.31 -23.30
N GLU A 310 -5.24 -22.39 -22.53
CA GLU A 310 -4.86 -23.73 -22.98
C GLU A 310 -5.61 -24.19 -24.25
N ARG A 311 -6.79 -23.61 -24.51
CA ARG A 311 -7.60 -24.02 -25.68
C ARG A 311 -7.38 -23.15 -26.92
N GLY A 312 -6.50 -22.15 -26.80
CA GLY A 312 -6.15 -21.29 -27.94
C GLY A 312 -6.65 -19.87 -27.74
N GLY A 313 -7.16 -19.28 -28.81
CA GLY A 313 -7.68 -17.90 -28.77
C GLY A 313 -8.99 -17.77 -29.50
N TYR A 314 -9.45 -16.52 -29.69
CA TYR A 314 -10.67 -16.24 -30.44
C TYR A 314 -10.38 -16.19 -31.93
N ALA A 315 -10.81 -17.23 -32.65
CA ALA A 315 -10.60 -17.28 -34.11
C ALA A 315 -11.53 -16.31 -34.82
N ASP A 316 -12.60 -15.91 -34.13
CA ASP A 316 -13.62 -15.01 -34.67
C ASP A 316 -13.42 -13.56 -34.22
N ARG A 317 -12.22 -13.23 -33.75
CA ARG A 317 -11.87 -11.87 -33.34
C ARG A 317 -10.51 -11.46 -33.86
N VAL A 318 -10.31 -10.15 -33.96
CA VAL A 318 -9.04 -9.54 -34.31
C VAL A 318 -8.93 -8.19 -33.61
N THR A 319 -7.71 -7.82 -33.22
CA THR A 319 -7.46 -6.51 -32.60
C THR A 319 -6.48 -5.73 -33.48
N LEU A 320 -6.89 -4.56 -33.94
CA LEU A 320 -6.03 -3.66 -34.72
C LEU A 320 -5.45 -2.61 -33.80
N ARG A 321 -4.16 -2.32 -33.96
CA ARG A 321 -3.51 -1.26 -33.19
C ARG A 321 -2.98 -0.19 -34.13
N LEU A 322 -3.47 1.03 -33.96
CA LEU A 322 -3.07 2.16 -34.80
C LEU A 322 -2.33 3.20 -33.98
N ASN A 323 -1.13 3.56 -34.45
CA ASN A 323 -0.35 4.63 -33.81
C ASN A 323 -0.84 5.99 -34.26
N VAL A 324 -1.06 6.89 -33.30
CA VAL A 324 -1.48 8.26 -33.62
C VAL A 324 -0.56 9.25 -32.91
N GLU A 325 0.21 10.00 -33.71
CA GLU A 325 1.12 11.01 -33.18
C GLU A 325 0.37 12.31 -32.95
N ASN A 326 0.64 12.96 -31.83
CA ASN A 326 0.02 14.24 -31.44
C ASN A 326 -1.50 14.27 -31.63
N PRO A 327 -2.21 13.31 -31.03
CA PRO A 327 -3.66 13.26 -31.25
C PRO A 327 -4.35 14.51 -30.72
N LYS A 328 -5.39 14.95 -31.42
CA LYS A 328 -6.27 15.99 -30.92
C LYS A 328 -7.18 15.37 -29.88
N LEU A 329 -7.05 15.86 -28.65
CA LEU A 329 -7.72 15.29 -27.49
C LEU A 329 -9.16 15.78 -27.36
N TRP A 330 -10.03 14.88 -26.92
CA TRP A 330 -11.44 15.21 -26.65
C TRP A 330 -11.61 15.69 -25.22
N SER A 331 -12.45 16.72 -25.06
CA SER A 331 -12.94 17.16 -23.76
C SER A 331 -14.25 17.90 -23.97
N ALA A 332 -14.89 18.33 -22.89
CA ALA A 332 -16.08 19.18 -23.01
C ALA A 332 -15.69 20.58 -23.51
N GLU A 333 -14.46 20.98 -23.19
CA GLU A 333 -13.92 22.28 -23.59
C GLU A 333 -13.67 22.36 -25.11
N ILE A 334 -13.05 21.31 -25.66
CA ILE A 334 -12.81 21.20 -27.10
C ILE A 334 -13.14 19.75 -27.51
N PRO A 335 -14.35 19.52 -28.05
CA PRO A 335 -14.74 18.13 -28.32
C PRO A 335 -14.17 17.59 -29.64
N ASN A 336 -12.84 17.54 -29.75
CA ASN A 336 -12.16 16.98 -30.93
C ASN A 336 -12.58 15.53 -31.15
N LEU A 337 -13.01 15.22 -32.37
CA LEU A 337 -13.44 13.88 -32.73
C LEU A 337 -12.75 13.38 -34.01
N TYR A 338 -12.49 12.08 -34.05
CA TYR A 338 -12.03 11.42 -35.26
C TYR A 338 -13.13 10.46 -35.67
N ARG A 339 -13.08 10.00 -36.91
CA ARG A 339 -14.02 8.98 -37.36
C ARG A 339 -13.24 7.68 -37.54
N ALA A 340 -13.70 6.63 -36.87
CA ALA A 340 -13.14 5.29 -37.07
C ALA A 340 -14.10 4.51 -37.95
N VAL A 341 -13.58 3.97 -39.06
CA VAL A 341 -14.39 3.13 -39.93
C VAL A 341 -13.88 1.71 -39.82
N VAL A 342 -14.79 0.79 -39.52
CA VAL A 342 -14.42 -0.61 -39.39
C VAL A 342 -14.94 -1.35 -40.61
N GLU A 343 -14.03 -1.82 -41.45
CA GLU A 343 -14.41 -2.53 -42.67
C GLU A 343 -14.19 -4.03 -42.54
N LEU A 344 -15.26 -4.80 -42.76
CA LEU A 344 -15.18 -6.26 -42.92
C LEU A 344 -15.09 -6.53 -44.41
N HIS A 345 -14.05 -7.23 -44.83
CA HIS A 345 -13.80 -7.44 -46.27
C HIS A 345 -12.99 -8.69 -46.60
N THR A 346 -13.02 -9.09 -47.88
CA THR A 346 -12.12 -10.13 -48.41
C THR A 346 -10.75 -9.48 -48.58
N ALA A 347 -9.70 -10.28 -48.48
CA ALA A 347 -8.33 -9.82 -48.68
C ALA A 347 -8.14 -9.07 -49.99
N ASP A 348 -8.80 -9.56 -51.04
CA ASP A 348 -8.61 -9.04 -52.40
C ASP A 348 -9.49 -7.81 -52.72
N GLY A 349 -10.24 -7.33 -51.73
CA GLY A 349 -10.84 -6.01 -51.81
C GLY A 349 -12.35 -5.90 -51.88
N THR A 350 -13.05 -6.99 -51.56
CA THR A 350 -14.51 -6.92 -51.55
C THR A 350 -15.02 -6.58 -50.15
N LEU A 351 -15.62 -5.40 -50.03
CA LEU A 351 -16.28 -4.97 -48.78
C LEU A 351 -17.54 -5.78 -48.53
N ILE A 352 -17.62 -6.42 -47.37
CA ILE A 352 -18.84 -7.12 -46.96
C ILE A 352 -19.80 -6.19 -46.21
N GLU A 353 -19.26 -5.46 -45.24
CA GLU A 353 -19.99 -4.35 -44.61
C GLU A 353 -19.03 -3.44 -43.86
N ALA A 354 -19.50 -2.23 -43.56
CA ALA A 354 -18.73 -1.32 -42.73
C ALA A 354 -19.57 -0.85 -41.55
N GLU A 355 -18.93 -0.71 -40.40
CA GLU A 355 -19.52 -0.02 -39.27
C GLU A 355 -18.59 1.12 -38.89
N ALA A 356 -19.05 2.04 -38.05
CA ALA A 356 -18.26 3.22 -37.74
C ALA A 356 -18.70 3.84 -36.43
N CYS A 357 -17.85 4.69 -35.85
CA CYS A 357 -18.21 5.50 -34.70
C CYS A 357 -17.31 6.73 -34.66
N ASP A 358 -17.76 7.76 -33.95
CA ASP A 358 -16.92 8.90 -33.60
C ASP A 358 -15.98 8.49 -32.47
N VAL A 359 -14.73 8.91 -32.57
CA VAL A 359 -13.72 8.56 -31.59
C VAL A 359 -13.16 9.82 -30.94
N GLY A 360 -13.19 9.85 -29.61
CA GLY A 360 -12.62 10.96 -28.85
C GLY A 360 -11.43 10.47 -28.07
N PHE A 361 -10.25 11.00 -28.40
CA PHE A 361 -9.05 10.64 -27.70
C PHE A 361 -9.02 11.31 -26.33
N ARG A 362 -9.31 10.53 -25.30
CA ARG A 362 -9.18 11.02 -23.93
C ARG A 362 -8.98 9.88 -22.95
N GLU A 363 -8.25 10.21 -21.88
CA GLU A 363 -8.00 9.29 -20.80
C GLU A 363 -8.77 9.77 -19.58
N VAL A 364 -9.50 8.85 -18.96
CA VAL A 364 -10.16 9.10 -17.68
C VAL A 364 -9.52 8.18 -16.66
N ARG A 365 -8.98 8.76 -15.59
CA ARG A 365 -8.41 7.95 -14.51
C ARG A 365 -8.48 8.68 -13.17
N ILE A 366 -8.49 7.89 -12.10
CA ILE A 366 -8.41 8.43 -10.75
C ILE A 366 -7.00 8.16 -10.24
N GLU A 367 -6.32 9.23 -9.87
CA GLU A 367 -4.96 9.10 -9.39
C GLU A 367 -4.73 9.98 -8.18
N ASN A 368 -4.29 9.35 -7.10
CA ASN A 368 -3.96 10.04 -5.87
C ASN A 368 -5.17 10.80 -5.32
N GLY A 369 -6.34 10.18 -5.48
CA GLY A 369 -7.61 10.74 -5.03
C GLY A 369 -8.29 11.75 -5.94
N LEU A 370 -7.74 11.99 -7.12
CA LEU A 370 -8.33 12.98 -8.05
C LEU A 370 -8.81 12.34 -9.35
N LEU A 371 -10.02 12.71 -9.77
CA LEU A 371 -10.53 12.30 -11.08
C LEU A 371 -9.89 13.18 -12.15
N LEU A 372 -9.08 12.56 -13.01
CA LEU A 372 -8.32 13.28 -14.03
C LEU A 372 -8.88 13.02 -15.41
N LEU A 373 -8.94 14.07 -16.23
CA LEU A 373 -9.20 13.90 -17.64
C LEU A 373 -8.03 14.45 -18.42
N ASN A 374 -7.44 13.59 -19.26
CA ASN A 374 -6.21 13.91 -19.97
C ASN A 374 -5.13 14.49 -19.04
N GLY A 375 -5.01 13.91 -17.85
CA GLY A 375 -3.99 14.32 -16.87
C GLY A 375 -4.35 15.49 -15.97
N LYS A 376 -5.52 16.08 -16.16
CA LYS A 376 -5.93 17.28 -15.41
C LYS A 376 -7.19 17.04 -14.58
N PRO A 377 -7.25 17.62 -13.37
CA PRO A 377 -8.40 17.36 -12.49
C PRO A 377 -9.67 18.05 -12.96
N LEU A 378 -10.75 17.29 -13.11
CA LEU A 378 -12.01 17.83 -13.56
C LEU A 378 -12.67 18.61 -12.45
N LEU A 379 -13.42 19.64 -12.84
CA LEU A 379 -14.36 20.26 -11.93
C LEU A 379 -15.72 20.13 -12.60
N ILE A 380 -16.51 19.20 -12.07
CA ILE A 380 -17.80 18.84 -12.67
C ILE A 380 -18.86 19.89 -12.38
N ARG A 381 -19.25 20.58 -13.45
CA ARG A 381 -20.36 21.52 -13.44
C ARG A 381 -21.53 20.75 -14.05
N GLY A 382 -22.16 19.92 -13.23
CA GLY A 382 -23.12 18.95 -13.74
C GLY A 382 -24.57 19.18 -13.37
N VAL A 383 -25.44 18.46 -14.08
CA VAL A 383 -26.86 18.45 -13.78
C VAL A 383 -27.42 17.06 -14.12
N ASN A 384 -28.38 16.60 -13.32
CA ASN A 384 -29.18 15.44 -13.68
C ASN A 384 -30.24 15.85 -14.70
N ARG A 385 -30.44 15.00 -15.71
CA ARG A 385 -31.45 15.26 -16.73
C ARG A 385 -32.25 14.01 -17.07
N HIS A 386 -33.55 14.07 -16.79
CA HIS A 386 -34.51 13.07 -17.22
C HIS A 386 -34.89 13.29 -18.68
N GLU A 387 -35.42 12.24 -19.30
CA GLU A 387 -35.98 12.36 -20.64
C GLU A 387 -37.45 12.70 -20.51
N HIS A 388 -37.72 13.99 -20.46
CA HIS A 388 -39.07 14.49 -20.19
C HIS A 388 -39.47 15.61 -21.15
N HIS A 389 -40.69 15.48 -21.68
CA HIS A 389 -41.31 16.46 -22.56
C HIS A 389 -42.75 16.67 -22.08
N PRO A 390 -43.20 17.94 -21.94
CA PRO A 390 -44.53 18.22 -21.37
C PRO A 390 -45.70 17.73 -22.23
N LEU A 391 -45.45 17.55 -23.53
CA LEU A 391 -46.49 17.11 -24.46
C LEU A 391 -46.39 15.63 -24.78
N HIS A 392 -45.15 15.15 -25.00
CA HIS A 392 -44.91 13.79 -25.48
C HIS A 392 -44.46 12.80 -24.40
N GLY A 393 -44.37 13.28 -23.17
CA GLY A 393 -44.01 12.45 -22.02
C GLY A 393 -42.55 12.05 -22.02
N GLN A 394 -42.30 10.76 -22.23
CA GLN A 394 -40.94 10.25 -22.10
C GLN A 394 -40.29 9.90 -23.45
N VAL A 395 -40.98 10.28 -24.53
CA VAL A 395 -40.46 10.23 -25.88
C VAL A 395 -39.55 11.42 -26.13
N MET A 396 -38.32 11.13 -26.56
CA MET A 396 -37.31 12.15 -26.83
C MET A 396 -37.12 12.38 -28.32
N ASP A 397 -36.85 13.63 -28.69
CA ASP A 397 -36.62 14.00 -30.08
C ASP A 397 -35.33 14.82 -30.19
N GLU A 398 -34.76 14.87 -31.39
CA GLU A 398 -33.49 15.59 -31.62
C GLU A 398 -33.54 17.07 -31.19
N GLN A 399 -34.61 17.75 -31.57
CA GLN A 399 -34.78 19.17 -31.30
C GLN A 399 -34.71 19.50 -29.80
N THR A 400 -35.45 18.74 -28.99
CA THR A 400 -35.48 18.90 -27.54
C THR A 400 -34.09 18.63 -26.94
N MET A 401 -33.45 17.53 -27.36
CA MET A 401 -32.11 17.19 -26.92
C MET A 401 -31.13 18.31 -27.19
N VAL A 402 -31.15 18.80 -28.43
CA VAL A 402 -30.23 19.87 -28.86
C VAL A 402 -30.52 21.14 -28.06
N GLN A 403 -31.81 21.46 -27.91
CA GLN A 403 -32.23 22.59 -27.10
C GLN A 403 -31.66 22.48 -25.67
N ASP A 404 -31.81 21.31 -25.06
CA ASP A 404 -31.30 21.08 -23.71
C ASP A 404 -29.79 21.29 -23.62
N ILE A 405 -29.06 20.72 -24.60
CA ILE A 405 -27.61 20.80 -24.63
C ILE A 405 -27.10 22.24 -24.78
N LEU A 406 -27.72 22.99 -25.69
CA LEU A 406 -27.34 24.40 -25.91
C LEU A 406 -27.57 25.21 -24.64
N LEU A 407 -28.73 25.00 -24.00
CA LEU A 407 -29.06 25.73 -22.76
C LEU A 407 -28.11 25.40 -21.61
N MET A 408 -27.73 24.13 -21.50
CA MET A 408 -26.80 23.68 -20.45
C MET A 408 -25.43 24.33 -20.63
N LYS A 409 -24.91 24.29 -21.84
CA LYS A 409 -23.59 24.82 -22.15
C LYS A 409 -23.55 26.34 -22.04
N GLN A 410 -24.65 26.97 -22.47
CA GLN A 410 -24.80 28.43 -22.37
C GLN A 410 -24.87 28.88 -20.91
N ASN A 411 -25.23 27.95 -20.03
CA ASN A 411 -25.31 28.23 -18.60
C ASN A 411 -24.18 27.56 -17.81
N ASN A 412 -23.07 27.33 -18.51
CA ASN A 412 -21.83 26.82 -17.93
C ASN A 412 -21.85 25.44 -17.29
N PHE A 413 -22.74 24.57 -17.76
CA PHE A 413 -22.66 23.16 -17.42
C PHE A 413 -21.71 22.45 -18.38
N ASN A 414 -20.91 21.54 -17.85
CA ASN A 414 -20.03 20.70 -18.66
C ASN A 414 -20.31 19.20 -18.52
N ALA A 415 -21.35 18.84 -17.76
CA ALA A 415 -21.60 17.42 -17.43
C ALA A 415 -23.06 17.10 -17.17
N VAL A 416 -23.45 15.88 -17.50
CA VAL A 416 -24.82 15.42 -17.31
C VAL A 416 -24.80 14.01 -16.73
N ARG A 417 -25.70 13.75 -15.79
CA ARG A 417 -25.95 12.41 -15.31
C ARG A 417 -27.27 11.90 -15.92
N CYS A 418 -27.21 10.72 -16.53
CA CYS A 418 -28.39 10.10 -17.12
C CYS A 418 -29.30 9.49 -16.04
N SER A 419 -29.95 10.36 -15.27
CA SER A 419 -30.84 9.93 -14.20
C SER A 419 -32.11 9.31 -14.77
N HIS A 420 -32.43 8.04 -14.47
CA HIS A 420 -31.56 7.04 -13.86
C HIS A 420 -31.66 5.76 -14.73
N TYR A 421 -31.17 5.86 -15.96
CA TYR A 421 -31.36 4.82 -16.97
C TYR A 421 -30.53 5.18 -18.18
N PRO A 422 -30.20 4.19 -19.02
CA PRO A 422 -29.53 4.55 -20.27
C PRO A 422 -30.48 5.40 -21.14
N ASN A 423 -29.92 6.37 -21.87
CA ASN A 423 -30.73 7.31 -22.65
C ASN A 423 -30.95 6.84 -24.08
N HIS A 424 -31.86 7.52 -24.77
CA HIS A 424 -32.01 7.43 -26.22
C HIS A 424 -30.63 7.53 -26.88
N PRO A 425 -30.32 6.64 -27.85
CA PRO A 425 -28.94 6.55 -28.38
C PRO A 425 -28.37 7.86 -28.93
N LEU A 426 -29.24 8.74 -29.43
CA LEU A 426 -28.80 9.98 -30.05
C LEU A 426 -28.16 10.92 -29.02
N TRP A 427 -28.63 10.86 -27.78
CA TRP A 427 -28.10 11.71 -26.69
C TRP A 427 -26.57 11.66 -26.57
N TYR A 428 -26.02 10.45 -26.61
CA TYR A 428 -24.58 10.24 -26.47
C TYR A 428 -23.80 10.79 -27.66
N THR A 429 -24.37 10.61 -28.86
CA THR A 429 -23.81 11.17 -30.08
C THR A 429 -23.72 12.70 -29.98
N LEU A 430 -24.79 13.32 -29.51
CA LEU A 430 -24.81 14.77 -29.33
C LEU A 430 -23.84 15.25 -28.24
N CYS A 431 -23.70 14.47 -27.17
CA CYS A 431 -22.74 14.82 -26.12
C CYS A 431 -21.30 14.65 -26.59
N ASP A 432 -21.03 13.64 -27.42
CA ASP A 432 -19.72 13.47 -28.06
C ASP A 432 -19.36 14.72 -28.87
N ARG A 433 -20.34 15.22 -29.61
CA ARG A 433 -20.13 16.24 -30.62
C ARG A 433 -20.14 17.67 -30.08
N TYR A 434 -21.06 17.95 -29.16
CA TYR A 434 -21.12 19.26 -28.51
C TYR A 434 -20.14 19.39 -27.36
N GLY A 435 -19.81 18.27 -26.72
CA GLY A 435 -18.88 18.28 -25.59
C GLY A 435 -19.56 18.41 -24.25
N LEU A 436 -20.01 17.28 -23.72
CA LEU A 436 -20.48 17.19 -22.36
C LEU A 436 -20.01 15.87 -21.77
N TYR A 437 -19.49 15.91 -20.54
CA TYR A 437 -19.15 14.70 -19.78
C TYR A 437 -20.43 13.99 -19.35
N VAL A 438 -20.48 12.68 -19.57
CA VAL A 438 -21.69 11.91 -19.28
C VAL A 438 -21.43 10.82 -18.23
N VAL A 439 -22.33 10.74 -17.25
CA VAL A 439 -22.40 9.57 -16.39
C VAL A 439 -23.53 8.69 -16.93
N ASP A 440 -23.18 7.52 -17.46
CA ASP A 440 -24.15 6.58 -17.99
C ASP A 440 -24.57 5.64 -16.86
N GLU A 441 -25.87 5.53 -16.65
CA GLU A 441 -26.42 4.92 -15.45
C GLU A 441 -27.37 3.78 -15.80
N ALA A 442 -27.15 2.63 -15.17
CA ALA A 442 -27.98 1.45 -15.37
C ALA A 442 -29.41 1.70 -14.93
N ASN A 443 -30.37 1.10 -15.65
CA ASN A 443 -31.79 1.25 -15.31
C ASN A 443 -32.16 0.35 -14.12
N ILE A 444 -31.63 0.69 -12.95
CA ILE A 444 -31.93 -0.04 -11.70
C ILE A 444 -32.22 0.94 -10.57
N GLU A 445 -33.48 1.01 -10.17
CA GLU A 445 -33.87 1.71 -8.95
C GLU A 445 -34.94 0.92 -8.20
N THR A 446 -34.64 0.59 -6.94
CA THR A 446 -35.56 -0.18 -6.11
C THR A 446 -35.93 0.58 -4.82
N HIS A 447 -36.07 1.90 -4.96
CA HIS A 447 -36.22 2.80 -3.81
C HIS A 447 -37.31 2.39 -2.82
N GLY A 448 -38.45 1.93 -3.34
CA GLY A 448 -39.62 1.60 -2.51
C GLY A 448 -39.53 0.34 -1.65
N MET A 449 -38.45 -0.44 -1.83
CA MET A 449 -38.24 -1.66 -1.05
C MET A 449 -37.91 -1.30 0.40
N VAL A 450 -38.22 -2.22 1.32
CA VAL A 450 -37.88 -2.06 2.74
C VAL A 450 -37.16 -3.30 3.26
N PRO A 451 -35.86 -3.16 3.60
CA PRO A 451 -35.02 -1.98 3.42
C PRO A 451 -34.70 -1.80 1.93
N MET A 452 -34.02 -0.70 1.57
CA MET A 452 -33.80 -0.38 0.16
C MET A 452 -33.03 -1.45 -0.63
N ASN A 453 -32.18 -2.22 0.05
CA ASN A 453 -31.37 -3.23 -0.63
C ASN A 453 -31.98 -4.65 -0.66
N ARG A 454 -33.28 -4.77 -0.37
CA ARG A 454 -33.89 -6.11 -0.26
C ARG A 454 -33.69 -6.97 -1.51
N LEU A 455 -33.84 -6.36 -2.69
CA LEU A 455 -33.64 -7.08 -3.96
C LEU A 455 -32.17 -7.10 -4.40
N THR A 456 -31.46 -6.00 -4.18
CA THR A 456 -30.06 -5.91 -4.66
C THR A 456 -29.07 -6.71 -3.81
N ASP A 457 -29.51 -7.17 -2.64
CA ASP A 457 -28.68 -8.08 -1.86
C ASP A 457 -29.06 -9.55 -2.06
N ASP A 458 -30.06 -9.77 -2.92
CA ASP A 458 -30.63 -11.09 -3.14
C ASP A 458 -30.09 -11.69 -4.44
N PRO A 459 -29.34 -12.82 -4.35
CA PRO A 459 -28.72 -13.41 -5.55
C PRO A 459 -29.74 -13.84 -6.61
N ARG A 460 -30.99 -14.03 -6.21
CA ARG A 460 -32.07 -14.40 -7.13
C ARG A 460 -32.38 -13.26 -8.11
N TRP A 461 -32.02 -12.03 -7.72
CA TRP A 461 -32.21 -10.84 -8.57
C TRP A 461 -30.95 -10.38 -9.32
N LEU A 462 -29.83 -11.05 -9.07
CA LEU A 462 -28.59 -10.76 -9.79
C LEU A 462 -28.71 -10.88 -11.32
N PRO A 463 -29.32 -11.97 -11.84
CA PRO A 463 -29.47 -12.05 -13.29
C PRO A 463 -30.15 -10.84 -13.95
N ALA A 464 -31.31 -10.43 -13.41
CA ALA A 464 -32.05 -9.29 -13.94
C ALA A 464 -31.24 -7.99 -13.82
N MET A 465 -30.57 -7.81 -12.68
CA MET A 465 -29.70 -6.65 -12.49
C MET A 465 -28.50 -6.64 -13.44
N SER A 466 -27.85 -7.80 -13.61
CA SER A 466 -26.64 -7.85 -14.43
C SER A 466 -26.91 -7.43 -15.87
N GLU A 467 -28.06 -7.83 -16.42
CA GLU A 467 -28.43 -7.46 -17.79
C GLU A 467 -28.61 -5.97 -17.96
N ARG A 468 -29.13 -5.31 -16.92
CA ARG A 468 -29.32 -3.86 -16.99
C ARG A 468 -28.00 -3.12 -16.98
N VAL A 469 -26.99 -3.70 -16.33
CA VAL A 469 -25.62 -3.15 -16.34
C VAL A 469 -24.82 -3.55 -17.59
N THR A 470 -24.74 -4.85 -17.85
CA THR A 470 -23.88 -5.38 -18.93
C THR A 470 -24.33 -4.92 -20.31
N ARG A 471 -25.63 -4.87 -20.56
CA ARG A 471 -26.14 -4.48 -21.87
C ARG A 471 -25.99 -2.98 -22.13
N MET A 472 -25.92 -2.18 -21.06
CA MET A 472 -25.63 -0.75 -21.16
C MET A 472 -24.17 -0.55 -21.61
N VAL A 473 -23.27 -1.24 -20.92
CA VAL A 473 -21.83 -1.16 -21.20
C VAL A 473 -21.55 -1.62 -22.63
N GLN A 474 -22.13 -2.74 -23.04
CA GLN A 474 -21.99 -3.25 -24.41
C GLN A 474 -22.49 -2.26 -25.47
N ARG A 475 -23.52 -1.49 -25.13
CA ARG A 475 -24.10 -0.53 -26.07
C ARG A 475 -23.27 0.75 -26.18
N ASP A 476 -22.83 1.30 -25.04
CA ASP A 476 -22.34 2.67 -24.98
C ASP A 476 -20.83 2.85 -24.79
N ARG A 477 -20.11 1.74 -24.64
CA ARG A 477 -18.67 1.79 -24.33
C ARG A 477 -17.75 2.54 -25.31
N ASN A 478 -18.22 2.77 -26.54
CA ASN A 478 -17.39 3.49 -27.52
C ASN A 478 -17.58 5.01 -27.56
N HIS A 479 -18.56 5.53 -26.81
CA HIS A 479 -18.80 6.98 -26.76
C HIS A 479 -17.77 7.67 -25.87
N PRO A 480 -17.00 8.62 -26.46
CA PRO A 480 -16.04 9.36 -25.63
C PRO A 480 -16.72 10.19 -24.54
N SER A 481 -17.95 10.67 -24.78
CA SER A 481 -18.67 11.50 -23.80
C SER A 481 -18.90 10.80 -22.47
N VAL A 482 -19.21 9.50 -22.52
CA VAL A 482 -19.32 8.68 -21.31
C VAL A 482 -17.96 8.56 -20.65
N ILE A 483 -17.82 9.15 -19.47
CA ILE A 483 -16.56 9.11 -18.72
C ILE A 483 -16.66 8.26 -17.44
N ILE A 484 -17.90 7.98 -16.99
CA ILE A 484 -18.15 7.26 -15.75
C ILE A 484 -19.37 6.35 -15.93
N TRP A 485 -19.27 5.12 -15.42
CA TRP A 485 -20.42 4.22 -15.31
C TRP A 485 -21.05 4.33 -13.93
N SER A 486 -22.38 4.29 -13.90
CA SER A 486 -23.11 4.22 -12.63
C SER A 486 -24.00 2.98 -12.58
N LEU A 487 -24.04 2.34 -11.39
CA LEU A 487 -24.74 1.07 -11.21
C LEU A 487 -26.25 1.21 -10.99
N GLY A 488 -26.75 2.44 -11.10
CA GLY A 488 -28.17 2.71 -10.87
C GLY A 488 -28.35 3.76 -9.81
N ASN A 489 -29.52 3.75 -9.17
CA ASN A 489 -29.88 4.79 -8.22
C ASN A 489 -30.77 4.24 -7.12
N GLU A 490 -30.51 4.68 -5.90
CA GLU A 490 -31.39 4.44 -4.77
C GLU A 490 -31.90 3.00 -4.74
N SER A 491 -30.95 2.07 -4.60
CA SER A 491 -31.28 0.65 -4.46
C SER A 491 -30.51 0.05 -3.30
N GLY A 492 -30.19 0.89 -2.32
CA GLY A 492 -29.36 0.51 -1.19
C GLY A 492 -27.99 0.04 -1.66
N HIS A 493 -27.31 -0.73 -0.82
CA HIS A 493 -26.11 -1.42 -1.26
C HIS A 493 -26.26 -2.91 -0.98
N GLY A 494 -26.22 -3.71 -2.05
CA GLY A 494 -26.28 -5.16 -1.92
C GLY A 494 -25.08 -5.83 -2.57
N ALA A 495 -24.91 -7.11 -2.30
CA ALA A 495 -23.80 -7.87 -2.87
C ALA A 495 -23.84 -7.86 -4.39
N ASN A 496 -25.04 -7.78 -4.98
CA ASN A 496 -25.16 -7.71 -6.45
C ASN A 496 -24.44 -6.49 -7.02
N HIS A 497 -24.49 -5.37 -6.30
CA HIS A 497 -23.75 -4.17 -6.65
C HIS A 497 -22.24 -4.43 -6.71
N ASP A 498 -21.73 -5.14 -5.71
CA ASP A 498 -20.30 -5.47 -5.66
C ASP A 498 -19.86 -6.31 -6.85
N ALA A 499 -20.67 -7.30 -7.19
CA ALA A 499 -20.39 -8.21 -8.31
C ALA A 499 -20.33 -7.47 -9.64
N LEU A 500 -21.30 -6.57 -9.84
CA LEU A 500 -21.41 -5.82 -11.09
C LEU A 500 -20.40 -4.68 -11.16
N TYR A 501 -20.11 -4.07 -10.02
CA TYR A 501 -18.98 -3.14 -9.92
C TYR A 501 -17.74 -3.81 -10.51
N ARG A 502 -17.45 -5.02 -10.04
CA ARG A 502 -16.25 -5.73 -10.46
C ARG A 502 -16.32 -6.19 -11.91
N TRP A 503 -17.51 -6.58 -12.37
CA TRP A 503 -17.69 -6.90 -13.78
C TRP A 503 -17.27 -5.73 -14.67
N ILE A 504 -17.75 -4.52 -14.35
CA ILE A 504 -17.40 -3.35 -15.16
C ILE A 504 -15.88 -3.09 -15.16
N LYS A 505 -15.27 -3.08 -13.97
CA LYS A 505 -13.83 -2.82 -13.82
C LYS A 505 -13.00 -3.78 -14.63
N SER A 506 -13.48 -5.03 -14.70
CA SER A 506 -12.86 -6.08 -15.48
C SER A 506 -12.98 -5.86 -16.99
N VAL A 507 -14.20 -5.60 -17.50
CA VAL A 507 -14.41 -5.45 -18.95
C VAL A 507 -14.04 -4.09 -19.52
N ASP A 508 -14.07 -3.04 -18.69
CA ASP A 508 -13.73 -1.69 -19.15
C ASP A 508 -12.95 -0.89 -18.11
N PRO A 509 -11.62 -1.06 -18.07
CA PRO A 509 -10.83 -0.29 -17.11
C PRO A 509 -10.66 1.19 -17.45
N SER A 510 -11.19 1.64 -18.59
CA SER A 510 -11.03 3.04 -19.02
C SER A 510 -11.90 4.05 -18.29
N ARG A 511 -12.87 3.57 -17.51
CA ARG A 511 -13.84 4.47 -16.87
C ARG A 511 -14.05 4.11 -15.39
N PRO A 512 -14.06 5.12 -14.50
CA PRO A 512 -14.45 4.88 -13.11
C PRO A 512 -15.89 4.39 -13.01
N VAL A 513 -16.18 3.64 -11.94
CA VAL A 513 -17.54 3.20 -11.65
C VAL A 513 -18.00 3.89 -10.37
N GLN A 514 -19.20 4.48 -10.40
CA GLN A 514 -19.77 5.05 -9.19
C GLN A 514 -21.16 4.52 -8.87
N TYR A 515 -21.52 4.64 -7.59
CA TYR A 515 -22.84 4.25 -7.12
C TYR A 515 -23.06 4.84 -5.72
N GLU A 516 -24.20 5.48 -5.53
CA GLU A 516 -24.48 6.23 -4.28
C GLU A 516 -25.11 5.39 -3.17
N GLY A 517 -25.82 4.32 -3.54
CA GLY A 517 -26.62 3.57 -2.57
C GLY A 517 -25.82 3.03 -1.38
N GLY A 518 -26.51 2.92 -0.23
CA GLY A 518 -25.93 2.33 0.97
C GLY A 518 -24.87 3.18 1.63
N GLY A 519 -24.88 4.49 1.39
CA GLY A 519 -24.02 5.40 2.15
C GLY A 519 -23.03 6.20 1.32
N ALA A 520 -23.11 6.05 -0.01
CA ALA A 520 -22.34 6.88 -0.97
C ALA A 520 -20.82 6.66 -1.01
N ASP A 521 -20.31 5.81 -0.14
CA ASP A 521 -18.86 5.56 -0.06
C ASP A 521 -18.53 4.08 0.13
N THR A 522 -19.41 3.21 -0.37
CA THR A 522 -19.26 1.76 -0.23
C THR A 522 -18.16 1.22 -1.11
N THR A 523 -17.92 -0.08 -0.99
CA THR A 523 -16.99 -0.82 -1.84
C THR A 523 -17.43 -0.90 -3.30
N ALA A 524 -18.65 -0.47 -3.61
CA ALA A 524 -19.15 -0.48 -4.99
C ALA A 524 -18.99 0.85 -5.74
N THR A 525 -18.15 1.75 -5.22
CA THR A 525 -17.95 3.05 -5.88
C THR A 525 -16.50 3.57 -5.79
N ASP A 526 -16.00 4.07 -6.93
CA ASP A 526 -14.67 4.67 -7.00
C ASP A 526 -14.72 6.13 -6.57
N ILE A 527 -15.93 6.67 -6.49
CA ILE A 527 -16.16 8.08 -6.21
C ILE A 527 -17.14 8.21 -5.06
N ILE A 528 -16.78 9.02 -4.05
CA ILE A 528 -17.73 9.35 -2.99
C ILE A 528 -18.79 10.24 -3.63
N CYS A 529 -20.02 9.73 -3.73
CA CYS A 529 -20.99 10.40 -4.58
C CYS A 529 -22.34 10.62 -3.89
N PRO A 530 -22.34 11.35 -2.76
CA PRO A 530 -23.59 11.47 -2.01
C PRO A 530 -24.63 12.33 -2.70
N MET A 531 -25.87 12.19 -2.25
CA MET A 531 -26.92 13.12 -2.62
C MET A 531 -27.25 14.02 -1.43
N TYR A 532 -27.23 15.33 -1.68
CA TYR A 532 -27.65 16.35 -0.70
C TYR A 532 -26.86 16.37 0.60
N ALA A 533 -25.61 15.90 0.55
CA ALA A 533 -24.66 16.16 1.62
C ALA A 533 -24.39 17.66 1.59
N ARG A 534 -24.41 18.29 2.76
CA ARG A 534 -24.23 19.74 2.88
C ARG A 534 -22.75 20.10 2.97
N VAL A 535 -22.43 21.38 2.77
CA VAL A 535 -21.02 21.83 2.70
C VAL A 535 -20.33 21.72 4.07
N ASP A 536 -20.93 22.35 5.09
CA ASP A 536 -20.37 22.43 6.44
C ASP A 536 -21.11 21.60 7.49
N GLU A 537 -22.40 21.37 7.25
CA GLU A 537 -23.28 20.71 8.23
C GLU A 537 -23.36 19.17 8.06
N ASP A 538 -23.04 18.43 9.12
CA ASP A 538 -23.25 16.99 9.14
C ASP A 538 -24.74 16.65 9.28
N GLN A 539 -25.16 15.56 8.65
CA GLN A 539 -26.49 15.00 8.88
C GLN A 539 -26.27 13.53 9.24
N PRO A 540 -26.10 13.25 10.55
CA PRO A 540 -25.62 11.95 10.98
C PRO A 540 -26.69 10.87 11.11
N PHE A 541 -27.41 10.61 10.02
CA PHE A 541 -28.38 9.50 9.97
C PHE A 541 -27.71 8.17 10.33
N PRO A 542 -28.42 7.30 11.09
CA PRO A 542 -27.92 5.95 11.33
C PRO A 542 -27.66 5.22 10.01
N ALA A 543 -26.55 4.48 9.95
CA ALA A 543 -26.23 3.61 8.82
C ALA A 543 -25.76 4.33 7.54
N VAL A 544 -26.45 5.39 7.16
CA VAL A 544 -26.20 6.11 5.91
C VAL A 544 -26.09 7.61 6.14
N PRO A 545 -25.13 8.03 7.00
CA PRO A 545 -25.01 9.45 7.29
C PRO A 545 -24.60 10.24 6.06
N LYS A 546 -24.99 11.51 6.01
CA LYS A 546 -24.50 12.42 4.99
C LYS A 546 -23.58 13.40 5.69
N TRP A 547 -22.29 13.12 5.66
CA TRP A 547 -21.32 14.01 6.27
C TRP A 547 -21.18 15.30 5.47
N SER A 548 -20.87 16.40 6.15
CA SER A 548 -20.29 17.58 5.50
C SER A 548 -19.29 17.08 4.46
N ILE A 549 -19.36 17.62 3.24
CA ILE A 549 -18.51 17.11 2.15
C ILE A 549 -17.04 17.34 2.42
N LYS A 550 -16.72 18.44 3.12
CA LYS A 550 -15.35 18.75 3.52
C LYS A 550 -14.84 17.75 4.55
N LYS A 551 -15.70 17.39 5.50
CA LYS A 551 -15.37 16.39 6.50
C LYS A 551 -15.23 14.99 5.90
N TRP A 552 -16.13 14.65 4.96
CA TRP A 552 -16.18 13.32 4.36
C TRP A 552 -14.85 12.89 3.74
N LEU A 553 -14.22 13.80 3.01
CA LEU A 553 -12.94 13.55 2.33
C LEU A 553 -11.83 13.06 3.25
N SER A 554 -11.81 13.57 4.47
CA SER A 554 -10.68 13.31 5.37
C SER A 554 -10.96 12.30 6.48
N LEU A 555 -12.11 11.62 6.41
CA LEU A 555 -12.40 10.54 7.35
C LEU A 555 -11.28 9.51 7.33
N PRO A 556 -10.96 8.91 8.50
CA PRO A 556 -9.81 8.02 8.59
C PRO A 556 -9.83 6.97 7.50
N GLY A 557 -8.73 6.89 6.73
CA GLY A 557 -8.57 5.90 5.67
C GLY A 557 -9.14 6.29 4.32
N GLU A 558 -9.93 7.36 4.26
CA GLU A 558 -10.57 7.77 3.01
C GLU A 558 -9.61 8.52 2.08
N THR A 559 -9.61 8.15 0.80
CA THR A 559 -8.69 8.72 -0.19
C THR A 559 -9.39 9.18 -1.48
N ARG A 560 -10.66 8.80 -1.67
CA ARG A 560 -11.34 8.96 -2.96
C ARG A 560 -11.76 10.40 -3.25
N PRO A 561 -11.99 10.74 -4.53
CA PRO A 561 -12.58 12.04 -4.84
C PRO A 561 -14.06 12.07 -4.46
N LEU A 562 -14.61 13.27 -4.28
CA LEU A 562 -16.02 13.42 -3.95
C LEU A 562 -16.71 14.29 -4.97
N ILE A 563 -17.73 13.72 -5.62
CA ILE A 563 -18.55 14.42 -6.59
C ILE A 563 -20.01 14.04 -6.31
N LEU A 564 -20.83 15.01 -5.93
CA LEU A 564 -22.20 14.73 -5.53
C LEU A 564 -23.03 14.29 -6.74
N CYS A 565 -23.71 13.15 -6.62
CA CYS A 565 -24.56 12.67 -7.72
C CYS A 565 -25.81 13.54 -7.83
N GLU A 566 -26.23 14.09 -6.68
CA GLU A 566 -27.34 15.05 -6.61
C GLU A 566 -27.08 16.05 -5.51
N TYR A 567 -27.27 17.33 -5.82
CA TYR A 567 -27.16 18.40 -4.82
C TYR A 567 -27.95 19.61 -5.29
N ALA A 568 -28.17 20.57 -4.40
CA ALA A 568 -28.89 21.82 -4.70
C ALA A 568 -30.23 21.56 -5.35
N HIS A 569 -31.13 20.97 -4.58
CA HIS A 569 -32.44 20.58 -5.06
C HIS A 569 -33.22 21.81 -5.54
N ALA A 570 -33.42 21.90 -6.85
CA ALA A 570 -33.94 23.12 -7.48
C ALA A 570 -35.47 23.14 -7.55
N MET A 571 -36.11 22.76 -6.46
CA MET A 571 -37.56 22.68 -6.41
C MET A 571 -38.21 24.03 -6.16
N GLY A 572 -38.85 24.57 -7.19
CA GLY A 572 -39.53 25.86 -7.10
C GLY A 572 -38.55 26.96 -6.79
N ASN A 573 -38.92 27.82 -5.85
CA ASN A 573 -38.07 28.93 -5.45
C ASN A 573 -36.93 28.41 -4.58
N SER A 574 -35.81 28.09 -5.21
CA SER A 574 -34.76 27.32 -4.56
C SER A 574 -33.36 27.69 -5.07
N LEU A 575 -32.39 26.83 -4.73
CA LEU A 575 -30.95 27.08 -4.96
C LEU A 575 -30.32 28.11 -4.02
N GLY A 576 -30.93 28.32 -2.86
CA GLY A 576 -30.28 29.09 -1.80
C GLY A 576 -29.08 28.31 -1.27
N GLY A 577 -27.96 29.00 -1.09
CA GLY A 577 -26.73 28.34 -0.62
C GLY A 577 -25.90 27.69 -1.72
N PHE A 578 -26.27 27.92 -2.98
CA PHE A 578 -25.51 27.36 -4.12
C PHE A 578 -24.06 27.84 -4.13
N ALA A 579 -23.82 29.13 -3.84
CA ALA A 579 -22.46 29.68 -3.82
C ALA A 579 -21.55 28.98 -2.82
N LYS A 580 -22.13 28.50 -1.72
CA LYS A 580 -21.38 27.81 -0.69
C LYS A 580 -20.74 26.52 -1.21
N TYR A 581 -21.46 25.79 -2.07
CA TYR A 581 -20.92 24.60 -2.72
C TYR A 581 -19.75 24.93 -3.61
N TRP A 582 -19.93 25.93 -4.48
CA TRP A 582 -18.88 26.31 -5.44
C TRP A 582 -17.60 26.85 -4.78
N GLN A 583 -17.75 27.59 -3.69
CA GLN A 583 -16.59 28.04 -2.90
C GLN A 583 -15.79 26.86 -2.38
N ALA A 584 -16.49 25.84 -1.88
CA ALA A 584 -15.84 24.63 -1.36
C ALA A 584 -15.25 23.79 -2.48
N PHE A 585 -15.97 23.66 -3.58
CA PHE A 585 -15.46 22.95 -4.75
C PHE A 585 -14.14 23.59 -5.19
N ARG A 586 -14.04 24.91 -5.16
CA ARG A 586 -12.83 25.57 -5.65
C ARG A 586 -11.67 25.51 -4.66
N GLN A 587 -11.98 25.52 -3.37
CA GLN A 587 -10.95 25.49 -2.33
C GLN A 587 -10.36 24.09 -2.13
N TYR A 588 -11.18 23.05 -2.30
CA TYR A 588 -10.75 21.68 -1.97
C TYR A 588 -10.46 20.88 -3.22
N PRO A 589 -9.18 20.53 -3.46
CA PRO A 589 -8.85 19.73 -4.64
C PRO A 589 -9.78 18.51 -4.84
N ARG A 590 -9.99 17.70 -3.80
CA ARG A 590 -10.76 16.46 -3.95
C ARG A 590 -12.29 16.63 -3.97
N LEU A 591 -12.77 17.85 -3.72
CA LEU A 591 -14.17 18.16 -3.99
C LEU A 591 -14.25 18.59 -5.46
N GLN A 592 -14.71 17.68 -6.32
CA GLN A 592 -14.63 17.92 -7.76
C GLN A 592 -15.98 18.21 -8.42
N GLY A 593 -16.93 18.68 -7.61
CA GLY A 593 -18.18 19.19 -8.13
C GLY A 593 -19.38 18.34 -7.78
N GLY A 594 -20.38 18.39 -8.66
CA GLY A 594 -21.62 17.67 -8.42
C GLY A 594 -22.60 17.83 -9.56
N PHE A 595 -23.71 17.11 -9.48
CA PHE A 595 -24.77 17.22 -10.47
C PHE A 595 -26.03 17.74 -9.79
N VAL A 596 -26.47 18.93 -10.21
CA VAL A 596 -27.65 19.56 -9.64
C VAL A 596 -28.86 18.66 -9.90
N TRP A 597 -29.76 18.58 -8.92
CA TRP A 597 -31.06 17.96 -9.15
C TRP A 597 -32.15 19.04 -9.24
N ASP A 598 -32.73 19.26 -10.43
CA ASP A 598 -32.31 18.65 -11.70
C ASP A 598 -32.56 19.62 -12.86
N TRP A 599 -32.51 19.14 -14.09
CA TRP A 599 -32.61 20.03 -15.24
C TRP A 599 -34.01 20.61 -15.48
N VAL A 600 -35.01 19.76 -15.61
CA VAL A 600 -36.31 20.19 -16.11
C VAL A 600 -37.48 19.68 -15.27
N ASP A 601 -38.40 20.59 -14.93
CA ASP A 601 -39.64 20.25 -14.23
C ASP A 601 -40.34 19.13 -14.98
N GLN A 602 -40.79 18.11 -14.26
CA GLN A 602 -41.61 17.06 -14.89
C GLN A 602 -43.10 17.41 -14.86
N SER A 603 -43.44 18.62 -15.32
CA SER A 603 -44.84 18.98 -15.45
C SER A 603 -45.39 18.50 -16.80
N LEU A 604 -46.67 18.15 -16.83
CA LEU A 604 -47.33 17.72 -18.05
C LEU A 604 -48.44 18.69 -18.44
N ILE A 605 -48.67 18.83 -19.74
CA ILE A 605 -49.73 19.72 -20.23
C ILE A 605 -51.08 19.05 -20.16
N LYS A 606 -52.02 19.75 -19.51
CA LYS A 606 -53.44 19.43 -19.57
C LYS A 606 -54.16 20.63 -20.19
N TYR A 607 -55.43 20.44 -20.53
CA TYR A 607 -56.22 21.48 -21.18
C TYR A 607 -57.52 21.74 -20.42
N ASP A 608 -57.85 23.01 -20.18
CA ASP A 608 -59.10 23.35 -19.50
C ASP A 608 -60.31 23.33 -20.46
N GLU A 609 -61.47 23.72 -19.93
CA GLU A 609 -62.73 23.75 -20.68
C GLU A 609 -62.65 24.55 -21.98
N ASN A 610 -61.84 25.61 -21.99
CA ASN A 610 -61.67 26.45 -23.17
C ASN A 610 -60.52 26.01 -24.08
N GLY A 611 -59.96 24.84 -23.81
CA GLY A 611 -58.86 24.31 -24.59
C GLY A 611 -57.53 25.00 -24.35
N ASN A 612 -57.45 25.78 -23.27
CA ASN A 612 -56.21 26.45 -22.86
C ASN A 612 -55.29 25.50 -22.08
N PRO A 613 -54.00 25.45 -22.46
CA PRO A 613 -53.01 24.59 -21.81
C PRO A 613 -52.62 25.04 -20.40
N TRP A 614 -52.42 24.08 -19.50
CA TRP A 614 -51.86 24.37 -18.17
C TRP A 614 -50.97 23.23 -17.67
N SER A 615 -50.00 23.61 -16.85
CA SER A 615 -49.00 22.67 -16.33
C SER A 615 -49.53 21.89 -15.14
N ALA A 616 -49.57 20.57 -15.31
CA ALA A 616 -50.08 19.66 -14.31
C ALA A 616 -48.96 18.88 -13.63
N TYR A 617 -49.22 18.46 -12.39
CA TYR A 617 -48.28 17.62 -11.66
C TYR A 617 -48.99 16.42 -11.04
N GLY A 618 -48.35 15.79 -10.05
CA GLY A 618 -48.88 14.57 -9.43
C GLY A 618 -50.31 14.75 -8.96
N GLY A 619 -51.15 13.76 -9.28
CA GLY A 619 -52.55 13.77 -8.85
C GLY A 619 -53.53 14.43 -9.80
N ASP A 620 -53.01 15.21 -10.75
CA ASP A 620 -53.85 15.95 -11.70
C ASP A 620 -54.47 15.07 -12.79
N PHE A 621 -54.16 13.78 -12.77
CA PHE A 621 -54.70 12.84 -13.76
C PHE A 621 -55.56 11.78 -13.12
N GLY A 622 -56.00 12.04 -11.88
CA GLY A 622 -56.73 11.05 -11.10
C GLY A 622 -55.80 10.01 -10.47
N ASP A 623 -54.51 10.14 -10.74
CA ASP A 623 -53.49 9.21 -10.20
C ASP A 623 -53.40 9.32 -8.68
N THR A 624 -53.55 8.17 -8.02
CA THR A 624 -53.57 8.11 -6.57
C THR A 624 -53.21 6.70 -6.08
N PRO A 625 -52.36 6.60 -5.04
CA PRO A 625 -51.67 7.73 -4.39
C PRO A 625 -50.68 8.44 -5.30
N ASN A 626 -50.35 9.67 -4.96
CA ASN A 626 -49.38 10.46 -5.72
C ASN A 626 -48.58 11.38 -4.80
N ASP A 627 -47.50 11.96 -5.33
CA ASP A 627 -46.65 12.85 -4.54
C ASP A 627 -46.63 14.29 -5.06
N ARG A 628 -47.74 14.67 -5.69
CA ARG A 628 -48.05 16.05 -6.04
C ARG A 628 -46.93 16.74 -6.81
N GLN A 629 -46.44 17.85 -6.29
CA GLN A 629 -45.48 18.67 -7.03
C GLN A 629 -44.02 18.22 -6.92
N PHE A 630 -43.76 17.10 -6.25
CA PHE A 630 -42.38 16.67 -6.02
C PHE A 630 -41.63 16.25 -7.31
N CYS A 631 -42.37 16.07 -8.40
CA CYS A 631 -41.81 15.81 -9.73
C CYS A 631 -41.28 17.06 -10.43
N MET A 632 -41.52 18.22 -9.84
CA MET A 632 -41.04 19.48 -10.42
C MET A 632 -39.87 20.02 -9.59
N ASN A 633 -38.66 19.71 -10.04
CA ASN A 633 -37.44 20.09 -9.32
C ASN A 633 -36.43 20.78 -10.21
N GLY A 634 -36.86 21.26 -11.37
CA GLY A 634 -35.94 21.68 -12.41
C GLY A 634 -35.43 23.11 -12.34
N LEU A 635 -34.27 23.34 -12.96
CA LEU A 635 -33.76 24.69 -13.18
C LEU A 635 -34.51 25.37 -14.32
N VAL A 636 -35.17 24.57 -15.16
CA VAL A 636 -35.98 25.13 -16.23
C VAL A 636 -37.41 24.59 -16.18
N PHE A 637 -38.37 25.37 -16.67
CA PHE A 637 -39.76 24.90 -16.84
C PHE A 637 -39.79 23.81 -17.90
N ALA A 638 -40.83 22.98 -17.90
CA ALA A 638 -40.98 21.90 -18.89
C ALA A 638 -40.81 22.35 -20.34
N ASP A 639 -41.18 23.60 -20.65
CA ASP A 639 -40.99 24.13 -22.00
C ASP A 639 -39.61 24.76 -22.20
N ARG A 640 -38.74 24.57 -21.21
CA ARG A 640 -37.34 24.99 -21.24
C ARG A 640 -37.11 26.49 -20.99
N THR A 641 -38.16 27.17 -20.56
CA THR A 641 -38.03 28.53 -20.04
C THR A 641 -37.28 28.44 -18.71
N PRO A 642 -36.22 29.25 -18.52
CA PRO A 642 -35.43 29.19 -17.29
C PRO A 642 -36.22 29.55 -16.03
N HIS A 643 -35.90 28.90 -14.92
CA HIS A 643 -36.28 29.42 -13.61
C HIS A 643 -35.20 30.44 -13.28
N PRO A 644 -35.50 31.41 -12.37
CA PRO A 644 -34.48 32.35 -11.92
C PRO A 644 -33.20 31.69 -11.39
N ALA A 645 -33.33 30.55 -10.72
CA ALA A 645 -32.16 29.82 -10.20
C ALA A 645 -31.07 29.51 -11.24
N LEU A 646 -31.46 29.40 -12.52
CA LEU A 646 -30.54 29.07 -13.59
C LEU A 646 -29.40 30.07 -13.73
N THR A 647 -29.72 31.36 -13.56
CA THR A 647 -28.68 32.39 -13.61
C THR A 647 -27.70 32.27 -12.46
N GLU A 648 -28.20 31.90 -11.27
CA GLU A 648 -27.32 31.63 -10.13
C GLU A 648 -26.35 30.48 -10.46
N ALA A 649 -26.86 29.42 -11.07
CA ALA A 649 -26.03 28.28 -11.47
C ALA A 649 -24.98 28.74 -12.48
N LYS A 650 -25.42 29.46 -13.51
CA LYS A 650 -24.51 29.96 -14.54
C LYS A 650 -23.35 30.75 -13.97
N HIS A 651 -23.67 31.64 -13.02
CA HIS A 651 -22.68 32.52 -12.40
C HIS A 651 -21.66 31.77 -11.53
N GLN A 652 -22.14 30.87 -10.69
CA GLN A 652 -21.25 30.13 -9.80
C GLN A 652 -20.39 29.14 -10.58
N GLN A 653 -20.90 28.68 -11.73
CA GLN A 653 -20.19 27.73 -12.59
C GLN A 653 -19.28 28.38 -13.64
N GLN A 654 -19.12 29.71 -13.56
CA GLN A 654 -18.24 30.47 -14.46
C GLN A 654 -16.84 29.86 -14.52
N PHE A 655 -16.23 29.94 -15.69
CA PHE A 655 -14.91 29.36 -15.96
C PHE A 655 -13.79 30.39 -15.81
N PHE A 656 -14.16 31.63 -15.52
CA PHE A 656 -13.19 32.67 -15.24
C PHE A 656 -13.46 33.22 -13.85
N GLN A 657 -12.39 33.39 -13.07
CA GLN A 657 -12.47 33.95 -11.72
C GLN A 657 -11.80 35.31 -11.71
N PHE A 658 -12.32 36.21 -10.87
CA PHE A 658 -11.87 37.59 -10.84
C PHE A 658 -11.50 38.07 -9.45
N ARG A 659 -10.42 38.83 -9.38
CA ARG A 659 -10.05 39.56 -8.17
C ARG A 659 -9.69 40.97 -8.57
N LEU A 660 -9.90 41.91 -7.64
CA LEU A 660 -9.59 43.32 -7.88
C LEU A 660 -8.65 43.84 -6.80
N SER A 661 -7.61 44.55 -7.24
CA SER A 661 -6.67 45.21 -6.33
C SER A 661 -6.31 46.57 -6.93
N GLY A 662 -6.76 47.64 -6.28
CA GLY A 662 -6.64 48.98 -6.83
C GLY A 662 -7.51 49.12 -8.07
N GLN A 663 -6.87 49.34 -9.21
CA GLN A 663 -7.58 49.34 -10.50
C GLN A 663 -7.12 48.18 -11.39
N THR A 664 -6.43 47.21 -10.80
CA THR A 664 -6.00 46.01 -11.53
C THR A 664 -6.99 44.86 -11.32
N ILE A 665 -7.52 44.36 -12.44
CA ILE A 665 -8.37 43.17 -12.46
C ILE A 665 -7.49 41.96 -12.78
N GLU A 666 -7.52 40.95 -11.91
CA GLU A 666 -6.85 39.69 -12.17
C GLU A 666 -7.88 38.66 -12.65
N VAL A 667 -7.73 38.20 -13.89
CA VAL A 667 -8.57 37.15 -14.46
C VAL A 667 -7.83 35.81 -14.33
N THR A 668 -8.47 34.82 -13.72
CA THR A 668 -7.93 33.47 -13.69
C THR A 668 -8.83 32.54 -14.49
N SER A 669 -8.22 31.72 -15.33
CA SER A 669 -8.96 30.74 -16.11
C SER A 669 -9.08 29.41 -15.38
N GLU A 670 -10.27 28.83 -15.44
CA GLU A 670 -10.49 27.51 -14.88
C GLU A 670 -10.65 26.48 -16.00
N TYR A 671 -10.41 26.90 -17.23
CA TYR A 671 -10.32 25.95 -18.34
C TYR A 671 -9.06 25.13 -18.14
N LEU A 672 -9.14 23.85 -18.49
CA LEU A 672 -8.02 22.93 -18.34
C LEU A 672 -7.22 22.80 -19.63
N PHE A 673 -7.90 22.94 -20.77
CA PHE A 673 -7.28 22.64 -22.07
C PHE A 673 -7.21 23.81 -23.03
N ARG A 674 -8.26 24.62 -23.08
CA ARG A 674 -8.32 25.71 -24.05
C ARG A 674 -7.78 27.04 -23.54
N HIS A 675 -7.26 27.83 -24.47
CA HIS A 675 -6.87 29.21 -24.26
C HIS A 675 -8.15 30.03 -24.45
N SER A 676 -8.20 31.25 -23.91
CA SER A 676 -9.37 32.11 -24.07
C SER A 676 -9.38 32.79 -25.44
N ASP A 677 -9.58 32.01 -26.50
CA ASP A 677 -9.46 32.49 -27.87
C ASP A 677 -10.79 32.95 -28.50
N ASN A 678 -11.81 33.09 -27.68
CA ASN A 678 -13.08 33.66 -28.12
C ASN A 678 -13.74 34.40 -26.97
N GLU A 679 -12.99 35.34 -26.40
CA GLU A 679 -13.39 36.03 -25.18
C GLU A 679 -12.84 37.45 -25.15
N LEU A 680 -13.70 38.40 -24.83
CA LEU A 680 -13.21 39.73 -24.47
C LEU A 680 -13.86 40.22 -23.19
N LEU A 681 -13.09 40.97 -22.40
CA LEU A 681 -13.60 41.52 -21.16
C LEU A 681 -14.21 42.89 -21.41
N HIS A 682 -15.49 43.04 -21.12
CA HIS A 682 -16.14 44.34 -21.10
C HIS A 682 -16.22 44.81 -19.65
N TRP A 683 -15.77 46.04 -19.41
CA TRP A 683 -15.85 46.65 -18.08
C TRP A 683 -16.68 47.93 -18.10
N MET A 684 -17.34 48.21 -16.98
CA MET A 684 -18.21 49.37 -16.85
C MET A 684 -18.18 49.88 -15.41
N VAL A 685 -17.97 51.18 -15.26
CA VAL A 685 -18.05 51.84 -13.97
C VAL A 685 -19.28 52.77 -14.00
N ALA A 686 -20.10 52.66 -12.96
CA ALA A 686 -21.33 53.44 -12.85
C ALA A 686 -21.51 54.02 -11.46
N LEU A 687 -22.16 55.18 -11.38
CA LEU A 687 -22.50 55.80 -10.11
C LEU A 687 -23.99 55.70 -9.91
N ASP A 688 -24.38 54.85 -8.96
CA ASP A 688 -25.79 54.58 -8.68
C ASP A 688 -26.60 54.45 -9.98
N GLY A 689 -26.11 53.60 -10.89
CA GLY A 689 -26.81 53.30 -12.13
C GLY A 689 -26.45 54.16 -13.33
N LYS A 690 -25.78 55.29 -13.09
CA LYS A 690 -25.38 56.20 -14.16
C LYS A 690 -23.97 55.87 -14.65
N PRO A 691 -23.84 55.45 -15.93
CA PRO A 691 -22.52 55.11 -16.49
C PRO A 691 -21.54 56.28 -16.48
N LEU A 692 -20.37 56.06 -15.88
CA LEU A 692 -19.29 57.05 -15.85
C LEU A 692 -18.24 56.76 -16.90
N ALA A 693 -17.90 55.48 -17.04
CA ALA A 693 -16.85 55.04 -17.95
C ALA A 693 -17.04 53.57 -18.32
N SER A 694 -16.60 53.20 -19.52
CA SER A 694 -16.61 51.82 -19.97
C SER A 694 -15.50 51.57 -20.98
N GLY A 695 -15.29 50.30 -21.32
CA GLY A 695 -14.23 49.89 -22.24
C GLY A 695 -14.15 48.38 -22.33
N GLU A 696 -13.24 47.91 -23.18
CA GLU A 696 -13.05 46.47 -23.37
C GLU A 696 -11.60 46.10 -23.62
N VAL A 697 -11.24 44.90 -23.18
CA VAL A 697 -9.88 44.38 -23.29
C VAL A 697 -10.00 42.93 -23.75
N PRO A 698 -9.20 42.53 -24.77
CA PRO A 698 -9.21 41.12 -25.17
C PRO A 698 -8.65 40.25 -24.05
N LEU A 699 -9.25 39.07 -23.84
CA LEU A 699 -8.72 38.11 -22.88
C LEU A 699 -7.74 37.19 -23.58
N ASP A 700 -6.58 37.02 -22.95
CA ASP A 700 -5.51 36.19 -23.49
C ASP A 700 -4.97 35.36 -22.33
N VAL A 701 -5.79 34.42 -21.88
CA VAL A 701 -5.49 33.64 -20.68
C VAL A 701 -5.31 32.18 -21.05
N ALA A 702 -4.16 31.61 -20.66
CA ALA A 702 -3.87 30.20 -20.84
C ALA A 702 -4.72 29.36 -19.87
N PRO A 703 -4.99 28.08 -20.21
CA PRO A 703 -5.73 27.26 -19.24
C PRO A 703 -5.01 27.28 -17.90
N GLN A 704 -5.76 27.53 -16.81
CA GLN A 704 -5.22 27.62 -15.43
C GLN A 704 -4.32 28.84 -15.23
N GLY A 705 -4.22 29.69 -16.25
CA GLY A 705 -3.37 30.86 -16.17
C GLY A 705 -4.07 32.09 -15.61
N LYS A 706 -3.32 33.18 -15.55
CA LYS A 706 -3.81 34.45 -15.04
C LYS A 706 -3.47 35.57 -16.02
N GLN A 707 -4.28 36.62 -16.01
CA GLN A 707 -4.02 37.82 -16.79
C GLN A 707 -4.34 39.04 -15.93
N LEU A 708 -3.44 40.00 -15.92
CA LEU A 708 -3.67 41.26 -15.21
C LEU A 708 -4.14 42.34 -16.18
N ILE A 709 -5.23 43.00 -15.82
CA ILE A 709 -5.79 44.07 -16.63
C ILE A 709 -5.82 45.35 -15.80
N GLU A 710 -4.97 46.30 -16.19
CA GLU A 710 -4.89 47.61 -15.54
C GLU A 710 -5.95 48.50 -16.16
N LEU A 711 -6.91 48.95 -15.35
CA LEU A 711 -7.94 49.87 -15.83
C LEU A 711 -7.37 51.28 -15.98
N PRO A 712 -7.86 52.04 -16.99
CA PRO A 712 -7.42 53.42 -17.13
C PRO A 712 -7.85 54.30 -15.94
N GLU A 713 -7.23 55.46 -15.81
CA GLU A 713 -7.60 56.42 -14.77
C GLU A 713 -9.08 56.78 -14.94
N LEU A 714 -9.84 56.65 -13.85
CA LEU A 714 -11.28 56.89 -13.90
C LEU A 714 -11.62 58.34 -13.57
N PRO A 715 -12.64 58.91 -14.26
CA PRO A 715 -13.07 60.28 -13.98
C PRO A 715 -13.69 60.40 -12.58
N GLN A 716 -13.41 61.51 -11.90
CA GLN A 716 -14.00 61.79 -10.60
C GLN A 716 -15.50 61.96 -10.72
N PRO A 717 -16.27 61.29 -9.84
CA PRO A 717 -17.73 61.40 -9.86
C PRO A 717 -18.20 62.80 -9.49
N GLU A 718 -19.21 63.29 -10.21
CA GLU A 718 -19.79 64.62 -9.97
C GLU A 718 -20.62 64.64 -8.69
N SER A 719 -21.57 63.71 -8.60
CA SER A 719 -22.48 63.59 -7.47
C SER A 719 -21.91 62.70 -6.37
N ALA A 720 -22.59 62.65 -5.22
CA ALA A 720 -22.26 61.71 -4.17
C ALA A 720 -22.86 60.34 -4.50
N GLY A 721 -22.41 59.30 -3.79
CA GLY A 721 -22.92 57.95 -3.99
C GLY A 721 -21.84 56.92 -4.18
N GLN A 722 -22.25 55.69 -4.49
CA GLN A 722 -21.36 54.53 -4.58
C GLN A 722 -21.00 54.20 -6.04
N LEU A 723 -19.71 54.16 -6.33
CA LEU A 723 -19.23 53.68 -7.62
C LEU A 723 -19.21 52.16 -7.67
N TRP A 724 -19.70 51.60 -8.77
CA TRP A 724 -19.74 50.14 -8.97
C TRP A 724 -18.99 49.75 -10.24
N LEU A 725 -18.06 48.81 -10.12
CA LEU A 725 -17.39 48.25 -11.29
C LEU A 725 -18.02 46.90 -11.66
N THR A 726 -18.52 46.80 -12.89
CA THR A 726 -19.01 45.54 -13.45
C THR A 726 -18.12 45.09 -14.60
N VAL A 727 -17.65 43.84 -14.54
CA VAL A 727 -16.94 43.23 -15.67
C VAL A 727 -17.73 42.04 -16.21
N ARG A 728 -17.70 41.85 -17.53
CA ARG A 728 -18.34 40.69 -18.15
C ARG A 728 -17.51 40.13 -19.29
N VAL A 729 -17.53 38.81 -19.42
CA VAL A 729 -16.82 38.13 -20.48
C VAL A 729 -17.79 37.86 -21.62
N VAL A 730 -17.47 38.43 -22.78
CA VAL A 730 -18.32 38.34 -23.97
C VAL A 730 -17.58 37.47 -24.97
N GLN A 731 -18.30 36.55 -25.63
CA GLN A 731 -17.76 35.76 -26.73
C GLN A 731 -18.11 36.42 -28.07
N PRO A 732 -17.14 37.11 -28.71
CA PRO A 732 -17.40 37.83 -29.97
C PRO A 732 -17.94 36.92 -31.09
N ASN A 733 -17.44 35.69 -31.18
CA ASN A 733 -17.82 34.78 -32.26
C ASN A 733 -18.84 33.74 -31.82
N ALA A 734 -19.75 33.41 -32.74
CA ALA A 734 -20.69 32.31 -32.52
C ALA A 734 -19.94 30.99 -32.47
N THR A 735 -20.52 30.02 -31.77
CA THR A 735 -19.97 28.67 -31.68
C THR A 735 -21.08 27.72 -32.07
N ALA A 736 -20.81 26.41 -31.97
CA ALA A 736 -21.86 25.41 -32.18
C ALA A 736 -22.95 25.48 -31.12
N TRP A 737 -22.63 26.05 -29.96
CA TRP A 737 -23.55 26.05 -28.81
C TRP A 737 -24.01 27.45 -28.37
N SER A 738 -23.43 28.50 -28.96
CA SER A 738 -23.78 29.88 -28.59
C SER A 738 -23.73 30.88 -29.76
N GLU A 739 -24.49 31.97 -29.60
CA GLU A 739 -24.56 33.06 -30.56
C GLU A 739 -23.44 34.06 -30.32
N ALA A 740 -23.13 34.87 -31.33
CA ALA A 740 -22.18 35.98 -31.18
C ALA A 740 -22.68 36.92 -30.07
N GLY A 741 -21.76 37.37 -29.23
CA GLY A 741 -22.13 38.23 -28.11
C GLY A 741 -22.52 37.53 -26.82
N HIS A 742 -22.53 36.20 -26.81
CA HIS A 742 -22.84 35.42 -25.60
C HIS A 742 -22.02 35.87 -24.39
N ILE A 743 -22.70 36.20 -23.29
CA ILE A 743 -22.03 36.53 -22.02
C ILE A 743 -21.81 35.24 -21.22
N SER A 744 -20.55 34.96 -20.87
CA SER A 744 -20.20 33.67 -20.26
C SER A 744 -19.87 33.80 -18.78
N ALA A 745 -19.50 35.00 -18.38
CA ALA A 745 -19.06 35.27 -17.01
C ALA A 745 -19.21 36.75 -16.66
N TRP A 746 -19.37 37.04 -15.36
CA TRP A 746 -19.44 38.42 -14.86
C TRP A 746 -19.06 38.52 -13.38
N GLN A 747 -18.74 39.73 -12.95
CA GLN A 747 -18.44 40.02 -11.55
C GLN A 747 -18.61 41.52 -11.26
N GLN A 748 -18.95 41.85 -10.02
CA GLN A 748 -19.12 43.24 -9.57
C GLN A 748 -18.30 43.54 -8.32
N TRP A 749 -17.83 44.78 -8.24
CA TRP A 749 -17.21 45.29 -7.02
C TRP A 749 -17.69 46.70 -6.74
N ARG A 750 -17.76 47.05 -5.46
CA ARG A 750 -17.89 48.45 -5.06
C ARG A 750 -16.54 49.12 -5.22
N LEU A 751 -16.51 50.29 -5.87
CA LEU A 751 -15.30 51.11 -5.87
C LEU A 751 -15.44 52.20 -4.81
N ALA A 752 -14.97 53.41 -5.10
CA ALA A 752 -15.05 54.49 -4.12
C ALA A 752 -16.51 54.81 -3.79
N GLU A 753 -16.74 55.18 -2.53
CA GLU A 753 -18.04 55.71 -2.12
C GLU A 753 -17.83 57.12 -1.57
N ASN A 754 -18.65 58.05 -2.05
CA ASN A 754 -18.70 59.39 -1.48
C ASN A 754 -20.05 59.60 -0.82
N LEU A 755 -20.04 59.64 0.51
CA LEU A 755 -21.29 59.76 1.28
C LEU A 755 -21.85 61.17 1.18
N SER A 756 -23.16 61.26 0.95
CA SER A 756 -23.84 62.55 0.86
C SER A 756 -23.82 63.26 2.20
N VAL A 757 -23.21 64.44 2.24
CA VAL A 757 -23.18 65.26 3.46
C VAL A 757 -24.02 66.53 3.34
N THR A 758 -24.76 66.67 2.24
CA THR A 758 -25.54 67.88 1.99
C THR A 758 -26.98 67.71 2.49
N LEU A 759 -27.42 68.66 3.31
CA LEU A 759 -28.80 68.68 3.81
C LEU A 759 -29.76 69.02 2.66
N PRO A 760 -30.92 68.34 2.62
CA PRO A 760 -31.93 68.71 1.62
C PRO A 760 -32.38 70.16 1.79
N ALA A 761 -32.71 70.82 0.68
CA ALA A 761 -33.17 72.22 0.71
C ALA A 761 -34.36 72.38 1.67
N ALA A 762 -34.24 73.34 2.58
CA ALA A 762 -35.27 73.58 3.59
C ALA A 762 -36.58 74.01 2.95
N SER A 763 -37.64 73.27 3.26
CA SER A 763 -38.97 73.56 2.72
C SER A 763 -39.68 74.59 3.57
N HIS A 764 -40.46 75.45 2.91
CA HIS A 764 -41.19 76.52 3.59
C HIS A 764 -42.56 76.05 4.08
N ALA A 765 -43.17 75.12 3.34
CA ALA A 765 -44.47 74.55 3.68
C ALA A 765 -44.42 73.67 4.92
N ILE A 766 -45.52 73.62 5.65
CA ILE A 766 -45.68 72.76 6.83
C ILE A 766 -46.97 71.96 6.64
N PRO A 767 -46.91 70.63 6.83
CA PRO A 767 -48.14 69.85 6.71
C PRO A 767 -49.09 70.13 7.87
N HIS A 768 -50.39 70.06 7.61
CA HIS A 768 -51.39 70.30 8.65
C HIS A 768 -51.97 69.00 9.19
N LEU A 769 -52.06 68.91 10.52
CA LEU A 769 -52.74 67.81 11.19
C LEU A 769 -54.20 68.14 11.49
N THR A 770 -55.09 67.25 11.06
CA THR A 770 -56.52 67.32 11.37
C THR A 770 -56.88 66.07 12.16
N THR A 771 -57.44 66.27 13.35
CA THR A 771 -57.71 65.18 14.28
C THR A 771 -59.21 64.92 14.47
N SER A 772 -59.56 63.63 14.47
CA SER A 772 -60.88 63.16 14.89
C SER A 772 -60.63 62.02 15.86
N GLU A 773 -61.70 61.49 16.47
CA GLU A 773 -61.56 60.36 17.40
C GLU A 773 -61.09 59.10 16.65
N MET A 774 -61.42 59.01 15.37
CA MET A 774 -61.12 57.82 14.56
C MET A 774 -59.82 57.93 13.75
N ASP A 775 -59.40 59.15 13.45
CA ASP A 775 -58.32 59.39 12.48
C ASP A 775 -57.40 60.58 12.77
N PHE A 776 -56.14 60.43 12.37
CA PHE A 776 -55.24 61.57 12.17
C PHE A 776 -55.10 61.78 10.67
N CYS A 777 -55.46 62.96 10.20
CA CYS A 777 -55.31 63.29 8.78
C CYS A 777 -54.26 64.37 8.58
N ILE A 778 -53.33 64.10 7.66
CA ILE A 778 -52.23 65.01 7.36
C ILE A 778 -52.35 65.51 5.91
N GLU A 779 -52.25 66.82 5.73
CA GLU A 779 -52.36 67.42 4.40
C GLU A 779 -51.18 68.33 4.07
N LEU A 780 -50.71 68.26 2.83
CA LEU A 780 -49.66 69.13 2.32
C LEU A 780 -49.86 69.30 0.82
N GLY A 781 -50.44 70.43 0.42
CA GLY A 781 -50.78 70.67 -0.98
C GLY A 781 -51.77 69.64 -1.47
N ASN A 782 -51.44 68.96 -2.57
CA ASN A 782 -52.29 67.90 -3.11
C ASN A 782 -52.22 66.58 -2.35
N LYS A 783 -51.25 66.47 -1.44
CA LYS A 783 -50.97 65.21 -0.75
C LYS A 783 -51.68 65.08 0.59
N ARG A 784 -52.29 63.92 0.81
CA ARG A 784 -53.01 63.64 2.03
C ARG A 784 -52.68 62.24 2.55
N TRP A 785 -52.54 62.13 3.87
CA TRP A 785 -52.32 60.86 4.55
C TRP A 785 -53.41 60.66 5.60
N GLN A 786 -53.81 59.41 5.78
CA GLN A 786 -54.79 59.08 6.81
C GLN A 786 -54.31 57.90 7.66
N PHE A 787 -54.25 58.13 8.98
CA PHE A 787 -53.90 57.09 9.93
C PHE A 787 -55.11 56.74 10.78
N ASN A 788 -55.51 55.48 10.73
CA ASN A 788 -56.64 55.00 11.53
C ASN A 788 -56.21 54.81 12.97
N ARG A 789 -56.93 55.47 13.88
CA ARG A 789 -56.57 55.48 15.31
C ARG A 789 -57.01 54.23 16.07
N GLN A 790 -57.90 53.44 15.48
CA GLN A 790 -58.28 52.15 16.07
C GLN A 790 -57.31 51.04 15.67
N SER A 791 -56.83 51.07 14.43
CA SER A 791 -55.92 50.03 13.93
C SER A 791 -54.45 50.41 14.12
N GLY A 792 -54.14 51.70 13.98
CA GLY A 792 -52.78 52.20 14.14
C GLY A 792 -51.97 52.13 12.85
N PHE A 793 -52.66 52.03 11.73
CA PHE A 793 -52.00 51.95 10.43
C PHE A 793 -52.43 53.06 9.50
N LEU A 794 -51.55 53.40 8.56
CA LEU A 794 -51.89 54.26 7.44
C LEU A 794 -52.94 53.53 6.61
N SER A 795 -54.14 54.09 6.55
CA SER A 795 -55.27 53.45 5.88
C SER A 795 -55.53 54.01 4.48
N GLN A 796 -55.04 55.23 4.23
CA GLN A 796 -55.24 55.84 2.93
C GLN A 796 -54.24 56.98 2.69
N MET A 797 -53.91 57.17 1.41
CA MET A 797 -53.12 58.32 0.95
C MET A 797 -53.76 58.86 -0.31
N TRP A 798 -53.63 60.17 -0.51
CA TRP A 798 -54.13 60.83 -1.72
C TRP A 798 -53.03 61.60 -2.44
N ILE A 799 -53.05 61.52 -3.76
CA ILE A 799 -52.24 62.37 -4.63
C ILE A 799 -53.22 63.01 -5.60
N GLY A 800 -53.29 64.34 -5.60
CA GLY A 800 -54.45 65.04 -6.13
C GLY A 800 -55.56 64.77 -5.13
N ASP A 801 -56.69 64.29 -5.62
CA ASP A 801 -57.69 63.71 -4.74
C ASP A 801 -57.95 62.25 -5.11
N LYS A 802 -56.92 61.61 -5.68
CA LYS A 802 -56.98 60.19 -6.02
C LYS A 802 -56.44 59.34 -4.89
N LYS A 803 -57.27 58.41 -4.43
CA LYS A 803 -56.86 57.43 -3.42
C LYS A 803 -55.77 56.50 -3.97
N GLN A 804 -54.85 56.08 -3.11
CA GLN A 804 -53.69 55.31 -3.53
C GLN A 804 -53.70 53.87 -3.02
N LEU A 805 -54.45 53.63 -1.94
CA LEU A 805 -54.44 52.35 -1.25
C LEU A 805 -55.79 51.64 -1.28
N LEU A 806 -55.72 50.32 -1.46
CA LEU A 806 -56.90 49.45 -1.40
C LEU A 806 -56.89 48.65 -0.10
N THR A 807 -55.70 48.50 0.47
CA THR A 807 -55.52 47.84 1.76
C THR A 807 -54.48 48.66 2.53
N PRO A 808 -54.72 48.88 3.84
CA PRO A 808 -53.78 49.63 4.69
C PRO A 808 -52.37 49.05 4.71
N LEU A 809 -51.40 49.91 4.99
CA LEU A 809 -50.00 49.51 5.15
C LEU A 809 -49.80 48.88 6.52
N ARG A 810 -49.52 47.59 6.54
CA ARG A 810 -49.39 46.82 7.79
C ARG A 810 -48.11 45.99 7.79
N ASP A 811 -47.59 45.69 8.98
CA ASP A 811 -46.43 44.79 9.10
C ASP A 811 -46.78 43.40 8.56
N GLN A 812 -45.77 42.72 8.04
CA GLN A 812 -45.92 41.33 7.59
C GLN A 812 -44.69 40.55 8.05
N PHE A 813 -44.94 39.39 8.67
CA PHE A 813 -43.88 38.56 9.23
C PHE A 813 -43.86 37.16 8.63
N THR A 814 -44.69 36.95 7.61
CA THR A 814 -44.87 35.64 6.98
C THR A 814 -44.71 35.74 5.47
N ARG A 815 -44.42 34.61 4.82
CA ARG A 815 -44.47 34.52 3.36
C ARG A 815 -45.34 33.33 2.95
N ALA A 816 -45.91 33.41 1.75
CA ALA A 816 -46.55 32.24 1.15
C ALA A 816 -45.49 31.14 0.98
N PRO A 817 -45.66 30.02 1.69
CA PRO A 817 -44.56 29.06 1.86
C PRO A 817 -43.99 28.51 0.56
N LEU A 818 -42.67 28.53 0.45
CA LEU A 818 -41.96 27.92 -0.67
C LEU A 818 -42.04 26.41 -0.53
N ASP A 819 -41.77 25.70 -1.62
CA ASP A 819 -41.61 24.24 -1.54
C ASP A 819 -40.60 23.83 -0.46
N ASN A 820 -39.49 24.57 -0.38
CA ASN A 820 -38.51 24.35 0.69
C ASN A 820 -39.04 24.56 2.10
N ASP A 821 -39.88 25.58 2.29
CA ASP A 821 -40.53 25.85 3.58
C ASP A 821 -41.43 24.69 3.96
N ILE A 822 -42.17 24.18 2.98
CA ILE A 822 -43.11 23.09 3.16
C ILE A 822 -42.38 21.78 3.48
N ALA A 823 -41.30 21.52 2.75
CA ALA A 823 -40.40 20.39 3.02
C ALA A 823 -41.09 19.03 3.06
N VAL A 824 -41.70 18.68 1.93
CA VAL A 824 -42.39 17.40 1.75
C VAL A 824 -41.83 16.73 0.48
N SER A 825 -41.44 15.47 0.60
CA SER A 825 -40.97 14.67 -0.55
C SER A 825 -41.88 13.48 -0.81
N GLU A 826 -42.65 13.11 0.21
CA GLU A 826 -43.64 12.06 0.11
C GLU A 826 -44.93 12.58 0.74
N ALA A 827 -45.97 12.72 -0.09
CA ALA A 827 -47.25 13.31 0.33
C ALA A 827 -47.73 12.94 1.75
N THR A 828 -47.54 11.69 2.15
CA THR A 828 -48.00 11.21 3.46
C THR A 828 -47.06 11.49 4.64
N ARG A 829 -45.97 12.24 4.40
CA ARG A 829 -44.93 12.42 5.40
C ARG A 829 -44.61 13.89 5.71
N ILE A 830 -44.83 14.28 6.97
CA ILE A 830 -44.59 15.63 7.42
C ILE A 830 -43.43 15.67 8.42
N ASP A 831 -42.49 16.59 8.20
CA ASP A 831 -41.42 16.86 9.17
C ASP A 831 -41.89 17.98 10.09
N PRO A 832 -42.09 17.67 11.39
CA PRO A 832 -42.53 18.73 12.33
C PRO A 832 -41.53 19.88 12.46
N ASN A 833 -40.27 19.64 12.09
CA ASN A 833 -39.23 20.67 12.06
C ASN A 833 -39.25 21.56 10.81
N ALA A 834 -40.09 21.23 9.82
CA ALA A 834 -40.25 22.06 8.63
C ALA A 834 -40.63 23.47 9.03
N TRP A 835 -40.10 24.46 8.32
CA TRP A 835 -40.36 25.86 8.65
C TRP A 835 -41.86 26.19 8.63
N VAL A 836 -42.58 25.70 7.61
CA VAL A 836 -44.02 25.95 7.52
C VAL A 836 -44.78 25.34 8.71
N GLU A 837 -44.33 24.16 9.15
CA GLU A 837 -44.93 23.48 10.28
C GLU A 837 -44.71 24.25 11.58
N ARG A 838 -43.49 24.77 11.75
CA ARG A 838 -43.18 25.55 12.94
C ARG A 838 -43.89 26.91 12.94
N TRP A 839 -43.93 27.57 11.78
CA TRP A 839 -44.63 28.85 11.69
C TRP A 839 -46.13 28.70 11.98
N LYS A 840 -46.72 27.65 11.42
CA LYS A 840 -48.15 27.35 11.64
C LYS A 840 -48.47 27.06 13.10
N ALA A 841 -47.69 26.18 13.71
CA ALA A 841 -47.93 25.78 15.10
C ALA A 841 -47.67 26.92 16.07
N ALA A 842 -46.81 27.87 15.69
CA ALA A 842 -46.54 29.07 16.50
C ALA A 842 -47.59 30.15 16.30
N GLY A 843 -48.45 29.96 15.29
CA GLY A 843 -49.52 30.91 15.02
C GLY A 843 -49.13 32.15 14.24
N HIS A 844 -47.99 32.08 13.53
CA HIS A 844 -47.52 33.19 12.71
C HIS A 844 -48.52 33.62 11.64
N TYR A 845 -49.20 32.66 11.03
CA TYR A 845 -50.19 32.97 9.99
C TYR A 845 -51.53 33.47 10.57
N GLN A 846 -51.74 33.24 11.87
CA GLN A 846 -53.00 33.59 12.55
C GLN A 846 -52.89 34.81 13.46
N ALA A 847 -51.66 35.26 13.72
CA ALA A 847 -51.38 36.32 14.69
C ALA A 847 -52.12 37.62 14.37
N GLU A 848 -52.71 38.20 15.41
CA GLU A 848 -53.53 39.39 15.26
C GLU A 848 -52.82 40.60 15.85
N ALA A 849 -52.79 41.69 15.08
CA ALA A 849 -52.18 42.94 15.50
C ALA A 849 -53.02 43.63 16.57
N ALA A 850 -52.42 43.86 17.74
CA ALA A 850 -53.08 44.59 18.82
C ALA A 850 -52.38 45.92 19.03
N LEU A 851 -53.15 47.00 18.97
CA LEU A 851 -52.62 48.36 19.13
C LEU A 851 -52.23 48.65 20.58
N LEU A 852 -51.04 49.22 20.75
CA LEU A 852 -50.55 49.59 22.07
C LEU A 852 -50.43 51.09 22.19
N GLN A 853 -50.19 51.77 21.07
CA GLN A 853 -49.96 53.21 21.05
C GLN A 853 -50.22 53.77 19.66
N CYS A 854 -50.85 54.93 19.62
CA CYS A 854 -51.01 55.71 18.40
C CYS A 854 -51.17 57.19 18.76
N THR A 855 -50.08 57.95 18.63
CA THR A 855 -50.08 59.37 18.96
C THR A 855 -49.64 60.21 17.78
N ALA A 856 -50.07 61.47 17.78
CA ALA A 856 -49.66 62.45 16.77
C ALA A 856 -49.00 63.67 17.44
N ASP A 857 -47.95 64.17 16.81
CA ASP A 857 -47.21 65.34 17.29
C ASP A 857 -46.93 66.29 16.14
N THR A 858 -46.91 67.58 16.44
CA THR A 858 -46.63 68.60 15.44
C THR A 858 -45.29 69.25 15.74
N LEU A 859 -44.34 69.05 14.83
CA LEU A 859 -43.00 69.63 14.95
C LEU A 859 -42.91 70.96 14.21
N ALA A 860 -41.70 71.52 14.13
CA ALA A 860 -41.45 72.81 13.48
C ALA A 860 -41.80 72.80 11.99
N ASP A 861 -41.52 71.68 11.32
CA ASP A 861 -41.74 71.55 9.88
C ASP A 861 -42.32 70.17 9.50
N ALA A 862 -42.82 69.44 10.49
CA ALA A 862 -43.33 68.09 10.25
C ALA A 862 -44.44 67.67 11.21
N VAL A 863 -45.23 66.69 10.77
CA VAL A 863 -46.14 65.97 11.65
C VAL A 863 -45.55 64.58 11.92
N LEU A 864 -45.56 64.19 13.19
CA LEU A 864 -44.98 62.91 13.61
C LEU A 864 -46.04 61.97 14.18
N ILE A 865 -46.26 60.85 13.50
CA ILE A 865 -47.15 59.79 14.01
C ILE A 865 -46.32 58.66 14.60
N THR A 866 -46.60 58.31 15.86
CA THR A 866 -45.89 57.25 16.57
C THR A 866 -46.85 56.10 16.88
N THR A 867 -46.44 54.88 16.54
CA THR A 867 -47.26 53.69 16.76
C THR A 867 -46.49 52.55 17.41
N ALA A 868 -47.21 51.73 18.18
CA ALA A 868 -46.69 50.46 18.67
C ALA A 868 -47.78 49.40 18.55
N HIS A 869 -47.39 48.22 18.08
CA HIS A 869 -48.29 47.08 17.95
C HIS A 869 -47.66 45.82 18.54
N ALA A 870 -48.51 44.94 19.06
CA ALA A 870 -48.09 43.60 19.47
C ALA A 870 -48.86 42.55 18.67
N TRP A 871 -48.14 41.58 18.13
CA TRP A 871 -48.78 40.42 17.50
C TRP A 871 -48.77 39.26 18.45
N GLN A 872 -49.95 38.69 18.66
CA GLN A 872 -50.12 37.67 19.67
C GLN A 872 -50.87 36.48 19.13
N HIS A 873 -50.53 35.31 19.65
CA HIS A 873 -51.28 34.11 19.35
C HIS A 873 -51.53 33.40 20.66
N GLN A 874 -52.81 33.31 21.03
CA GLN A 874 -53.26 32.61 22.24
C GLN A 874 -52.45 32.98 23.49
N GLY A 875 -52.31 34.28 23.74
CA GLY A 875 -51.67 34.78 24.96
C GLY A 875 -50.16 34.99 24.87
N LYS A 876 -49.59 34.62 23.74
CA LYS A 876 -48.14 34.74 23.53
C LYS A 876 -47.85 35.88 22.57
N THR A 877 -47.02 36.84 23.01
CA THR A 877 -46.58 37.92 22.12
C THR A 877 -45.41 37.44 21.24
N LEU A 878 -45.66 37.38 19.94
CA LEU A 878 -44.68 36.87 18.98
C LEU A 878 -43.74 37.98 18.54
N PHE A 879 -44.32 39.12 18.17
CA PHE A 879 -43.58 40.27 17.63
C PHE A 879 -44.14 41.57 18.19
N ILE A 880 -43.25 42.55 18.35
CA ILE A 880 -43.67 43.92 18.62
C ILE A 880 -43.11 44.81 17.52
N SER A 881 -43.95 45.68 16.97
CA SER A 881 -43.52 46.64 15.96
C SER A 881 -43.70 48.05 16.50
N ARG A 882 -42.60 48.81 16.56
CA ARG A 882 -42.63 50.22 16.96
C ARG A 882 -42.23 51.09 15.79
N LYS A 883 -43.10 52.04 15.42
CA LYS A 883 -42.86 52.89 14.26
C LYS A 883 -43.01 54.38 14.54
N THR A 884 -42.29 55.17 13.77
CA THR A 884 -42.61 56.58 13.59
C THR A 884 -42.81 56.84 12.12
N TYR A 885 -43.79 57.68 11.81
CA TYR A 885 -43.96 58.22 10.48
C TYR A 885 -43.73 59.72 10.60
N ARG A 886 -42.74 60.22 9.86
CA ARG A 886 -42.45 61.66 9.87
C ARG A 886 -42.70 62.26 8.50
N ILE A 887 -43.72 63.12 8.43
CA ILE A 887 -44.10 63.75 7.16
C ILE A 887 -43.73 65.22 7.19
N ASP A 888 -42.78 65.62 6.34
CA ASP A 888 -42.23 66.98 6.35
C ASP A 888 -42.83 67.89 5.27
N GLY A 889 -42.27 69.09 5.16
CA GLY A 889 -42.76 70.09 4.21
C GLY A 889 -42.49 69.80 2.75
N SER A 890 -41.54 68.89 2.49
CA SER A 890 -41.22 68.50 1.12
C SER A 890 -42.15 67.42 0.57
N GLY A 891 -42.98 66.84 1.44
CA GLY A 891 -43.96 65.83 1.04
C GLY A 891 -43.53 64.40 1.26
N GLN A 892 -42.35 64.23 1.84
CA GLN A 892 -41.77 62.92 2.09
C GLN A 892 -42.25 62.36 3.43
N MET A 893 -42.50 61.05 3.45
CA MET A 893 -42.86 60.36 4.68
C MET A 893 -41.75 59.38 5.06
N ALA A 894 -41.09 59.65 6.19
CA ALA A 894 -40.03 58.76 6.68
C ALA A 894 -40.62 57.78 7.69
N ILE A 895 -40.57 56.50 7.33
CA ILE A 895 -41.07 55.45 8.21
C ILE A 895 -39.89 54.73 8.85
N THR A 896 -39.77 54.87 10.17
CA THR A 896 -38.78 54.17 10.95
C THR A 896 -39.48 53.01 11.65
N VAL A 897 -38.94 51.80 11.49
CA VAL A 897 -39.54 50.60 12.09
C VAL A 897 -38.51 49.86 12.95
N ASP A 898 -38.88 49.59 14.19
CA ASP A 898 -38.09 48.74 15.07
C ASP A 898 -38.95 47.60 15.55
N VAL A 899 -38.46 46.38 15.33
CA VAL A 899 -39.22 45.16 15.58
C VAL A 899 -38.50 44.31 16.61
N GLU A 900 -39.27 43.80 17.58
CA GLU A 900 -38.79 42.78 18.50
C GLU A 900 -39.44 41.46 18.12
N VAL A 901 -38.66 40.39 18.16
CA VAL A 901 -39.14 39.04 17.89
C VAL A 901 -38.79 38.18 19.10
N ALA A 902 -39.81 37.52 19.67
CA ALA A 902 -39.59 36.65 20.81
C ALA A 902 -38.57 35.58 20.46
N SER A 903 -37.60 35.37 21.35
CA SER A 903 -36.46 34.50 21.07
C SER A 903 -36.86 33.04 20.94
N ASP A 904 -38.01 32.71 21.55
CA ASP A 904 -38.52 31.36 21.56
C ASP A 904 -39.61 31.08 20.51
N THR A 905 -39.94 32.07 19.68
CA THR A 905 -40.78 31.80 18.52
C THR A 905 -39.88 31.45 17.33
N PRO A 906 -40.34 30.54 16.43
CA PRO A 906 -39.52 30.24 15.25
C PRO A 906 -39.19 31.50 14.49
N HIS A 907 -37.96 31.60 14.02
CA HIS A 907 -37.51 32.76 13.27
C HIS A 907 -38.46 33.01 12.11
N PRO A 908 -38.92 34.26 11.95
CA PRO A 908 -39.91 34.63 10.94
C PRO A 908 -39.35 34.66 9.52
N ALA A 909 -40.22 34.44 8.55
CA ALA A 909 -39.85 34.41 7.13
C ALA A 909 -39.41 35.79 6.61
N ARG A 910 -39.95 36.84 7.21
CA ARG A 910 -39.67 38.21 6.80
C ARG A 910 -40.00 39.19 7.91
N ILE A 911 -39.46 40.39 7.78
CA ILE A 911 -39.79 41.49 8.67
C ILE A 911 -39.93 42.70 7.76
N GLY A 912 -41.18 43.03 7.46
CA GLY A 912 -41.46 44.10 6.52
C GLY A 912 -42.86 44.64 6.61
N LEU A 913 -43.25 45.38 5.58
CA LEU A 913 -44.57 45.96 5.49
C LEU A 913 -45.18 45.56 4.17
N ASN A 914 -46.49 45.51 4.12
CA ASN A 914 -47.18 45.34 2.86
C ASN A 914 -48.47 46.17 2.75
N CYS A 915 -48.88 46.41 1.52
CA CYS A 915 -50.14 47.09 1.22
C CYS A 915 -50.55 46.73 -0.19
N GLN A 916 -51.83 46.91 -0.48
CA GLN A 916 -52.32 46.81 -1.84
C GLN A 916 -52.52 48.21 -2.39
N LEU A 917 -51.74 48.56 -3.42
CA LEU A 917 -51.87 49.85 -4.08
C LEU A 917 -53.02 49.82 -5.08
N ALA A 918 -53.71 50.95 -5.23
CA ALA A 918 -54.80 51.07 -6.20
C ALA A 918 -54.27 51.11 -7.62
N GLN A 919 -53.09 51.72 -7.79
CA GLN A 919 -52.42 51.89 -9.06
C GLN A 919 -51.96 50.56 -9.67
N VAL A 920 -52.26 50.38 -10.95
CA VAL A 920 -51.64 49.33 -11.77
C VAL A 920 -50.84 50.03 -12.88
N ALA A 921 -49.52 49.89 -12.81
CA ALA A 921 -48.63 50.49 -13.80
C ALA A 921 -47.97 49.42 -14.68
N GLU A 922 -47.40 49.86 -15.80
CA GLU A 922 -46.83 48.93 -16.77
C GLU A 922 -45.40 48.52 -16.45
N ARG A 923 -44.66 49.43 -15.81
CA ARG A 923 -43.23 49.24 -15.56
C ARG A 923 -42.87 49.28 -14.08
N VAL A 924 -41.78 48.59 -13.72
CA VAL A 924 -41.18 48.68 -12.39
C VAL A 924 -39.72 49.07 -12.57
N ASN A 925 -39.31 50.13 -11.88
CA ASN A 925 -37.97 50.68 -12.00
C ASN A 925 -37.31 50.68 -10.63
N TRP A 926 -36.12 50.10 -10.52
CA TRP A 926 -35.43 50.05 -9.23
C TRP A 926 -33.91 50.16 -9.31
N LEU A 927 -33.33 50.66 -8.23
CA LEU A 927 -31.90 50.67 -8.05
C LEU A 927 -31.57 49.66 -6.98
N GLY A 928 -31.07 48.51 -7.41
CA GLY A 928 -30.76 47.40 -6.52
C GLY A 928 -30.32 46.18 -7.30
N LEU A 929 -30.39 45.02 -6.66
CA LEU A 929 -29.93 43.78 -7.29
C LEU A 929 -30.94 43.26 -8.30
N GLY A 930 -30.44 42.89 -9.47
CA GLY A 930 -31.30 42.38 -10.54
C GLY A 930 -30.53 41.97 -11.79
N PRO A 931 -31.24 41.84 -12.93
CA PRO A 931 -32.67 42.13 -13.08
C PRO A 931 -33.62 41.04 -12.56
N GLN A 932 -33.13 39.80 -12.44
CA GLN A 932 -34.00 38.68 -12.07
C GLN A 932 -34.23 38.54 -10.57
N GLU A 933 -35.27 37.79 -10.22
CA GLU A 933 -35.56 37.37 -8.84
C GLU A 933 -34.29 36.92 -8.11
N ASN A 934 -34.10 37.47 -6.92
CA ASN A 934 -32.96 37.11 -6.08
C ASN A 934 -33.32 37.15 -4.59
N TYR A 935 -32.76 36.22 -3.83
CA TYR A 935 -33.01 36.12 -2.39
C TYR A 935 -31.69 36.18 -1.63
N PRO A 936 -31.75 36.40 -0.29
CA PRO A 936 -30.48 36.59 0.41
C PRO A 936 -29.44 35.48 0.23
N ASP A 937 -29.88 34.22 0.19
CA ASP A 937 -28.96 33.10 -0.04
C ASP A 937 -28.86 32.72 -1.52
N ARG A 938 -29.52 33.49 -2.39
CA ARG A 938 -29.42 33.30 -3.83
C ARG A 938 -29.41 34.64 -4.58
N LEU A 939 -28.36 35.42 -4.35
CA LEU A 939 -28.23 36.74 -5.00
C LEU A 939 -26.86 37.03 -5.61
N THR A 940 -25.96 36.05 -5.60
CA THR A 940 -24.61 36.28 -6.13
C THR A 940 -24.61 36.61 -7.64
N ALA A 941 -25.55 36.04 -8.38
CA ALA A 941 -25.66 36.28 -9.83
C ALA A 941 -26.22 37.66 -10.17
N ALA A 942 -27.01 38.22 -9.25
CA ALA A 942 -27.63 39.52 -9.47
C ALA A 942 -26.59 40.63 -9.43
N CYS A 943 -26.84 41.69 -10.20
CA CYS A 943 -25.96 42.86 -10.21
C CYS A 943 -26.67 44.12 -9.72
N PHE A 944 -25.95 44.97 -8.99
CA PHE A 944 -26.49 46.24 -8.56
C PHE A 944 -26.45 47.20 -9.73
N ASP A 945 -27.62 47.73 -10.10
CA ASP A 945 -27.74 48.66 -11.20
C ASP A 945 -29.16 49.24 -11.24
N ARG A 946 -29.41 50.07 -12.24
CA ARG A 946 -30.75 50.58 -12.53
C ARG A 946 -31.47 49.59 -13.45
N TRP A 947 -32.52 48.98 -12.93
CA TRP A 947 -33.28 47.99 -13.70
C TRP A 947 -34.69 48.51 -13.99
N ASP A 948 -35.21 48.16 -15.17
CA ASP A 948 -36.55 48.57 -15.59
C ASP A 948 -37.22 47.45 -16.34
N LEU A 949 -38.26 46.86 -15.75
CA LEU A 949 -38.93 45.70 -16.32
C LEU A 949 -40.44 45.90 -16.42
N PRO A 950 -41.11 45.17 -17.33
CA PRO A 950 -42.56 45.14 -17.25
C PRO A 950 -43.00 44.49 -15.93
N LEU A 951 -44.14 44.93 -15.40
CA LEU A 951 -44.65 44.41 -14.12
C LEU A 951 -44.68 42.88 -14.10
N SER A 952 -45.06 42.28 -15.22
CA SER A 952 -45.20 40.83 -15.31
C SER A 952 -43.88 40.09 -15.04
N ASP A 953 -42.75 40.74 -15.34
CA ASP A 953 -41.41 40.16 -15.11
C ASP A 953 -41.05 40.11 -13.63
N MET A 954 -41.82 40.83 -12.82
CA MET A 954 -41.60 40.91 -11.38
C MET A 954 -42.33 39.80 -10.62
N TYR A 955 -42.99 38.93 -11.38
CA TYR A 955 -43.61 37.72 -10.85
C TYR A 955 -42.98 36.50 -11.53
N THR A 956 -42.55 35.53 -10.74
CA THR A 956 -42.03 34.26 -11.28
C THR A 956 -43.13 33.20 -11.27
N PRO A 957 -43.52 32.71 -12.46
CA PRO A 957 -44.63 31.77 -12.51
C PRO A 957 -44.25 30.32 -12.15
N TYR A 958 -43.80 30.10 -10.92
CA TYR A 958 -43.62 28.73 -10.41
C TYR A 958 -44.95 28.00 -10.49
N VAL A 959 -44.91 26.75 -10.97
CA VAL A 959 -46.15 26.00 -11.21
C VAL A 959 -46.92 25.81 -9.90
N PHE A 960 -46.21 25.45 -8.83
CA PHE A 960 -46.79 25.55 -7.50
C PHE A 960 -46.45 26.94 -6.95
N PRO A 961 -47.48 27.81 -6.81
CA PRO A 961 -47.27 29.21 -6.41
C PRO A 961 -46.74 29.35 -4.98
N SER A 962 -45.86 30.32 -4.78
CA SER A 962 -45.33 30.63 -3.46
C SER A 962 -44.83 32.07 -3.49
N GLU A 963 -44.26 32.53 -2.37
CA GLU A 963 -43.50 33.78 -2.37
C GLU A 963 -42.52 33.73 -3.53
N ASN A 964 -42.46 34.82 -4.30
CA ASN A 964 -41.67 34.85 -5.51
C ASN A 964 -41.34 36.29 -5.93
N GLY A 965 -40.31 36.44 -6.75
CA GLY A 965 -40.03 37.71 -7.39
C GLY A 965 -39.36 38.76 -6.53
N LEU A 966 -38.87 38.37 -5.36
CA LEU A 966 -38.12 39.29 -4.53
C LEU A 966 -36.86 39.76 -5.24
N ARG A 967 -36.49 41.02 -5.01
CA ARG A 967 -35.19 41.58 -5.40
C ARG A 967 -34.59 42.21 -4.16
N CYS A 968 -33.32 41.92 -3.90
CA CYS A 968 -32.68 42.37 -2.65
C CYS A 968 -31.79 43.60 -2.86
N GLY A 969 -31.18 44.08 -1.77
CA GLY A 969 -30.25 45.20 -1.80
C GLY A 969 -30.73 46.39 -2.60
N THR A 970 -32.01 46.72 -2.45
CA THR A 970 -32.64 47.78 -3.22
C THR A 970 -32.64 49.10 -2.44
N ARG A 971 -32.16 50.16 -3.10
CA ARG A 971 -32.01 51.47 -2.48
C ARG A 971 -33.11 52.43 -2.91
N GLU A 972 -33.68 52.18 -4.08
CA GLU A 972 -34.77 53.00 -4.61
C GLU A 972 -35.71 52.13 -5.44
N LEU A 973 -37.01 52.29 -5.21
CA LEU A 973 -38.04 51.62 -6.02
C LEU A 973 -39.06 52.63 -6.55
N ASN A 974 -39.35 52.54 -7.85
CA ASN A 974 -40.31 53.42 -8.53
C ASN A 974 -41.44 52.63 -9.16
N TYR A 975 -42.67 53.00 -8.84
CA TYR A 975 -43.86 52.37 -9.42
C TYR A 975 -44.98 53.38 -9.58
N GLY A 976 -45.25 53.76 -10.82
CA GLY A 976 -46.20 54.83 -11.11
C GLY A 976 -45.74 56.11 -10.45
N PRO A 977 -46.61 56.73 -9.64
CA PRO A 977 -46.24 58.01 -9.01
C PRO A 977 -45.36 57.85 -7.76
N HIS A 978 -45.27 56.63 -7.24
CA HIS A 978 -44.60 56.38 -5.97
C HIS A 978 -43.09 56.15 -6.07
N GLN A 979 -42.36 56.61 -5.06
CA GLN A 979 -40.96 56.24 -4.89
C GLN A 979 -40.72 55.83 -3.45
N TRP A 980 -40.06 54.68 -3.27
CA TRP A 980 -39.59 54.25 -1.96
C TRP A 980 -38.06 54.23 -1.96
N ARG A 981 -37.47 54.77 -0.89
CA ARG A 981 -36.02 54.77 -0.73
C ARG A 981 -35.60 54.24 0.63
N GLY A 982 -34.46 53.55 0.66
CA GLY A 982 -33.91 52.98 1.88
C GLY A 982 -32.89 51.89 1.57
N ASP A 983 -33.03 50.75 2.23
CA ASP A 983 -32.15 49.60 2.00
C ASP A 983 -32.95 48.36 2.31
N PHE A 984 -33.66 47.87 1.31
CA PHE A 984 -34.70 46.90 1.54
C PHE A 984 -34.77 45.83 0.45
N GLN A 985 -35.60 44.82 0.72
CA GLN A 985 -35.95 43.80 -0.28
C GLN A 985 -37.43 43.98 -0.58
N PHE A 986 -37.83 43.77 -1.83
CA PHE A 986 -39.23 43.97 -2.19
C PHE A 986 -39.70 42.93 -3.19
N ASN A 987 -41.00 42.67 -3.20
CA ASN A 987 -41.64 42.11 -4.38
C ASN A 987 -42.92 42.88 -4.70
N ILE A 988 -43.32 42.79 -5.97
CA ILE A 988 -44.41 43.59 -6.47
C ILE A 988 -45.14 42.82 -7.57
N SER A 989 -46.45 42.66 -7.43
CA SER A 989 -47.26 41.86 -8.35
C SER A 989 -48.75 42.05 -8.11
N ARG A 990 -49.56 41.40 -8.96
CA ARG A 990 -51.01 41.42 -8.85
C ARG A 990 -51.55 40.33 -7.93
N TYR A 991 -50.67 39.59 -7.24
CA TYR A 991 -51.10 38.48 -6.39
C TYR A 991 -50.67 38.65 -4.93
N SER A 992 -51.63 38.57 -4.02
CA SER A 992 -51.33 38.67 -2.60
C SER A 992 -50.65 37.41 -2.09
N GLN A 993 -49.91 37.54 -1.00
CA GLN A 993 -49.32 36.40 -0.31
C GLN A 993 -50.39 35.39 0.08
N GLN A 994 -51.55 35.89 0.51
CA GLN A 994 -52.69 35.04 0.85
C GLN A 994 -53.15 34.19 -0.35
N GLN A 995 -53.32 34.80 -1.51
CA GLN A 995 -53.71 34.06 -2.71
C GLN A 995 -52.66 33.02 -3.13
N LEU A 996 -51.39 33.43 -3.18
CA LEU A 996 -50.29 32.52 -3.50
C LEU A 996 -50.27 31.32 -2.55
N MET A 997 -50.51 31.59 -1.28
CA MET A 997 -50.57 30.60 -0.21
C MET A 997 -51.75 29.62 -0.36
N GLU A 998 -52.87 30.11 -0.90
CA GLU A 998 -54.11 29.33 -1.01
C GLU A 998 -54.27 28.61 -2.36
N THR A 999 -53.38 28.90 -3.29
CA THR A 999 -53.51 28.38 -4.65
C THR A 999 -52.46 27.30 -4.95
N SER A 1000 -52.92 26.20 -5.55
CA SER A 1000 -52.06 25.01 -5.77
C SER A 1000 -51.37 25.01 -7.14
N HIS A 1001 -51.97 25.72 -8.10
CA HIS A 1001 -51.50 25.72 -9.47
C HIS A 1001 -51.48 27.15 -9.99
N ARG A 1002 -50.42 27.51 -10.72
CA ARG A 1002 -50.28 28.86 -11.25
C ARG A 1002 -51.42 29.31 -12.18
N HIS A 1003 -51.99 28.37 -12.94
CA HIS A 1003 -53.06 28.69 -13.88
C HIS A 1003 -54.37 29.09 -13.18
N LEU A 1004 -54.47 28.75 -11.90
CA LEU A 1004 -55.64 29.10 -11.09
C LEU A 1004 -55.53 30.48 -10.41
N LEU A 1005 -54.41 31.16 -10.60
CA LEU A 1005 -54.23 32.50 -10.02
C LEU A 1005 -54.99 33.56 -10.83
N HIS A 1006 -55.54 34.55 -10.13
CA HIS A 1006 -56.22 35.68 -10.79
C HIS A 1006 -55.66 37.01 -10.31
N ALA A 1007 -55.39 37.92 -11.24
CA ALA A 1007 -54.92 39.25 -10.89
C ALA A 1007 -55.93 39.93 -9.96
N GLU A 1008 -55.44 40.42 -8.84
CA GLU A 1008 -56.29 41.14 -7.90
C GLU A 1008 -56.37 42.60 -8.31
N GLU A 1009 -57.33 43.33 -7.76
CA GLU A 1009 -57.45 44.76 -8.02
C GLU A 1009 -56.18 45.44 -7.53
N GLY A 1010 -55.61 46.31 -8.37
CA GLY A 1010 -54.39 47.01 -7.97
C GLY A 1010 -53.17 46.09 -7.84
N THR A 1011 -52.17 46.55 -7.11
CA THR A 1011 -50.85 45.91 -7.06
C THR A 1011 -50.39 45.69 -5.61
N TRP A 1012 -50.13 44.44 -5.27
CA TRP A 1012 -49.61 44.09 -3.96
C TRP A 1012 -48.12 44.34 -3.84
N LEU A 1013 -47.74 45.18 -2.89
CA LEU A 1013 -46.34 45.49 -2.64
C LEU A 1013 -45.91 44.93 -1.30
N ASN A 1014 -44.86 44.10 -1.32
CA ASN A 1014 -44.26 43.59 -0.11
C ASN A 1014 -42.87 44.19 -0.02
N ILE A 1015 -42.65 45.10 0.95
CA ILE A 1015 -41.32 45.70 1.15
C ILE A 1015 -40.76 45.25 2.49
N ASP A 1016 -39.61 44.59 2.44
CA ASP A 1016 -39.01 43.98 3.61
C ASP A 1016 -37.73 44.68 4.02
N GLY A 1017 -37.57 44.89 5.32
CA GLY A 1017 -36.27 45.28 5.86
C GLY A 1017 -35.37 44.06 5.84
N PHE A 1018 -35.96 42.91 6.12
CA PHE A 1018 -35.24 41.64 6.21
C PHE A 1018 -36.09 40.49 5.69
N HIS A 1019 -35.44 39.52 5.06
CA HIS A 1019 -36.11 38.35 4.51
C HIS A 1019 -35.24 37.11 4.74
N MET A 1020 -35.87 36.01 5.12
CA MET A 1020 -35.17 34.75 5.36
C MET A 1020 -34.65 34.15 4.06
N GLY A 1021 -33.52 33.45 4.12
CA GLY A 1021 -33.05 32.64 2.99
C GLY A 1021 -34.11 31.64 2.52
N ILE A 1022 -33.94 31.14 1.29
CA ILE A 1022 -34.89 30.19 0.69
C ILE A 1022 -34.45 28.74 0.88
N GLY A 1023 -33.15 28.54 1.11
CA GLY A 1023 -32.57 27.21 1.27
C GLY A 1023 -32.66 26.34 0.02
N GLY A 1024 -32.64 25.03 0.22
CA GLY A 1024 -32.69 24.09 -0.91
C GLY A 1024 -31.62 23.02 -0.94
N ASP A 1025 -30.69 23.01 0.02
CA ASP A 1025 -29.70 21.92 0.12
C ASP A 1025 -30.44 20.58 -0.03
N ASP A 1026 -31.66 20.52 0.50
CA ASP A 1026 -32.69 19.57 0.06
C ASP A 1026 -34.06 20.25 0.27
N SER A 1027 -35.14 19.59 -0.16
CA SER A 1027 -36.49 20.16 -0.02
C SER A 1027 -37.42 19.33 0.87
N TRP A 1028 -36.87 18.60 1.83
CA TRP A 1028 -37.69 17.74 2.69
C TRP A 1028 -37.26 17.78 4.16
N SER A 1029 -36.46 18.79 4.50
CA SER A 1029 -36.04 19.07 5.85
C SER A 1029 -35.66 20.55 5.90
N PRO A 1030 -35.54 21.15 7.12
CA PRO A 1030 -35.05 22.53 7.15
C PRO A 1030 -33.67 22.61 6.49
N SER A 1031 -33.49 23.57 5.61
CA SER A 1031 -32.28 23.66 4.78
C SER A 1031 -31.74 25.07 4.64
N VAL A 1032 -32.34 26.02 5.36
CA VAL A 1032 -31.84 27.39 5.38
C VAL A 1032 -30.72 27.52 6.43
N SER A 1033 -29.53 27.89 5.97
CA SER A 1033 -28.37 27.98 6.83
C SER A 1033 -28.54 29.08 7.89
N ALA A 1034 -27.89 28.91 9.04
CA ALA A 1034 -28.12 29.78 10.21
C ALA A 1034 -27.92 31.27 9.92
N GLU A 1035 -26.98 31.60 9.04
CA GLU A 1035 -26.66 33.00 8.75
C GLU A 1035 -27.73 33.67 7.90
N PHE A 1036 -28.65 32.89 7.35
CA PHE A 1036 -29.76 33.46 6.57
C PHE A 1036 -31.11 33.38 7.28
N GLN A 1037 -31.08 33.01 8.55
CA GLN A 1037 -32.28 32.98 9.40
C GLN A 1037 -32.40 34.30 10.17
N LEU A 1038 -33.63 34.74 10.38
CA LEU A 1038 -33.86 36.02 11.06
C LEU A 1038 -33.92 35.82 12.58
N SER A 1039 -32.73 35.67 13.16
CA SER A 1039 -32.57 35.27 14.55
C SER A 1039 -32.04 36.39 15.46
N ALA A 1040 -31.87 37.61 14.93
CA ALA A 1040 -31.24 38.67 15.72
C ALA A 1040 -32.11 39.22 16.86
N GLY A 1041 -33.40 38.90 16.87
CA GLY A 1041 -34.30 39.28 17.97
C GLY A 1041 -34.81 40.71 17.89
N ARG A 1042 -33.93 41.63 17.49
CA ARG A 1042 -34.29 43.02 17.30
C ARG A 1042 -33.88 43.48 15.91
N TYR A 1043 -34.80 44.12 15.20
CA TYR A 1043 -34.56 44.52 13.81
C TYR A 1043 -34.93 45.96 13.55
N HIS A 1044 -34.11 46.64 12.76
CA HIS A 1044 -34.34 48.03 12.44
C HIS A 1044 -34.25 48.28 10.94
N TYR A 1045 -35.22 49.01 10.40
CA TYR A 1045 -35.15 49.46 9.01
C TYR A 1045 -35.93 50.76 8.80
N GLN A 1046 -35.53 51.52 7.79
CA GLN A 1046 -36.20 52.77 7.45
C GLN A 1046 -36.52 52.88 5.97
N LEU A 1047 -37.73 53.34 5.66
CA LEU A 1047 -38.16 53.62 4.31
C LEU A 1047 -38.62 55.06 4.19
N VAL A 1048 -38.28 55.69 3.08
CA VAL A 1048 -38.83 57.01 2.78
C VAL A 1048 -39.76 56.86 1.59
N TRP A 1049 -41.01 57.27 1.78
CA TRP A 1049 -42.04 57.20 0.76
C TRP A 1049 -42.36 58.60 0.28
N CYS A 1050 -42.20 58.85 -1.02
CA CYS A 1050 -42.52 60.14 -1.61
C CYS A 1050 -43.15 59.99 -3.00
N GLN A 1051 -43.45 61.12 -3.63
CA GLN A 1051 -43.97 61.14 -4.99
C GLN A 1051 -42.87 61.54 -5.95
N LYS A 1052 -42.84 60.87 -7.10
CA LYS A 1052 -41.89 61.20 -8.16
C LYS A 1052 -42.59 62.06 -9.21
N ILE B 35 43.93 32.80 31.59
CA ILE B 35 44.00 31.32 31.51
C ILE B 35 44.38 30.87 30.10
N ASP B 36 45.14 29.79 30.03
CA ASP B 36 45.67 29.26 28.76
C ASP B 36 45.84 27.75 28.93
N PRO B 37 46.59 27.09 28.02
CA PRO B 37 47.08 27.51 26.70
C PRO B 37 46.29 26.84 25.56
N VAL B 38 46.13 25.52 25.65
CA VAL B 38 45.41 24.73 24.65
C VAL B 38 43.94 25.15 24.61
N VAL B 39 43.42 25.56 25.77
CA VAL B 39 42.03 25.93 25.93
C VAL B 39 41.69 27.20 25.14
N LEU B 40 42.55 28.22 25.23
CA LEU B 40 42.35 29.45 24.46
C LEU B 40 42.71 29.32 22.98
N GLN B 41 43.78 28.60 22.69
CA GLN B 41 44.26 28.42 21.32
C GLN B 41 43.32 27.59 20.46
N ARG B 42 42.66 26.61 21.06
CA ARG B 42 41.80 25.71 20.32
C ARG B 42 40.40 26.28 20.04
N ARG B 43 39.98 27.29 20.81
CA ARG B 43 38.68 27.97 20.61
C ARG B 43 37.56 26.98 20.25
N ASP B 44 37.29 26.07 21.16
CA ASP B 44 36.29 25.01 20.95
C ASP B 44 34.86 25.56 20.77
N TRP B 45 34.61 26.76 21.30
CA TRP B 45 33.31 27.42 21.20
C TRP B 45 33.06 28.08 19.85
N GLU B 46 33.97 27.88 18.90
CA GLU B 46 33.77 28.34 17.53
C GLU B 46 34.02 27.20 16.56
N ASN B 47 33.61 26.00 16.97
CA ASN B 47 33.82 24.80 16.19
C ASN B 47 32.67 23.83 16.44
N PRO B 48 31.75 23.70 15.46
CA PRO B 48 30.60 22.81 15.61
C PRO B 48 30.99 21.33 15.57
N GLY B 49 32.24 21.04 15.21
CA GLY B 49 32.80 19.69 15.29
C GLY B 49 33.17 19.27 16.70
N VAL B 50 33.31 20.25 17.59
CA VAL B 50 33.54 20.01 19.02
C VAL B 50 32.38 20.57 19.86
N THR B 51 31.56 19.66 20.35
CA THR B 51 30.38 20.02 21.16
C THR B 51 30.61 19.61 22.61
N GLN B 52 31.70 18.88 22.82
CA GLN B 52 32.08 18.39 24.14
C GLN B 52 33.51 17.86 24.12
N LEU B 53 34.13 17.83 25.30
CA LEU B 53 35.37 17.08 25.51
C LEU B 53 35.28 16.35 26.86
N ASN B 54 35.54 15.05 26.84
CA ASN B 54 35.52 14.20 28.04
C ASN B 54 34.16 14.06 28.75
N ARG B 55 33.09 14.43 28.06
CA ARG B 55 31.74 14.32 28.62
C ARG B 55 31.30 12.85 28.68
N LEU B 56 30.68 12.46 29.78
CA LEU B 56 30.17 11.08 29.92
C LEU B 56 28.90 10.88 29.09
N ALA B 57 28.61 9.62 28.75
CA ALA B 57 27.40 9.26 28.00
C ALA B 57 26.12 9.73 28.71
N ALA B 58 25.13 10.14 27.93
CA ALA B 58 23.79 10.48 28.47
C ALA B 58 23.06 9.21 28.89
N HIS B 59 22.10 9.37 29.81
CA HIS B 59 21.40 8.25 30.44
C HIS B 59 20.13 8.77 31.13
N PRO B 60 19.21 7.86 31.53
CA PRO B 60 18.04 8.28 32.30
C PRO B 60 18.45 8.71 33.72
N PRO B 61 17.58 9.44 34.45
CA PRO B 61 17.99 9.93 35.78
C PRO B 61 18.49 8.81 36.70
N PHE B 62 19.67 9.04 37.29
CA PHE B 62 20.28 8.12 38.26
C PHE B 62 20.34 8.73 39.66
N ALA B 63 20.33 7.87 40.67
CA ALA B 63 20.51 8.31 42.05
C ALA B 63 21.48 7.39 42.79
N SER B 64 21.79 6.24 42.19
CA SER B 64 22.68 5.23 42.78
C SER B 64 22.32 4.91 44.24
N TRP B 65 21.08 4.46 44.46
CA TRP B 65 20.67 4.01 45.78
C TRP B 65 21.47 2.76 46.14
N ARG B 66 21.79 2.62 47.43
CA ARG B 66 22.43 1.41 47.93
C ARG B 66 21.47 0.68 48.85
N ASN B 67 20.23 1.15 48.84
CA ASN B 67 19.12 0.48 49.51
C ASN B 67 17.93 0.38 48.54
N SER B 68 17.43 -0.84 48.34
CA SER B 68 16.35 -1.07 47.37
C SER B 68 15.04 -0.38 47.73
N GLU B 69 14.71 -0.37 49.01
CA GLU B 69 13.46 0.22 49.50
C GLU B 69 13.42 1.75 49.33
N GLU B 70 14.58 2.39 49.44
CA GLU B 70 14.70 3.83 49.20
C GLU B 70 14.50 4.14 47.71
N ALA B 71 15.04 3.26 46.86
CA ALA B 71 14.81 3.32 45.42
C ALA B 71 13.32 3.16 45.08
N ARG B 72 12.68 2.15 45.64
CA ARG B 72 11.24 1.92 45.44
C ARG B 72 10.40 3.13 45.83
N THR B 73 10.70 3.72 46.98
CA THR B 73 9.88 4.82 47.51
C THR B 73 10.30 6.21 47.00
N ASP B 74 11.35 6.25 46.18
CA ASP B 74 11.86 7.49 45.57
C ASP B 74 12.30 8.52 46.62
N ARG B 75 13.00 8.04 47.65
CA ARG B 75 13.51 8.92 48.70
C ARG B 75 14.91 9.42 48.36
N PRO B 76 15.35 10.52 49.01
CA PRO B 76 16.68 11.05 48.76
C PRO B 76 17.75 9.98 48.84
N SER B 77 18.75 10.10 47.98
CA SER B 77 19.88 9.17 47.99
C SER B 77 21.12 9.89 48.51
N GLN B 78 21.87 9.19 49.36
CA GLN B 78 23.13 9.71 49.93
C GLN B 78 24.22 9.83 48.86
N GLN B 79 24.03 9.10 47.76
CA GLN B 79 25.00 9.06 46.67
C GLN B 79 24.75 10.17 45.65
N LEU B 80 23.72 10.98 45.88
CA LEU B 80 23.41 12.11 45.03
C LEU B 80 23.33 13.40 45.85
N ARG B 81 24.37 14.23 45.73
CA ARG B 81 24.48 15.48 46.47
C ARG B 81 24.20 16.68 45.57
N SER B 82 23.46 17.65 46.10
CA SER B 82 23.32 18.94 45.44
C SER B 82 24.51 19.84 45.78
N LEU B 83 25.04 20.51 44.76
CA LEU B 83 26.05 21.55 44.95
C LEU B 83 25.43 22.92 44.74
N ASN B 84 24.10 22.96 44.73
CA ASN B 84 23.36 24.21 44.67
C ASN B 84 23.58 25.02 45.94
N GLY B 85 23.56 26.34 45.80
CA GLY B 85 23.71 27.24 46.92
C GLY B 85 24.61 28.40 46.57
N GLU B 86 25.41 28.82 47.54
CA GLU B 86 26.28 29.98 47.35
C GLU B 86 27.60 29.60 46.68
N TRP B 87 27.86 30.27 45.57
CA TRP B 87 29.07 30.08 44.77
C TRP B 87 29.79 31.41 44.62
N ARG B 88 31.03 31.36 44.16
CA ARG B 88 31.78 32.56 43.82
C ARG B 88 31.67 32.83 42.32
N PHE B 89 31.52 34.10 41.96
CA PHE B 89 31.28 34.49 40.57
C PHE B 89 31.95 35.81 40.19
N ALA B 90 32.57 35.84 39.01
CA ALA B 90 33.09 37.07 38.41
C ALA B 90 32.76 37.12 36.94
N TRP B 91 32.39 38.31 36.47
CA TRP B 91 32.07 38.57 35.07
C TRP B 91 33.26 39.12 34.29
N PHE B 92 33.44 38.64 33.06
CA PHE B 92 34.48 39.13 32.16
C PHE B 92 33.93 39.37 30.75
N PRO B 93 34.47 40.38 30.04
CA PRO B 93 33.97 40.74 28.70
C PRO B 93 34.38 39.76 27.60
N ALA B 94 35.28 38.84 27.91
CA ALA B 94 35.81 37.85 26.95
C ALA B 94 36.63 36.81 27.70
N PRO B 95 36.75 35.58 27.14
CA PRO B 95 37.56 34.56 27.81
C PRO B 95 39.05 34.92 27.90
N GLU B 96 39.53 35.81 27.02
CA GLU B 96 40.92 36.29 27.05
C GLU B 96 41.20 37.15 28.29
N ALA B 97 40.16 37.78 28.81
CA ALA B 97 40.26 38.65 29.98
C ALA B 97 40.37 37.88 31.31
N VAL B 98 40.13 36.56 31.27
CA VAL B 98 40.15 35.75 32.49
C VAL B 98 41.59 35.50 32.95
N PRO B 99 41.94 35.97 34.16
CA PRO B 99 43.31 35.80 34.68
C PRO B 99 43.59 34.35 35.08
N GLU B 100 44.82 33.91 34.82
CA GLU B 100 45.24 32.53 35.05
C GLU B 100 45.04 32.08 36.50
N SER B 101 45.31 32.99 37.44
CA SER B 101 45.25 32.69 38.88
C SER B 101 43.87 32.17 39.34
N TRP B 102 42.82 32.56 38.63
CA TRP B 102 41.45 32.09 38.91
C TRP B 102 41.31 30.56 38.94
N LEU B 103 42.13 29.87 38.15
CA LEU B 103 42.17 28.41 38.12
C LEU B 103 42.61 27.83 39.47
N GLU B 104 43.58 28.50 40.10
CA GLU B 104 44.15 28.03 41.36
C GLU B 104 43.37 28.47 42.59
N CYS B 105 42.94 29.72 42.62
CA CYS B 105 42.24 30.24 43.79
C CYS B 105 41.27 31.40 43.51
N ASP B 106 40.37 31.61 44.46
CA ASP B 106 39.33 32.62 44.39
C ASP B 106 39.87 34.00 44.00
N LEU B 107 39.16 34.68 43.10
CA LEU B 107 39.45 36.07 42.78
C LEU B 107 38.84 36.95 43.86
N PRO B 108 39.66 37.78 44.53
CA PRO B 108 39.17 38.71 45.56
C PRO B 108 38.01 39.61 45.09
N GLU B 109 38.01 39.96 43.80
CA GLU B 109 36.98 40.82 43.21
C GLU B 109 35.66 40.09 42.89
N ALA B 110 35.64 38.78 43.03
CA ALA B 110 34.43 38.00 42.80
C ALA B 110 33.36 38.27 43.87
N ASP B 111 32.10 38.01 43.51
CA ASP B 111 31.01 38.11 44.47
C ASP B 111 30.51 36.71 44.86
N THR B 112 29.79 36.63 45.96
CA THR B 112 29.11 35.40 46.33
C THR B 112 27.69 35.49 45.81
N VAL B 113 27.32 34.52 44.96
CA VAL B 113 25.99 34.48 44.36
C VAL B 113 25.32 33.10 44.49
N VAL B 114 24.00 33.09 44.40
CA VAL B 114 23.22 31.85 44.37
C VAL B 114 23.36 31.16 43.01
N VAL B 115 23.57 29.84 43.05
CA VAL B 115 23.55 28.99 41.86
C VAL B 115 22.54 27.86 42.14
N PRO B 116 21.64 27.54 41.17
CA PRO B 116 21.51 28.05 39.80
C PRO B 116 21.00 29.48 39.66
N SER B 117 21.42 30.12 38.58
CA SER B 117 21.04 31.49 38.26
C SER B 117 21.46 31.86 36.85
N ASN B 118 20.78 32.83 36.27
CA ASN B 118 21.26 33.50 35.07
C ASN B 118 21.92 34.79 35.51
N TRP B 119 23.15 35.04 35.05
CA TRP B 119 23.91 36.18 35.58
C TRP B 119 23.31 37.54 35.21
N GLN B 120 22.45 37.55 34.19
CA GLN B 120 21.69 38.75 33.82
C GLN B 120 20.68 39.14 34.89
N MET B 121 20.22 38.15 35.66
CA MET B 121 19.24 38.40 36.72
C MET B 121 19.90 39.00 37.97
N HIS B 122 21.22 38.90 38.04
CA HIS B 122 22.00 39.54 39.10
C HIS B 122 22.60 40.89 38.66
N GLY B 123 22.30 41.29 37.43
CA GLY B 123 22.68 42.60 36.93
C GLY B 123 24.08 42.76 36.33
N TYR B 124 24.76 41.64 36.05
CA TYR B 124 26.13 41.70 35.51
C TYR B 124 26.20 42.15 34.05
N ASP B 125 25.21 41.73 33.26
CA ASP B 125 24.96 42.33 31.95
C ASP B 125 23.47 42.18 31.58
N ALA B 126 23.08 42.79 30.46
CA ALA B 126 21.68 42.83 30.07
C ALA B 126 21.19 41.49 29.47
N PRO B 127 19.95 41.09 29.82
CA PRO B 127 19.32 40.02 29.04
C PRO B 127 18.83 40.63 27.74
N ILE B 128 18.83 39.86 26.67
CA ILE B 128 18.43 40.39 25.37
C ILE B 128 17.15 39.69 24.89
N TYR B 129 16.15 40.46 24.47
CA TYR B 129 15.02 39.86 23.78
C TYR B 129 14.98 40.17 22.29
N THR B 130 15.31 39.15 21.51
CA THR B 130 15.11 39.20 20.07
C THR B 130 14.29 37.97 19.66
N ASN B 131 13.45 38.12 18.63
CA ASN B 131 12.62 37.02 18.16
C ASN B 131 13.38 36.12 17.17
N VAL B 132 13.49 36.57 15.92
CA VAL B 132 14.09 35.79 14.85
C VAL B 132 15.58 36.11 14.64
N THR B 133 15.89 37.40 14.47
CA THR B 133 17.26 37.83 14.20
C THR B 133 18.19 37.42 15.35
N TYR B 134 19.26 36.71 15.01
CA TYR B 134 20.26 36.31 16.02
C TYR B 134 20.76 37.53 16.79
N PRO B 135 21.03 37.35 18.10
CA PRO B 135 21.60 38.41 18.93
C PRO B 135 23.08 38.66 18.62
N ILE B 136 23.64 37.87 17.71
CA ILE B 136 25.02 38.04 17.25
C ILE B 136 25.07 38.10 15.72
N THR B 137 26.14 38.68 15.18
CA THR B 137 26.36 38.69 13.73
C THR B 137 26.31 37.25 13.18
N VAL B 138 25.55 37.05 12.11
CA VAL B 138 25.42 35.72 11.52
C VAL B 138 26.68 35.44 10.69
N ASN B 139 27.60 34.67 11.30
CA ASN B 139 28.87 34.31 10.66
C ASN B 139 29.34 32.94 11.17
N PRO B 140 28.52 31.88 10.94
CA PRO B 140 28.85 30.57 11.52
C PRO B 140 30.21 30.04 11.05
N PRO B 141 30.97 29.39 11.95
CA PRO B 141 30.63 29.07 13.34
C PRO B 141 31.14 30.11 14.36
N PHE B 142 31.48 31.31 13.88
CA PHE B 142 32.15 32.31 14.72
C PHE B 142 31.20 33.11 15.59
N VAL B 143 31.69 33.50 16.77
CA VAL B 143 30.93 34.35 17.70
C VAL B 143 31.71 35.66 17.94
N PRO B 144 31.06 36.70 18.51
CA PRO B 144 31.80 37.95 18.72
C PRO B 144 33.00 37.77 19.65
N THR B 145 34.07 38.50 19.37
CA THR B 145 35.28 38.48 20.18
C THR B 145 34.97 38.96 21.61
N GLU B 146 34.12 39.99 21.70
CA GLU B 146 33.54 40.41 22.98
C GLU B 146 32.45 39.40 23.39
N ASN B 147 32.86 38.40 24.16
CA ASN B 147 32.02 37.28 24.51
C ASN B 147 31.86 37.19 26.03
N PRO B 148 30.75 37.74 26.57
CA PRO B 148 30.57 37.78 28.02
C PRO B 148 30.84 36.42 28.64
N THR B 149 31.68 36.42 29.67
CA THR B 149 32.23 35.20 30.23
C THR B 149 31.94 35.19 31.72
N GLY B 150 31.28 34.14 32.18
CA GLY B 150 30.95 33.98 33.59
C GLY B 150 31.87 32.99 34.26
N CYS B 151 32.64 33.48 35.23
CA CYS B 151 33.60 32.66 35.96
C CYS B 151 33.02 32.20 37.29
N TYR B 152 32.50 30.98 37.30
CA TYR B 152 31.92 30.41 38.52
C TYR B 152 32.95 29.53 39.22
N SER B 153 32.96 29.57 40.54
CA SER B 153 33.82 28.68 41.32
C SER B 153 33.16 28.28 42.62
N LEU B 154 33.55 27.12 43.13
CA LEU B 154 33.03 26.63 44.41
C LEU B 154 34.08 25.83 45.16
N THR B 155 34.24 26.14 46.45
CA THR B 155 35.06 25.33 47.33
C THR B 155 34.09 24.48 48.16
N PHE B 156 34.35 23.18 48.21
CA PHE B 156 33.42 22.22 48.80
C PHE B 156 34.17 21.01 49.32
N ASN B 157 33.52 20.28 50.23
CA ASN B 157 34.08 19.07 50.83
C ASN B 157 33.69 17.81 50.07
N VAL B 158 34.62 16.86 49.99
CA VAL B 158 34.33 15.50 49.56
C VAL B 158 34.82 14.54 50.64
N ASP B 159 33.93 13.67 51.09
CA ASP B 159 34.25 12.62 52.05
C ASP B 159 35.12 11.54 51.43
N GLU B 160 36.08 11.05 52.20
CA GLU B 160 37.01 10.00 51.78
C GLU B 160 36.31 8.74 51.28
N SER B 161 35.17 8.41 51.87
CA SER B 161 34.37 7.25 51.47
C SER B 161 34.06 7.27 49.96
N TRP B 162 33.82 8.47 49.44
CA TRP B 162 33.50 8.68 48.03
C TRP B 162 34.70 8.47 47.10
N LEU B 163 35.91 8.46 47.67
CA LEU B 163 37.13 8.38 46.88
C LEU B 163 37.90 7.06 47.04
N GLN B 164 37.71 6.38 48.18
CA GLN B 164 38.30 5.07 48.41
C GLN B 164 37.93 4.08 47.31
N GLU B 165 36.67 4.16 46.87
CA GLU B 165 36.14 3.25 45.86
C GLU B 165 35.10 3.94 44.97
N GLY B 166 34.83 3.34 43.82
CA GLY B 166 33.76 3.79 42.94
C GLY B 166 34.09 5.05 42.15
N GLN B 167 33.05 5.66 41.61
CA GLN B 167 33.18 6.75 40.66
C GLN B 167 32.40 7.96 41.14
N THR B 168 33.06 9.11 41.20
CA THR B 168 32.41 10.37 41.55
C THR B 168 32.37 11.25 40.30
N ARG B 169 31.16 11.60 39.87
CA ARG B 169 30.96 12.47 38.73
C ARG B 169 30.25 13.76 39.14
N ILE B 170 30.44 14.82 38.36
CA ILE B 170 29.71 16.06 38.53
C ILE B 170 28.68 16.18 37.40
N ILE B 171 27.50 16.67 37.74
CA ILE B 171 26.41 16.81 36.78
C ILE B 171 25.93 18.25 36.69
N PHE B 172 26.12 18.87 35.51
CA PHE B 172 25.57 20.18 35.24
C PHE B 172 24.31 20.02 34.38
N ASP B 173 23.14 20.19 35.01
CA ASP B 173 21.85 20.00 34.34
C ASP B 173 21.57 21.05 33.26
N GLY B 174 22.18 22.22 33.39
CA GLY B 174 21.98 23.30 32.43
C GLY B 174 23.03 24.38 32.57
N VAL B 175 23.79 24.58 31.49
CA VAL B 175 24.80 25.65 31.42
C VAL B 175 24.67 26.33 30.07
N ASN B 176 24.43 27.64 30.09
CA ASN B 176 24.10 28.41 28.89
C ASN B 176 25.23 29.40 28.57
N SER B 177 25.93 29.27 27.43
CA SER B 177 25.65 28.28 26.37
C SER B 177 26.73 27.19 26.20
N ALA B 178 27.89 27.40 26.82
CA ALA B 178 29.02 26.48 26.71
C ALA B 178 29.99 26.75 27.88
N PHE B 179 30.80 25.75 28.23
CA PHE B 179 31.72 25.91 29.37
C PHE B 179 32.92 24.96 29.37
N HIS B 180 34.02 25.44 29.95
CA HIS B 180 35.17 24.61 30.29
C HIS B 180 35.17 24.37 31.80
N LEU B 181 35.63 23.20 32.20
CA LEU B 181 35.62 22.81 33.61
C LEU B 181 37.02 22.46 34.10
N TRP B 182 37.38 23.02 35.26
CA TRP B 182 38.60 22.69 35.97
C TRP B 182 38.25 22.19 37.38
N CYS B 183 38.99 21.19 37.85
CA CYS B 183 38.88 20.74 39.23
C CYS B 183 40.25 20.80 39.89
N ASN B 184 40.35 21.54 40.99
CA ASN B 184 41.62 21.75 41.69
C ASN B 184 42.76 22.19 40.75
N GLY B 185 42.45 23.13 39.85
CA GLY B 185 43.43 23.65 38.90
C GLY B 185 43.65 22.85 37.63
N ARG B 186 43.16 21.61 37.60
CA ARG B 186 43.34 20.73 36.45
C ARG B 186 42.13 20.79 35.51
N TRP B 187 42.39 20.86 34.21
CA TRP B 187 41.30 20.89 33.21
C TRP B 187 40.59 19.54 33.14
N VAL B 188 39.26 19.58 33.20
CA VAL B 188 38.45 18.35 33.18
C VAL B 188 37.80 18.12 31.81
N GLY B 189 37.10 19.13 31.32
CA GLY B 189 36.38 18.99 30.06
C GLY B 189 35.61 20.20 29.60
N TYR B 190 34.75 19.98 28.62
CA TYR B 190 34.03 21.04 27.93
C TYR B 190 32.65 20.52 27.50
N GLY B 191 31.65 21.39 27.50
CA GLY B 191 30.29 20.97 27.12
C GLY B 191 29.49 22.04 26.41
N GLN B 192 28.62 21.59 25.49
CA GLN B 192 27.66 22.46 24.79
C GLN B 192 26.22 21.89 24.88
N ASP B 193 25.25 22.65 24.38
CA ASP B 193 23.81 22.38 24.53
C ASP B 193 23.35 22.81 25.92
N SER B 194 22.71 23.97 25.97
CA SER B 194 22.31 24.60 27.21
C SER B 194 21.20 23.87 27.98
N ARG B 195 20.58 22.87 27.37
CA ARG B 195 19.31 22.38 27.89
C ARG B 195 19.29 20.89 28.26
N LEU B 196 20.46 20.26 28.17
CA LEU B 196 20.65 18.88 28.62
C LEU B 196 21.82 18.81 29.59
N PRO B 197 21.85 17.78 30.46
CA PRO B 197 22.93 17.66 31.43
C PRO B 197 24.29 17.32 30.81
N SER B 198 25.34 17.97 31.31
CA SER B 198 26.72 17.60 30.99
C SER B 198 27.37 16.99 32.22
N GLU B 199 27.95 15.81 32.05
CA GLU B 199 28.51 15.05 33.17
C GLU B 199 29.97 14.72 32.93
N PHE B 200 30.78 14.82 33.98
CA PHE B 200 32.22 14.59 33.90
C PHE B 200 32.72 13.78 35.09
N ASP B 201 33.59 12.82 34.81
CA ASP B 201 34.16 11.99 35.86
C ASP B 201 35.26 12.74 36.60
N LEU B 202 35.04 12.99 37.90
CA LEU B 202 35.99 13.76 38.73
C LEU B 202 36.85 12.88 39.64
N SER B 203 36.67 11.56 39.54
CA SER B 203 37.35 10.59 40.39
C SER B 203 38.87 10.79 40.52
N ALA B 204 39.53 11.13 39.42
CA ALA B 204 40.98 11.32 39.42
C ALA B 204 41.39 12.75 39.76
N PHE B 205 40.41 13.60 40.05
CA PHE B 205 40.67 15.03 40.23
C PHE B 205 40.49 15.49 41.66
N LEU B 206 39.66 14.77 42.41
CA LEU B 206 39.30 15.16 43.76
C LEU B 206 40.27 14.65 44.83
N ARG B 207 40.22 15.29 46.01
CA ARG B 207 40.95 14.84 47.20
C ARG B 207 40.00 14.94 48.39
N ALA B 208 40.27 14.16 49.44
CA ALA B 208 39.47 14.22 50.66
C ALA B 208 39.60 15.58 51.32
N GLY B 209 38.47 16.14 51.73
CA GLY B 209 38.43 17.48 52.31
C GLY B 209 38.08 18.55 51.28
N GLU B 210 38.78 19.69 51.36
CA GLU B 210 38.49 20.85 50.49
C GLU B 210 38.89 20.64 49.03
N ASN B 211 37.96 20.94 48.13
CA ASN B 211 38.21 20.93 46.68
C ASN B 211 37.66 22.20 46.06
N ARG B 212 38.24 22.61 44.93
CA ARG B 212 37.72 23.78 44.22
C ARG B 212 37.35 23.47 42.76
N LEU B 213 36.14 23.87 42.38
CA LEU B 213 35.71 23.80 40.98
C LEU B 213 35.86 25.16 40.33
N ALA B 214 36.29 25.17 39.08
CA ALA B 214 36.34 26.39 38.27
C ALA B 214 35.61 26.13 36.95
N VAL B 215 34.52 26.85 36.76
CA VAL B 215 33.69 26.73 35.56
C VAL B 215 33.71 28.03 34.78
N MET B 216 34.20 27.97 33.54
CA MET B 216 34.19 29.15 32.68
C MET B 216 33.05 29.04 31.66
N VAL B 217 32.01 29.83 31.88
CA VAL B 217 30.82 29.79 31.05
C VAL B 217 30.84 30.90 30.00
N LEU B 218 30.73 30.53 28.73
CA LEU B 218 30.67 31.50 27.65
C LEU B 218 29.24 31.76 27.22
N ARG B 219 28.89 33.03 27.06
CA ARG B 219 27.53 33.40 26.67
C ARG B 219 27.21 32.90 25.26
N TRP B 220 28.15 33.13 24.35
CA TRP B 220 27.99 32.72 22.95
C TRP B 220 28.97 31.62 22.57
N SER B 221 28.49 30.69 21.72
CA SER B 221 29.30 29.62 21.17
C SER B 221 28.72 29.21 19.82
N ASP B 222 29.37 28.27 19.13
CA ASP B 222 28.76 27.73 17.90
C ASP B 222 27.40 27.09 18.20
N GLY B 223 27.20 26.71 19.47
CA GLY B 223 25.92 26.19 19.95
C GLY B 223 24.80 27.21 19.90
N SER B 224 25.15 28.49 19.98
CA SER B 224 24.20 29.59 19.87
C SER B 224 23.47 29.63 18.53
N TYR B 225 24.12 29.13 17.48
CA TYR B 225 23.48 29.06 16.16
C TYR B 225 22.31 28.07 16.14
N LEU B 226 22.29 27.17 17.13
CA LEU B 226 21.21 26.18 17.28
C LEU B 226 20.24 26.55 18.42
N GLU B 227 20.38 27.77 18.93
CA GLU B 227 19.60 28.22 20.08
C GLU B 227 18.95 29.57 19.84
N ASP B 228 18.27 29.69 18.70
CA ASP B 228 17.65 30.96 18.32
C ASP B 228 16.15 31.01 18.65
N GLN B 229 15.75 30.42 19.77
CA GLN B 229 14.35 30.47 20.25
C GLN B 229 13.89 31.90 20.55
N ASP B 230 12.62 32.16 20.25
CA ASP B 230 11.96 33.45 20.45
C ASP B 230 11.73 33.65 21.96
N MET B 231 12.79 34.07 22.64
CA MET B 231 12.79 34.19 24.10
C MET B 231 13.96 35.06 24.55
N TRP B 232 13.93 35.48 25.81
CA TRP B 232 15.07 36.17 26.42
C TRP B 232 16.36 35.38 26.22
N ARG B 233 17.41 36.08 25.80
CA ARG B 233 18.74 35.49 25.65
C ARG B 233 19.57 35.77 26.89
N MET B 234 19.78 34.71 27.67
CA MET B 234 20.49 34.78 28.95
C MET B 234 21.64 33.77 28.94
N SER B 235 22.35 33.66 30.07
CA SER B 235 23.48 32.75 30.19
C SER B 235 23.79 32.39 31.64
N GLY B 236 24.65 31.39 31.84
CA GLY B 236 25.06 31.01 33.18
C GLY B 236 24.74 29.57 33.57
N ILE B 237 25.02 29.23 34.82
CA ILE B 237 24.72 27.91 35.36
C ILE B 237 23.30 27.98 35.94
N PHE B 238 22.32 27.62 35.11
CA PHE B 238 20.91 27.97 35.39
C PHE B 238 20.05 26.78 35.79
N ARG B 239 20.63 25.59 35.82
CA ARG B 239 19.96 24.43 36.39
C ARG B 239 20.89 23.82 37.43
N ASP B 240 20.38 22.81 38.13
CA ASP B 240 21.08 22.16 39.24
C ASP B 240 22.49 21.71 38.90
N VAL B 241 23.36 21.78 39.92
CA VAL B 241 24.65 21.12 39.87
C VAL B 241 24.64 20.04 40.95
N SER B 242 25.13 18.85 40.61
CA SER B 242 25.15 17.76 41.60
C SER B 242 26.35 16.84 41.49
N LEU B 243 26.63 16.11 42.57
CA LEU B 243 27.63 15.06 42.57
C LEU B 243 26.94 13.72 42.73
N LEU B 244 27.35 12.76 41.91
CA LEU B 244 26.81 11.41 41.95
C LEU B 244 27.93 10.42 42.14
N HIS B 245 27.76 9.55 43.12
CA HIS B 245 28.70 8.45 43.32
C HIS B 245 28.10 7.16 42.85
N LYS B 246 28.79 6.49 41.93
CA LYS B 246 28.38 5.19 41.43
C LYS B 246 29.48 4.19 41.76
N PRO B 247 29.13 2.91 42.00
CA PRO B 247 30.20 1.92 42.11
C PRO B 247 30.88 1.73 40.76
N THR B 248 32.09 1.20 40.77
CA THR B 248 32.83 0.86 39.55
C THR B 248 32.04 -0.12 38.68
N THR B 249 31.46 -1.15 39.31
CA THR B 249 30.52 -2.03 38.62
C THR B 249 29.13 -1.43 38.81
N GLN B 250 28.53 -0.99 37.70
CA GLN B 250 27.37 -0.09 37.77
C GLN B 250 26.34 -0.31 36.67
N ILE B 251 25.09 0.06 36.96
CA ILE B 251 24.07 0.25 35.95
C ILE B 251 24.40 1.54 35.23
N SER B 252 24.69 1.44 33.93
CA SER B 252 25.07 2.60 33.13
C SER B 252 23.93 3.10 32.25
N ASP B 253 22.94 2.24 32.01
CA ASP B 253 21.76 2.58 31.21
C ASP B 253 20.68 1.52 31.40
N PHE B 254 19.42 1.93 31.30
CA PHE B 254 18.31 0.97 31.24
C PHE B 254 17.11 1.56 30.50
N HIS B 255 16.43 0.71 29.73
CA HIS B 255 15.25 1.12 28.94
C HIS B 255 14.03 0.29 29.34
N VAL B 256 12.92 0.96 29.63
CA VAL B 256 11.69 0.27 30.02
C VAL B 256 10.65 0.42 28.91
N ALA B 257 10.14 -0.71 28.41
CA ALA B 257 9.06 -0.71 27.43
C ALA B 257 7.87 -1.53 27.92
N THR B 258 6.66 -1.09 27.57
CA THR B 258 5.44 -1.81 27.90
C THR B 258 4.66 -2.10 26.61
N ARG B 259 4.47 -3.39 26.35
CA ARG B 259 3.80 -3.88 25.15
C ARG B 259 2.50 -4.57 25.56
N PHE B 260 1.46 -4.45 24.73
CA PHE B 260 0.10 -4.87 25.11
C PHE B 260 -0.55 -5.83 24.11
N ASN B 261 -1.54 -6.60 24.58
CA ASN B 261 -2.42 -7.33 23.68
C ASN B 261 -3.51 -6.39 23.14
N ASP B 262 -4.39 -6.91 22.29
CA ASP B 262 -5.37 -6.09 21.58
C ASP B 262 -6.29 -5.28 22.51
N ASP B 263 -6.74 -5.86 23.62
CA ASP B 263 -7.67 -5.15 24.49
C ASP B 263 -7.05 -4.57 25.76
N PHE B 264 -5.71 -4.60 25.84
CA PHE B 264 -4.97 -4.01 26.96
C PHE B 264 -5.18 -4.71 28.31
N SER B 265 -5.61 -5.97 28.26
CA SER B 265 -5.83 -6.77 29.47
C SER B 265 -4.57 -7.55 29.83
N ARG B 266 -3.61 -7.60 28.90
CA ARG B 266 -2.31 -8.22 29.16
C ARG B 266 -1.20 -7.30 28.68
N ALA B 267 -0.12 -7.23 29.45
CA ALA B 267 1.05 -6.45 29.08
C ALA B 267 2.35 -7.18 29.41
N VAL B 268 3.40 -6.85 28.66
CA VAL B 268 4.75 -7.28 28.98
C VAL B 268 5.60 -6.05 29.24
N LEU B 269 6.22 -6.00 30.42
CA LEU B 269 7.22 -4.99 30.69
C LEU B 269 8.57 -5.57 30.31
N GLU B 270 9.28 -4.85 29.44
CA GLU B 270 10.58 -5.27 28.99
C GLU B 270 11.61 -4.22 29.43
N ALA B 271 12.57 -4.66 30.24
CA ALA B 271 13.61 -3.77 30.75
C ALA B 271 14.99 -4.22 30.28
N GLU B 272 15.59 -3.46 29.38
CA GLU B 272 16.97 -3.71 28.95
C GLU B 272 17.94 -3.02 29.92
N VAL B 273 18.88 -3.76 30.46
CA VAL B 273 19.82 -3.18 31.42
C VAL B 273 21.25 -3.28 30.91
N GLN B 274 21.97 -2.16 30.94
CA GLN B 274 23.38 -2.13 30.55
C GLN B 274 24.26 -1.83 31.76
N MET B 275 25.45 -2.42 31.80
CA MET B 275 26.40 -2.18 32.87
C MET B 275 27.75 -1.71 32.35
N CYS B 276 28.53 -1.10 33.24
CA CYS B 276 29.95 -0.84 33.04
C CYS B 276 30.71 -1.41 34.22
N GLY B 277 32.01 -1.64 34.04
CA GLY B 277 32.84 -2.30 35.05
C GLY B 277 33.19 -3.70 34.60
N GLU B 278 33.83 -4.47 35.47
CA GLU B 278 34.24 -5.83 35.13
C GLU B 278 33.09 -6.82 35.23
N LEU B 279 32.89 -7.55 34.14
CA LEU B 279 31.89 -8.61 34.09
C LEU B 279 32.34 -9.81 34.92
N ARG B 280 31.44 -10.30 35.75
CA ARG B 280 31.69 -11.51 36.52
C ARG B 280 30.46 -12.40 36.46
N ASP B 281 30.66 -13.71 36.44
CA ASP B 281 29.58 -14.68 36.36
C ASP B 281 28.58 -14.59 37.52
N TYR B 282 29.03 -14.08 38.65
CA TYR B 282 28.19 -13.98 39.85
C TYR B 282 27.30 -12.73 39.86
N LEU B 283 27.52 -11.82 38.91
CA LEU B 283 26.70 -10.61 38.77
C LEU B 283 25.28 -10.95 38.31
N ARG B 284 24.32 -10.20 38.83
CA ARG B 284 22.91 -10.40 38.50
C ARG B 284 22.21 -9.05 38.37
N VAL B 285 21.15 -9.03 37.58
CA VAL B 285 20.20 -7.94 37.59
C VAL B 285 18.85 -8.50 38.01
N THR B 286 18.21 -7.83 38.97
CA THR B 286 16.79 -8.07 39.25
C THR B 286 15.99 -6.82 38.93
N VAL B 287 14.91 -7.00 38.19
CA VAL B 287 13.95 -5.93 37.96
C VAL B 287 12.64 -6.32 38.61
N SER B 288 12.14 -5.44 39.48
CA SER B 288 10.87 -5.67 40.14
C SER B 288 9.91 -4.57 39.77
N LEU B 289 8.64 -4.91 39.72
CA LEU B 289 7.60 -3.93 39.42
C LEU B 289 6.65 -3.83 40.60
N TRP B 290 6.40 -2.60 41.04
CA TRP B 290 5.61 -2.35 42.24
C TRP B 290 4.39 -1.50 41.96
N GLN B 291 3.30 -1.84 42.63
CA GLN B 291 2.04 -1.11 42.53
C GLN B 291 1.73 -0.67 43.95
N GLY B 292 2.19 0.52 44.30
CA GLY B 292 2.22 0.96 45.69
C GLY B 292 3.16 0.05 46.47
N GLU B 293 2.63 -0.58 47.52
CA GLU B 293 3.42 -1.46 48.38
C GLU B 293 3.43 -2.91 47.89
N THR B 294 2.54 -3.20 46.94
CA THR B 294 2.39 -4.54 46.38
C THR B 294 3.41 -4.79 45.27
N GLN B 295 4.17 -5.87 45.40
CA GLN B 295 5.04 -6.33 44.31
C GLN B 295 4.20 -7.11 43.32
N VAL B 296 4.16 -6.64 42.08
CA VAL B 296 3.34 -7.32 41.08
C VAL B 296 4.13 -8.33 40.26
N ALA B 297 5.43 -8.07 40.09
CA ALA B 297 6.29 -8.95 39.31
C ALA B 297 7.75 -8.73 39.63
N SER B 298 8.56 -9.78 39.45
CA SER B 298 9.99 -9.70 39.61
C SER B 298 10.67 -10.74 38.71
N GLY B 299 11.86 -10.41 38.22
CA GLY B 299 12.64 -11.33 37.42
C GLY B 299 14.11 -11.06 37.61
N THR B 300 14.92 -12.10 37.48
CA THR B 300 16.37 -12.00 37.71
C THR B 300 17.11 -12.75 36.61
N ALA B 301 18.21 -12.16 36.15
CA ALA B 301 19.04 -12.82 35.16
C ALA B 301 20.49 -12.39 35.32
N PRO B 302 21.44 -13.26 34.91
CA PRO B 302 22.82 -12.84 34.77
C PRO B 302 22.98 -12.03 33.47
N PHE B 303 24.09 -11.33 33.33
CA PHE B 303 24.36 -10.55 32.12
C PHE B 303 24.64 -11.46 30.93
N GLY B 304 24.37 -10.96 29.72
CA GLY B 304 24.55 -11.73 28.49
C GLY B 304 23.30 -11.70 27.64
N GLY B 305 23.27 -10.80 26.66
CA GLY B 305 22.13 -10.70 25.77
C GLY B 305 22.09 -11.78 24.70
N GLU B 306 21.00 -11.85 23.96
CA GLU B 306 20.88 -12.79 22.86
C GLU B 306 21.84 -12.41 21.72
N ILE B 307 22.15 -13.40 20.88
CA ILE B 307 22.94 -13.20 19.67
C ILE B 307 22.25 -12.15 18.80
N ILE B 308 22.99 -11.13 18.35
CA ILE B 308 22.40 -10.14 17.45
C ILE B 308 23.01 -10.13 16.04
N ASP B 309 24.27 -10.56 15.90
CA ASP B 309 24.91 -10.68 14.58
C ASP B 309 26.02 -11.74 14.61
N GLU B 310 26.82 -11.81 13.55
CA GLU B 310 27.85 -12.85 13.37
C GLU B 310 28.93 -12.83 14.45
N ARG B 311 29.05 -11.72 15.18
CA ARG B 311 30.07 -11.60 16.23
C ARG B 311 29.52 -11.90 17.63
N GLY B 312 28.24 -12.27 17.70
CA GLY B 312 27.58 -12.64 18.95
C GLY B 312 26.61 -11.57 19.46
N GLY B 313 26.63 -11.32 20.76
CA GLY B 313 25.73 -10.37 21.38
C GLY B 313 26.42 -9.49 22.40
N TYR B 314 25.61 -8.78 23.20
CA TYR B 314 26.14 -7.88 24.23
C TYR B 314 26.32 -8.62 25.55
N ALA B 315 27.58 -8.92 25.88
CA ALA B 315 27.89 -9.59 27.14
C ALA B 315 27.57 -8.71 28.34
N ASP B 316 27.57 -7.39 28.11
CA ASP B 316 27.38 -6.41 29.17
C ASP B 316 25.94 -5.92 29.28
N ARG B 317 25.00 -6.68 28.71
CA ARG B 317 23.59 -6.29 28.76
C ARG B 317 22.71 -7.49 29.08
N VAL B 318 21.54 -7.20 29.61
CA VAL B 318 20.52 -8.22 29.78
C VAL B 318 19.15 -7.55 29.68
N THR B 319 18.18 -8.29 29.17
CA THR B 319 16.82 -7.81 29.07
C THR B 319 15.90 -8.67 29.91
N LEU B 320 15.13 -8.04 30.78
CA LEU B 320 14.18 -8.75 31.63
C LEU B 320 12.77 -8.52 31.13
N ARG B 321 11.96 -9.58 31.13
CA ARG B 321 10.59 -9.52 30.66
C ARG B 321 9.62 -9.95 31.76
N LEU B 322 8.75 -9.03 32.17
CA LEU B 322 7.77 -9.29 33.22
C LEU B 322 6.35 -9.23 32.68
N ASN B 323 5.56 -10.26 32.99
CA ASN B 323 4.15 -10.30 32.59
C ASN B 323 3.26 -9.60 33.61
N VAL B 324 2.40 -8.69 33.13
CA VAL B 324 1.44 -8.00 33.99
C VAL B 324 0.02 -8.22 33.50
N GLU B 325 -0.82 -8.81 34.35
CA GLU B 325 -2.22 -9.05 34.02
C GLU B 325 -3.07 -7.86 34.45
N ASN B 326 -3.99 -7.46 33.57
CA ASN B 326 -4.88 -6.31 33.80
C ASN B 326 -4.16 -5.06 34.35
N PRO B 327 -3.12 -4.59 33.64
CA PRO B 327 -2.39 -3.44 34.16
C PRO B 327 -3.31 -2.23 34.29
N LYS B 328 -3.07 -1.41 35.30
CA LYS B 328 -3.76 -0.13 35.41
C LYS B 328 -3.05 0.83 34.46
N LEU B 329 -3.81 1.39 33.53
CA LEU B 329 -3.23 2.13 32.41
C LEU B 329 -3.00 3.60 32.73
N TRP B 330 -1.89 4.12 32.24
CA TRP B 330 -1.55 5.54 32.40
C TRP B 330 -2.21 6.38 31.30
N SER B 331 -2.81 7.49 31.70
CA SER B 331 -3.33 8.51 30.81
C SER B 331 -3.27 9.84 31.55
N ALA B 332 -3.52 10.96 30.87
CA ALA B 332 -3.64 12.24 31.58
C ALA B 332 -4.89 12.26 32.47
N GLU B 333 -5.92 11.51 32.05
CA GLU B 333 -7.16 11.38 32.79
C GLU B 333 -6.97 10.67 34.13
N ILE B 334 -6.26 9.54 34.09
CA ILE B 334 -5.94 8.76 35.28
C ILE B 334 -4.47 8.34 35.21
N PRO B 335 -3.59 9.10 35.87
CA PRO B 335 -2.15 8.82 35.78
C PRO B 335 -1.65 7.66 36.66
N ASN B 336 -2.21 6.48 36.46
CA ASN B 336 -1.76 5.27 37.16
C ASN B 336 -0.28 5.07 36.91
N LEU B 337 0.47 4.88 37.99
CA LEU B 337 1.89 4.63 37.90
C LEU B 337 2.29 3.39 38.67
N TYR B 338 3.27 2.69 38.14
CA TYR B 338 3.95 1.60 38.84
C TYR B 338 5.36 2.09 39.13
N ARG B 339 6.07 1.36 39.98
CA ARG B 339 7.48 1.67 40.21
C ARG B 339 8.31 0.49 39.76
N ALA B 340 9.26 0.74 38.87
CA ALA B 340 10.20 -0.31 38.47
C ALA B 340 11.52 -0.08 39.21
N VAL B 341 12.04 -1.14 39.83
CA VAL B 341 13.32 -1.03 40.54
C VAL B 341 14.32 -1.96 39.87
N VAL B 342 15.47 -1.39 39.52
CA VAL B 342 16.54 -2.13 38.85
C VAL B 342 17.69 -2.32 39.84
N GLU B 343 17.87 -3.56 40.28
CA GLU B 343 18.89 -3.92 41.26
C GLU B 343 20.07 -4.60 40.58
N LEU B 344 21.25 -4.02 40.74
CA LEU B 344 22.47 -4.71 40.36
C LEU B 344 23.00 -5.36 41.63
N HIS B 345 23.29 -6.65 41.57
CA HIS B 345 23.66 -7.42 42.76
C HIS B 345 24.44 -8.69 42.43
N THR B 346 24.99 -9.31 43.47
CA THR B 346 25.69 -10.58 43.32
C THR B 346 24.69 -11.71 43.53
N ALA B 347 25.01 -12.90 43.03
CA ALA B 347 24.11 -14.06 43.14
C ALA B 347 23.76 -14.42 44.59
N ASP B 348 24.69 -14.20 45.52
CA ASP B 348 24.46 -14.50 46.94
C ASP B 348 23.48 -13.52 47.61
N GLY B 349 23.21 -12.39 46.96
CA GLY B 349 22.20 -11.47 47.43
C GLY B 349 22.70 -10.13 47.91
N THR B 350 23.98 -9.84 47.67
CA THR B 350 24.55 -8.56 48.06
C THR B 350 24.30 -7.50 46.99
N LEU B 351 23.56 -6.46 47.36
CA LEU B 351 23.25 -5.35 46.47
C LEU B 351 24.50 -4.53 46.17
N ILE B 352 24.71 -4.26 44.88
CA ILE B 352 25.76 -3.34 44.49
C ILE B 352 25.17 -1.92 44.36
N GLU B 353 24.10 -1.79 43.58
CA GLU B 353 23.34 -0.54 43.52
C GLU B 353 21.96 -0.76 42.94
N ALA B 354 21.09 0.21 43.16
CA ALA B 354 19.76 0.18 42.59
C ALA B 354 19.48 1.49 41.91
N GLU B 355 18.80 1.40 40.77
CA GLU B 355 18.19 2.56 40.12
C GLU B 355 16.71 2.26 39.95
N ALA B 356 15.93 3.26 39.57
CA ALA B 356 14.47 3.13 39.53
C ALA B 356 13.81 4.21 38.69
N CYS B 357 12.55 3.98 38.34
CA CYS B 357 11.72 4.99 37.66
C CYS B 357 10.24 4.68 37.84
N ASP B 358 9.41 5.70 37.64
CA ASP B 358 7.97 5.52 37.57
C ASP B 358 7.64 4.94 36.20
N VAL B 359 6.74 3.96 36.18
CA VAL B 359 6.33 3.34 34.92
C VAL B 359 4.83 3.59 34.68
N GLY B 360 4.51 4.16 33.53
CA GLY B 360 3.12 4.30 33.11
C GLY B 360 2.81 3.34 31.98
N PHE B 361 1.88 2.42 32.21
CA PHE B 361 1.48 1.47 31.17
C PHE B 361 0.58 2.16 30.14
N ARG B 362 1.18 2.56 29.02
CA ARG B 362 0.40 3.16 27.93
C ARG B 362 1.02 2.89 26.57
N GLU B 363 0.17 2.80 25.55
CA GLU B 363 0.60 2.64 24.18
C GLU B 363 0.26 3.89 23.40
N VAL B 364 1.24 4.40 22.65
CA VAL B 364 1.01 5.52 21.74
C VAL B 364 1.26 5.01 20.32
N ARG B 365 0.29 5.20 19.44
CA ARG B 365 0.47 4.82 18.04
C ARG B 365 -0.43 5.62 17.12
N ILE B 366 0.00 5.74 15.87
CA ILE B 366 -0.82 6.33 14.83
C ILE B 366 -1.34 5.20 13.95
N GLU B 367 -2.65 5.15 13.76
CA GLU B 367 -3.27 4.09 12.98
C GLU B 367 -4.43 4.64 12.21
N ASN B 368 -4.45 4.31 10.92
CA ASN B 368 -5.48 4.80 10.01
C ASN B 368 -5.65 6.32 10.10
N GLY B 369 -4.53 7.01 10.29
CA GLY B 369 -4.50 8.48 10.33
C GLY B 369 -4.85 9.15 11.64
N LEU B 370 -4.96 8.37 12.72
CA LEU B 370 -5.36 8.88 14.03
C LEU B 370 -4.31 8.59 15.10
N LEU B 371 -3.97 9.59 15.91
CA LEU B 371 -3.10 9.36 17.06
C LEU B 371 -3.91 8.70 18.17
N LEU B 372 -3.51 7.49 18.55
CA LEU B 372 -4.22 6.74 19.57
C LEU B 372 -3.40 6.60 20.85
N LEU B 373 -4.09 6.68 21.98
CA LEU B 373 -3.49 6.39 23.26
C LEU B 373 -4.31 5.28 23.90
N ASN B 374 -3.65 4.17 24.20
CA ASN B 374 -4.34 2.98 24.68
C ASN B 374 -5.55 2.65 23.80
N GLY B 375 -5.35 2.78 22.49
CA GLY B 375 -6.36 2.41 21.51
C GLY B 375 -7.45 3.43 21.25
N LYS B 376 -7.41 4.55 21.96
CA LYS B 376 -8.44 5.59 21.83
C LYS B 376 -7.86 6.89 21.27
N PRO B 377 -8.57 7.53 20.32
CA PRO B 377 -8.08 8.76 19.69
C PRO B 377 -8.03 9.97 20.63
N LEU B 378 -6.85 10.56 20.79
CA LEU B 378 -6.66 11.73 21.65
C LEU B 378 -7.26 13.00 21.06
N LEU B 379 -7.70 13.88 21.95
CA LEU B 379 -7.99 15.25 21.58
C LEU B 379 -7.07 16.11 22.45
N ILE B 380 -6.02 16.66 21.81
CA ILE B 380 -5.00 17.45 22.51
C ILE B 380 -5.49 18.85 22.90
N ARG B 381 -5.70 19.04 24.19
CA ARG B 381 -5.97 20.36 24.76
C ARG B 381 -4.63 20.87 25.28
N GLY B 382 -3.81 21.41 24.38
CA GLY B 382 -2.41 21.62 24.69
C GLY B 382 -2.03 23.07 24.80
N VAL B 383 -0.86 23.28 25.39
CA VAL B 383 -0.27 24.61 25.45
C VAL B 383 1.26 24.47 25.37
N ASN B 384 1.91 25.41 24.69
CA ASN B 384 3.36 25.51 24.74
C ASN B 384 3.76 26.16 26.08
N ARG B 385 4.82 25.65 26.71
CA ARG B 385 5.31 26.24 27.95
C ARG B 385 6.83 26.40 28.00
N HIS B 386 7.26 27.66 28.07
CA HIS B 386 8.66 28.01 28.30
C HIS B 386 9.02 27.91 29.77
N GLU B 387 10.30 27.76 30.06
CA GLU B 387 10.78 27.82 31.44
C GLU B 387 11.15 29.26 31.77
N HIS B 388 10.14 29.99 32.24
CA HIS B 388 10.27 31.41 32.52
C HIS B 388 9.69 31.80 33.88
N HIS B 389 10.47 32.60 34.61
CA HIS B 389 10.11 33.15 35.91
C HIS B 389 10.53 34.63 35.89
N PRO B 390 9.63 35.54 36.31
CA PRO B 390 9.88 36.99 36.14
C PRO B 390 11.01 37.54 37.01
N LEU B 391 11.35 36.81 38.08
CA LEU B 391 12.43 37.18 38.99
C LEU B 391 13.70 36.41 38.68
N HIS B 392 13.57 35.10 38.46
CA HIS B 392 14.73 34.23 38.32
C HIS B 392 15.09 33.90 36.88
N GLY B 393 14.38 34.52 35.94
CA GLY B 393 14.68 34.37 34.52
C GLY B 393 14.31 33.01 33.97
N GLN B 394 15.33 32.17 33.80
CA GLN B 394 15.14 30.86 33.19
C GLN B 394 15.48 29.71 34.14
N VAL B 395 15.70 30.05 35.41
CA VAL B 395 15.84 29.05 36.48
C VAL B 395 14.44 28.58 36.89
N MET B 396 14.26 27.27 36.92
CA MET B 396 12.98 26.66 37.27
C MET B 396 13.03 26.03 38.66
N ASP B 397 11.97 26.27 39.44
CA ASP B 397 11.82 25.65 40.77
C ASP B 397 10.58 24.74 40.81
N GLU B 398 10.55 23.80 41.75
CA GLU B 398 9.39 22.91 41.92
C GLU B 398 8.06 23.65 42.13
N GLN B 399 8.07 24.67 43.01
CA GLN B 399 6.85 25.44 43.32
C GLN B 399 6.18 26.01 42.07
N THR B 400 6.98 26.65 41.22
CA THR B 400 6.49 27.24 39.97
C THR B 400 5.97 26.17 39.00
N MET B 401 6.71 25.07 38.88
CA MET B 401 6.30 23.95 38.04
C MET B 401 4.93 23.40 38.47
N VAL B 402 4.79 23.10 39.76
CA VAL B 402 3.54 22.62 40.35
C VAL B 402 2.40 23.62 40.15
N GLN B 403 2.69 24.90 40.38
CA GLN B 403 1.71 25.97 40.16
C GLN B 403 1.19 26.00 38.72
N ASP B 404 2.12 25.86 37.76
CA ASP B 404 1.77 25.82 36.35
C ASP B 404 0.86 24.62 36.00
N ILE B 405 1.30 23.43 36.39
CA ILE B 405 0.53 22.19 36.16
C ILE B 405 -0.87 22.25 36.75
N LEU B 406 -0.99 22.69 38.01
CA LEU B 406 -2.31 22.84 38.64
C LEU B 406 -3.21 23.78 37.87
N LEU B 407 -2.67 24.95 37.48
CA LEU B 407 -3.44 25.91 36.71
C LEU B 407 -3.83 25.36 35.34
N MET B 408 -2.93 24.60 34.72
CA MET B 408 -3.21 24.00 33.42
C MET B 408 -4.37 23.02 33.52
N LYS B 409 -4.28 22.11 34.50
CA LYS B 409 -5.30 21.07 34.67
C LYS B 409 -6.66 21.63 35.10
N GLN B 410 -6.62 22.66 35.97
CA GLN B 410 -7.82 23.40 36.36
C GLN B 410 -8.45 24.15 35.21
N ASN B 411 -7.67 24.43 34.17
CA ASN B 411 -8.21 25.11 32.99
C ASN B 411 -8.38 24.18 31.79
N ASN B 412 -8.46 22.89 32.10
CA ASN B 412 -8.79 21.83 31.13
C ASN B 412 -7.76 21.59 30.03
N PHE B 413 -6.50 21.81 30.37
CA PHE B 413 -5.40 21.38 29.50
C PHE B 413 -5.00 19.95 29.88
N ASN B 414 -4.67 19.14 28.88
CA ASN B 414 -4.18 17.78 29.12
C ASN B 414 -2.80 17.53 28.51
N ALA B 415 -2.22 18.55 27.89
CA ALA B 415 -0.98 18.36 27.15
C ALA B 415 -0.09 19.61 27.13
N VAL B 416 1.21 19.38 27.09
CA VAL B 416 2.19 20.47 27.05
C VAL B 416 3.30 20.17 26.04
N ARG B 417 3.69 21.20 25.28
CA ARG B 417 4.86 21.11 24.42
C ARG B 417 6.02 21.83 25.11
N CYS B 418 7.16 21.16 25.21
CA CYS B 418 8.39 21.73 25.76
C CYS B 418 9.06 22.64 24.73
N SER B 419 8.48 23.82 24.54
CA SER B 419 9.01 24.81 23.60
C SER B 419 10.24 25.50 24.19
N HIS B 420 11.41 25.41 23.56
CA HIS B 420 11.72 24.50 22.45
C HIS B 420 13.03 23.81 22.79
N TYR B 421 13.00 22.99 23.85
CA TYR B 421 14.21 22.39 24.41
C TYR B 421 13.83 21.36 25.46
N PRO B 422 14.73 20.41 25.74
CA PRO B 422 14.44 19.53 26.85
C PRO B 422 14.33 20.33 28.15
N ASN B 423 13.36 19.97 28.99
CA ASN B 423 13.09 20.71 30.20
C ASN B 423 13.92 20.19 31.37
N HIS B 424 13.94 20.98 32.44
CA HIS B 424 14.43 20.58 33.75
C HIS B 424 13.86 19.18 34.08
N PRO B 425 14.71 18.24 34.54
CA PRO B 425 14.28 16.84 34.69
C PRO B 425 13.04 16.62 35.56
N LEU B 426 12.80 17.50 36.51
CA LEU B 426 11.66 17.36 37.42
C LEU B 426 10.32 17.53 36.70
N TRP B 427 10.30 18.35 35.65
CA TRP B 427 9.10 18.61 34.86
C TRP B 427 8.40 17.32 34.41
N TYR B 428 9.19 16.37 33.93
CA TYR B 428 8.64 15.11 33.41
C TYR B 428 8.08 14.23 34.53
N THR B 429 8.78 14.21 35.67
CA THR B 429 8.31 13.52 36.87
C THR B 429 6.95 14.03 37.30
N LEU B 430 6.78 15.35 37.30
CA LEU B 430 5.52 15.96 37.68
C LEU B 430 4.41 15.67 36.66
N CYS B 431 4.77 15.70 35.38
CA CYS B 431 3.81 15.40 34.32
C CYS B 431 3.39 13.92 34.37
N ASP B 432 4.34 13.02 34.68
CA ASP B 432 4.05 11.60 34.93
C ASP B 432 3.00 11.42 36.03
N ARG B 433 3.16 12.16 37.12
CA ARG B 433 2.40 11.94 38.34
C ARG B 433 1.09 12.69 38.36
N TYR B 434 1.07 13.90 37.81
CA TYR B 434 -0.15 14.68 37.72
C TYR B 434 -0.97 14.32 36.48
N GLY B 435 -0.30 13.84 35.44
CA GLY B 435 -0.98 13.45 34.22
C GLY B 435 -1.13 14.57 33.21
N LEU B 436 -0.11 14.71 32.36
CA LEU B 436 -0.15 15.58 31.18
C LEU B 436 0.64 14.89 30.08
N TYR B 437 0.12 14.95 28.86
CA TYR B 437 0.82 14.43 27.69
C TYR B 437 1.92 15.43 27.31
N VAL B 438 3.13 14.92 27.09
CA VAL B 438 4.27 15.80 26.81
C VAL B 438 4.85 15.61 25.41
N VAL B 439 5.08 16.72 24.72
CA VAL B 439 5.93 16.74 23.53
C VAL B 439 7.33 17.17 23.99
N ASP B 440 8.27 16.23 23.97
CA ASP B 440 9.65 16.51 24.32
C ASP B 440 10.40 16.94 23.04
N GLU B 441 11.03 18.11 23.10
CA GLU B 441 11.56 18.77 21.92
C GLU B 441 13.07 19.03 22.04
N ALA B 442 13.81 18.63 21.02
CA ALA B 442 15.26 18.86 20.96
C ALA B 442 15.57 20.36 20.92
N ASN B 443 16.67 20.74 21.56
CA ASN B 443 17.13 22.13 21.59
C ASN B 443 17.81 22.52 20.27
N ILE B 444 17.01 22.67 19.22
CA ILE B 444 17.49 23.06 17.89
C ILE B 444 16.51 24.06 17.28
N GLU B 445 16.94 25.32 17.24
CA GLU B 445 16.22 26.35 16.52
C GLU B 445 17.23 27.25 15.82
N THR B 446 17.07 27.38 14.50
CA THR B 446 17.96 28.17 13.66
C THR B 446 17.16 29.20 12.86
N HIS B 447 16.16 29.80 13.51
CA HIS B 447 15.18 30.65 12.83
C HIS B 447 15.81 31.76 12.01
N GLY B 448 16.89 32.33 12.53
CA GLY B 448 17.53 33.52 11.94
C GLY B 448 18.38 33.29 10.70
N MET B 449 18.68 32.03 10.38
CA MET B 449 19.40 31.69 9.13
C MET B 449 18.58 32.06 7.89
N VAL B 450 19.29 32.36 6.80
CA VAL B 450 18.67 32.62 5.48
C VAL B 450 19.29 31.67 4.42
N PRO B 451 18.47 30.73 3.88
CA PRO B 451 17.11 30.43 4.30
C PRO B 451 17.15 29.69 5.65
N MET B 452 15.98 29.37 6.19
CA MET B 452 15.93 28.80 7.55
C MET B 452 16.69 27.49 7.70
N ASN B 453 16.80 26.73 6.61
CA ASN B 453 17.45 25.41 6.65
C ASN B 453 18.94 25.40 6.25
N ARG B 454 19.58 26.57 6.23
CA ARG B 454 20.99 26.63 5.78
C ARG B 454 21.90 25.70 6.57
N LEU B 455 21.67 25.61 7.88
CA LEU B 455 22.46 24.72 8.74
C LEU B 455 21.93 23.30 8.80
N THR B 456 20.60 23.16 8.84
CA THR B 456 19.98 21.84 9.00
C THR B 456 20.08 20.98 7.73
N ASP B 457 20.37 21.60 6.59
CA ASP B 457 20.62 20.84 5.35
C ASP B 457 22.12 20.62 5.11
N ASP B 458 22.95 21.16 6.00
CA ASP B 458 24.40 21.07 5.89
C ASP B 458 24.91 19.89 6.70
N PRO B 459 25.52 18.88 6.04
CA PRO B 459 26.01 17.70 6.75
C PRO B 459 27.10 18.00 7.78
N ARG B 460 27.73 19.16 7.65
CA ARG B 460 28.76 19.56 8.61
C ARG B 460 28.16 19.91 9.95
N TRP B 461 26.86 20.21 9.96
CA TRP B 461 26.13 20.51 11.19
C TRP B 461 25.30 19.34 11.72
N LEU B 462 25.35 18.21 11.02
CA LEU B 462 24.65 17.00 11.47
C LEU B 462 25.16 16.47 12.82
N PRO B 463 26.49 16.46 13.06
CA PRO B 463 26.97 16.04 14.38
C PRO B 463 26.41 16.84 15.56
N ALA B 464 26.48 18.16 15.51
CA ALA B 464 25.96 19.01 16.59
C ALA B 464 24.46 18.80 16.79
N MET B 465 23.72 18.72 15.68
CA MET B 465 22.29 18.46 15.71
C MET B 465 21.94 17.10 16.29
N SER B 466 22.67 16.07 15.87
CA SER B 466 22.36 14.71 16.32
C SER B 466 22.42 14.58 17.84
N GLU B 467 23.43 15.19 18.45
CA GLU B 467 23.61 15.16 19.90
C GLU B 467 22.47 15.83 20.67
N ARG B 468 21.88 16.86 20.07
CA ARG B 468 20.74 17.50 20.70
C ARG B 468 19.50 16.60 20.69
N VAL B 469 19.38 15.77 19.66
CA VAL B 469 18.30 14.81 19.56
C VAL B 469 18.58 13.54 20.36
N THR B 470 19.74 12.92 20.12
CA THR B 470 20.05 11.60 20.68
C THR B 470 20.16 11.62 22.21
N ARG B 471 20.80 12.64 22.77
CA ARG B 471 20.96 12.73 24.22
C ARG B 471 19.65 13.10 24.94
N MET B 472 18.73 13.73 24.22
CA MET B 472 17.38 13.96 24.72
C MET B 472 16.66 12.64 24.87
N VAL B 473 16.66 11.84 23.81
CA VAL B 473 16.01 10.54 23.83
C VAL B 473 16.61 9.65 24.92
N GLN B 474 17.94 9.63 25.03
CA GLN B 474 18.63 8.82 26.04
C GLN B 474 18.25 9.21 27.47
N ARG B 475 17.94 10.49 27.68
CA ARG B 475 17.58 10.99 29.02
C ARG B 475 16.12 10.70 29.37
N ASP B 476 15.21 10.95 28.43
CA ASP B 476 13.77 11.07 28.73
C ASP B 476 12.88 9.91 28.30
N ARG B 477 13.49 8.86 27.73
CA ARG B 477 12.75 7.79 27.06
C ARG B 477 11.92 6.89 27.99
N ASN B 478 12.18 6.97 29.29
CA ASN B 478 11.44 6.16 30.26
C ASN B 478 10.25 6.89 30.88
N HIS B 479 10.06 8.16 30.55
CA HIS B 479 8.93 8.93 31.09
C HIS B 479 7.66 8.63 30.32
N PRO B 480 6.64 8.08 31.01
CA PRO B 480 5.37 7.79 30.34
C PRO B 480 4.68 9.05 29.82
N SER B 481 4.91 10.20 30.47
CA SER B 481 4.26 11.45 30.06
C SER B 481 4.70 11.92 28.67
N VAL B 482 5.94 11.59 28.29
CA VAL B 482 6.43 11.88 26.94
C VAL B 482 5.76 10.91 25.96
N ILE B 483 4.90 11.46 25.11
CA ILE B 483 4.17 10.65 24.13
C ILE B 483 4.64 10.87 22.68
N ILE B 484 5.29 12.01 22.44
CA ILE B 484 5.76 12.42 21.11
C ILE B 484 7.14 13.06 21.22
N TRP B 485 8.06 12.70 20.32
CA TRP B 485 9.34 13.40 20.18
C TRP B 485 9.23 14.50 19.13
N SER B 486 9.90 15.63 19.39
CA SER B 486 10.02 16.71 18.40
C SER B 486 11.48 17.00 18.07
N LEU B 487 11.74 17.22 16.79
CA LEU B 487 13.10 17.44 16.27
C LEU B 487 13.63 18.85 16.52
N GLY B 488 12.80 19.72 17.11
CA GLY B 488 13.16 21.10 17.34
C GLY B 488 12.10 22.02 16.80
N ASN B 489 12.52 23.24 16.46
CA ASN B 489 11.59 24.27 16.06
C ASN B 489 12.23 25.27 15.08
N GLU B 490 11.44 25.67 14.09
CA GLU B 490 11.82 26.74 13.16
C GLU B 490 13.27 26.67 12.72
N SER B 491 13.60 25.59 12.02
CA SER B 491 14.94 25.37 11.49
C SER B 491 14.84 24.90 10.05
N GLY B 492 13.77 25.33 9.36
CA GLY B 492 13.46 24.88 8.00
C GLY B 492 13.28 23.37 7.96
N HIS B 493 13.43 22.79 6.78
CA HIS B 493 13.58 21.35 6.66
C HIS B 493 14.86 21.06 5.90
N GLY B 494 15.74 20.29 6.52
CA GLY B 494 17.00 19.89 5.90
C GLY B 494 17.20 18.39 5.99
N ALA B 495 18.11 17.87 5.17
CA ALA B 495 18.43 16.44 5.19
C ALA B 495 18.79 15.94 6.58
N ASN B 496 19.33 16.82 7.42
CA ASN B 496 19.69 16.42 8.79
C ASN B 496 18.47 16.04 9.63
N HIS B 497 17.33 16.68 9.35
CA HIS B 497 16.07 16.32 10.00
C HIS B 497 15.62 14.91 9.61
N ASP B 498 15.72 14.58 8.32
CA ASP B 498 15.30 13.25 7.85
C ASP B 498 16.13 12.13 8.50
N ALA B 499 17.45 12.35 8.58
CA ALA B 499 18.35 11.39 9.23
C ALA B 499 17.99 11.17 10.70
N LEU B 500 17.74 12.27 11.43
CA LEU B 500 17.44 12.18 12.86
C LEU B 500 16.01 11.69 13.11
N TYR B 501 15.08 12.07 12.23
CA TYR B 501 13.73 11.50 12.25
C TYR B 501 13.86 9.97 12.27
N ARG B 502 14.64 9.45 11.33
CA ARG B 502 14.81 8.01 11.19
C ARG B 502 15.57 7.40 12.34
N TRP B 503 16.56 8.12 12.87
CA TRP B 503 17.28 7.64 14.06
C TRP B 503 16.32 7.35 15.22
N ILE B 504 15.42 8.29 15.51
CA ILE B 504 14.47 8.10 16.61
C ILE B 504 13.52 6.95 16.31
N LYS B 505 12.96 6.92 15.10
CA LYS B 505 12.04 5.86 14.70
C LYS B 505 12.66 4.49 14.87
N SER B 506 13.96 4.42 14.63
CA SER B 506 14.74 3.18 14.78
C SER B 506 14.99 2.80 16.25
N VAL B 507 15.38 3.77 17.09
CA VAL B 507 15.69 3.47 18.50
C VAL B 507 14.47 3.39 19.41
N ASP B 508 13.42 4.13 19.07
CA ASP B 508 12.23 4.15 19.89
C ASP B 508 10.96 4.13 19.04
N PRO B 509 10.49 2.92 18.67
CA PRO B 509 9.24 2.85 17.91
C PRO B 509 7.98 3.14 18.75
N SER B 510 8.16 3.37 20.05
CA SER B 510 7.01 3.56 20.95
C SER B 510 6.33 4.94 20.87
N ARG B 511 6.99 5.91 20.23
CA ARG B 511 6.47 7.28 20.17
C ARG B 511 6.54 7.87 18.77
N PRO B 512 5.48 8.58 18.34
CA PRO B 512 5.58 9.32 17.08
C PRO B 512 6.61 10.44 17.13
N VAL B 513 7.13 10.81 15.97
CA VAL B 513 8.07 11.92 15.86
C VAL B 513 7.40 12.99 15.03
N GLN B 514 7.45 14.23 15.52
CA GLN B 514 6.92 15.35 14.78
C GLN B 514 7.94 16.45 14.59
N TYR B 515 7.72 17.26 13.56
CA TYR B 515 8.54 18.43 13.28
C TYR B 515 7.82 19.33 12.27
N GLU B 516 7.70 20.61 12.62
CA GLU B 516 6.91 21.58 11.83
C GLU B 516 7.68 22.24 10.66
N GLY B 517 9.00 22.33 10.78
CA GLY B 517 9.79 23.07 9.78
C GLY B 517 9.64 22.64 8.33
N GLY B 518 9.81 23.59 7.43
CA GLY B 518 9.74 23.35 6.00
C GLY B 518 8.35 23.03 5.47
N GLY B 519 7.31 23.47 6.17
CA GLY B 519 5.94 23.36 5.64
C GLY B 519 4.99 22.48 6.43
N ALA B 520 5.45 21.96 7.58
CA ALA B 520 4.60 21.26 8.56
C ALA B 520 4.15 19.83 8.18
N ASP B 521 4.39 19.42 6.95
CA ASP B 521 3.95 18.09 6.50
C ASP B 521 5.03 17.33 5.72
N THR B 522 6.29 17.60 6.07
CA THR B 522 7.44 17.02 5.38
C THR B 522 7.62 15.53 5.71
N THR B 523 8.64 14.93 5.10
CA THR B 523 9.02 13.54 5.34
C THR B 523 9.61 13.33 6.74
N ALA B 524 9.84 14.42 7.48
CA ALA B 524 10.41 14.31 8.82
C ALA B 524 9.38 14.42 9.94
N THR B 525 8.10 14.27 9.60
CA THR B 525 7.03 14.34 10.62
C THR B 525 5.92 13.29 10.44
N ASP B 526 5.52 12.66 11.55
CA ASP B 526 4.42 11.69 11.56
C ASP B 526 3.09 12.42 11.71
N ILE B 527 3.16 13.67 12.13
CA ILE B 527 1.96 14.46 12.41
C ILE B 527 2.04 15.77 11.62
N ILE B 528 0.97 16.11 10.92
CA ILE B 528 0.87 17.43 10.29
C ILE B 528 0.74 18.42 11.44
N CYS B 529 1.76 19.24 11.63
CA CYS B 529 1.84 20.02 12.86
C CYS B 529 2.12 21.50 12.60
N PRO B 530 1.24 22.18 11.86
CA PRO B 530 1.53 23.56 11.50
C PRO B 530 1.42 24.51 12.69
N MET B 531 1.99 25.71 12.54
CA MET B 531 1.77 26.78 13.49
C MET B 531 0.88 27.82 12.83
N TYR B 532 -0.26 28.11 13.46
CA TYR B 532 -1.15 29.21 13.05
C TYR B 532 -1.81 29.02 11.67
N ALA B 533 -1.95 27.76 11.25
CA ALA B 533 -2.87 27.47 10.16
C ALA B 533 -4.26 27.76 10.69
N ARG B 534 -5.05 28.49 9.91
CA ARG B 534 -6.39 28.87 10.33
C ARG B 534 -7.41 27.75 10.05
N VAL B 535 -8.60 27.88 10.62
CA VAL B 535 -9.64 26.85 10.48
C VAL B 535 -10.15 26.72 9.03
N ASP B 536 -10.65 27.82 8.48
CA ASP B 536 -11.28 27.83 7.17
C ASP B 536 -10.47 28.56 6.10
N GLU B 537 -9.61 29.47 6.53
CA GLU B 537 -8.92 30.38 5.62
C GLU B 537 -7.53 29.86 5.27
N ASP B 538 -7.23 29.74 3.97
CA ASP B 538 -5.91 29.36 3.49
C ASP B 538 -4.95 30.54 3.58
N GLN B 539 -3.68 30.24 3.84
CA GLN B 539 -2.62 31.24 3.67
C GLN B 539 -1.56 30.65 2.75
N PRO B 540 -1.71 30.89 1.43
CA PRO B 540 -0.91 30.18 0.45
C PRO B 540 0.49 30.77 0.22
N PHE B 541 1.29 30.86 1.28
CA PHE B 541 2.69 31.26 1.16
C PHE B 541 3.44 30.38 0.16
N PRO B 542 4.34 30.96 -0.64
CA PRO B 542 5.18 30.14 -1.52
C PRO B 542 6.04 29.18 -0.71
N ALA B 543 6.16 27.96 -1.21
CA ALA B 543 6.99 26.90 -0.61
C ALA B 543 6.44 26.30 0.68
N VAL B 544 6.00 27.15 1.61
CA VAL B 544 5.54 26.72 2.93
C VAL B 544 4.12 27.23 3.25
N PRO B 545 3.13 26.86 2.43
CA PRO B 545 1.78 27.36 2.69
C PRO B 545 1.18 26.89 4.02
N LYS B 546 0.29 27.69 4.59
CA LYS B 546 -0.53 27.29 5.72
C LYS B 546 -1.96 27.07 5.23
N TRP B 547 -2.28 25.84 4.88
CA TRP B 547 -3.64 25.53 4.44
C TRP B 547 -4.60 25.61 5.62
N SER B 548 -5.84 25.97 5.33
CA SER B 548 -6.96 25.67 6.23
C SER B 548 -6.73 24.26 6.78
N ILE B 549 -6.82 24.11 8.10
CA ILE B 549 -6.60 22.79 8.71
C ILE B 549 -7.57 21.72 8.18
N LYS B 550 -8.82 22.11 7.93
CA LYS B 550 -9.82 21.17 7.37
C LYS B 550 -9.41 20.72 5.96
N LYS B 551 -8.94 21.66 5.15
CA LYS B 551 -8.47 21.39 3.80
C LYS B 551 -7.18 20.56 3.76
N TRP B 552 -6.27 20.89 4.66
CA TRP B 552 -4.95 20.25 4.73
C TRP B 552 -5.05 18.73 4.83
N LEU B 553 -5.96 18.27 5.68
CA LEU B 553 -6.19 16.84 5.92
C LEU B 553 -6.49 16.02 4.66
N SER B 554 -7.26 16.61 3.75
CA SER B 554 -7.73 15.90 2.56
C SER B 554 -6.96 16.24 1.27
N LEU B 555 -5.84 16.94 1.38
CA LEU B 555 -4.96 17.14 0.22
C LEU B 555 -4.64 15.76 -0.39
N PRO B 556 -4.63 15.67 -1.74
CA PRO B 556 -4.42 14.39 -2.43
C PRO B 556 -3.26 13.59 -1.87
N GLY B 557 -3.56 12.37 -1.41
CA GLY B 557 -2.54 11.49 -0.85
C GLY B 557 -2.27 11.63 0.64
N GLU B 558 -2.75 12.71 1.26
CA GLU B 558 -2.49 12.95 2.68
C GLU B 558 -3.37 12.06 3.58
N THR B 559 -2.75 11.44 4.60
CA THR B 559 -3.42 10.48 5.47
C THR B 559 -3.19 10.75 6.96
N ARG B 560 -2.24 11.63 7.28
CA ARG B 560 -1.77 11.80 8.67
C ARG B 560 -2.75 12.59 9.55
N PRO B 561 -2.64 12.44 10.89
CA PRO B 561 -3.38 13.32 11.79
C PRO B 561 -2.79 14.74 11.79
N LEU B 562 -3.62 15.72 12.16
CA LEU B 562 -3.16 17.10 12.26
C LEU B 562 -3.33 17.62 13.69
N ILE B 563 -2.21 17.99 14.29
CA ILE B 563 -2.20 18.62 15.60
C ILE B 563 -1.28 19.84 15.51
N LEU B 564 -1.86 21.03 15.66
CA LEU B 564 -1.10 22.29 15.53
C LEU B 564 -0.06 22.42 16.64
N CYS B 565 1.20 22.66 16.28
CA CYS B 565 2.25 22.79 17.31
C CYS B 565 2.13 24.14 18.01
N GLU B 566 1.53 25.11 17.32
CA GLU B 566 1.22 26.42 17.87
C GLU B 566 -0.02 26.97 17.20
N TYR B 567 -0.94 27.51 18.00
CA TYR B 567 -2.13 28.15 17.46
C TYR B 567 -2.71 29.08 18.49
N ALA B 568 -3.63 29.95 18.05
CA ALA B 568 -4.33 30.88 18.93
C ALA B 568 -3.31 31.70 19.73
N HIS B 569 -2.62 32.58 19.03
CA HIS B 569 -1.52 33.35 19.58
C HIS B 569 -2.05 34.31 20.65
N ALA B 570 -1.73 34.03 21.90
CA ALA B 570 -2.40 34.66 23.04
C ALA B 570 -1.78 35.99 23.48
N MET B 571 -1.36 36.79 22.51
CA MET B 571 -0.64 38.04 22.77
C MET B 571 -1.57 39.18 23.19
N GLY B 572 -1.50 39.54 24.47
CA GLY B 572 -2.30 40.64 24.99
C GLY B 572 -3.77 40.30 24.89
N ASN B 573 -4.55 41.26 24.41
CA ASN B 573 -5.97 41.08 24.26
C ASN B 573 -6.27 40.17 23.06
N SER B 574 -6.29 38.86 23.31
CA SER B 574 -6.30 37.89 22.21
C SER B 574 -7.21 36.69 22.47
N LEU B 575 -7.03 35.65 21.65
CA LEU B 575 -7.88 34.42 21.60
C LEU B 575 -9.22 34.63 20.93
N GLY B 576 -9.32 35.66 20.09
CA GLY B 576 -10.48 35.81 19.22
C GLY B 576 -10.53 34.61 18.30
N GLY B 577 -11.69 33.98 18.19
CA GLY B 577 -11.88 32.84 17.29
C GLY B 577 -11.40 31.50 17.81
N PHE B 578 -11.11 31.43 19.11
CA PHE B 578 -10.68 30.18 19.74
C PHE B 578 -11.74 29.08 19.61
N ALA B 579 -13.02 29.47 19.71
CA ALA B 579 -14.14 28.53 19.58
C ALA B 579 -14.24 27.90 18.19
N LYS B 580 -13.81 28.63 17.17
CA LYS B 580 -13.81 28.10 15.80
C LYS B 580 -12.89 26.87 15.66
N TYR B 581 -11.73 26.93 16.30
CA TYR B 581 -10.80 25.80 16.33
C TYR B 581 -11.44 24.59 17.00
N TRP B 582 -12.04 24.81 18.16
CA TRP B 582 -12.61 23.72 18.94
C TRP B 582 -13.84 23.07 18.31
N GLN B 583 -14.65 23.87 17.62
CA GLN B 583 -15.75 23.31 16.83
C GLN B 583 -15.19 22.35 15.76
N ALA B 584 -14.13 22.78 15.07
CA ALA B 584 -13.50 21.98 14.02
C ALA B 584 -12.82 20.73 14.56
N PHE B 585 -12.08 20.86 15.67
CA PHE B 585 -11.46 19.72 16.33
C PHE B 585 -12.53 18.66 16.65
N ARG B 586 -13.67 19.09 17.16
CA ARG B 586 -14.70 18.13 17.57
C ARG B 586 -15.37 17.46 16.36
N GLN B 587 -15.54 18.22 15.27
CA GLN B 587 -16.23 17.73 14.08
C GLN B 587 -15.38 16.77 13.22
N TYR B 588 -14.07 17.00 13.18
CA TYR B 588 -13.17 16.25 12.29
C TYR B 588 -12.30 15.27 13.05
N PRO B 589 -12.50 13.96 12.83
CA PRO B 589 -11.70 12.96 13.55
C PRO B 589 -10.18 13.20 13.49
N ARG B 590 -9.63 13.51 12.32
CA ARG B 590 -8.17 13.67 12.18
C ARG B 590 -7.62 15.04 12.63
N LEU B 591 -8.50 15.98 12.96
CA LEU B 591 -8.07 17.19 13.66
C LEU B 591 -8.03 16.90 15.16
N GLN B 592 -6.83 16.63 15.67
CA GLN B 592 -6.73 16.14 17.05
C GLN B 592 -6.22 17.17 18.06
N GLY B 593 -6.45 18.44 17.76
CA GLY B 593 -6.20 19.51 18.71
C GLY B 593 -4.96 20.32 18.38
N GLY B 594 -4.34 20.87 19.43
CA GLY B 594 -3.17 21.70 19.25
C GLY B 594 -2.62 22.24 20.54
N PHE B 595 -1.49 22.95 20.42
CA PHE B 595 -0.84 23.58 21.57
C PHE B 595 -0.93 25.09 21.40
N VAL B 596 -1.66 25.73 22.30
CA VAL B 596 -1.77 27.20 22.30
C VAL B 596 -0.37 27.83 22.49
N TRP B 597 -0.12 28.95 21.81
CA TRP B 597 1.06 29.76 22.08
C TRP B 597 0.66 31.07 22.77
N ASP B 598 0.99 31.23 24.05
CA ASP B 598 1.57 30.17 24.89
C ASP B 598 1.14 30.33 26.35
N TRP B 599 1.79 29.64 27.27
CA TRP B 599 1.33 29.62 28.65
C TRP B 599 1.53 30.95 29.40
N VAL B 600 2.78 31.41 29.46
CA VAL B 600 3.11 32.53 30.35
C VAL B 600 3.90 33.65 29.66
N ASP B 601 3.44 34.89 29.84
CA ASP B 601 4.15 36.10 29.41
C ASP B 601 5.62 36.03 29.84
N GLN B 602 6.55 36.30 28.92
CA GLN B 602 7.97 36.42 29.27
C GLN B 602 8.33 37.84 29.73
N SER B 603 7.57 38.41 30.65
CA SER B 603 7.95 39.71 31.22
C SER B 603 8.95 39.48 32.35
N LEU B 604 9.80 40.48 32.57
CA LEU B 604 10.77 40.45 33.67
C LEU B 604 10.51 41.59 34.65
N ILE B 605 10.84 41.37 35.92
CA ILE B 605 10.61 42.41 36.93
C ILE B 605 11.78 43.38 37.03
N LYS B 606 11.49 44.66 36.87
CA LYS B 606 12.43 45.73 37.18
C LYS B 606 11.87 46.57 38.32
N TYR B 607 12.70 47.38 38.95
CA TYR B 607 12.28 48.22 40.07
C TYR B 607 12.53 49.68 39.75
N ASP B 608 11.57 50.53 40.10
CA ASP B 608 11.76 51.96 39.94
C ASP B 608 12.58 52.55 41.09
N GLU B 609 12.77 53.87 41.08
CA GLU B 609 13.58 54.56 42.10
C GLU B 609 13.07 54.37 43.54
N ASN B 610 11.77 54.11 43.67
CA ASN B 610 11.14 53.87 44.98
C ASN B 610 11.09 52.39 45.36
N GLY B 611 11.71 51.54 44.54
CA GLY B 611 11.73 50.09 44.78
C GLY B 611 10.45 49.38 44.39
N ASN B 612 9.54 50.07 43.69
CA ASN B 612 8.31 49.48 43.21
C ASN B 612 8.53 48.61 41.96
N PRO B 613 8.06 47.35 42.00
CA PRO B 613 8.28 46.45 40.87
C PRO B 613 7.42 46.83 39.66
N TRP B 614 7.96 46.60 38.47
CA TRP B 614 7.18 46.70 37.23
C TRP B 614 7.59 45.65 36.21
N SER B 615 6.62 45.29 35.37
CA SER B 615 6.81 44.27 34.34
C SER B 615 7.48 44.88 33.11
N ALA B 616 8.58 44.27 32.70
CA ALA B 616 9.41 44.78 31.60
C ALA B 616 9.48 43.79 30.44
N TYR B 617 9.61 44.34 29.23
CA TYR B 617 9.80 43.50 28.05
C TYR B 617 11.04 43.88 27.23
N GLY B 618 11.06 43.48 25.94
CA GLY B 618 12.21 43.74 25.07
C GLY B 618 12.59 45.20 24.99
N GLY B 619 13.87 45.50 25.16
CA GLY B 619 14.36 46.86 25.07
C GLY B 619 14.45 47.58 26.40
N ASP B 620 13.79 47.04 27.42
CA ASP B 620 13.77 47.68 28.73
C ASP B 620 15.07 47.49 29.53
N PHE B 621 16.01 46.73 28.99
CA PHE B 621 17.29 46.51 29.66
C PHE B 621 18.46 47.14 28.90
N GLY B 622 18.16 48.06 27.99
CA GLY B 622 19.15 48.65 27.10
C GLY B 622 19.55 47.70 25.98
N ASP B 623 18.92 46.52 25.95
CA ASP B 623 19.13 45.52 24.90
C ASP B 623 18.63 46.02 23.55
N THR B 624 19.50 45.92 22.55
CA THR B 624 19.22 46.46 21.21
C THR B 624 20.15 45.81 20.17
N PRO B 625 19.60 45.44 18.99
CA PRO B 625 18.17 45.48 18.68
C PRO B 625 17.33 44.53 19.54
N ASN B 626 16.03 44.79 19.61
CA ASN B 626 15.13 43.97 20.39
C ASN B 626 13.77 43.90 19.70
N ASP B 627 12.91 43.00 20.16
CA ASP B 627 11.58 42.89 19.57
C ASP B 627 10.41 43.25 20.51
N ARG B 628 10.72 44.08 21.51
CA ARG B 628 9.71 44.75 22.33
C ARG B 628 8.77 43.77 23.06
N GLN B 629 7.46 43.95 22.92
CA GLN B 629 6.48 43.16 23.68
C GLN B 629 6.21 41.76 23.10
N PHE B 630 6.91 41.40 22.02
CA PHE B 630 6.61 40.13 21.33
C PHE B 630 7.02 38.88 22.14
N CYS B 631 7.66 39.09 23.28
CA CYS B 631 7.96 38.01 24.22
C CYS B 631 6.78 37.73 25.18
N MET B 632 5.76 38.59 25.15
CA MET B 632 4.59 38.40 26.02
C MET B 632 3.41 37.91 25.19
N ASN B 633 3.22 36.59 25.17
CA ASN B 633 2.16 35.98 24.36
C ASN B 633 1.31 35.02 25.19
N GLY B 634 1.37 35.17 26.51
CA GLY B 634 0.84 34.17 27.44
C GLY B 634 -0.64 34.26 27.80
N LEU B 635 -1.20 33.11 28.19
CA LEU B 635 -2.55 33.04 28.75
C LEU B 635 -2.57 33.53 30.21
N VAL B 636 -1.39 33.55 30.83
CA VAL B 636 -1.23 34.08 32.19
C VAL B 636 -0.09 35.10 32.22
N PHE B 637 -0.21 36.10 33.11
CA PHE B 637 0.89 37.03 33.42
C PHE B 637 2.06 36.25 34.00
N ALA B 638 3.23 36.88 34.06
CA ALA B 638 4.45 36.23 34.54
C ALA B 638 4.37 35.68 35.98
N ASP B 639 3.56 36.35 36.81
CA ASP B 639 3.31 35.87 38.19
C ASP B 639 2.19 34.82 38.27
N ARG B 640 1.71 34.39 37.10
CA ARG B 640 0.68 33.34 36.97
C ARG B 640 -0.75 33.78 37.25
N THR B 641 -0.98 35.08 37.36
CA THR B 641 -2.32 35.65 37.32
C THR B 641 -2.90 35.42 35.92
N PRO B 642 -4.13 34.87 35.84
CA PRO B 642 -4.76 34.64 34.55
C PRO B 642 -5.03 35.92 33.75
N HIS B 643 -4.80 35.84 32.44
CA HIS B 643 -5.36 36.81 31.50
C HIS B 643 -6.81 36.39 31.32
N PRO B 644 -7.67 37.31 30.82
CA PRO B 644 -9.07 36.92 30.57
C PRO B 644 -9.20 35.80 29.53
N ALA B 645 -8.23 35.66 28.64
CA ALA B 645 -8.29 34.62 27.61
C ALA B 645 -8.30 33.19 28.18
N LEU B 646 -7.71 32.99 29.38
CA LEU B 646 -7.66 31.67 30.00
C LEU B 646 -9.02 31.02 30.23
N THR B 647 -10.02 31.82 30.61
CA THR B 647 -11.36 31.26 30.82
C THR B 647 -12.01 30.81 29.51
N GLU B 648 -11.72 31.51 28.41
CA GLU B 648 -12.21 31.09 27.09
C GLU B 648 -11.61 29.73 26.72
N ALA B 649 -10.33 29.54 27.06
CA ALA B 649 -9.62 28.29 26.80
C ALA B 649 -10.21 27.15 27.62
N LYS B 650 -10.45 27.41 28.90
CA LYS B 650 -11.07 26.44 29.81
C LYS B 650 -12.44 25.98 29.31
N HIS B 651 -13.28 26.94 28.94
CA HIS B 651 -14.63 26.65 28.46
C HIS B 651 -14.63 25.83 27.17
N GLN B 652 -13.78 26.22 26.20
CA GLN B 652 -13.73 25.52 24.93
C GLN B 652 -13.10 24.12 25.03
N GLN B 653 -12.22 23.95 26.02
CA GLN B 653 -11.55 22.68 26.26
C GLN B 653 -12.28 21.79 27.28
N GLN B 654 -13.53 22.15 27.62
CA GLN B 654 -14.38 21.34 28.51
C GLN B 654 -14.48 19.88 28.08
N PHE B 655 -14.56 19.00 29.07
CA PHE B 655 -14.64 17.57 28.82
C PHE B 655 -16.07 17.01 28.77
N PHE B 656 -17.05 17.87 29.02
CA PHE B 656 -18.46 17.48 28.86
C PHE B 656 -19.14 18.41 27.87
N GLN B 657 -19.87 17.83 26.93
CA GLN B 657 -20.64 18.58 25.96
C GLN B 657 -22.13 18.51 26.31
N PHE B 658 -22.86 19.58 26.03
CA PHE B 658 -24.26 19.69 26.43
C PHE B 658 -25.19 20.00 25.27
N ARG B 659 -26.32 19.31 25.21
CA ARG B 659 -27.41 19.70 24.33
C ARG B 659 -28.70 19.79 25.13
N LEU B 660 -29.54 20.75 24.76
CA LEU B 660 -30.84 20.92 25.40
C LEU B 660 -31.94 20.65 24.39
N SER B 661 -32.90 19.81 24.78
CA SER B 661 -34.06 19.57 23.93
C SER B 661 -35.31 19.55 24.80
N GLY B 662 -36.14 20.58 24.64
CA GLY B 662 -37.30 20.77 25.52
C GLY B 662 -36.83 21.11 26.92
N GLN B 663 -37.05 20.17 27.84
CA GLN B 663 -36.56 20.27 29.21
C GLN B 663 -35.52 19.21 29.54
N THR B 664 -34.99 18.56 28.50
CA THR B 664 -34.00 17.50 28.67
C THR B 664 -32.60 18.00 28.32
N ILE B 665 -31.69 17.90 29.28
CA ILE B 665 -30.27 18.16 29.06
C ILE B 665 -29.58 16.84 28.72
N GLU B 666 -28.89 16.83 27.58
CA GLU B 666 -28.06 15.71 27.20
C GLU B 666 -26.60 16.03 27.51
N VAL B 667 -25.98 15.22 28.36
CA VAL B 667 -24.59 15.39 28.72
C VAL B 667 -23.78 14.32 28.00
N THR B 668 -22.77 14.74 27.25
CA THR B 668 -21.84 13.80 26.62
C THR B 668 -20.43 13.94 27.19
N SER B 669 -19.84 12.82 27.59
CA SER B 669 -18.48 12.79 28.08
C SER B 669 -17.48 12.70 26.93
N GLU B 670 -16.46 13.55 26.98
CA GLU B 670 -15.34 13.44 26.04
C GLU B 670 -14.13 12.76 26.68
N TYR B 671 -14.30 12.26 27.90
CA TYR B 671 -13.27 11.41 28.51
C TYR B 671 -13.17 10.12 27.75
N LEU B 672 -11.96 9.58 27.67
CA LEU B 672 -11.71 8.36 26.93
C LEU B 672 -11.65 7.15 27.85
N PHE B 673 -11.31 7.38 29.11
CA PHE B 673 -10.99 6.29 30.04
C PHE B 673 -11.77 6.33 31.36
N ARG B 674 -12.00 7.52 31.89
CA ARG B 674 -12.67 7.63 33.19
C ARG B 674 -14.17 7.87 33.07
N HIS B 675 -14.91 7.30 34.02
CA HIS B 675 -16.30 7.65 34.29
C HIS B 675 -16.31 8.95 35.07
N SER B 676 -17.45 9.65 35.06
CA SER B 676 -17.59 10.90 35.78
C SER B 676 -17.84 10.64 37.27
N ASP B 677 -16.83 10.07 37.94
CA ASP B 677 -16.97 9.65 39.34
C ASP B 677 -16.62 10.75 40.36
N ASN B 678 -16.55 11.99 39.91
CA ASN B 678 -16.29 13.13 40.78
C ASN B 678 -16.96 14.35 40.16
N GLU B 679 -18.23 14.20 39.84
CA GLU B 679 -18.98 15.19 39.08
C GLU B 679 -20.46 15.21 39.46
N LEU B 680 -20.95 16.42 39.74
CA LEU B 680 -22.39 16.63 39.79
C LEU B 680 -22.75 17.85 38.95
N LEU B 681 -23.95 17.83 38.39
CA LEU B 681 -24.42 18.92 37.55
C LEU B 681 -25.35 19.82 38.34
N HIS B 682 -24.97 21.09 38.45
CA HIS B 682 -25.81 22.13 39.02
C HIS B 682 -26.50 22.85 37.88
N TRP B 683 -27.79 23.10 38.05
CA TRP B 683 -28.54 23.87 37.07
C TRP B 683 -29.27 25.00 37.77
N MET B 684 -29.53 26.06 37.01
CA MET B 684 -30.13 27.28 37.54
C MET B 684 -30.90 27.96 36.43
N VAL B 685 -32.16 28.30 36.72
CA VAL B 685 -32.97 29.11 35.81
C VAL B 685 -33.17 30.48 36.44
N ALA B 686 -32.94 31.52 35.64
CA ALA B 686 -33.05 32.90 36.12
C ALA B 686 -33.76 33.78 35.10
N LEU B 687 -34.52 34.74 35.61
CA LEU B 687 -35.19 35.73 34.77
C LEU B 687 -34.44 37.03 34.92
N ASP B 688 -33.79 37.46 33.84
CA ASP B 688 -32.92 38.64 33.85
C ASP B 688 -32.10 38.76 35.14
N GLY B 689 -31.37 37.70 35.48
CA GLY B 689 -30.50 37.71 36.67
C GLY B 689 -31.15 37.30 37.98
N LYS B 690 -32.48 37.33 38.05
CA LYS B 690 -33.22 36.93 39.24
C LYS B 690 -33.47 35.43 39.23
N PRO B 691 -32.83 34.69 40.16
CA PRO B 691 -32.98 33.23 40.21
C PRO B 691 -34.42 32.81 40.52
N LEU B 692 -34.92 31.84 39.76
CA LEU B 692 -36.30 31.36 39.89
C LEU B 692 -36.39 29.91 40.34
N ALA B 693 -35.40 29.11 39.94
CA ALA B 693 -35.35 27.68 40.26
C ALA B 693 -33.94 27.16 40.08
N SER B 694 -33.54 26.23 40.94
CA SER B 694 -32.25 25.56 40.81
C SER B 694 -32.26 24.17 41.45
N GLY B 695 -31.26 23.36 41.09
CA GLY B 695 -31.14 22.01 41.63
C GLY B 695 -29.83 21.38 41.22
N GLU B 696 -29.68 20.11 41.58
CA GLU B 696 -28.46 19.39 41.29
C GLU B 696 -28.74 17.90 41.06
N VAL B 697 -28.03 17.32 40.10
CA VAL B 697 -28.16 15.91 39.76
C VAL B 697 -26.74 15.35 39.65
N PRO B 698 -26.49 14.17 40.25
CA PRO B 698 -25.16 13.58 40.10
C PRO B 698 -24.92 13.15 38.66
N LEU B 699 -23.70 13.31 38.17
CA LEU B 699 -23.35 12.85 36.84
C LEU B 699 -22.80 11.44 36.90
N ASP B 700 -23.32 10.59 36.01
CA ASP B 700 -22.89 9.21 35.92
C ASP B 700 -22.75 8.87 34.44
N VAL B 701 -21.67 9.36 33.85
CA VAL B 701 -21.44 9.19 32.42
C VAL B 701 -20.17 8.38 32.19
N ALA B 702 -20.31 7.29 31.43
CA ALA B 702 -19.17 6.50 30.96
C ALA B 702 -18.33 7.34 29.98
N PRO B 703 -17.04 6.99 29.81
CA PRO B 703 -16.27 7.69 28.78
C PRO B 703 -16.93 7.56 27.41
N GLN B 704 -17.10 8.68 26.71
CA GLN B 704 -17.74 8.68 25.39
C GLN B 704 -19.25 8.45 25.46
N GLY B 705 -19.78 8.35 26.67
CA GLY B 705 -21.18 8.03 26.89
C GLY B 705 -22.02 9.28 27.01
N LYS B 706 -23.33 9.07 27.15
CA LYS B 706 -24.28 10.15 27.26
C LYS B 706 -25.19 9.96 28.48
N GLN B 707 -25.69 11.06 29.01
CA GLN B 707 -26.66 11.02 30.10
C GLN B 707 -27.77 12.01 29.82
N LEU B 708 -29.00 11.58 30.07
CA LEU B 708 -30.17 12.44 29.88
C LEU B 708 -30.66 12.95 31.22
N ILE B 709 -30.79 14.26 31.34
CA ILE B 709 -31.30 14.85 32.56
C ILE B 709 -32.57 15.63 32.28
N GLU B 710 -33.68 15.11 32.79
CA GLU B 710 -34.97 15.76 32.68
C GLU B 710 -35.12 16.75 33.83
N LEU B 711 -35.20 18.03 33.50
CA LEU B 711 -35.45 19.07 34.49
C LEU B 711 -36.89 18.99 34.98
N PRO B 712 -37.13 19.32 36.26
CA PRO B 712 -38.51 19.40 36.75
C PRO B 712 -39.30 20.51 36.07
N GLU B 713 -40.63 20.42 36.15
CA GLU B 713 -41.51 21.45 35.60
C GLU B 713 -41.19 22.79 36.25
N LEU B 714 -40.87 23.77 35.42
CA LEU B 714 -40.44 25.09 35.91
C LEU B 714 -41.62 26.04 36.09
N PRO B 715 -41.64 26.78 37.22
CA PRO B 715 -42.70 27.76 37.46
C PRO B 715 -42.68 28.87 36.42
N GLN B 716 -43.85 29.20 35.87
CA GLN B 716 -43.96 30.29 34.90
C GLN B 716 -43.84 31.63 35.61
N PRO B 717 -43.10 32.58 35.00
CA PRO B 717 -42.90 33.88 35.64
C PRO B 717 -44.02 34.87 35.34
N GLU B 718 -44.39 35.67 36.35
CA GLU B 718 -45.35 36.76 36.16
C GLU B 718 -44.62 38.09 36.00
N SER B 719 -43.65 38.08 35.09
CA SER B 719 -42.89 39.27 34.70
C SER B 719 -42.41 39.08 33.27
N ALA B 720 -42.29 40.18 32.55
CA ALA B 720 -41.70 40.15 31.21
C ALA B 720 -40.21 39.86 31.34
N GLY B 721 -39.61 39.36 30.27
CA GLY B 721 -38.16 39.13 30.25
C GLY B 721 -37.75 37.79 29.69
N GLN B 722 -36.43 37.59 29.62
CA GLN B 722 -35.83 36.38 29.09
C GLN B 722 -35.42 35.42 30.21
N LEU B 723 -35.92 34.19 30.15
CA LEU B 723 -35.44 33.13 31.04
C LEU B 723 -34.14 32.52 30.50
N TRP B 724 -33.18 32.30 31.40
CA TRP B 724 -31.88 31.75 31.03
C TRP B 724 -31.59 30.52 31.87
N LEU B 725 -31.21 29.43 31.21
CA LEU B 725 -30.75 28.23 31.89
C LEU B 725 -29.22 28.22 31.90
N THR B 726 -28.63 27.98 33.08
CA THR B 726 -27.19 27.81 33.23
C THR B 726 -26.95 26.48 33.89
N VAL B 727 -26.05 25.69 33.31
CA VAL B 727 -25.60 24.46 33.96
C VAL B 727 -24.10 24.56 34.23
N ARG B 728 -23.65 23.89 35.28
CA ARG B 728 -22.22 23.79 35.57
C ARG B 728 -21.89 22.45 36.18
N VAL B 729 -20.71 21.94 35.84
CA VAL B 729 -20.23 20.70 36.42
C VAL B 729 -19.32 21.04 37.59
N VAL B 730 -19.63 20.47 38.75
CA VAL B 730 -18.87 20.71 39.97
C VAL B 730 -18.23 19.43 40.43
N GLN B 731 -16.97 19.50 40.84
CA GLN B 731 -16.27 18.35 41.42
C GLN B 731 -16.39 18.44 42.94
N PRO B 732 -17.21 17.56 43.57
CA PRO B 732 -17.45 17.65 45.02
C PRO B 732 -16.21 17.36 45.84
N ASN B 733 -15.37 16.45 45.37
CA ASN B 733 -14.18 16.03 46.11
C ASN B 733 -12.90 16.68 45.58
N ALA B 734 -11.97 16.96 46.50
CA ALA B 734 -10.64 17.43 46.15
C ALA B 734 -9.88 16.34 45.39
N THR B 735 -9.05 16.76 44.46
CA THR B 735 -8.14 15.86 43.75
C THR B 735 -6.71 16.30 44.01
N ALA B 736 -5.73 15.63 43.41
CA ALA B 736 -4.34 16.09 43.48
C ALA B 736 -4.11 17.46 42.84
N TRP B 737 -5.01 17.86 41.93
CA TRP B 737 -4.82 19.07 41.11
C TRP B 737 -5.91 20.13 41.33
N SER B 738 -6.91 19.81 42.14
CA SER B 738 -8.03 20.72 42.38
C SER B 738 -8.64 20.58 43.77
N GLU B 739 -9.24 21.67 44.24
CA GLU B 739 -9.93 21.68 45.53
C GLU B 739 -11.40 21.29 45.37
N ALA B 740 -12.01 20.83 46.46
CA ALA B 740 -13.44 20.53 46.50
C ALA B 740 -14.24 21.73 45.99
N GLY B 741 -15.21 21.47 45.13
CA GLY B 741 -16.06 22.53 44.58
C GLY B 741 -15.59 23.11 43.25
N HIS B 742 -14.45 22.63 42.74
CA HIS B 742 -13.92 23.03 41.43
C HIS B 742 -14.97 22.89 40.32
N ILE B 743 -15.17 23.98 39.56
CA ILE B 743 -16.06 24.01 38.41
C ILE B 743 -15.26 23.67 37.15
N SER B 744 -15.63 22.58 36.47
CA SER B 744 -14.89 22.10 35.30
C SER B 744 -15.53 22.42 33.96
N ALA B 745 -16.82 22.74 33.98
CA ALA B 745 -17.58 22.96 32.76
C ALA B 745 -18.84 23.74 33.03
N TRP B 746 -19.28 24.50 32.03
CA TRP B 746 -20.56 25.21 32.09
C TRP B 746 -21.14 25.46 30.70
N GLN B 747 -22.43 25.83 30.66
CA GLN B 747 -23.12 26.11 29.42
C GLN B 747 -24.44 26.83 29.72
N GLN B 748 -24.84 27.73 28.83
CA GLN B 748 -26.08 28.49 28.97
C GLN B 748 -26.98 28.33 27.76
N TRP B 749 -28.29 28.47 27.99
CA TRP B 749 -29.28 28.56 26.91
C TRP B 749 -30.35 29.58 27.25
N ARG B 750 -30.89 30.24 26.24
CA ARG B 750 -32.13 30.98 26.39
C ARG B 750 -33.30 29.99 26.44
N LEU B 751 -34.18 30.18 27.41
CA LEU B 751 -35.44 29.43 27.45
C LEU B 751 -36.54 30.35 26.97
N ALA B 752 -37.71 30.29 27.60
CA ALA B 752 -38.83 31.13 27.17
C ALA B 752 -38.51 32.61 27.35
N GLU B 753 -38.98 33.41 26.40
CA GLU B 753 -38.97 34.87 26.53
C GLU B 753 -40.39 35.39 26.49
N ASN B 754 -40.72 36.27 27.44
CA ASN B 754 -41.98 36.99 27.41
C ASN B 754 -41.72 38.47 27.20
N LEU B 755 -42.09 38.95 26.01
CA LEU B 755 -41.86 40.34 25.64
C LEU B 755 -42.81 41.28 26.40
N SER B 756 -42.31 42.46 26.74
CA SER B 756 -43.09 43.43 27.50
C SER B 756 -44.05 44.19 26.58
N VAL B 757 -45.34 44.06 26.84
CA VAL B 757 -46.37 44.77 26.06
C VAL B 757 -47.04 45.89 26.88
N THR B 758 -46.79 45.91 28.17
CA THR B 758 -47.39 46.91 29.05
C THR B 758 -46.67 48.24 28.88
N LEU B 759 -47.45 49.30 28.63
CA LEU B 759 -46.88 50.65 28.52
C LEU B 759 -46.61 51.25 29.88
N PRO B 760 -45.46 51.92 30.04
CA PRO B 760 -45.17 52.65 31.29
C PRO B 760 -46.18 53.78 31.50
N ALA B 761 -46.54 54.04 32.75
CA ALA B 761 -47.56 55.04 33.09
C ALA B 761 -47.19 56.44 32.63
N ALA B 762 -48.15 57.13 32.02
CA ALA B 762 -47.97 58.52 31.55
C ALA B 762 -47.40 59.37 32.69
N SER B 763 -46.27 60.02 32.41
CA SER B 763 -45.53 60.75 33.44
C SER B 763 -46.21 62.05 33.81
N HIS B 764 -46.11 62.42 35.09
CA HIS B 764 -46.72 63.65 35.61
C HIS B 764 -45.95 64.88 35.17
N ALA B 765 -44.63 64.82 35.32
CA ALA B 765 -43.75 65.94 34.98
C ALA B 765 -43.55 66.08 33.46
N ILE B 766 -43.32 67.29 33.01
CA ILE B 766 -42.98 67.57 31.61
C ILE B 766 -41.69 68.40 31.54
N PRO B 767 -40.68 67.90 30.80
CA PRO B 767 -39.40 68.60 30.67
C PRO B 767 -39.52 69.89 29.84
N HIS B 768 -38.71 70.89 30.16
CA HIS B 768 -38.77 72.18 29.46
C HIS B 768 -37.52 72.51 28.64
N LEU B 769 -37.74 73.04 27.44
CA LEU B 769 -36.66 73.43 26.54
C LEU B 769 -36.31 74.92 26.63
N THR B 770 -35.08 75.20 27.07
CA THR B 770 -34.53 76.56 27.07
C THR B 770 -33.52 76.68 25.93
N THR B 771 -33.71 77.68 25.08
CA THR B 771 -32.84 77.89 23.92
C THR B 771 -31.99 79.16 24.04
N SER B 772 -30.68 78.98 24.18
CA SER B 772 -29.73 80.09 24.08
C SER B 772 -28.95 79.98 22.77
N GLU B 773 -28.06 80.94 22.52
CA GLU B 773 -27.23 80.93 21.31
C GLU B 773 -26.26 79.74 21.29
N MET B 774 -25.70 79.42 22.45
CA MET B 774 -24.69 78.37 22.57
C MET B 774 -25.21 76.99 22.99
N ASP B 775 -26.41 76.93 23.56
CA ASP B 775 -26.90 75.69 24.17
C ASP B 775 -28.41 75.45 24.01
N PHE B 776 -28.80 74.20 23.80
CA PHE B 776 -30.17 73.74 24.04
C PHE B 776 -30.20 73.13 25.43
N CYS B 777 -30.94 73.75 26.33
CA CYS B 777 -31.01 73.26 27.70
C CYS B 777 -32.35 72.58 27.97
N ILE B 778 -32.31 71.51 28.76
CA ILE B 778 -33.51 70.78 29.12
C ILE B 778 -33.57 70.67 30.63
N GLU B 779 -34.70 71.07 31.21
CA GLU B 779 -34.88 71.04 32.64
C GLU B 779 -36.04 70.12 33.03
N LEU B 780 -35.81 69.32 34.06
CA LEU B 780 -36.84 68.50 34.70
C LEU B 780 -36.51 68.43 36.18
N GLY B 781 -37.31 69.11 37.00
CA GLY B 781 -37.00 69.25 38.43
C GLY B 781 -35.61 69.85 38.56
N ASN B 782 -34.74 69.20 39.34
CA ASN B 782 -33.36 69.67 39.51
C ASN B 782 -32.36 69.02 38.54
N LYS B 783 -32.88 68.28 37.57
CA LYS B 783 -32.06 67.70 36.52
C LYS B 783 -31.95 68.62 35.31
N ARG B 784 -30.75 68.69 34.74
CA ARG B 784 -30.48 69.54 33.57
C ARG B 784 -29.64 68.81 32.53
N TRP B 785 -30.03 68.93 31.26
CA TRP B 785 -29.27 68.43 30.12
C TRP B 785 -28.89 69.61 29.25
N GLN B 786 -27.61 69.72 28.92
CA GLN B 786 -27.12 70.84 28.12
C GLN B 786 -26.43 70.36 26.85
N PHE B 787 -27.04 70.70 25.71
CA PHE B 787 -26.51 70.35 24.40
C PHE B 787 -25.84 71.57 23.77
N ASN B 788 -24.52 71.54 23.67
CA ASN B 788 -23.73 72.58 22.97
C ASN B 788 -24.09 72.64 21.49
N ARG B 789 -24.59 73.79 21.05
CA ARG B 789 -25.09 73.96 19.68
C ARG B 789 -24.01 74.15 18.60
N GLN B 790 -22.79 74.43 19.03
CA GLN B 790 -21.67 74.55 18.08
C GLN B 790 -21.12 73.17 17.74
N SER B 791 -20.97 72.33 18.76
CA SER B 791 -20.42 70.98 18.60
C SER B 791 -21.51 69.95 18.26
N GLY B 792 -22.72 70.20 18.73
CA GLY B 792 -23.84 69.28 18.53
C GLY B 792 -23.79 68.06 19.44
N PHE B 793 -23.05 68.16 20.53
CA PHE B 793 -22.96 67.08 21.51
C PHE B 793 -23.54 67.48 22.87
N LEU B 794 -23.98 66.48 23.63
CA LEU B 794 -24.35 66.67 25.03
C LEU B 794 -23.08 66.94 25.82
N SER B 795 -22.92 68.18 26.28
CA SER B 795 -21.67 68.61 26.91
C SER B 795 -21.71 68.58 28.43
N GLN B 796 -22.90 68.71 29.01
CA GLN B 796 -23.04 68.66 30.46
C GLN B 796 -24.40 68.16 30.95
N MET B 797 -24.39 67.54 32.12
CA MET B 797 -25.61 67.19 32.83
C MET B 797 -25.44 67.54 34.30
N TRP B 798 -26.51 68.06 34.91
CA TRP B 798 -26.51 68.38 36.33
C TRP B 798 -27.62 67.64 37.04
N ILE B 799 -27.30 67.13 38.23
CA ILE B 799 -28.29 66.69 39.19
C ILE B 799 -28.13 67.61 40.38
N GLY B 800 -29.03 68.58 40.49
CA GLY B 800 -28.89 69.66 41.46
C GLY B 800 -27.68 70.51 41.11
N ASP B 801 -26.71 70.58 42.01
CA ASP B 801 -25.48 71.34 41.79
C ASP B 801 -24.26 70.50 41.37
N LYS B 802 -24.47 69.21 41.20
CA LYS B 802 -23.38 68.33 40.77
C LYS B 802 -23.35 68.14 39.26
N LYS B 803 -22.25 68.58 38.64
CA LYS B 803 -21.96 68.33 37.23
C LYS B 803 -21.71 66.82 37.05
N GLN B 804 -22.11 66.28 35.90
CA GLN B 804 -22.01 64.83 35.69
C GLN B 804 -20.90 64.43 34.72
N LEU B 805 -20.59 65.33 33.79
CA LEU B 805 -19.61 65.06 32.74
C LEU B 805 -18.35 65.92 32.90
N LEU B 806 -17.19 65.31 32.63
CA LEU B 806 -15.92 66.04 32.54
C LEU B 806 -15.53 66.26 31.07
N THR B 807 -16.00 65.35 30.21
CA THR B 807 -15.82 65.48 28.76
C THR B 807 -17.15 65.13 28.12
N PRO B 808 -17.59 65.92 27.11
CA PRO B 808 -18.87 65.67 26.45
C PRO B 808 -19.02 64.24 25.92
N LEU B 809 -20.26 63.84 25.66
CA LEU B 809 -20.58 62.53 25.10
C LEU B 809 -20.45 62.60 23.58
N ARG B 810 -19.48 61.88 23.03
CA ARG B 810 -19.16 61.96 21.60
C ARG B 810 -19.06 60.58 20.94
N ASP B 811 -19.38 60.50 19.65
CA ASP B 811 -19.17 59.27 18.89
C ASP B 811 -17.70 58.87 18.95
N GLN B 812 -17.43 57.57 18.94
CA GLN B 812 -16.07 57.05 18.87
C GLN B 812 -16.02 55.84 17.93
N PHE B 813 -15.03 55.84 17.04
CA PHE B 813 -14.92 54.82 16.00
C PHE B 813 -13.56 54.11 16.01
N THR B 814 -12.75 54.43 17.01
CA THR B 814 -11.41 53.89 17.12
C THR B 814 -11.26 53.24 18.48
N ARG B 815 -10.31 52.30 18.57
CA ARG B 815 -9.92 51.76 19.86
C ARG B 815 -8.40 51.90 19.99
N ALA B 816 -7.93 51.95 21.23
CA ALA B 816 -6.50 51.90 21.50
C ALA B 816 -6.01 50.53 20.99
N PRO B 817 -5.10 50.53 20.00
CA PRO B 817 -4.77 49.29 19.27
C PRO B 817 -4.28 48.15 20.14
N LEU B 818 -4.93 46.99 19.98
CA LEU B 818 -4.47 45.74 20.61
C LEU B 818 -3.16 45.33 19.95
N ASP B 819 -2.42 44.43 20.60
CA ASP B 819 -1.28 43.82 19.96
C ASP B 819 -1.63 43.16 18.62
N ASN B 820 -2.83 42.58 18.53
CA ASN B 820 -3.30 41.99 17.27
C ASN B 820 -3.53 43.02 16.16
N ASP B 821 -4.11 44.18 16.51
CA ASP B 821 -4.31 45.27 15.54
C ASP B 821 -2.95 45.79 15.03
N ILE B 822 -1.98 45.84 15.93
CA ILE B 822 -0.65 46.34 15.60
C ILE B 822 0.05 45.39 14.63
N ALA B 823 -0.04 44.09 14.91
CA ALA B 823 0.45 43.02 14.02
C ALA B 823 1.95 43.13 13.67
N VAL B 824 2.78 43.17 14.70
CA VAL B 824 4.24 43.19 14.55
C VAL B 824 4.87 42.04 15.33
N SER B 825 5.64 41.21 14.64
CA SER B 825 6.42 40.13 15.27
C SER B 825 7.93 40.41 15.32
N GLU B 826 8.40 41.31 14.45
CA GLU B 826 9.79 41.77 14.43
C GLU B 826 9.78 43.29 14.33
N ALA B 827 10.40 43.95 15.30
CA ALA B 827 10.40 45.42 15.44
C ALA B 827 10.52 46.21 14.12
N THR B 828 11.41 45.76 13.22
CA THR B 828 11.66 46.51 11.98
C THR B 828 10.80 46.05 10.79
N ARG B 829 9.62 45.51 11.07
CA ARG B 829 8.77 44.95 10.03
C ARG B 829 7.30 45.37 10.21
N ILE B 830 6.78 46.06 9.21
CA ILE B 830 5.41 46.55 9.24
C ILE B 830 4.61 45.90 8.10
N ASP B 831 3.44 45.36 8.42
CA ASP B 831 2.52 44.87 7.41
C ASP B 831 1.48 45.97 7.13
N PRO B 832 1.55 46.59 5.92
CA PRO B 832 0.62 47.67 5.58
C PRO B 832 -0.86 47.26 5.63
N ASN B 833 -1.13 45.96 5.64
CA ASN B 833 -2.50 45.43 5.77
C ASN B 833 -2.96 45.30 7.22
N ALA B 834 -2.03 45.46 8.17
CA ALA B 834 -2.37 45.44 9.60
C ALA B 834 -3.50 46.44 9.88
N TRP B 835 -4.40 46.06 10.78
CA TRP B 835 -5.55 46.91 11.09
C TRP B 835 -5.17 48.31 11.55
N VAL B 836 -4.17 48.42 12.42
CA VAL B 836 -3.73 49.74 12.88
C VAL B 836 -3.19 50.59 11.72
N GLU B 837 -2.47 49.95 10.80
CA GLU B 837 -1.85 50.64 9.66
C GLU B 837 -2.91 51.20 8.72
N ARG B 838 -3.93 50.40 8.44
CA ARG B 838 -5.04 50.85 7.61
C ARG B 838 -5.83 51.98 8.30
N TRP B 839 -6.08 51.82 9.60
CA TRP B 839 -6.77 52.84 10.39
C TRP B 839 -6.02 54.18 10.37
N LYS B 840 -4.73 54.15 10.73
CA LYS B 840 -3.87 55.34 10.68
C LYS B 840 -3.87 56.01 9.31
N ALA B 841 -3.68 55.21 8.25
CA ALA B 841 -3.61 55.75 6.89
C ALA B 841 -4.93 56.33 6.40
N ALA B 842 -6.05 55.78 6.86
CA ALA B 842 -7.36 56.26 6.43
C ALA B 842 -7.78 57.50 7.22
N GLY B 843 -7.05 57.82 8.28
CA GLY B 843 -7.31 59.00 9.10
C GLY B 843 -8.31 58.77 10.23
N HIS B 844 -8.58 57.51 10.55
CA HIS B 844 -9.52 57.16 11.61
C HIS B 844 -9.17 57.83 12.93
N TYR B 845 -7.89 57.82 13.29
CA TYR B 845 -7.44 58.42 14.54
C TYR B 845 -7.30 59.95 14.44
N GLN B 846 -7.45 60.49 13.23
CA GLN B 846 -7.27 61.91 12.97
C GLN B 846 -8.60 62.63 12.80
N ALA B 847 -9.56 61.96 12.17
CA ALA B 847 -10.85 62.56 11.79
C ALA B 847 -11.56 63.23 12.97
N GLU B 848 -12.13 64.39 12.70
CA GLU B 848 -12.90 65.11 13.72
C GLU B 848 -14.31 65.39 13.25
N ALA B 849 -15.22 65.43 14.22
CA ALA B 849 -16.63 65.67 13.97
C ALA B 849 -16.86 67.05 13.36
N ALA B 850 -17.62 67.07 12.26
CA ALA B 850 -18.11 68.31 11.68
C ALA B 850 -19.63 68.30 11.78
N LEU B 851 -20.20 69.38 12.31
CA LEU B 851 -21.65 69.45 12.53
C LEU B 851 -22.41 69.72 11.23
N LEU B 852 -23.46 68.93 11.01
CA LEU B 852 -24.30 69.07 9.83
C LEU B 852 -25.69 69.57 10.20
N GLN B 853 -26.13 69.23 11.42
CA GLN B 853 -27.46 69.59 11.92
C GLN B 853 -27.51 69.46 13.44
N CYS B 854 -28.13 70.45 14.08
CA CYS B 854 -28.44 70.40 15.50
C CYS B 854 -29.74 71.17 15.74
N THR B 855 -30.83 70.43 15.96
CA THR B 855 -32.15 71.04 16.11
C THR B 855 -32.85 70.57 17.38
N ALA B 856 -33.86 71.32 17.80
CA ALA B 856 -34.65 71.02 18.99
C ALA B 856 -36.15 71.14 18.70
N ASP B 857 -36.93 70.24 19.30
CA ASP B 857 -38.38 70.24 19.18
C ASP B 857 -39.05 69.87 20.49
N THR B 858 -40.22 70.46 20.74
CA THR B 858 -41.01 70.11 21.91
C THR B 858 -42.14 69.17 21.48
N LEU B 859 -42.22 68.02 22.14
CA LEU B 859 -43.30 67.07 21.92
C LEU B 859 -44.32 67.18 23.05
N ALA B 860 -45.37 66.37 22.99
CA ALA B 860 -46.42 66.37 24.00
C ALA B 860 -45.87 66.21 25.42
N ASP B 861 -44.92 65.28 25.57
CA ASP B 861 -44.37 64.96 26.89
C ASP B 861 -42.85 64.82 26.89
N ALA B 862 -42.19 65.37 25.87
CA ALA B 862 -40.75 65.22 25.72
C ALA B 862 -40.09 66.33 24.92
N VAL B 863 -38.78 66.47 25.09
CA VAL B 863 -37.96 67.31 24.23
C VAL B 863 -37.12 66.41 23.31
N LEU B 864 -37.09 66.75 22.03
CA LEU B 864 -36.37 65.98 21.03
C LEU B 864 -35.21 66.79 20.44
N ILE B 865 -33.97 66.37 20.73
CA ILE B 865 -32.80 66.97 20.10
C ILE B 865 -32.30 66.07 18.94
N THR B 866 -32.25 66.64 17.74
CA THR B 866 -31.82 65.92 16.54
C THR B 866 -30.45 66.44 16.10
N THR B 867 -29.49 65.53 15.94
CA THR B 867 -28.13 65.90 15.51
C THR B 867 -27.64 65.07 14.32
N ALA B 868 -26.83 65.69 13.47
CA ALA B 868 -26.13 64.99 12.39
C ALA B 868 -24.68 65.48 12.31
N HIS B 869 -23.74 64.53 12.32
CA HIS B 869 -22.32 64.83 12.23
C HIS B 869 -21.65 64.07 11.09
N ALA B 870 -20.50 64.58 10.63
CA ALA B 870 -19.69 63.89 9.64
C ALA B 870 -18.22 63.87 10.10
N TRP B 871 -17.57 62.71 9.96
CA TRP B 871 -16.13 62.59 10.23
C TRP B 871 -15.37 62.53 8.92
N GLN B 872 -14.39 63.41 8.80
CA GLN B 872 -13.71 63.60 7.53
C GLN B 872 -12.20 63.60 7.67
N HIS B 873 -11.53 63.20 6.60
CA HIS B 873 -10.08 63.24 6.51
C HIS B 873 -9.70 63.47 5.05
N GLN B 874 -8.98 64.56 4.80
CA GLN B 874 -8.56 64.96 3.45
C GLN B 874 -9.72 65.05 2.46
N GLY B 875 -10.78 65.73 2.87
CA GLY B 875 -11.98 65.89 2.04
C GLY B 875 -12.75 64.61 1.80
N LYS B 876 -12.56 63.62 2.67
CA LYS B 876 -13.24 62.33 2.54
C LYS B 876 -14.07 62.04 3.79
N THR B 877 -15.37 61.87 3.60
CA THR B 877 -16.27 61.50 4.69
C THR B 877 -16.08 60.03 5.02
N LEU B 878 -15.66 59.77 6.26
CA LEU B 878 -15.44 58.41 6.74
C LEU B 878 -16.71 57.83 7.34
N PHE B 879 -17.30 58.56 8.29
CA PHE B 879 -18.53 58.16 8.97
C PHE B 879 -19.54 59.32 9.06
N ILE B 880 -20.81 58.97 9.02
CA ILE B 880 -21.90 59.91 9.32
C ILE B 880 -22.72 59.38 10.50
N SER B 881 -22.85 60.19 11.54
CA SER B 881 -23.65 59.83 12.70
C SER B 881 -24.92 60.70 12.79
N ARG B 882 -26.07 60.03 12.74
CA ARG B 882 -27.36 60.70 12.88
C ARG B 882 -28.00 60.25 14.20
N LYS B 883 -28.41 61.23 15.01
CA LYS B 883 -28.94 60.94 16.33
C LYS B 883 -30.22 61.67 16.67
N THR B 884 -30.99 61.08 17.58
CA THR B 884 -32.02 61.81 18.31
C THR B 884 -31.86 61.53 19.79
N TYR B 885 -32.06 62.57 20.60
CA TYR B 885 -32.13 62.44 22.05
C TYR B 885 -33.55 62.79 22.48
N ARG B 886 -34.21 61.85 23.15
CA ARG B 886 -35.57 62.06 23.60
C ARG B 886 -35.61 62.01 25.12
N ILE B 887 -35.76 63.17 25.75
CA ILE B 887 -35.86 63.24 27.20
C ILE B 887 -37.32 63.44 27.60
N ASP B 888 -37.83 62.49 28.38
CA ASP B 888 -39.24 62.52 28.80
C ASP B 888 -39.43 62.90 30.27
N GLY B 889 -40.68 62.92 30.72
CA GLY B 889 -41.05 63.30 32.08
C GLY B 889 -40.54 62.41 33.21
N SER B 890 -40.13 61.18 32.86
CA SER B 890 -39.59 60.25 33.84
C SER B 890 -38.08 60.46 34.08
N GLY B 891 -37.49 61.40 33.35
CA GLY B 891 -36.07 61.68 33.48
C GLY B 891 -35.17 60.70 32.74
N GLN B 892 -35.75 60.02 31.75
CA GLN B 892 -34.98 59.12 30.88
C GLN B 892 -34.61 59.83 29.58
N MET B 893 -33.36 59.67 29.17
CA MET B 893 -32.88 60.20 27.88
C MET B 893 -32.66 59.04 26.91
N ALA B 894 -33.52 58.95 25.90
CA ALA B 894 -33.41 57.92 24.87
C ALA B 894 -32.55 58.42 23.71
N ILE B 895 -31.40 57.79 23.51
CA ILE B 895 -30.49 58.15 22.44
C ILE B 895 -30.55 57.11 21.32
N THR B 896 -31.07 57.53 20.16
CA THR B 896 -31.12 56.69 18.98
C THR B 896 -29.98 57.11 18.06
N VAL B 897 -29.14 56.16 17.66
CA VAL B 897 -27.98 56.46 16.81
C VAL B 897 -27.95 55.61 15.53
N ASP B 898 -27.87 56.27 14.39
CA ASP B 898 -27.73 55.62 13.09
C ASP B 898 -26.45 56.11 12.42
N VAL B 899 -25.57 55.18 12.08
CA VAL B 899 -24.25 55.48 11.54
C VAL B 899 -24.11 54.95 10.11
N GLU B 900 -23.54 55.77 9.24
CA GLU B 900 -23.10 55.33 7.91
C GLU B 900 -21.59 55.25 7.92
N VAL B 901 -21.05 54.15 7.40
CA VAL B 901 -19.60 53.97 7.22
C VAL B 901 -19.31 53.84 5.73
N ALA B 902 -18.46 54.72 5.19
CA ALA B 902 -18.09 54.66 3.77
C ALA B 902 -17.54 53.27 3.45
N SER B 903 -17.95 52.69 2.34
CA SER B 903 -17.59 51.30 2.04
C SER B 903 -16.11 51.12 1.72
N ASP B 904 -15.47 52.18 1.24
CA ASP B 904 -14.06 52.12 0.85
C ASP B 904 -13.10 52.51 1.98
N THR B 905 -13.64 52.84 3.15
CA THR B 905 -12.79 53.04 4.32
C THR B 905 -12.62 51.68 5.02
N PRO B 906 -11.45 51.45 5.66
CA PRO B 906 -11.28 50.21 6.42
C PRO B 906 -12.29 50.13 7.54
N HIS B 907 -12.82 48.92 7.78
CA HIS B 907 -13.85 48.71 8.77
C HIS B 907 -13.38 49.19 10.14
N PRO B 908 -14.23 50.00 10.81
CA PRO B 908 -13.81 50.64 12.06
C PRO B 908 -13.72 49.65 13.21
N ALA B 909 -12.86 49.95 14.17
CA ALA B 909 -12.70 49.17 15.40
C ALA B 909 -13.98 49.08 16.23
N ARG B 910 -14.79 50.14 16.21
CA ARG B 910 -16.02 50.21 17.00
C ARG B 910 -17.01 51.21 16.45
N ILE B 911 -18.26 51.08 16.86
CA ILE B 911 -19.28 52.08 16.57
C ILE B 911 -20.01 52.31 17.88
N GLY B 912 -19.64 53.40 18.55
CA GLY B 912 -20.18 53.70 19.86
C GLY B 912 -20.03 55.14 20.27
N LEU B 913 -20.19 55.38 21.57
CA LEU B 913 -20.08 56.70 22.16
C LEU B 913 -19.11 56.62 23.31
N ASN B 914 -18.53 57.76 23.68
CA ASN B 914 -17.77 57.83 24.91
C ASN B 914 -17.87 59.19 25.61
N CYS B 915 -17.58 59.19 26.91
CA CYS B 915 -17.58 60.41 27.69
C CYS B 915 -16.75 60.15 28.93
N GLN B 916 -16.35 61.23 29.60
CA GLN B 916 -15.69 61.11 30.89
C GLN B 916 -16.69 61.58 31.95
N LEU B 917 -17.03 60.68 32.87
CA LEU B 917 -17.94 60.98 33.97
C LEU B 917 -17.19 61.60 35.13
N ALA B 918 -17.84 62.50 35.85
CA ALA B 918 -17.23 63.18 36.99
C ALA B 918 -17.09 62.23 38.17
N GLN B 919 -18.04 61.30 38.27
CA GLN B 919 -18.14 60.34 39.37
C GLN B 919 -17.01 59.33 39.39
N VAL B 920 -16.59 58.94 40.59
CA VAL B 920 -15.79 57.74 40.81
C VAL B 920 -16.49 56.87 41.84
N ALA B 921 -17.06 55.74 41.38
CA ALA B 921 -17.78 54.83 42.26
C ALA B 921 -16.97 53.57 42.56
N GLU B 922 -17.32 52.88 43.64
CA GLU B 922 -16.59 51.68 44.04
C GLU B 922 -16.95 50.46 43.19
N ARG B 923 -18.21 50.39 42.76
CA ARG B 923 -18.75 49.18 42.14
C ARG B 923 -19.26 49.41 40.72
N VAL B 924 -19.20 48.34 39.91
CA VAL B 924 -19.86 48.32 38.61
C VAL B 924 -20.79 47.10 38.58
N ASN B 925 -22.04 47.35 38.22
CA ASN B 925 -23.08 46.32 38.24
C ASN B 925 -23.74 46.31 36.87
N TRP B 926 -23.80 45.14 36.24
CA TRP B 926 -24.41 45.04 34.92
C TRP B 926 -25.13 43.73 34.68
N LEU B 927 -26.15 43.83 33.84
CA LEU B 927 -26.88 42.67 33.34
C LEU B 927 -26.40 42.42 31.92
N GLY B 928 -25.54 41.43 31.77
CA GLY B 928 -24.93 41.10 30.48
C GLY B 928 -23.94 39.97 30.62
N LEU B 929 -23.10 39.83 29.62
CA LEU B 929 -22.09 38.77 29.60
C LEU B 929 -20.95 39.10 30.55
N GLY B 930 -20.57 38.14 31.39
CA GLY B 930 -19.48 38.34 32.33
C GLY B 930 -19.18 37.07 33.11
N PRO B 931 -18.48 37.20 34.25
CA PRO B 931 -18.04 38.47 34.83
C PRO B 931 -16.78 39.06 34.18
N GLN B 932 -15.98 38.21 33.53
CA GLN B 932 -14.70 38.66 32.96
C GLN B 932 -14.85 39.37 31.63
N GLU B 933 -13.78 40.08 31.26
CA GLU B 933 -13.64 40.72 29.97
C GLU B 933 -14.01 39.76 28.82
N ASN B 934 -14.84 40.23 27.90
CA ASN B 934 -15.23 39.44 26.75
C ASN B 934 -15.45 40.30 25.51
N TYR B 935 -15.01 39.79 24.37
CA TYR B 935 -15.14 40.47 23.07
C TYR B 935 -15.96 39.61 22.12
N PRO B 936 -16.46 40.20 21.01
CA PRO B 936 -17.38 39.47 20.14
C PRO B 936 -16.87 38.11 19.64
N ASP B 937 -15.56 38.00 19.36
CA ASP B 937 -14.99 36.71 18.95
C ASP B 937 -14.35 35.94 20.09
N ARG B 938 -14.51 36.46 21.31
CA ARG B 938 -14.05 35.77 22.51
C ARG B 938 -15.05 35.98 23.66
N LEU B 939 -16.27 35.49 23.48
CA LEU B 939 -17.32 35.63 24.50
C LEU B 939 -18.05 34.33 24.88
N THR B 940 -17.60 33.19 24.37
CA THR B 940 -18.31 31.94 24.62
C THR B 940 -18.25 31.50 26.08
N ALA B 941 -17.15 31.82 26.77
CA ALA B 941 -17.00 31.49 28.20
C ALA B 941 -17.85 32.38 29.11
N ALA B 942 -18.17 33.58 28.64
CA ALA B 942 -18.94 34.55 29.42
C ALA B 942 -20.37 34.06 29.59
N CYS B 943 -20.98 34.39 30.73
CA CYS B 943 -22.37 34.02 30.99
C CYS B 943 -23.24 35.24 31.18
N PHE B 944 -24.45 35.19 30.63
CA PHE B 944 -25.42 36.25 30.83
C PHE B 944 -26.00 36.11 32.24
N ASP B 945 -25.89 37.20 33.01
CA ASP B 945 -26.37 37.26 34.38
C ASP B 945 -26.12 38.65 34.96
N ARG B 946 -26.52 38.84 36.21
CA ARG B 946 -26.28 40.07 36.95
C ARG B 946 -24.90 39.98 37.60
N TRP B 947 -23.99 40.87 37.19
CA TRP B 947 -22.63 40.87 37.71
C TRP B 947 -22.35 42.16 38.48
N ASP B 948 -21.60 42.04 39.58
CA ASP B 948 -21.24 43.18 40.40
C ASP B 948 -19.77 43.09 40.80
N LEU B 949 -18.97 43.97 40.24
CA LEU B 949 -17.53 43.94 40.49
C LEU B 949 -17.03 45.31 40.95
N PRO B 950 -15.92 45.31 41.72
CA PRO B 950 -15.22 46.57 41.96
C PRO B 950 -14.74 47.15 40.64
N LEU B 951 -14.70 48.47 40.53
CA LEU B 951 -14.28 49.16 39.31
C LEU B 951 -12.92 48.66 38.76
N SER B 952 -11.96 48.39 39.63
CA SER B 952 -10.64 47.95 39.19
C SER B 952 -10.67 46.64 38.36
N ASP B 953 -11.60 45.74 38.70
CA ASP B 953 -11.78 44.47 37.95
C ASP B 953 -12.31 44.66 36.53
N MET B 954 -12.75 45.88 36.24
CA MET B 954 -13.28 46.24 34.93
C MET B 954 -12.18 46.76 34.00
N TYR B 955 -10.95 46.68 34.50
CA TYR B 955 -9.75 47.02 33.75
C TYR B 955 -8.84 45.80 33.76
N THR B 956 -8.37 45.39 32.58
CA THR B 956 -7.41 44.29 32.47
C THR B 956 -6.00 44.86 32.29
N PRO B 957 -5.10 44.58 33.25
CA PRO B 957 -3.76 45.18 33.24
C PRO B 957 -2.76 44.48 32.29
N TYR B 958 -3.09 44.43 31.01
CA TYR B 958 -2.14 43.94 30.00
C TYR B 958 -0.88 44.79 30.11
N VAL B 959 0.28 44.14 30.14
CA VAL B 959 1.55 44.86 30.31
C VAL B 959 1.72 45.90 29.22
N PHE B 960 1.45 45.53 27.97
CA PHE B 960 1.33 46.53 26.93
C PHE B 960 -0.13 46.98 26.87
N PRO B 961 -0.40 48.24 27.25
CA PRO B 961 -1.78 48.71 27.38
C PRO B 961 -2.50 48.85 26.04
N SER B 962 -3.79 48.54 26.04
CA SER B 962 -4.63 48.67 24.87
C SER B 962 -6.07 48.76 25.33
N GLU B 963 -6.99 48.90 24.37
CA GLU B 963 -8.40 48.64 24.61
C GLU B 963 -8.48 47.34 25.40
N ASN B 964 -9.26 47.38 26.48
CA ASN B 964 -9.40 46.25 27.38
C ASN B 964 -10.70 46.37 28.18
N GLY B 965 -11.07 45.30 28.86
CA GLY B 965 -12.17 45.33 29.83
C GLY B 965 -13.58 45.35 29.25
N LEU B 966 -13.70 45.27 27.93
CA LEU B 966 -15.03 45.25 27.31
C LEU B 966 -15.88 44.09 27.83
N ARG B 967 -17.19 44.34 27.93
CA ARG B 967 -18.20 43.30 28.19
C ARG B 967 -19.30 43.46 27.18
N CYS B 968 -19.70 42.34 26.57
CA CYS B 968 -20.66 42.36 25.45
C CYS B 968 -22.04 41.92 25.91
N GLY B 969 -23.02 42.01 25.00
CA GLY B 969 -24.37 41.49 25.24
C GLY B 969 -25.02 42.06 26.48
N THR B 970 -24.84 43.36 26.69
CA THR B 970 -25.23 43.99 27.94
C THR B 970 -26.51 44.80 27.77
N ARG B 971 -27.47 44.55 28.66
CA ARG B 971 -28.80 45.17 28.58
C ARG B 971 -28.99 46.29 29.62
N GLU B 972 -28.22 46.22 30.70
CA GLU B 972 -28.29 47.22 31.76
C GLU B 972 -26.93 47.39 32.41
N LEU B 973 -26.53 48.64 32.60
CA LEU B 973 -25.28 48.99 33.27
C LEU B 973 -25.51 50.04 34.36
N ASN B 974 -24.97 49.79 35.55
CA ASN B 974 -25.14 50.69 36.69
C ASN B 974 -23.81 51.18 37.23
N TYR B 975 -23.66 52.49 37.31
CA TYR B 975 -22.46 53.10 37.86
C TYR B 975 -22.82 54.40 38.58
N GLY B 976 -22.58 54.43 39.89
CA GLY B 976 -22.97 55.56 40.74
C GLY B 976 -24.47 55.82 40.65
N PRO B 977 -24.85 57.05 40.26
CA PRO B 977 -26.27 57.41 40.06
C PRO B 977 -26.79 57.07 38.67
N HIS B 978 -25.92 56.64 37.77
CA HIS B 978 -26.28 56.41 36.37
C HIS B 978 -26.74 54.99 36.09
N GLN B 979 -27.69 54.86 35.18
CA GLN B 979 -28.07 53.57 34.60
C GLN B 979 -28.22 53.72 33.10
N TRP B 980 -27.60 52.81 32.35
CA TRP B 980 -27.75 52.75 30.89
C TRP B 980 -28.40 51.42 30.49
N ARG B 981 -29.40 51.51 29.63
CA ARG B 981 -30.11 50.33 29.14
C ARG B 981 -30.13 50.29 27.62
N GLY B 982 -30.08 49.08 27.07
CA GLY B 982 -30.15 48.88 25.62
C GLY B 982 -29.71 47.48 25.24
N ASP B 983 -28.83 47.40 24.24
CA ASP B 983 -28.18 46.15 23.85
C ASP B 983 -26.81 46.53 23.32
N PHE B 984 -25.83 46.55 24.22
CA PHE B 984 -24.57 47.19 23.91
C PHE B 984 -23.36 46.47 24.50
N GLN B 985 -22.18 46.92 24.10
CA GLN B 985 -20.93 46.47 24.70
C GLN B 985 -20.34 47.69 25.39
N PHE B 986 -19.63 47.51 26.50
CA PHE B 986 -19.09 48.64 27.23
C PHE B 986 -17.76 48.29 27.88
N ASN B 987 -16.91 49.29 28.04
CA ASN B 987 -15.85 49.20 29.05
C ASN B 987 -15.88 50.44 29.96
N ILE B 988 -15.33 50.29 31.16
CA ILE B 988 -15.40 51.37 32.14
C ILE B 988 -14.16 51.36 33.02
N SER B 989 -13.48 52.50 33.10
CA SER B 989 -12.19 52.58 33.76
C SER B 989 -11.72 54.02 33.94
N ARG B 990 -10.66 54.17 34.72
CA ARG B 990 -10.02 55.47 34.95
C ARG B 990 -9.06 55.88 33.82
N TYR B 991 -9.01 55.10 32.73
CA TYR B 991 -8.06 55.39 31.65
C TYR B 991 -8.73 55.61 30.29
N SER B 992 -8.45 56.76 29.69
CA SER B 992 -8.98 57.07 28.36
C SER B 992 -8.35 56.17 27.30
N GLN B 993 -9.04 56.00 26.18
CA GLN B 993 -8.47 55.31 25.03
C GLN B 993 -7.20 56.02 24.56
N GLN B 994 -7.23 57.36 24.61
CA GLN B 994 -6.07 58.17 24.23
C GLN B 994 -4.83 57.84 25.07
N GLN B 995 -4.98 57.77 26.38
CA GLN B 995 -3.85 57.41 27.25
C GLN B 995 -3.37 55.98 27.01
N LEU B 996 -4.32 55.05 26.88
CA LEU B 996 -3.98 53.64 26.64
C LEU B 996 -3.17 53.48 25.35
N MET B 997 -3.55 54.21 24.30
CA MET B 997 -2.83 54.14 23.02
C MET B 997 -1.49 54.90 23.00
N GLU B 998 -1.26 55.74 24.01
CA GLU B 998 -0.04 56.53 24.10
C GLU B 998 0.96 55.96 25.09
N THR B 999 0.54 54.99 25.89
CA THR B 999 1.40 54.41 26.92
C THR B 999 1.88 53.01 26.53
N SER B 1000 3.16 52.76 26.70
CA SER B 1000 3.79 51.52 26.26
C SER B 1000 3.82 50.46 27.37
N HIS B 1001 3.69 50.90 28.62
CA HIS B 1001 3.83 50.05 29.80
C HIS B 1001 2.72 50.35 30.81
N ARG B 1002 2.13 49.30 31.38
CA ARG B 1002 1.03 49.47 32.33
C ARG B 1002 1.39 50.27 33.59
N HIS B 1003 2.63 50.13 34.07
CA HIS B 1003 3.06 50.83 35.28
C HIS B 1003 3.15 52.35 35.10
N LEU B 1004 3.12 52.80 33.85
CA LEU B 1004 3.18 54.22 33.52
C LEU B 1004 1.80 54.88 33.39
N LEU B 1005 0.75 54.09 33.50
CA LEU B 1005 -0.62 54.62 33.40
C LEU B 1005 -0.98 55.36 34.69
N HIS B 1006 -1.71 56.45 34.56
CA HIS B 1006 -2.17 57.21 35.73
C HIS B 1006 -3.69 57.35 35.69
N ALA B 1007 -4.34 57.11 36.83
CA ALA B 1007 -5.79 57.31 36.96
C ALA B 1007 -6.13 58.74 36.57
N GLU B 1008 -7.03 58.89 35.60
CA GLU B 1008 -7.46 60.21 35.18
C GLU B 1008 -8.61 60.67 36.08
N GLU B 1009 -9.01 61.93 35.96
CA GLU B 1009 -10.09 62.48 36.77
C GLU B 1009 -11.40 61.80 36.36
N GLY B 1010 -12.14 61.31 37.35
CA GLY B 1010 -13.40 60.63 37.07
C GLY B 1010 -13.24 59.30 36.34
N THR B 1011 -14.22 58.99 35.50
CA THR B 1011 -14.33 57.64 34.93
C THR B 1011 -14.69 57.72 33.45
N TRP B 1012 -13.84 57.12 32.62
CA TRP B 1012 -14.09 57.04 31.19
C TRP B 1012 -15.03 55.88 30.87
N LEU B 1013 -16.07 56.19 30.11
CA LEU B 1013 -17.03 55.19 29.68
C LEU B 1013 -17.05 55.11 28.17
N ASN B 1014 -16.81 53.92 27.65
CA ASN B 1014 -16.98 53.63 26.23
C ASN B 1014 -18.17 52.69 26.09
N ILE B 1015 -19.26 53.17 25.49
CA ILE B 1015 -20.44 52.33 25.25
C ILE B 1015 -20.64 52.14 23.76
N ASP B 1016 -20.56 50.88 23.31
CA ASP B 1016 -20.61 50.55 21.89
C ASP B 1016 -21.88 49.82 21.48
N GLY B 1017 -22.51 50.30 20.42
CA GLY B 1017 -23.50 49.50 19.72
C GLY B 1017 -22.82 48.28 19.11
N PHE B 1018 -21.62 48.50 18.56
CA PHE B 1018 -20.89 47.46 17.82
C PHE B 1018 -19.39 47.57 18.10
N HIS B 1019 -18.75 46.41 18.18
CA HIS B 1019 -17.31 46.35 18.42
C HIS B 1019 -16.69 45.25 17.59
N MET B 1020 -15.54 45.54 16.99
CA MET B 1020 -14.86 44.59 16.12
C MET B 1020 -14.18 43.49 16.93
N GLY B 1021 -14.15 42.29 16.35
CA GLY B 1021 -13.37 41.18 16.90
C GLY B 1021 -11.93 41.56 17.23
N ILE B 1022 -11.31 40.77 18.10
CA ILE B 1022 -9.93 41.00 18.51
C ILE B 1022 -8.94 40.13 17.71
N GLY B 1023 -9.43 39.07 17.08
CA GLY B 1023 -8.58 38.16 16.29
C GLY B 1023 -7.57 37.45 17.17
N GLY B 1024 -6.49 36.97 16.55
CA GLY B 1024 -5.44 36.27 17.27
C GLY B 1024 -4.94 34.96 16.66
N ASP B 1025 -5.54 34.52 15.55
CA ASP B 1025 -5.04 33.32 14.84
C ASP B 1025 -3.51 33.43 14.68
N ASP B 1026 -3.04 34.62 14.35
CA ASP B 1026 -1.67 35.04 14.67
C ASP B 1026 -1.69 36.52 15.07
N SER B 1027 -0.54 37.08 15.45
CA SER B 1027 -0.47 38.50 15.84
C SER B 1027 0.53 39.30 14.98
N TRP B 1028 0.65 38.93 13.71
CA TRP B 1028 1.57 39.64 12.79
C TRP B 1028 0.99 39.77 11.39
N SER B 1029 -0.34 39.69 11.31
CA SER B 1029 -1.08 39.88 10.07
C SER B 1029 -2.55 40.06 10.44
N PRO B 1030 -3.38 40.61 9.55
CA PRO B 1030 -4.81 40.71 9.89
C PRO B 1030 -5.38 39.34 10.21
N SER B 1031 -6.04 39.20 11.36
CA SER B 1031 -6.48 37.89 11.84
C SER B 1031 -7.91 37.87 12.36
N VAL B 1032 -8.65 38.95 12.14
CA VAL B 1032 -10.04 39.04 12.54
C VAL B 1032 -10.89 38.51 11.41
N SER B 1033 -11.64 37.45 11.70
CA SER B 1033 -12.47 36.80 10.70
C SER B 1033 -13.57 37.74 10.22
N ALA B 1034 -13.96 37.57 8.96
CA ALA B 1034 -14.91 38.46 8.27
C ALA B 1034 -16.23 38.71 9.02
N GLU B 1035 -16.76 37.67 9.67
CA GLU B 1035 -18.03 37.80 10.39
C GLU B 1035 -17.93 38.66 11.66
N PHE B 1036 -16.71 38.99 12.08
CA PHE B 1036 -16.48 39.87 13.23
C PHE B 1036 -15.95 41.26 12.87
N GLN B 1037 -15.95 41.58 11.57
CA GLN B 1037 -15.55 42.89 11.10
C GLN B 1037 -16.79 43.76 10.94
N LEU B 1038 -16.66 45.05 11.21
CA LEU B 1038 -17.79 45.98 11.14
C LEU B 1038 -18.00 46.48 9.71
N SER B 1039 -18.51 45.59 8.88
CA SER B 1039 -18.56 45.82 7.43
C SER B 1039 -19.96 46.10 6.85
N ALA B 1040 -20.98 46.16 7.71
CA ALA B 1040 -22.36 46.27 7.21
C ALA B 1040 -22.69 47.60 6.50
N GLY B 1041 -21.88 48.64 6.73
CA GLY B 1041 -22.10 49.93 6.08
C GLY B 1041 -23.06 50.86 6.81
N ARG B 1042 -24.19 50.32 7.25
CA ARG B 1042 -25.16 51.06 8.05
C ARG B 1042 -25.45 50.36 9.37
N TYR B 1043 -25.38 51.12 10.46
CA TYR B 1043 -25.53 50.58 11.79
C TYR B 1043 -26.52 51.36 12.63
N HIS B 1044 -27.27 50.65 13.46
CA HIS B 1044 -28.29 51.24 14.32
C HIS B 1044 -28.18 50.71 15.74
N TYR B 1045 -28.19 51.62 16.70
CA TYR B 1045 -28.28 51.25 18.11
C TYR B 1045 -29.01 52.32 18.94
N GLN B 1046 -29.53 51.91 20.09
CA GLN B 1046 -30.26 52.81 20.96
C GLN B 1046 -29.93 52.57 22.43
N LEU B 1047 -29.70 53.67 23.15
CA LEU B 1047 -29.37 53.65 24.57
C LEU B 1047 -30.36 54.52 25.33
N VAL B 1048 -30.74 54.06 26.51
CA VAL B 1048 -31.52 54.90 27.44
C VAL B 1048 -30.67 55.22 28.65
N TRP B 1049 -30.49 56.52 28.92
CA TRP B 1049 -29.74 57.01 30.08
C TRP B 1049 -30.70 57.59 31.11
N CYS B 1050 -30.62 57.10 32.34
CA CYS B 1050 -31.41 57.68 33.43
C CYS B 1050 -30.68 57.60 34.77
N GLN B 1051 -31.26 58.21 35.80
CA GLN B 1051 -30.74 58.11 37.15
C GLN B 1051 -31.32 56.89 37.88
N LYS B 1052 -30.48 56.22 38.67
CA LYS B 1052 -30.92 55.06 39.45
C LYS B 1052 -31.02 55.41 40.93
N ILE C 35 57.79 17.52 18.78
CA ILE C 35 56.67 18.49 18.54
C ILE C 35 55.74 18.55 19.73
N ASP C 36 55.03 19.67 19.84
CA ASP C 36 54.15 19.97 20.97
C ASP C 36 53.39 21.23 20.56
N PRO C 37 52.65 21.89 21.50
CA PRO C 37 52.19 21.44 22.81
C PRO C 37 50.73 21.02 22.80
N VAL C 38 49.90 21.78 22.11
CA VAL C 38 48.46 21.51 22.02
C VAL C 38 48.17 20.25 21.20
N VAL C 39 49.01 20.00 20.19
CA VAL C 39 48.84 18.87 19.29
C VAL C 39 49.02 17.54 20.03
N LEU C 40 50.10 17.43 20.80
CA LEU C 40 50.35 16.22 21.59
C LEU C 40 49.42 16.10 22.80
N GLN C 41 49.03 17.23 23.39
CA GLN C 41 48.17 17.25 24.58
C GLN C 41 46.74 16.82 24.30
N ARG C 42 46.19 17.28 23.18
CA ARG C 42 44.79 17.00 22.83
C ARG C 42 44.54 15.58 22.34
N ARG C 43 45.58 14.93 21.82
CA ARG C 43 45.47 13.57 21.25
C ARG C 43 44.20 13.41 20.41
N ASP C 44 44.10 14.20 19.34
CA ASP C 44 42.92 14.16 18.47
C ASP C 44 42.68 12.81 17.80
N TRP C 45 43.74 12.00 17.70
CA TRP C 45 43.68 10.66 17.11
C TRP C 45 43.14 9.60 18.06
N GLU C 46 42.69 10.01 19.24
CA GLU C 46 42.03 9.10 20.19
C GLU C 46 40.73 9.71 20.66
N ASN C 47 40.03 10.35 19.74
CA ASN C 47 38.79 11.02 20.02
C ASN C 47 37.91 10.99 18.75
N PRO C 48 36.86 10.14 18.75
CA PRO C 48 35.94 10.01 17.63
C PRO C 48 35.09 11.26 17.43
N GLY C 49 35.08 12.15 18.42
CA GLY C 49 34.44 13.45 18.32
C GLY C 49 35.21 14.44 17.45
N VAL C 50 36.50 14.21 17.29
CA VAL C 50 37.32 15.03 16.39
C VAL C 50 37.86 14.19 15.23
N THR C 51 37.29 14.42 14.05
CA THR C 51 37.66 13.67 12.85
C THR C 51 38.39 14.59 11.86
N GLN C 52 38.39 15.89 12.16
CA GLN C 52 39.11 16.89 11.38
C GLN C 52 39.23 18.18 12.16
N LEU C 53 40.20 18.99 11.80
CA LEU C 53 40.29 20.39 12.25
C LEU C 53 40.69 21.27 11.07
N ASN C 54 39.90 22.31 10.82
CA ASN C 54 40.12 23.28 9.74
C ASN C 54 40.02 22.72 8.32
N ARG C 55 39.49 21.51 8.19
CA ARG C 55 39.28 20.87 6.90
C ARG C 55 38.17 21.56 6.10
N LEU C 56 38.38 21.73 4.80
CA LEU C 56 37.39 22.35 3.93
C LEU C 56 36.29 21.37 3.56
N ALA C 57 35.12 21.92 3.20
CA ALA C 57 33.98 21.13 2.75
C ALA C 57 34.35 20.24 1.57
N ALA C 58 33.79 19.03 1.57
CA ALA C 58 33.93 18.11 0.45
C ALA C 58 33.09 18.57 -0.74
N HIS C 59 33.48 18.14 -1.95
CA HIS C 59 32.87 18.61 -3.19
C HIS C 59 33.30 17.71 -4.33
N PRO C 60 32.63 17.81 -5.50
CA PRO C 60 33.04 17.07 -6.69
C PRO C 60 34.40 17.55 -7.23
N PRO C 61 35.08 16.72 -8.05
CA PRO C 61 36.44 17.04 -8.56
C PRO C 61 36.53 18.42 -9.22
N PHE C 62 37.43 19.26 -8.72
CA PHE C 62 37.66 20.60 -9.27
C PHE C 62 39.00 20.71 -9.99
N ALA C 63 39.08 21.65 -10.92
CA ALA C 63 40.35 21.98 -11.58
C ALA C 63 40.53 23.50 -11.76
N SER C 64 39.45 24.26 -11.55
CA SER C 64 39.45 25.71 -11.72
C SER C 64 40.12 26.13 -13.02
N TRP C 65 39.54 25.72 -14.14
CA TRP C 65 40.00 26.16 -15.45
C TRP C 65 39.70 27.67 -15.59
N ARG C 66 40.62 28.39 -16.23
CA ARG C 66 40.42 29.80 -16.53
C ARG C 66 40.23 29.98 -18.04
N ASN C 67 39.98 28.84 -18.68
CA ASN C 67 39.71 28.76 -20.11
C ASN C 67 38.65 27.69 -20.30
N SER C 68 37.52 28.07 -20.90
CA SER C 68 36.36 27.19 -21.03
C SER C 68 36.54 26.02 -22.01
N GLU C 69 37.28 26.26 -23.09
CA GLU C 69 37.56 25.21 -24.05
C GLU C 69 38.43 24.12 -23.41
N GLU C 70 39.33 24.52 -22.51
CA GLU C 70 40.14 23.56 -21.76
C GLU C 70 39.28 22.71 -20.81
N ALA C 71 38.27 23.33 -20.19
CA ALA C 71 37.33 22.63 -19.33
C ALA C 71 36.51 21.64 -20.13
N ARG C 72 36.09 22.05 -21.31
CA ARG C 72 35.28 21.21 -22.20
C ARG C 72 36.04 19.95 -22.61
N THR C 73 37.30 20.10 -22.98
CA THR C 73 38.12 18.98 -23.48
C THR C 73 38.80 18.17 -22.38
N ASP C 74 38.60 18.58 -21.13
CA ASP C 74 39.21 17.93 -19.97
C ASP C 74 40.74 17.91 -20.06
N ARG C 75 41.29 18.99 -20.61
CA ARG C 75 42.74 19.18 -20.67
C ARG C 75 43.28 19.61 -19.30
N PRO C 76 44.60 19.45 -19.08
CA PRO C 76 45.17 19.84 -17.78
C PRO C 76 44.91 21.32 -17.48
N SER C 77 44.84 21.63 -16.19
CA SER C 77 44.63 23.01 -15.73
C SER C 77 45.88 23.52 -15.04
N GLN C 78 46.32 24.71 -15.42
CA GLN C 78 47.46 25.37 -14.79
C GLN C 78 47.21 25.71 -13.33
N GLN C 79 45.93 25.70 -12.94
CA GLN C 79 45.50 26.02 -11.57
C GLN C 79 45.46 24.79 -10.67
N LEU C 80 45.70 23.62 -11.25
CA LEU C 80 45.76 22.37 -10.49
C LEU C 80 47.14 21.73 -10.67
N ARG C 81 47.95 21.81 -9.62
CA ARG C 81 49.33 21.36 -9.63
C ARG C 81 49.48 20.09 -8.83
N SER C 82 50.22 19.13 -9.38
CA SER C 82 50.59 17.95 -8.63
C SER C 82 51.83 18.21 -7.76
N LEU C 83 51.79 17.72 -6.53
CA LEU C 83 52.95 17.76 -5.64
C LEU C 83 53.52 16.36 -5.47
N ASN C 84 53.05 15.43 -6.30
CA ASN C 84 53.61 14.08 -6.36
C ASN C 84 55.06 14.12 -6.78
N GLY C 85 55.85 13.20 -6.25
CA GLY C 85 57.25 13.10 -6.61
C GLY C 85 58.09 12.84 -5.38
N GLU C 86 59.27 13.43 -5.34
CA GLU C 86 60.22 13.17 -4.27
C GLU C 86 59.95 14.05 -3.07
N TRP C 87 59.71 13.39 -1.95
CA TRP C 87 59.45 14.03 -0.66
C TRP C 87 60.52 13.56 0.30
N ARG C 88 60.62 14.23 1.44
CA ARG C 88 61.49 13.79 2.50
C ARG C 88 60.66 13.03 3.53
N PHE C 89 61.25 11.96 4.07
CA PHE C 89 60.53 11.08 4.99
C PHE C 89 61.40 10.54 6.12
N ALA C 90 60.84 10.53 7.33
CA ALA C 90 61.45 9.89 8.48
C ALA C 90 60.39 9.11 9.28
N TRP C 91 60.80 7.95 9.80
CA TRP C 91 59.92 7.10 10.60
C TRP C 91 60.20 7.28 12.09
N PHE C 92 59.13 7.30 12.89
CA PHE C 92 59.23 7.38 14.35
C PHE C 92 58.28 6.38 15.00
N PRO C 93 58.63 5.86 16.20
CA PRO C 93 57.82 4.82 16.85
C PRO C 93 56.55 5.35 17.51
N ALA C 94 56.45 6.66 17.64
CA ALA C 94 55.34 7.33 18.34
C ALA C 94 55.36 8.82 17.99
N PRO C 95 54.21 9.50 18.09
CA PRO C 95 54.20 10.95 17.84
C PRO C 95 55.08 11.73 18.83
N GLU C 96 55.27 11.17 20.03
CA GLU C 96 56.08 11.81 21.08
C GLU C 96 57.58 11.87 20.77
N ALA C 97 58.05 11.01 19.86
CA ALA C 97 59.46 10.93 19.51
C ALA C 97 59.85 11.87 18.36
N VAL C 98 58.86 12.56 17.80
CA VAL C 98 59.11 13.49 16.71
C VAL C 98 59.74 14.77 17.25
N PRO C 99 60.97 15.11 16.80
CA PRO C 99 61.65 16.31 17.29
C PRO C 99 60.99 17.59 16.78
N GLU C 100 60.90 18.57 17.69
CA GLU C 100 60.33 19.89 17.40
C GLU C 100 60.92 20.54 16.15
N SER C 101 62.21 20.30 15.90
CA SER C 101 62.94 20.92 14.79
C SER C 101 62.38 20.58 13.41
N TRP C 102 61.83 19.38 13.28
CA TRP C 102 61.24 18.90 12.01
C TRP C 102 60.19 19.86 11.45
N LEU C 103 59.53 20.61 12.35
CA LEU C 103 58.56 21.63 11.95
C LEU C 103 59.23 22.75 11.17
N GLU C 104 60.39 23.17 11.64
CA GLU C 104 61.11 24.31 11.08
C GLU C 104 62.01 23.94 9.90
N CYS C 105 62.73 22.84 10.01
CA CYS C 105 63.66 22.44 8.96
C CYS C 105 63.81 20.92 8.80
N ASP C 106 64.26 20.52 7.60
CA ASP C 106 64.50 19.12 7.25
C ASP C 106 65.35 18.42 8.30
N LEU C 107 65.04 17.16 8.57
CA LEU C 107 65.88 16.30 9.40
C LEU C 107 66.98 15.67 8.54
N PRO C 108 68.25 15.83 8.95
CA PRO C 108 69.36 15.20 8.23
C PRO C 108 69.19 13.68 8.07
N GLU C 109 68.60 13.03 9.08
CA GLU C 109 68.39 11.57 9.08
C GLU C 109 67.23 11.11 8.18
N ALA C 110 66.48 12.03 7.60
CA ALA C 110 65.36 11.69 6.73
C ALA C 110 65.83 11.22 5.34
N ASP C 111 65.09 10.29 4.75
CA ASP C 111 65.40 9.83 3.39
C ASP C 111 64.54 10.57 2.36
N THR C 112 64.95 10.48 1.10
CA THR C 112 64.16 11.01 0.00
C THR C 112 63.35 9.85 -0.58
N VAL C 113 62.02 9.97 -0.54
CA VAL C 113 61.13 8.92 -1.03
C VAL C 113 60.11 9.46 -2.02
N VAL C 114 59.53 8.54 -2.79
CA VAL C 114 58.46 8.90 -3.72
C VAL C 114 57.14 8.96 -2.95
N VAL C 115 56.33 9.97 -3.28
CA VAL C 115 54.96 10.11 -2.79
C VAL C 115 54.09 10.27 -4.04
N PRO C 116 52.95 9.55 -4.11
CA PRO C 116 52.34 8.68 -3.09
C PRO C 116 53.03 7.35 -2.86
N SER C 117 52.92 6.86 -1.63
CA SER C 117 53.50 5.58 -1.22
C SER C 117 52.92 5.12 0.13
N ASN C 118 52.97 3.81 0.36
CA ASN C 118 52.77 3.23 1.69
C ASN C 118 54.14 2.96 2.29
N TRP C 119 54.36 3.41 3.52
CA TRP C 119 55.72 3.34 4.07
C TRP C 119 56.20 1.92 4.36
N GLN C 120 55.27 0.98 4.49
CA GLN C 120 55.58 -0.45 4.60
C GLN C 120 56.23 -0.98 3.32
N MET C 121 55.87 -0.38 2.18
CA MET C 121 56.41 -0.81 0.89
C MET C 121 57.86 -0.34 0.70
N HIS C 122 58.27 0.65 1.50
CA HIS C 122 59.64 1.12 1.49
C HIS C 122 60.47 0.43 2.58
N GLY C 123 59.83 -0.46 3.33
CA GLY C 123 60.51 -1.25 4.35
C GLY C 123 60.74 -0.59 5.71
N TYR C 124 60.11 0.54 5.97
CA TYR C 124 60.26 1.23 7.27
C TYR C 124 59.63 0.49 8.46
N ASP C 125 58.46 -0.12 8.23
CA ASP C 125 57.91 -1.13 9.12
C ASP C 125 57.09 -2.19 8.37
N ALA C 126 56.57 -3.17 9.09
CA ALA C 126 55.91 -4.32 8.48
C ALA C 126 54.43 -4.05 8.17
N PRO C 127 53.97 -4.49 6.98
CA PRO C 127 52.52 -4.52 6.74
C PRO C 127 51.93 -5.70 7.50
N ILE C 128 50.66 -5.57 7.91
CA ILE C 128 50.01 -6.59 8.71
C ILE C 128 48.79 -7.12 7.97
N TYR C 129 48.69 -8.43 7.81
CA TYR C 129 47.45 -8.99 7.32
C TYR C 129 46.63 -9.70 8.38
N THR C 130 45.57 -9.06 8.83
CA THR C 130 44.55 -9.69 9.66
C THR C 130 43.19 -9.54 8.99
N ASN C 131 42.34 -10.55 9.12
CA ASN C 131 40.99 -10.55 8.54
C ASN C 131 40.00 -9.77 9.42
N VAL C 132 39.51 -10.43 10.48
CA VAL C 132 38.48 -9.86 11.35
C VAL C 132 39.06 -9.16 12.60
N THR C 133 39.93 -9.87 13.31
CA THR C 133 40.52 -9.35 14.55
C THR C 133 41.33 -8.08 14.28
N TYR C 134 41.00 -7.00 14.98
CA TYR C 134 41.70 -5.74 14.84
C TYR C 134 43.22 -5.93 15.05
N PRO C 135 44.05 -5.19 14.29
CA PRO C 135 45.52 -5.24 14.45
C PRO C 135 46.00 -4.54 15.73
N ILE C 136 45.06 -3.88 16.43
CA ILE C 136 45.34 -3.24 17.72
C ILE C 136 44.40 -3.78 18.79
N THR C 137 44.77 -3.61 20.06
CA THR C 137 43.89 -3.99 21.17
C THR C 137 42.55 -3.24 21.07
N VAL C 138 41.45 -3.98 21.22
CA VAL C 138 40.10 -3.39 21.13
C VAL C 138 39.78 -2.60 22.40
N ASN C 139 40.04 -1.30 22.34
CA ASN C 139 39.82 -0.41 23.48
C ASN C 139 39.38 0.99 23.00
N PRO C 140 38.23 1.08 22.31
CA PRO C 140 37.85 2.37 21.72
C PRO C 140 37.70 3.46 22.78
N PRO C 141 38.13 4.70 22.48
CA PRO C 141 38.72 5.13 21.21
C PRO C 141 40.25 5.11 21.20
N PHE C 142 40.85 4.38 22.13
CA PHE C 142 42.30 4.43 22.33
C PHE C 142 43.07 3.55 21.35
N VAL C 143 44.29 3.98 21.03
CA VAL C 143 45.23 3.23 20.20
C VAL C 143 46.54 3.03 20.97
N PRO C 144 47.38 2.05 20.56
CA PRO C 144 48.61 1.81 21.32
C PRO C 144 49.46 3.08 21.45
N THR C 145 50.17 3.21 22.56
CA THR C 145 51.08 4.34 22.73
C THR C 145 52.25 4.24 21.75
N GLU C 146 52.65 3.00 21.44
CA GLU C 146 53.56 2.74 20.32
C GLU C 146 52.79 2.81 19.00
N ASN C 147 52.85 3.97 18.36
CA ASN C 147 52.04 4.28 17.20
C ASN C 147 52.93 4.78 16.07
N PRO C 148 53.34 3.86 15.17
CA PRO C 148 54.26 4.22 14.09
C PRO C 148 53.82 5.52 13.41
N THR C 149 54.76 6.44 13.26
CA THR C 149 54.48 7.79 12.83
C THR C 149 55.37 8.11 11.63
N GLY C 150 54.74 8.56 10.54
CA GLY C 150 55.45 8.93 9.32
C GLY C 150 55.54 10.43 9.16
N CYS C 151 56.76 10.96 9.24
CA CYS C 151 57.01 12.39 9.09
C CYS C 151 57.43 12.75 7.68
N TYR C 152 56.46 13.24 6.90
CA TYR C 152 56.70 13.63 5.52
C TYR C 152 56.92 15.15 5.43
N SER C 153 57.81 15.56 4.54
CA SER C 153 57.99 16.99 4.24
C SER C 153 58.26 17.24 2.77
N LEU C 154 57.93 18.45 2.32
CA LEU C 154 58.20 18.85 0.95
C LEU C 154 58.55 20.33 0.91
N THR C 155 59.63 20.65 0.21
CA THR C 155 59.97 22.02 -0.11
C THR C 155 59.56 22.26 -1.55
N PHE C 156 58.79 23.32 -1.80
CA PHE C 156 58.23 23.57 -3.12
C PHE C 156 58.06 25.06 -3.38
N ASN C 157 57.91 25.43 -4.67
CA ASN C 157 57.73 26.81 -5.07
C ASN C 157 56.25 27.18 -5.23
N VAL C 158 55.91 28.40 -4.82
CA VAL C 158 54.61 29.00 -5.14
C VAL C 158 54.85 30.36 -5.78
N ASP C 159 54.24 30.58 -6.94
CA ASP C 159 54.36 31.86 -7.63
C ASP C 159 53.47 32.92 -6.99
N GLU C 160 53.95 34.17 -7.03
CA GLU C 160 53.25 35.33 -6.49
C GLU C 160 51.86 35.51 -7.09
N SER C 161 51.68 35.08 -8.33
CA SER C 161 50.37 35.18 -9.01
C SER C 161 49.30 34.42 -8.23
N TRP C 162 49.70 33.33 -7.57
CA TRP C 162 48.81 32.50 -6.77
C TRP C 162 48.42 33.14 -5.44
N LEU C 163 49.28 34.03 -4.93
CA LEU C 163 49.07 34.63 -3.60
C LEU C 163 48.51 36.05 -3.63
N GLN C 164 48.69 36.75 -4.76
CA GLN C 164 48.16 38.10 -4.92
C GLN C 164 46.63 38.11 -5.03
N GLU C 165 46.08 37.09 -5.71
CA GLU C 165 44.63 36.94 -5.85
C GLU C 165 44.21 35.53 -5.46
N GLY C 166 42.98 35.39 -4.97
CA GLY C 166 42.35 34.08 -4.82
C GLY C 166 42.81 33.21 -3.66
N GLN C 167 42.52 31.92 -3.79
CA GLN C 167 42.66 30.96 -2.69
C GLN C 167 43.49 29.76 -3.13
N THR C 168 44.52 29.43 -2.35
CA THR C 168 45.36 28.27 -2.64
C THR C 168 45.13 27.19 -1.60
N ARG C 169 44.60 26.05 -2.03
CA ARG C 169 44.38 24.94 -1.11
C ARG C 169 45.33 23.78 -1.42
N ILE C 170 45.59 22.95 -0.41
CA ILE C 170 46.26 21.68 -0.63
C ILE C 170 45.25 20.55 -0.52
N ILE C 171 45.38 19.57 -1.41
CA ILE C 171 44.47 18.42 -1.42
C ILE C 171 45.26 17.14 -1.21
N PHE C 172 44.92 16.44 -0.12
CA PHE C 172 45.45 15.11 0.16
C PHE C 172 44.37 14.08 -0.15
N ASP C 173 44.50 13.38 -1.28
CA ASP C 173 43.48 12.42 -1.76
C ASP C 173 43.37 11.16 -0.90
N GLY C 174 44.43 10.85 -0.16
CA GLY C 174 44.46 9.68 0.70
C GLY C 174 45.65 9.65 1.66
N VAL C 175 45.34 9.75 2.95
CA VAL C 175 46.33 9.67 4.02
C VAL C 175 45.84 8.66 5.07
N ASN C 176 46.65 7.65 5.35
CA ASN C 176 46.25 6.51 6.17
C ASN C 176 47.12 6.49 7.44
N SER C 177 46.54 6.67 8.63
CA SER C 177 45.09 6.78 8.88
C SER C 177 44.62 8.16 9.39
N ALA C 178 45.55 8.99 9.83
CA ALA C 178 45.25 10.31 10.38
C ALA C 178 46.51 11.19 10.34
N PHE C 179 46.34 12.50 10.18
CA PHE C 179 47.51 13.37 10.08
C PHE C 179 47.31 14.79 10.57
N HIS C 180 48.40 15.38 11.07
CA HIS C 180 48.50 16.82 11.29
C HIS C 180 49.33 17.46 10.18
N LEU C 181 48.95 18.67 9.81
CA LEU C 181 49.61 19.40 8.73
C LEU C 181 50.16 20.74 9.20
N TRP C 182 51.43 20.98 8.86
CA TRP C 182 52.09 22.27 9.08
C TRP C 182 52.54 22.85 7.75
N CYS C 183 52.56 24.18 7.66
CA CYS C 183 53.06 24.88 6.49
C CYS C 183 53.97 26.02 6.96
N ASN C 184 55.22 25.99 6.50
CA ASN C 184 56.26 26.94 6.93
C ASN C 184 56.31 27.09 8.45
N GLY C 185 56.23 25.96 9.15
CA GLY C 185 56.31 25.93 10.62
C GLY C 185 54.99 26.14 11.36
N ARG C 186 53.97 26.62 10.66
CA ARG C 186 52.70 26.95 11.31
C ARG C 186 51.65 25.85 11.13
N TRP C 187 51.00 25.46 12.23
CA TRP C 187 49.99 24.40 12.22
C TRP C 187 48.76 24.81 11.42
N VAL C 188 48.33 23.93 10.51
CA VAL C 188 47.21 24.20 9.61
C VAL C 188 45.95 23.49 10.08
N GLY C 189 46.04 22.17 10.25
CA GLY C 189 44.89 21.36 10.60
C GLY C 189 45.14 19.88 10.70
N TYR C 190 44.05 19.12 10.73
CA TYR C 190 44.05 17.71 11.07
C TYR C 190 42.96 16.97 10.28
N GLY C 191 43.22 15.72 9.89
CA GLY C 191 42.24 14.96 9.11
C GLY C 191 42.23 13.48 9.42
N GLN C 192 41.06 12.87 9.23
CA GLN C 192 40.86 11.41 9.33
C GLN C 192 40.04 10.89 8.13
N ASP C 193 39.74 9.60 8.13
CA ASP C 193 39.22 8.84 6.98
C ASP C 193 40.27 8.69 5.89
N SER C 194 40.82 7.47 5.80
CA SER C 194 41.97 7.18 4.95
C SER C 194 41.66 7.22 3.46
N ARG C 195 40.38 7.22 3.11
CA ARG C 195 39.97 6.93 1.73
C ARG C 195 39.23 8.06 1.01
N LEU C 196 39.17 9.23 1.64
CA LEU C 196 38.62 10.44 1.01
C LEU C 196 39.60 11.62 1.11
N PRO C 197 39.49 12.60 0.19
CA PRO C 197 40.41 13.74 0.20
C PRO C 197 40.19 14.68 1.38
N SER C 198 41.30 15.06 2.02
CA SER C 198 41.31 16.15 3.00
C SER C 198 41.93 17.39 2.37
N GLU C 199 41.21 18.52 2.46
CA GLU C 199 41.63 19.77 1.84
C GLU C 199 41.76 20.90 2.87
N PHE C 200 42.74 21.77 2.68
CA PHE C 200 43.05 22.84 3.63
C PHE C 200 43.42 24.13 2.91
N ASP C 201 42.97 25.25 3.43
CA ASP C 201 43.28 26.54 2.85
C ASP C 201 44.67 26.97 3.32
N LEU C 202 45.59 27.13 2.37
CA LEU C 202 46.96 27.53 2.69
C LEU C 202 47.25 29.00 2.36
N SER C 203 46.23 29.70 1.83
CA SER C 203 46.37 31.10 1.40
C SER C 203 47.16 31.98 2.38
N ALA C 204 46.89 31.82 3.67
CA ALA C 204 47.50 32.65 4.71
C ALA C 204 48.80 32.07 5.26
N PHE C 205 49.16 30.86 4.83
CA PHE C 205 50.36 30.19 5.34
C PHE C 205 51.53 30.23 4.36
N LEU C 206 51.22 30.50 3.08
CA LEU C 206 52.22 30.41 2.01
C LEU C 206 52.91 31.74 1.74
N ARG C 207 54.11 31.64 1.17
CA ARG C 207 54.82 32.81 0.67
C ARG C 207 55.36 32.58 -0.74
N ALA C 208 55.52 33.67 -1.49
CA ALA C 208 56.11 33.61 -2.83
C ALA C 208 57.52 33.03 -2.73
N GLY C 209 57.88 32.19 -3.68
CA GLY C 209 59.16 31.48 -3.63
C GLY C 209 59.03 30.14 -2.93
N GLU C 210 60.05 29.78 -2.15
CA GLU C 210 60.10 28.47 -1.49
C GLU C 210 59.20 28.38 -0.27
N ASN C 211 58.56 27.22 -0.12
CA ASN C 211 57.71 26.90 1.03
C ASN C 211 58.01 25.49 1.49
N ARG C 212 57.69 25.17 2.74
CA ARG C 212 57.88 23.81 3.25
C ARG C 212 56.69 23.25 4.05
N LEU C 213 56.14 22.14 3.56
CA LEU C 213 55.10 21.39 4.26
C LEU C 213 55.70 20.38 5.22
N ALA C 214 55.05 20.20 6.35
CA ALA C 214 55.37 19.12 7.28
C ALA C 214 54.07 18.36 7.58
N VAL C 215 54.09 17.04 7.34
CA VAL C 215 52.91 16.20 7.52
C VAL C 215 53.25 15.03 8.45
N MET C 216 52.61 15.01 9.61
CA MET C 216 52.78 13.92 10.57
C MET C 216 51.65 12.89 10.45
N VAL C 217 51.96 11.77 9.82
CA VAL C 217 50.97 10.72 9.60
C VAL C 217 51.00 9.66 10.71
N LEU C 218 49.82 9.39 11.28
CA LEU C 218 49.68 8.38 12.32
C LEU C 218 49.12 7.08 11.75
N ARG C 219 49.80 5.97 12.02
CA ARG C 219 49.34 4.65 11.61
C ARG C 219 47.97 4.32 12.22
N TRP C 220 47.87 4.47 13.54
CA TRP C 220 46.64 4.16 14.27
C TRP C 220 45.98 5.42 14.82
N SER C 221 44.65 5.47 14.69
CA SER C 221 43.82 6.54 15.23
C SER C 221 42.44 5.97 15.59
N ASP C 222 41.56 6.80 16.15
CA ASP C 222 40.19 6.33 16.43
C ASP C 222 39.47 5.93 15.13
N GLY C 223 39.92 6.52 14.02
CA GLY C 223 39.43 6.16 12.68
C GLY C 223 39.70 4.70 12.31
N SER C 224 40.76 4.12 12.88
CA SER C 224 41.11 2.71 12.69
C SER C 224 40.00 1.75 13.11
N TYR C 225 39.19 2.15 14.10
CA TYR C 225 38.06 1.34 14.53
C TYR C 225 36.97 1.19 13.43
N LEU C 226 37.01 2.10 12.47
CA LEU C 226 36.08 2.08 11.34
C LEU C 226 36.75 1.58 10.06
N GLU C 227 37.99 1.11 10.20
CA GLU C 227 38.77 0.67 9.04
C GLU C 227 39.29 -0.77 9.20
N ASP C 228 38.38 -1.66 9.58
CA ASP C 228 38.74 -3.05 9.82
C ASP C 228 38.49 -4.00 8.64
N GLN C 229 38.73 -3.50 7.42
CA GLN C 229 38.59 -4.33 6.21
C GLN C 229 39.60 -5.46 6.16
N ASP C 230 39.15 -6.59 5.62
CA ASP C 230 39.94 -7.81 5.43
C ASP C 230 40.98 -7.57 4.33
N MET C 231 42.10 -6.96 4.72
CA MET C 231 43.16 -6.54 3.77
C MET C 231 44.42 -6.19 4.54
N TRP C 232 45.53 -5.96 3.83
CA TRP C 232 46.76 -5.51 4.48
C TRP C 232 46.54 -4.18 5.21
N ARG C 233 47.04 -4.11 6.44
CA ARG C 233 47.00 -2.87 7.21
C ARG C 233 48.30 -2.11 6.98
N MET C 234 48.18 -1.02 6.20
CA MET C 234 49.33 -0.18 5.83
C MET C 234 49.11 1.26 6.31
N SER C 235 50.01 2.17 5.95
CA SER C 235 49.86 3.59 6.29
C SER C 235 50.69 4.49 5.38
N GLY C 236 50.43 5.80 5.45
CA GLY C 236 51.21 6.78 4.69
C GLY C 236 50.38 7.69 3.81
N ILE C 237 51.06 8.50 3.00
CA ILE C 237 50.40 9.35 2.02
C ILE C 237 50.36 8.55 0.72
N PHE C 238 49.29 7.79 0.55
CA PHE C 238 49.20 6.76 -0.50
C PHE C 238 48.38 7.16 -1.74
N ARG C 239 47.79 8.34 -1.71
CA ARG C 239 47.17 8.92 -2.90
C ARG C 239 47.72 10.31 -3.19
N ASP C 240 47.36 10.86 -4.34
CA ASP C 240 47.87 12.12 -4.84
C ASP C 240 47.83 13.28 -3.85
N VAL C 241 48.85 14.14 -3.94
CA VAL C 241 48.87 15.41 -3.25
C VAL C 241 48.87 16.49 -4.31
N SER C 242 48.01 17.49 -4.15
CA SER C 242 47.91 18.55 -5.14
C SER C 242 47.65 19.93 -4.53
N LEU C 243 47.91 20.96 -5.32
CA LEU C 243 47.56 22.32 -4.95
C LEU C 243 46.55 22.82 -5.96
N LEU C 244 45.45 23.38 -5.47
CA LEU C 244 44.41 23.91 -6.34
C LEU C 244 44.23 25.40 -6.07
N HIS C 245 44.29 26.22 -7.11
CA HIS C 245 44.00 27.63 -6.98
C HIS C 245 42.58 27.94 -7.44
N LYS C 246 41.82 28.61 -6.58
CA LYS C 246 40.47 29.05 -6.94
C LYS C 246 40.36 30.56 -6.75
N PRO C 247 39.59 31.25 -7.60
CA PRO C 247 39.34 32.65 -7.29
C PRO C 247 38.55 32.76 -5.98
N THR C 248 38.55 33.94 -5.37
CA THR C 248 37.82 34.17 -4.12
C THR C 248 36.31 34.07 -4.37
N THR C 249 35.88 34.59 -5.52
CA THR C 249 34.53 34.37 -6.03
C THR C 249 34.60 33.11 -6.90
N GLN C 250 33.98 32.04 -6.41
CA GLN C 250 34.24 30.69 -6.92
C GLN C 250 33.01 29.78 -6.94
N ILE C 251 33.02 28.82 -7.86
CA ILE C 251 32.11 27.67 -7.83
C ILE C 251 32.57 26.77 -6.69
N SER C 252 31.74 26.64 -5.66
CA SER C 252 32.09 25.84 -4.47
C SER C 252 31.47 24.45 -4.48
N ASP C 253 30.42 24.26 -5.28
CA ASP C 253 29.76 22.96 -5.40
C ASP C 253 28.84 22.99 -6.60
N PHE C 254 28.68 21.85 -7.24
CA PHE C 254 27.67 21.71 -8.29
C PHE C 254 27.16 20.26 -8.34
N HIS C 255 25.86 20.12 -8.53
CA HIS C 255 25.23 18.81 -8.65
C HIS C 255 24.56 18.70 -10.00
N VAL C 256 24.75 17.55 -10.65
CA VAL C 256 24.13 17.32 -11.95
C VAL C 256 23.12 16.19 -11.89
N ALA C 257 21.90 16.47 -12.38
CA ALA C 257 20.83 15.48 -12.44
C ALA C 257 20.27 15.35 -13.84
N THR C 258 19.86 14.14 -14.20
CA THR C 258 19.15 13.92 -15.45
C THR C 258 17.84 13.16 -15.22
N ARG C 259 16.73 13.78 -15.63
CA ARG C 259 15.40 13.19 -15.51
C ARG C 259 14.81 12.96 -16.90
N PHE C 260 13.93 11.97 -17.02
CA PHE C 260 13.46 11.52 -18.33
C PHE C 260 11.94 11.38 -18.38
N ASN C 261 11.41 11.44 -19.60
CA ASN C 261 10.04 11.04 -19.84
C ASN C 261 9.97 9.52 -19.92
N ASP C 262 8.75 8.99 -20.08
CA ASP C 262 8.48 7.55 -19.99
C ASP C 262 9.29 6.63 -20.92
N ASP C 263 9.57 7.09 -22.14
CA ASP C 263 10.32 6.24 -23.08
C ASP C 263 11.72 6.76 -23.34
N PHE C 264 12.19 7.67 -22.48
CA PHE C 264 13.56 8.18 -22.52
C PHE C 264 13.92 8.95 -23.81
N SER C 265 12.90 9.41 -24.52
CA SER C 265 13.09 10.18 -25.75
C SER C 265 13.34 11.66 -25.46
N ARG C 266 13.03 12.05 -24.22
CA ARG C 266 13.23 13.41 -23.74
C ARG C 266 13.92 13.37 -22.38
N ALA C 267 14.84 14.32 -22.17
CA ALA C 267 15.49 14.48 -20.88
C ALA C 267 15.58 15.94 -20.47
N VAL C 268 15.67 16.17 -19.15
CA VAL C 268 15.99 17.47 -18.60
C VAL C 268 17.27 17.33 -17.79
N LEU C 269 18.29 18.08 -18.16
CA LEU C 269 19.49 18.15 -17.33
C LEU C 269 19.33 19.29 -16.32
N GLU C 270 19.45 18.96 -15.05
CA GLU C 270 19.31 19.95 -14.00
C GLU C 270 20.63 20.12 -13.24
N ALA C 271 21.15 21.34 -13.26
CA ALA C 271 22.44 21.61 -12.65
C ALA C 271 22.34 22.68 -11.57
N GLU C 272 22.49 22.27 -10.31
CA GLU C 272 22.55 23.20 -9.19
C GLU C 272 24.00 23.61 -8.95
N VAL C 273 24.23 24.91 -8.89
CA VAL C 273 25.57 25.47 -8.75
C VAL C 273 25.55 26.38 -7.52
N GLN C 274 26.51 26.16 -6.64
CA GLN C 274 26.68 26.94 -5.43
C GLN C 274 27.97 27.73 -5.53
N MET C 275 27.98 28.95 -4.99
CA MET C 275 29.18 29.79 -4.98
C MET C 275 29.61 30.18 -3.57
N CYS C 276 30.89 30.51 -3.43
CA CYS C 276 31.43 31.18 -2.25
C CYS C 276 32.07 32.49 -2.70
N GLY C 277 32.15 33.46 -1.79
CA GLY C 277 32.74 34.76 -2.10
C GLY C 277 31.69 35.86 -2.06
N GLU C 278 31.96 36.98 -2.72
CA GLU C 278 31.07 38.13 -2.66
C GLU C 278 30.03 38.13 -3.77
N LEU C 279 28.77 38.16 -3.39
CA LEU C 279 27.67 38.18 -4.33
C LEU C 279 27.54 39.55 -5.01
N ARG C 280 27.51 39.55 -6.34
CA ARG C 280 27.28 40.76 -7.10
C ARG C 280 26.23 40.49 -8.16
N ASP C 281 25.41 41.50 -8.47
CA ASP C 281 24.33 41.39 -9.45
C ASP C 281 24.81 41.08 -10.86
N TYR C 282 26.05 41.44 -11.16
CA TYR C 282 26.64 41.17 -12.48
C TYR C 282 27.14 39.74 -12.62
N LEU C 283 27.22 38.99 -11.51
CA LEU C 283 27.66 37.60 -11.56
C LEU C 283 26.68 36.73 -12.33
N ARG C 284 27.22 35.76 -13.08
CA ARG C 284 26.42 34.84 -13.87
C ARG C 284 26.97 33.42 -13.76
N VAL C 285 26.11 32.44 -14.04
CA VAL C 285 26.53 31.07 -14.25
C VAL C 285 25.97 30.60 -15.57
N THR C 286 26.84 30.07 -16.43
CA THR C 286 26.40 29.41 -17.65
C THR C 286 26.70 27.92 -17.56
N VAL C 287 25.69 27.09 -17.83
CA VAL C 287 25.91 25.66 -17.95
C VAL C 287 25.68 25.28 -19.39
N SER C 288 26.69 24.64 -20.00
CA SER C 288 26.60 24.19 -21.38
C SER C 288 26.82 22.69 -21.45
N LEU C 289 26.09 22.05 -22.37
CA LEU C 289 26.17 20.62 -22.55
C LEU C 289 26.66 20.29 -23.95
N TRP C 290 27.68 19.45 -24.03
CA TRP C 290 28.35 19.12 -25.27
C TRP C 290 28.31 17.63 -25.55
N GLN C 291 28.01 17.27 -26.80
CA GLN C 291 28.15 15.91 -27.31
C GLN C 291 29.31 15.93 -28.28
N GLY C 292 30.49 15.54 -27.80
CA GLY C 292 31.72 15.65 -28.56
C GLY C 292 32.02 17.11 -28.81
N GLU C 293 32.00 17.52 -30.08
CA GLU C 293 32.30 18.90 -30.46
C GLU C 293 31.04 19.74 -30.64
N THR C 294 29.89 19.08 -30.62
CA THR C 294 28.60 19.73 -30.83
C THR C 294 28.01 20.19 -29.50
N GLN C 295 27.73 21.49 -29.39
CA GLN C 295 27.02 22.02 -28.24
C GLN C 295 25.56 21.64 -28.41
N VAL C 296 24.98 20.95 -27.43
CA VAL C 296 23.59 20.54 -27.55
C VAL C 296 22.66 21.48 -26.79
N ALA C 297 23.16 22.10 -25.73
CA ALA C 297 22.36 23.07 -24.97
C ALA C 297 23.23 24.02 -24.15
N SER C 298 22.64 25.18 -23.82
CA SER C 298 23.28 26.15 -22.94
C SER C 298 22.22 26.98 -22.25
N GLY C 299 22.52 27.39 -21.02
CA GLY C 299 21.63 28.24 -20.24
C GLY C 299 22.46 29.11 -19.32
N THR C 300 22.00 30.33 -19.10
CA THR C 300 22.67 31.29 -18.23
C THR C 300 21.65 31.91 -17.27
N ALA C 301 22.09 32.12 -16.03
CA ALA C 301 21.26 32.76 -15.01
C ALA C 301 22.14 33.46 -14.00
N PRO C 302 21.63 34.57 -13.41
CA PRO C 302 22.28 35.15 -12.24
C PRO C 302 22.01 34.28 -11.00
N PHE C 303 22.72 34.55 -9.92
CA PHE C 303 22.51 33.82 -8.68
C PHE C 303 21.18 34.18 -8.00
N GLY C 304 20.66 33.25 -7.20
CA GLY C 304 19.39 33.43 -6.50
C GLY C 304 18.48 32.25 -6.77
N GLY C 305 18.39 31.35 -5.79
CA GLY C 305 17.52 30.18 -5.93
C GLY C 305 16.07 30.49 -5.59
N GLU C 306 15.19 29.55 -5.89
CA GLU C 306 13.77 29.68 -5.55
C GLU C 306 13.58 29.80 -4.03
N ILE C 307 12.44 30.36 -3.62
CA ILE C 307 12.07 30.39 -2.22
C ILE C 307 11.95 28.95 -1.70
N ILE C 308 12.62 28.64 -0.59
CA ILE C 308 12.48 27.32 -0.01
C ILE C 308 11.77 27.29 1.36
N ASP C 309 11.76 28.40 2.09
CA ASP C 309 11.02 28.50 3.36
C ASP C 309 10.71 29.95 3.77
N GLU C 310 10.21 30.11 5.00
CA GLU C 310 9.78 31.42 5.52
C GLU C 310 10.87 32.50 5.46
N ARG C 311 12.13 32.08 5.51
CA ARG C 311 13.25 33.01 5.45
C ARG C 311 13.75 33.30 4.04
N GLY C 312 13.13 32.67 3.03
CA GLY C 312 13.47 32.91 1.63
C GLY C 312 14.19 31.75 0.96
N GLY C 313 15.21 32.07 0.15
CA GLY C 313 15.96 31.06 -0.58
C GLY C 313 17.46 31.24 -0.48
N TYR C 314 18.19 30.47 -1.28
CA TYR C 314 19.66 30.53 -1.34
C TYR C 314 20.09 31.56 -2.38
N ALA C 315 20.55 32.71 -1.89
CA ALA C 315 21.05 33.78 -2.77
C ALA C 315 22.37 33.40 -3.42
N ASP C 316 23.08 32.47 -2.78
CA ASP C 316 24.39 32.00 -3.25
C ASP C 316 24.30 30.74 -4.10
N ARG C 317 23.10 30.43 -4.60
CA ARG C 317 22.89 29.26 -5.45
C ARG C 317 22.00 29.58 -6.66
N VAL C 318 22.17 28.79 -7.71
CA VAL C 318 21.26 28.85 -8.85
C VAL C 318 21.14 27.46 -9.49
N THR C 319 19.98 27.19 -10.10
CA THR C 319 19.74 25.93 -10.79
C THR C 319 19.45 26.19 -12.26
N LEU C 320 20.25 25.56 -13.13
CA LEU C 320 20.04 25.62 -14.58
C LEU C 320 19.36 24.35 -15.08
N ARG C 321 18.40 24.53 -15.98
CA ARG C 321 17.67 23.41 -16.56
C ARG C 321 17.79 23.43 -18.07
N LEU C 322 18.34 22.35 -18.62
CA LEU C 322 18.55 22.22 -20.06
C LEU C 322 17.71 21.07 -20.62
N ASN C 323 16.96 21.36 -21.68
CA ASN C 323 16.20 20.34 -22.39
C ASN C 323 17.07 19.59 -23.39
N VAL C 324 16.93 18.27 -23.43
CA VAL C 324 17.68 17.43 -24.36
C VAL C 324 16.73 16.44 -25.05
N GLU C 325 16.59 16.59 -26.35
CA GLU C 325 15.75 15.70 -27.14
C GLU C 325 16.59 14.53 -27.61
N ASN C 326 16.00 13.34 -27.55
CA ASN C 326 16.65 12.07 -27.93
C ASN C 326 18.07 11.89 -27.37
N PRO C 327 18.23 11.98 -26.04
CA PRO C 327 19.57 11.85 -25.47
C PRO C 327 20.19 10.48 -25.77
N LYS C 328 21.49 10.44 -26.00
CA LYS C 328 22.22 9.19 -26.12
C LYS C 328 22.46 8.70 -24.70
N LEU C 329 21.93 7.52 -24.40
CA LEU C 329 21.88 7.05 -23.01
C LEU C 329 23.14 6.33 -22.59
N TRP C 330 23.51 6.51 -21.32
CA TRP C 330 24.68 5.86 -20.76
C TRP C 330 24.30 4.50 -20.20
N SER C 331 25.15 3.51 -20.45
CA SER C 331 25.07 2.19 -19.81
C SER C 331 26.46 1.55 -19.88
N ALA C 332 26.63 0.40 -19.24
CA ALA C 332 27.87 -0.37 -19.39
C ALA C 332 28.02 -0.90 -20.82
N GLU C 333 26.90 -1.16 -21.48
CA GLU C 333 26.89 -1.66 -22.86
C GLU C 333 27.34 -0.59 -23.86
N ILE C 334 26.85 0.63 -23.69
CA ILE C 334 27.26 1.75 -24.53
C ILE C 334 27.42 2.97 -23.65
N PRO C 335 28.66 3.25 -23.22
CA PRO C 335 28.86 4.35 -22.28
C PRO C 335 28.86 5.74 -22.95
N ASN C 336 27.74 6.10 -23.57
CA ASN C 336 27.55 7.44 -24.13
C ASN C 336 27.75 8.53 -23.07
N LEU C 337 28.67 9.45 -23.34
CA LEU C 337 28.94 10.55 -22.43
C LEU C 337 28.80 11.92 -23.09
N TYR C 338 28.22 12.85 -22.34
CA TYR C 338 28.23 14.27 -22.68
C TYR C 338 29.22 14.97 -21.75
N ARG C 339 29.55 16.21 -22.09
CA ARG C 339 30.36 17.05 -21.21
C ARG C 339 29.52 18.23 -20.75
N ALA C 340 29.47 18.45 -19.44
CA ALA C 340 28.82 19.63 -18.90
C ALA C 340 29.90 20.59 -18.44
N VAL C 341 29.82 21.84 -18.90
CA VAL C 341 30.76 22.86 -18.48
C VAL C 341 30.02 23.91 -17.67
N VAL C 342 30.53 24.18 -16.46
CA VAL C 342 29.95 25.17 -15.57
C VAL C 342 30.87 26.39 -15.51
N GLU C 343 30.41 27.50 -16.08
CA GLU C 343 31.19 28.74 -16.10
C GLU C 343 30.61 29.76 -15.11
N LEU C 344 31.46 30.23 -14.20
CA LEU C 344 31.17 31.38 -13.40
C LEU C 344 31.80 32.59 -14.10
N HIS C 345 30.97 33.61 -14.35
CA HIS C 345 31.44 34.77 -15.11
C HIS C 345 30.71 36.05 -14.72
N THR C 346 31.14 37.18 -15.30
CA THR C 346 30.39 38.44 -15.17
C THR C 346 29.47 38.62 -16.38
N ALA C 347 28.50 39.52 -16.26
CA ALA C 347 27.51 39.75 -17.32
C ALA C 347 28.11 40.29 -18.63
N ASP C 348 29.27 40.95 -18.56
CA ASP C 348 29.94 41.47 -19.76
C ASP C 348 30.69 40.38 -20.52
N GLY C 349 30.80 39.20 -19.92
CA GLY C 349 31.39 38.06 -20.59
C GLY C 349 32.83 37.80 -20.19
N THR C 350 33.23 38.25 -19.00
CA THR C 350 34.54 37.93 -18.47
C THR C 350 34.45 36.65 -17.64
N LEU C 351 35.21 35.63 -18.03
CA LEU C 351 35.23 34.36 -17.31
C LEU C 351 35.99 34.50 -15.99
N ILE C 352 35.37 34.05 -14.90
CA ILE C 352 36.07 34.00 -13.61
C ILE C 352 36.68 32.62 -13.42
N GLU C 353 35.87 31.58 -13.61
CA GLU C 353 36.37 30.20 -13.63
C GLU C 353 35.34 29.23 -14.22
N ALA C 354 35.84 28.07 -14.64
CA ALA C 354 34.99 27.00 -15.14
C ALA C 354 35.31 25.70 -14.43
N GLU C 355 34.28 24.91 -14.19
CA GLU C 355 34.44 23.53 -13.75
C GLU C 355 33.66 22.67 -14.74
N ALA C 356 33.84 21.36 -14.67
CA ALA C 356 33.25 20.47 -15.68
C ALA C 356 33.17 19.03 -15.19
N CYS C 357 32.33 18.24 -15.83
CA CYS C 357 32.28 16.80 -15.58
C CYS C 357 31.68 16.08 -16.78
N ASP C 358 31.94 14.77 -16.85
CA ASP C 358 31.28 13.90 -17.83
C ASP C 358 29.88 13.60 -17.33
N VAL C 359 28.92 13.62 -18.24
CA VAL C 359 27.53 13.37 -17.89
C VAL C 359 27.05 12.17 -18.67
N GLY C 360 26.53 11.18 -17.93
CA GLY C 360 25.88 10.03 -18.54
C GLY C 360 24.39 10.12 -18.28
N PHE C 361 23.62 10.20 -19.35
CA PHE C 361 22.18 10.22 -19.24
C PHE C 361 21.69 8.81 -18.93
N ARG C 362 21.37 8.58 -17.66
CA ARG C 362 20.77 7.31 -17.25
C ARG C 362 19.93 7.46 -15.99
N GLU C 363 18.92 6.61 -15.90
CA GLU C 363 18.05 6.54 -14.74
C GLU C 363 18.24 5.22 -14.02
N VAL C 364 18.44 5.29 -12.71
CA VAL C 364 18.47 4.09 -11.87
C VAL C 364 17.28 4.14 -10.92
N ARG C 365 16.48 3.08 -10.93
CA ARG C 365 15.34 2.99 -10.02
C ARG C 365 14.94 1.54 -9.73
N ILE C 366 14.33 1.31 -8.57
CA ILE C 366 13.77 0.01 -8.26
C ILE C 366 12.26 0.11 -8.41
N GLU C 367 11.69 -0.81 -9.18
CA GLU C 367 10.26 -0.79 -9.41
C GLU C 367 9.74 -2.20 -9.46
N ASN C 368 8.68 -2.43 -8.69
CA ASN C 368 8.05 -3.74 -8.60
C ASN C 368 9.09 -4.82 -8.27
N GLY C 369 10.04 -4.46 -7.43
CA GLY C 369 11.06 -5.39 -6.95
C GLY C 369 12.22 -5.64 -7.89
N LEU C 370 12.34 -4.84 -8.95
CA LEU C 370 13.43 -4.99 -9.91
C LEU C 370 14.29 -3.73 -9.99
N LEU C 371 15.61 -3.92 -9.96
CA LEU C 371 16.54 -2.82 -10.20
C LEU C 371 16.60 -2.53 -11.70
N LEU C 372 16.22 -1.30 -12.06
CA LEU C 372 16.13 -0.92 -13.47
C LEU C 372 17.16 0.14 -13.83
N LEU C 373 17.76 -0.03 -15.00
CA LEU C 373 18.58 1.00 -15.62
C LEU C 373 17.96 1.38 -16.95
N ASN C 374 17.57 2.66 -17.07
CA ASN C 374 16.88 3.16 -18.26
C ASN C 374 15.67 2.32 -18.62
N GLY C 375 14.91 1.92 -17.60
CA GLY C 375 13.69 1.13 -17.77
C GLY C 375 13.87 -0.38 -17.89
N LYS C 376 15.11 -0.85 -17.93
CA LYS C 376 15.41 -2.28 -18.19
C LYS C 376 16.08 -2.95 -16.99
N PRO C 377 15.68 -4.20 -16.67
CA PRO C 377 16.23 -4.87 -15.48
C PRO C 377 17.66 -5.35 -15.69
N LEU C 378 18.55 -4.92 -14.79
CA LEU C 378 19.96 -5.26 -14.89
C LEU C 378 20.22 -6.72 -14.54
N LEU C 379 21.29 -7.27 -15.12
CA LEU C 379 21.85 -8.52 -14.65
C LEU C 379 23.30 -8.19 -14.33
N ILE C 380 23.60 -8.09 -13.03
CA ILE C 380 24.90 -7.63 -12.55
C ILE C 380 25.95 -8.74 -12.65
N ARG C 381 26.86 -8.58 -13.60
CA ARG C 381 28.01 -9.45 -13.74
C ARG C 381 29.17 -8.75 -13.01
N GLY C 382 29.16 -8.84 -11.69
CA GLY C 382 30.02 -7.99 -10.87
C GLY C 382 31.17 -8.68 -10.20
N VAL C 383 32.14 -7.89 -9.77
CA VAL C 383 33.25 -8.38 -8.95
C VAL C 383 33.60 -7.28 -7.93
N ASN C 384 33.98 -7.69 -6.72
CA ASN C 384 34.60 -6.80 -5.76
C ASN C 384 36.05 -6.55 -6.17
N ARG C 385 36.50 -5.31 -6.05
CA ARG C 385 37.90 -4.97 -6.38
C ARG C 385 38.54 -4.06 -5.35
N HIS C 386 39.57 -4.56 -4.68
CA HIS C 386 40.41 -3.75 -3.81
C HIS C 386 41.43 -2.99 -4.63
N GLU C 387 41.88 -1.88 -4.08
CA GLU C 387 43.02 -1.15 -4.64
C GLU C 387 44.31 -1.80 -4.13
N HIS C 388 44.77 -2.81 -4.86
CA HIS C 388 45.95 -3.58 -4.47
C HIS C 388 46.96 -3.72 -5.59
N HIS C 389 48.23 -3.47 -5.27
CA HIS C 389 49.35 -3.63 -6.19
C HIS C 389 50.46 -4.40 -5.45
N PRO C 390 51.03 -5.45 -6.09
CA PRO C 390 52.01 -6.30 -5.39
C PRO C 390 53.34 -5.61 -5.06
N LEU C 391 53.69 -4.58 -5.81
CA LEU C 391 54.91 -3.81 -5.54
C LEU C 391 54.61 -2.54 -4.73
N HIS C 392 53.50 -1.89 -5.03
CA HIS C 392 53.23 -0.56 -4.50
C HIS C 392 52.23 -0.54 -3.35
N GLY C 393 51.75 -1.72 -2.95
CA GLY C 393 50.80 -1.84 -1.85
C GLY C 393 49.44 -1.30 -2.25
N GLN C 394 49.07 -0.17 -1.66
CA GLN C 394 47.72 0.34 -1.86
C GLN C 394 47.68 1.66 -2.64
N VAL C 395 48.84 1.98 -3.24
CA VAL C 395 48.96 3.08 -4.19
C VAL C 395 48.48 2.61 -5.56
N MET C 396 47.57 3.37 -6.15
CA MET C 396 46.98 3.06 -7.46
C MET C 396 47.47 4.00 -8.56
N ASP C 397 47.73 3.44 -9.74
CA ASP C 397 48.15 4.22 -10.90
C ASP C 397 47.18 4.00 -12.05
N GLU C 398 47.18 4.90 -13.03
CA GLU C 398 46.29 4.78 -14.19
C GLU C 398 46.45 3.44 -14.92
N GLN C 399 47.70 3.03 -15.14
CA GLN C 399 47.97 1.80 -15.90
C GLN C 399 47.33 0.55 -15.28
N THR C 400 47.50 0.36 -13.97
CA THR C 400 46.89 -0.76 -13.25
C THR C 400 45.36 -0.73 -13.32
N MET C 401 44.79 0.45 -13.10
CA MET C 401 43.34 0.64 -13.20
C MET C 401 42.80 0.25 -14.58
N VAL C 402 43.48 0.72 -15.64
CA VAL C 402 43.05 0.45 -17.02
C VAL C 402 43.16 -1.04 -17.34
N GLN C 403 44.28 -1.65 -16.97
CA GLN C 403 44.48 -3.09 -17.14
C GLN C 403 43.35 -3.90 -16.46
N ASP C 404 42.95 -3.50 -15.24
CA ASP C 404 41.87 -4.17 -14.52
C ASP C 404 40.55 -4.07 -15.27
N ILE C 405 40.20 -2.84 -15.66
CA ILE C 405 38.97 -2.59 -16.42
C ILE C 405 38.93 -3.34 -17.74
N LEU C 406 40.05 -3.38 -18.47
CA LEU C 406 40.11 -4.10 -19.75
C LEU C 406 39.88 -5.60 -19.54
N LEU C 407 40.57 -6.16 -18.55
CA LEU C 407 40.46 -7.59 -18.24
C LEU C 407 39.07 -7.95 -17.73
N MET C 408 38.49 -7.07 -16.93
CA MET C 408 37.12 -7.26 -16.42
C MET C 408 36.12 -7.34 -17.55
N LYS C 409 36.17 -6.36 -18.46
CA LYS C 409 35.23 -6.30 -19.58
C LYS C 409 35.48 -7.42 -20.59
N GLN C 410 36.75 -7.77 -20.78
CA GLN C 410 37.14 -8.88 -21.66
C GLN C 410 36.62 -10.22 -21.13
N ASN C 411 36.36 -10.27 -19.83
CA ASN C 411 35.84 -11.46 -19.18
C ASN C 411 34.38 -11.35 -18.76
N ASN C 412 33.65 -10.48 -19.45
CA ASN C 412 32.20 -10.34 -19.34
C ASN C 412 31.69 -9.83 -18.00
N PHE C 413 32.51 -9.03 -17.32
CA PHE C 413 32.05 -8.28 -16.17
C PHE C 413 31.47 -6.94 -16.62
N ASN C 414 30.37 -6.52 -15.98
CA ASN C 414 29.80 -5.20 -16.26
C ASN C 414 29.70 -4.30 -15.02
N ALA C 415 30.19 -4.78 -13.89
CA ALA C 415 30.01 -4.07 -12.63
C ALA C 415 31.13 -4.32 -11.64
N VAL C 416 31.37 -3.34 -10.79
CA VAL C 416 32.39 -3.43 -9.77
C VAL C 416 31.88 -2.85 -8.46
N ARG C 417 32.23 -3.51 -7.35
CA ARG C 417 31.96 -2.98 -6.03
C ARG C 417 33.27 -2.47 -5.43
N CYS C 418 33.25 -1.21 -4.98
CA CYS C 418 34.42 -0.59 -4.35
C CYS C 418 34.61 -1.09 -2.91
N SER C 419 35.00 -2.35 -2.78
CA SER C 419 35.24 -2.96 -1.48
C SER C 419 36.53 -2.42 -0.83
N HIS C 420 36.46 -1.79 0.35
CA HIS C 420 35.22 -1.34 1.01
C HIS C 420 35.42 0.11 1.42
N TYR C 421 35.50 0.99 0.42
CA TYR C 421 35.89 2.38 0.63
C TYR C 421 35.81 3.16 -0.68
N PRO C 422 35.67 4.49 -0.60
CA PRO C 422 35.75 5.26 -1.81
C PRO C 422 37.12 5.08 -2.46
N ASN C 423 37.14 4.96 -3.79
CA ASN C 423 38.37 4.72 -4.53
C ASN C 423 39.09 6.00 -4.93
N HIS C 424 40.34 5.84 -5.38
CA HIS C 424 41.10 6.90 -6.05
C HIS C 424 40.17 7.54 -7.08
N PRO C 425 40.14 8.89 -7.14
CA PRO C 425 39.22 9.65 -7.98
C PRO C 425 39.18 9.23 -9.46
N LEU C 426 40.30 8.75 -10.00
CA LEU C 426 40.40 8.41 -11.41
C LEU C 426 39.56 7.18 -11.76
N TRP C 427 39.44 6.26 -10.81
CA TRP C 427 38.66 5.03 -11.01
C TRP C 427 37.29 5.29 -11.60
N TYR C 428 36.58 6.26 -11.02
CA TYR C 428 35.22 6.59 -11.43
C TYR C 428 35.16 7.18 -12.84
N THR C 429 36.15 8.01 -13.16
CA THR C 429 36.26 8.59 -14.49
C THR C 429 36.44 7.49 -15.54
N LEU C 430 37.29 6.52 -15.23
CA LEU C 430 37.53 5.37 -16.12
C LEU C 430 36.29 4.47 -16.24
N CYS C 431 35.59 4.26 -15.13
CA CYS C 431 34.32 3.51 -15.21
C CYS C 431 33.23 4.25 -15.99
N ASP C 432 33.17 5.58 -15.86
CA ASP C 432 32.29 6.40 -16.72
C ASP C 432 32.55 6.17 -18.21
N ARG C 433 33.83 6.15 -18.57
CA ARG C 433 34.23 6.22 -19.98
C ARG C 433 34.31 4.84 -20.62
N TYR C 434 34.74 3.85 -19.85
CA TYR C 434 34.79 2.48 -20.35
C TYR C 434 33.45 1.76 -20.24
N GLY C 435 32.65 2.13 -19.23
CA GLY C 435 31.34 1.50 -19.03
C GLY C 435 31.37 0.32 -18.08
N LEU C 436 31.28 0.62 -16.79
CA LEU C 436 31.10 -0.37 -15.72
C LEU C 436 30.17 0.24 -14.68
N TYR C 437 29.23 -0.54 -14.18
CA TYR C 437 28.36 -0.11 -13.08
C TYR C 437 29.12 -0.19 -11.77
N VAL C 438 29.03 0.87 -10.97
CA VAL C 438 29.82 0.95 -9.74
C VAL C 438 28.94 1.03 -8.49
N VAL C 439 29.26 0.19 -7.51
CA VAL C 439 28.75 0.40 -6.15
C VAL C 439 29.81 1.16 -5.36
N ASP C 440 29.51 2.41 -5.01
CA ASP C 440 30.41 3.27 -4.24
C ASP C 440 30.11 3.11 -2.76
N GLU C 441 31.14 2.81 -1.97
CA GLU C 441 30.95 2.27 -0.63
C GLU C 441 31.74 3.05 0.41
N ALA C 442 31.03 3.49 1.44
CA ALA C 442 31.63 4.25 2.56
C ALA C 442 32.72 3.45 3.25
N ASN C 443 33.76 4.15 3.68
CA ASN C 443 34.89 3.55 4.40
C ASN C 443 34.52 3.33 5.87
N ILE C 444 33.60 2.38 6.09
CA ILE C 444 33.16 1.98 7.44
C ILE C 444 33.09 0.46 7.52
N GLU C 445 34.04 -0.13 8.26
CA GLU C 445 33.97 -1.54 8.59
C GLU C 445 34.47 -1.73 10.02
N THR C 446 33.63 -2.35 10.84
CA THR C 446 33.91 -2.55 12.26
C THR C 446 33.79 -4.04 12.63
N HIS C 447 34.18 -4.90 11.70
CA HIS C 447 33.99 -6.36 11.79
C HIS C 447 34.45 -6.95 13.12
N GLY C 448 35.58 -6.46 13.62
CA GLY C 448 36.18 -7.00 14.84
C GLY C 448 35.52 -6.66 16.16
N MET C 449 34.52 -5.77 16.15
CA MET C 449 33.74 -5.47 17.36
C MET C 449 32.92 -6.68 17.80
N VAL C 450 32.60 -6.74 19.09
CA VAL C 450 31.73 -7.79 19.64
C VAL C 450 30.62 -7.12 20.47
N PRO C 451 29.35 -7.21 20.03
CA PRO C 451 28.94 -7.77 18.74
C PRO C 451 29.34 -6.82 17.61
N MET C 452 29.03 -7.16 16.36
CA MET C 452 29.52 -6.36 15.23
C MET C 452 29.01 -4.92 15.18
N ASN C 453 27.82 -4.68 15.72
CA ASN C 453 27.23 -3.34 15.70
C ASN C 453 27.51 -2.44 16.92
N ARG C 454 28.49 -2.84 17.75
CA ARG C 454 28.77 -2.10 19.00
C ARG C 454 28.97 -0.61 18.80
N LEU C 455 29.72 -0.23 17.77
CA LEU C 455 29.95 1.18 17.46
C LEU C 455 28.83 1.77 16.61
N THR C 456 28.36 1.00 15.63
CA THR C 456 27.36 1.52 14.69
C THR C 456 25.98 1.72 15.33
N ASP C 457 25.72 1.07 16.46
CA ASP C 457 24.48 1.31 17.24
C ASP C 457 24.68 2.41 18.30
N ASP C 458 25.92 2.87 18.45
CA ASP C 458 26.27 3.87 19.48
C ASP C 458 26.23 5.28 18.89
N PRO C 459 25.32 6.15 19.40
CA PRO C 459 25.17 7.51 18.87
C PRO C 459 26.43 8.36 18.94
N ARG C 460 27.35 8.03 19.85
CA ARG C 460 28.61 8.76 19.96
C ARG C 460 29.51 8.57 18.75
N TRP C 461 29.31 7.47 18.03
CA TRP C 461 30.04 7.20 16.80
C TRP C 461 29.29 7.63 15.54
N LEU C 462 28.11 8.24 15.71
CA LEU C 462 27.35 8.72 14.56
C LEU C 462 28.08 9.84 13.78
N PRO C 463 28.69 10.83 14.48
CA PRO C 463 29.42 11.87 13.72
C PRO C 463 30.55 11.32 12.84
N ALA C 464 31.40 10.45 13.39
CA ALA C 464 32.50 9.88 12.62
C ALA C 464 31.97 9.09 11.40
N MET C 465 30.97 8.24 11.62
CA MET C 465 30.35 7.49 10.53
C MET C 465 29.70 8.39 9.48
N SER C 466 29.01 9.44 9.92
CA SER C 466 28.27 10.30 8.99
C SER C 466 29.21 10.96 7.99
N GLU C 467 30.38 11.38 8.46
CA GLU C 467 31.38 12.03 7.58
C GLU C 467 31.90 11.07 6.51
N ARG C 468 31.99 9.79 6.85
CA ARG C 468 32.46 8.79 5.90
C ARG C 468 31.43 8.50 4.80
N VAL C 469 30.15 8.70 5.13
CA VAL C 469 29.07 8.57 4.16
C VAL C 469 28.85 9.88 3.38
N THR C 470 28.67 10.99 4.11
CA THR C 470 28.28 12.25 3.49
C THR C 470 29.35 12.79 2.53
N ARG C 471 30.61 12.70 2.95
CA ARG C 471 31.72 13.24 2.16
C ARG C 471 31.98 12.40 0.90
N MET C 472 31.63 11.11 0.97
CA MET C 472 31.65 10.24 -0.21
C MET C 472 30.62 10.68 -1.25
N VAL C 473 29.40 10.94 -0.78
CA VAL C 473 28.31 11.35 -1.65
C VAL C 473 28.60 12.71 -2.29
N GLN C 474 29.10 13.66 -1.50
CA GLN C 474 29.44 15.00 -1.97
C GLN C 474 30.55 14.99 -3.03
N ARG C 475 31.43 14.00 -2.95
CA ARG C 475 32.55 13.89 -3.87
C ARG C 475 32.12 13.25 -5.21
N ASP C 476 31.29 12.21 -5.12
CA ASP C 476 31.10 11.28 -6.24
C ASP C 476 29.73 11.31 -6.93
N ARG C 477 28.83 12.17 -6.45
CA ARG C 477 27.43 12.13 -6.89
C ARG C 477 27.18 12.48 -8.35
N ASN C 478 28.16 13.08 -9.02
CA ASN C 478 28.02 13.44 -10.43
C ASN C 478 28.54 12.37 -11.40
N HIS C 479 29.08 11.27 -10.89
CA HIS C 479 29.57 10.19 -11.76
C HIS C 479 28.44 9.24 -12.20
N PRO C 480 28.20 9.14 -13.52
CA PRO C 480 27.15 8.24 -14.01
C PRO C 480 27.40 6.76 -13.70
N SER C 481 28.67 6.37 -13.62
CA SER C 481 29.05 5.00 -13.33
C SER C 481 28.60 4.52 -11.96
N VAL C 482 28.57 5.43 -10.99
CA VAL C 482 28.00 5.13 -9.68
C VAL C 482 26.47 5.02 -9.79
N ILE C 483 25.96 3.82 -9.56
CA ILE C 483 24.53 3.55 -9.68
C ILE C 483 23.88 3.18 -8.33
N ILE C 484 24.69 2.76 -7.38
CA ILE C 484 24.24 2.34 -6.04
C ILE C 484 25.21 2.84 -4.97
N TRP C 485 24.67 3.41 -3.88
CA TRP C 485 25.48 3.79 -2.71
C TRP C 485 25.49 2.64 -1.71
N SER C 486 26.64 2.41 -1.08
CA SER C 486 26.72 1.42 0.00
C SER C 486 27.17 2.07 1.30
N LEU C 487 26.53 1.69 2.39
CA LEU C 487 26.82 2.27 3.70
C LEU C 487 28.08 1.70 4.37
N GLY C 488 28.78 0.80 3.68
CA GLY C 488 29.97 0.20 4.25
C GLY C 488 29.89 -1.30 4.21
N ASN C 489 30.61 -1.94 5.13
CA ASN C 489 30.77 -3.38 5.11
C ASN C 489 30.96 -3.94 6.51
N GLU C 490 30.30 -5.07 6.76
CA GLU C 490 30.51 -5.86 7.98
C GLU C 490 30.67 -5.00 9.24
N SER C 491 29.63 -4.22 9.55
CA SER C 491 29.60 -3.43 10.77
C SER C 491 28.29 -3.66 11.51
N GLY C 492 27.77 -4.90 11.42
CA GLY C 492 26.47 -5.24 11.98
C GLY C 492 25.38 -4.36 11.41
N HIS C 493 24.29 -4.20 12.15
CA HIS C 493 23.28 -3.22 11.82
C HIS C 493 22.98 -2.40 13.07
N GLY C 494 23.25 -1.11 13.00
CA GLY C 494 22.97 -0.21 14.11
C GLY C 494 22.09 0.93 13.66
N ALA C 495 21.59 1.71 14.62
CA ALA C 495 20.72 2.86 14.34
C ALA C 495 21.41 3.93 13.50
N ASN C 496 22.74 4.00 13.60
CA ASN C 496 23.49 4.96 12.78
C ASN C 496 23.36 4.66 11.29
N HIS C 497 23.30 3.38 10.95
CA HIS C 497 23.05 2.95 9.57
C HIS C 497 21.71 3.44 9.04
N ASP C 498 20.67 3.30 9.86
CA ASP C 498 19.33 3.76 9.52
C ASP C 498 19.28 5.27 9.25
N ALA C 499 19.93 6.03 10.12
CA ALA C 499 20.00 7.49 9.97
C ALA C 499 20.69 7.90 8.67
N LEU C 500 21.84 7.27 8.39
CA LEU C 500 22.62 7.56 7.20
C LEU C 500 21.99 7.00 5.92
N TYR C 501 21.32 5.85 6.03
CA TYR C 501 20.47 5.36 4.92
C TYR C 501 19.49 6.47 4.51
N ARG C 502 18.78 7.02 5.49
CA ARG C 502 17.79 8.05 5.23
C ARG C 502 18.41 9.34 4.72
N TRP C 503 19.57 9.71 5.27
CA TRP C 503 20.27 10.91 4.78
C TRP C 503 20.53 10.85 3.26
N ILE C 504 21.07 9.72 2.79
CA ILE C 504 21.33 9.55 1.35
C ILE C 504 20.04 9.59 0.52
N LYS C 505 19.03 8.85 0.96
CA LYS C 505 17.73 8.81 0.26
C LYS C 505 17.19 10.22 0.10
N SER C 506 17.43 11.03 1.13
CA SER C 506 16.97 12.41 1.17
C SER C 506 17.74 13.30 0.19
N VAL C 507 19.07 13.20 0.21
CA VAL C 507 19.91 14.10 -0.61
C VAL C 507 20.09 13.65 -2.07
N ASP C 508 20.05 12.34 -2.30
CA ASP C 508 20.21 11.81 -3.65
C ASP C 508 19.21 10.69 -3.92
N PRO C 509 18.01 11.05 -4.40
CA PRO C 509 17.03 10.01 -4.73
C PRO C 509 17.32 9.23 -6.03
N SER C 510 18.37 9.62 -6.76
CA SER C 510 18.68 9.03 -8.08
C SER C 510 19.33 7.63 -8.03
N ARG C 511 19.75 7.22 -6.83
CA ARG C 511 20.44 5.93 -6.65
C ARG C 511 19.87 5.16 -5.47
N PRO C 512 19.69 3.83 -5.62
CA PRO C 512 19.37 2.96 -4.47
C PRO C 512 20.51 2.94 -3.45
N VAL C 513 20.17 2.60 -2.21
CA VAL C 513 21.14 2.47 -1.13
C VAL C 513 21.12 1.02 -0.66
N GLN C 514 22.29 0.40 -0.60
CA GLN C 514 22.40 -0.95 -0.08
C GLN C 514 23.38 -1.05 1.09
N TYR C 515 23.19 -2.10 1.88
CA TYR C 515 24.05 -2.43 3.00
C TYR C 515 23.70 -3.84 3.48
N GLU C 516 24.73 -4.67 3.64
CA GLU C 516 24.54 -6.10 3.97
C GLU C 516 24.49 -6.41 5.48
N GLY C 517 25.09 -5.56 6.29
CA GLY C 517 25.23 -5.84 7.73
C GLY C 517 23.93 -6.18 8.45
N GLY C 518 24.03 -7.04 9.47
CA GLY C 518 22.88 -7.38 10.31
C GLY C 518 21.83 -8.25 9.63
N GLY C 519 22.24 -9.04 8.63
CA GLY C 519 21.32 -9.98 8.00
C GLY C 519 20.92 -9.70 6.57
N ALA C 520 21.51 -8.67 5.95
CA ALA C 520 21.39 -8.41 4.50
C ALA C 520 20.03 -7.96 3.98
N ASP C 521 19.02 -7.92 4.84
CA ASP C 521 17.67 -7.51 4.44
C ASP C 521 17.03 -6.52 5.41
N THR C 522 17.87 -5.77 6.11
CA THR C 522 17.41 -4.82 7.13
C THR C 522 16.71 -3.61 6.53
N THR C 523 16.25 -2.72 7.40
CA THR C 523 15.64 -1.46 7.01
C THR C 523 16.65 -0.47 6.43
N ALA C 524 17.94 -0.81 6.48
CA ALA C 524 18.98 0.06 5.95
C ALA C 524 19.41 -0.31 4.51
N THR C 525 18.63 -1.15 3.83
CA THR C 525 18.96 -1.56 2.47
C THR C 525 17.75 -1.69 1.52
N ASP C 526 17.87 -1.12 0.31
CA ASP C 526 16.87 -1.24 -0.75
C ASP C 526 17.01 -2.55 -1.53
N ILE C 527 18.15 -3.19 -1.34
CA ILE C 527 18.50 -4.40 -2.08
C ILE C 527 18.88 -5.48 -1.07
N ILE C 528 18.27 -6.66 -1.19
CA ILE C 528 18.71 -7.82 -0.40
C ILE C 528 20.11 -8.20 -0.92
N CYS C 529 21.13 -8.00 -0.10
CA CYS C 529 22.50 -8.07 -0.61
C CYS C 529 23.44 -8.98 0.22
N PRO C 530 23.06 -10.26 0.40
CA PRO C 530 23.86 -11.12 1.27
C PRO C 530 25.24 -11.44 0.71
N MET C 531 26.09 -11.95 1.59
CA MET C 531 27.36 -12.50 1.15
C MET C 531 27.34 -14.02 1.35
N TYR C 532 27.65 -14.74 0.27
CA TYR C 532 27.79 -16.21 0.29
C TYR C 532 26.53 -16.98 0.70
N ALA C 533 25.37 -16.36 0.50
CA ALA C 533 24.11 -17.11 0.51
C ALA C 533 24.15 -18.04 -0.69
N ARG C 534 23.80 -19.31 -0.44
CA ARG C 534 23.86 -20.33 -1.48
C ARG C 534 22.61 -20.35 -2.35
N VAL C 535 22.68 -21.07 -3.47
CA VAL C 535 21.58 -21.09 -4.44
C VAL C 535 20.36 -21.83 -3.89
N ASP C 536 20.58 -23.06 -3.44
CA ASP C 536 19.48 -23.93 -3.00
C ASP C 536 19.51 -24.22 -1.50
N GLU C 537 20.69 -24.12 -0.91
CA GLU C 537 20.93 -24.53 0.47
C GLU C 537 20.77 -23.35 1.44
N ASP C 538 19.93 -23.54 2.45
CA ASP C 538 19.78 -22.57 3.55
C ASP C 538 20.97 -22.71 4.51
N GLN C 539 21.35 -21.60 5.13
CA GLN C 539 22.30 -21.62 6.25
C GLN C 539 21.67 -20.83 7.39
N PRO C 540 20.85 -21.52 8.21
CA PRO C 540 20.05 -20.80 9.19
C PRO C 540 20.81 -20.42 10.48
N PHE C 541 21.83 -19.58 10.34
CA PHE C 541 22.51 -19.00 11.50
C PHE C 541 21.53 -18.19 12.35
N PRO C 542 21.68 -18.24 13.69
CA PRO C 542 20.89 -17.39 14.57
C PRO C 542 21.03 -15.91 14.25
N ALA C 543 19.91 -15.20 14.30
CA ALA C 543 19.83 -13.74 14.05
C ALA C 543 20.15 -13.29 12.62
N VAL C 544 21.15 -13.89 11.99
CA VAL C 544 21.60 -13.45 10.67
C VAL C 544 21.72 -14.62 9.67
N PRO C 545 20.58 -15.31 9.41
CA PRO C 545 20.64 -16.45 8.50
C PRO C 545 21.00 -16.06 7.07
N LYS C 546 21.56 -17.02 6.34
CA LYS C 546 21.76 -16.89 4.91
C LYS C 546 20.84 -17.88 4.22
N TRP C 547 19.66 -17.41 3.81
CA TRP C 547 18.70 -18.25 3.13
C TRP C 547 19.19 -18.55 1.72
N SER C 548 18.81 -19.72 1.21
CA SER C 548 18.87 -19.96 -0.23
C SER C 548 18.38 -18.68 -0.90
N ILE C 549 19.11 -18.19 -1.90
CA ILE C 549 18.70 -16.94 -2.55
C ILE C 549 17.32 -17.02 -3.20
N LYS C 550 16.98 -18.19 -3.74
CA LYS C 550 15.67 -18.42 -4.35
C LYS C 550 14.56 -18.33 -3.31
N LYS C 551 14.82 -18.86 -2.12
CA LYS C 551 13.87 -18.82 -1.01
C LYS C 551 13.75 -17.43 -0.40
N TRP C 552 14.87 -16.73 -0.30
CA TRP C 552 14.91 -15.39 0.33
C TRP C 552 13.92 -14.44 -0.32
N LEU C 553 13.88 -14.44 -1.66
CA LEU C 553 13.02 -13.54 -2.44
C LEU C 553 11.54 -13.63 -2.07
N SER C 554 11.10 -14.83 -1.71
CA SER C 554 9.66 -15.07 -1.51
C SER C 554 9.26 -15.27 -0.06
N LEU C 555 10.15 -14.93 0.87
CA LEU C 555 9.80 -14.88 2.29
C LEU C 555 8.61 -13.94 2.46
N PRO C 556 7.67 -14.31 3.36
CA PRO C 556 6.47 -13.52 3.59
C PRO C 556 6.74 -12.03 3.68
N GLY C 557 6.10 -11.26 2.80
CA GLY C 557 6.23 -9.80 2.80
C GLY C 557 7.40 -9.24 2.03
N GLU C 558 8.34 -10.09 1.60
CA GLU C 558 9.54 -9.60 0.90
C GLU C 558 9.27 -9.25 -0.55
N THR C 559 9.76 -8.09 -0.98
CA THR C 559 9.49 -7.59 -2.33
C THR C 559 10.76 -7.16 -3.08
N ARG C 560 11.86 -6.99 -2.36
CA ARG C 560 13.05 -6.34 -2.92
C ARG C 560 13.81 -7.25 -3.89
N PRO C 561 14.60 -6.64 -4.80
CA PRO C 561 15.53 -7.41 -5.61
C PRO C 561 16.68 -7.95 -4.77
N LEU C 562 17.31 -9.02 -5.25
CA LEU C 562 18.44 -9.63 -4.56
C LEU C 562 19.68 -9.65 -5.45
N ILE C 563 20.74 -9.00 -4.97
CA ILE C 563 22.04 -8.98 -5.61
C ILE C 563 23.09 -9.21 -4.53
N LEU C 564 23.82 -10.32 -4.64
CA LEU C 564 24.82 -10.69 -3.64
C LEU C 564 25.98 -9.67 -3.63
N CYS C 565 26.30 -9.10 -2.48
CA CYS C 565 27.43 -8.17 -2.42
C CYS C 565 28.76 -8.93 -2.56
N GLU C 566 28.74 -10.19 -2.12
CA GLU C 566 29.86 -11.12 -2.26
C GLU C 566 29.32 -12.52 -2.46
N TYR C 567 29.88 -13.25 -3.43
CA TYR C 567 29.54 -14.65 -3.66
C TYR C 567 30.67 -15.33 -4.43
N ALA C 568 30.62 -16.66 -4.49
CA ALA C 568 31.60 -17.46 -5.22
C ALA C 568 33.03 -17.05 -4.85
N HIS C 569 33.38 -17.34 -3.60
CA HIS C 569 34.68 -17.01 -3.02
C HIS C 569 35.81 -17.68 -3.82
N ALA C 570 36.62 -16.86 -4.48
CA ALA C 570 37.58 -17.33 -5.48
C ALA C 570 38.97 -17.60 -4.93
N MET C 571 39.02 -18.23 -3.76
CA MET C 571 40.26 -18.47 -3.03
C MET C 571 40.96 -19.71 -3.56
N GLY C 572 42.12 -19.51 -4.19
CA GLY C 572 42.87 -20.61 -4.76
C GLY C 572 42.04 -21.38 -5.78
N ASN C 573 42.07 -22.71 -5.68
CA ASN C 573 41.38 -23.57 -6.62
C ASN C 573 39.89 -23.60 -6.27
N SER C 574 39.14 -22.69 -6.87
CA SER C 574 37.76 -22.44 -6.44
C SER C 574 36.85 -22.08 -7.62
N LEU C 575 35.69 -21.50 -7.29
CA LEU C 575 34.61 -21.19 -8.23
C LEU C 575 33.81 -22.43 -8.65
N GLY C 576 33.93 -23.50 -7.87
CA GLY C 576 33.07 -24.67 -8.05
C GLY C 576 31.63 -24.29 -7.75
N GLY C 577 30.71 -24.69 -8.62
CA GLY C 577 29.29 -24.33 -8.47
C GLY C 577 28.94 -22.95 -9.01
N PHE C 578 29.87 -22.31 -9.73
CA PHE C 578 29.59 -20.97 -10.29
C PHE C 578 28.41 -21.00 -11.26
N ALA C 579 28.35 -22.03 -12.11
CA ALA C 579 27.26 -22.19 -13.07
C ALA C 579 25.88 -22.24 -12.42
N LYS C 580 25.81 -22.80 -11.21
CA LYS C 580 24.55 -22.90 -10.47
C LYS C 580 23.96 -21.52 -10.13
N TYR C 581 24.82 -20.58 -9.77
CA TYR C 581 24.38 -19.19 -9.51
C TYR C 581 23.80 -18.56 -10.78
N TRP C 582 24.54 -18.69 -11.87
CA TRP C 582 24.14 -18.09 -13.14
C TRP C 582 22.86 -18.66 -13.74
N GLN C 583 22.63 -19.96 -13.56
CA GLN C 583 21.36 -20.58 -13.96
C GLN C 583 20.19 -19.96 -13.19
N ALA C 584 20.35 -19.79 -11.87
CA ALA C 584 19.35 -19.17 -11.01
C ALA C 584 19.14 -17.69 -11.36
N PHE C 585 20.23 -16.96 -11.58
CA PHE C 585 20.14 -15.55 -11.99
C PHE C 585 19.30 -15.41 -13.25
N ARG C 586 19.48 -16.32 -14.20
CA ARG C 586 18.74 -16.20 -15.46
C ARG C 586 17.28 -16.65 -15.32
N GLN C 587 17.00 -17.60 -14.43
CA GLN C 587 15.63 -18.11 -14.25
C GLN C 587 14.72 -17.17 -13.45
N TYR C 588 15.29 -16.49 -12.45
CA TYR C 588 14.51 -15.68 -11.50
C TYR C 588 14.66 -14.21 -11.79
N PRO C 589 13.57 -13.55 -12.22
CA PRO C 589 13.68 -12.11 -12.49
C PRO C 589 14.33 -11.28 -11.35
N ARG C 590 13.93 -11.53 -10.10
CA ARG C 590 14.41 -10.72 -8.96
C ARG C 590 15.81 -11.12 -8.44
N LEU C 591 16.36 -12.22 -8.97
CA LEU C 591 17.78 -12.51 -8.74
C LEU C 591 18.58 -11.77 -9.80
N GLN C 592 19.14 -10.62 -9.43
CA GLN C 592 19.73 -9.76 -10.43
C GLN C 592 21.25 -9.80 -10.46
N GLY C 593 21.82 -10.87 -9.93
CA GLY C 593 23.25 -11.14 -10.05
C GLY C 593 24.03 -11.02 -8.77
N GLY C 594 25.29 -10.62 -8.87
CA GLY C 594 26.15 -10.50 -7.70
C GLY C 594 27.55 -10.02 -8.02
N PHE C 595 28.33 -9.78 -6.97
CA PHE C 595 29.72 -9.35 -7.09
C PHE C 595 30.64 -10.43 -6.53
N VAL C 596 31.39 -11.10 -7.41
CA VAL C 596 32.33 -12.14 -7.00
C VAL C 596 33.34 -11.59 -5.98
N TRP C 597 33.66 -12.38 -4.97
CA TRP C 597 34.80 -12.07 -4.11
C TRP C 597 35.99 -12.99 -4.43
N ASP C 598 37.07 -12.42 -4.97
CA ASP C 598 37.11 -11.06 -5.47
C ASP C 598 38.02 -10.99 -6.70
N TRP C 599 38.40 -9.80 -7.11
CA TRP C 599 39.17 -9.63 -8.36
C TRP C 599 40.62 -10.12 -8.29
N VAL C 600 41.39 -9.62 -7.32
CA VAL C 600 42.83 -9.83 -7.33
C VAL C 600 43.41 -10.28 -5.97
N ASP C 601 44.21 -11.35 -6.01
CA ASP C 601 44.97 -11.80 -4.83
C ASP C 601 45.70 -10.62 -4.19
N GLN C 602 45.60 -10.49 -2.87
CA GLN C 602 46.37 -9.47 -2.16
C GLN C 602 47.76 -10.00 -1.78
N SER C 603 48.47 -10.58 -2.73
CA SER C 603 49.84 -11.03 -2.46
C SER C 603 50.81 -9.86 -2.63
N LEU C 604 51.88 -9.88 -1.87
CA LEU C 604 52.93 -8.87 -1.96
C LEU C 604 54.26 -9.51 -2.34
N ILE C 605 55.09 -8.75 -3.07
CA ILE C 605 56.38 -9.26 -3.53
C ILE C 605 57.46 -9.12 -2.47
N LYS C 606 58.10 -10.24 -2.16
CA LYS C 606 59.35 -10.27 -1.40
C LYS C 606 60.48 -10.81 -2.28
N TYR C 607 61.72 -10.74 -1.78
CA TYR C 607 62.89 -11.18 -2.53
C TYR C 607 63.70 -12.17 -1.72
N ASP C 608 64.07 -13.29 -2.33
CA ASP C 608 64.94 -14.27 -1.67
C ASP C 608 66.41 -13.84 -1.72
N GLU C 609 67.29 -14.66 -1.13
CA GLU C 609 68.72 -14.35 -1.05
C GLU C 609 69.38 -14.08 -2.41
N ASN C 610 68.88 -14.75 -3.45
CA ASN C 610 69.32 -14.52 -4.83
C ASN C 610 68.77 -13.24 -5.45
N GLY C 611 67.89 -12.55 -4.73
CA GLY C 611 67.23 -11.36 -5.25
C GLY C 611 66.05 -11.67 -6.16
N ASN C 612 65.62 -12.94 -6.20
CA ASN C 612 64.47 -13.33 -7.00
C ASN C 612 63.14 -13.08 -6.29
N PRO C 613 62.16 -12.52 -7.01
CA PRO C 613 60.89 -12.17 -6.38
C PRO C 613 60.00 -13.38 -6.08
N TRP C 614 59.27 -13.32 -4.96
CA TRP C 614 58.23 -14.30 -4.65
C TRP C 614 57.00 -13.67 -3.99
N SER C 615 55.86 -14.33 -4.18
CA SER C 615 54.57 -13.82 -3.70
C SER C 615 54.35 -14.19 -2.24
N ALA C 616 54.15 -13.14 -1.43
CA ALA C 616 54.03 -13.30 0.01
C ALA C 616 52.61 -12.99 0.47
N TYR C 617 52.19 -13.69 1.53
CA TYR C 617 50.91 -13.41 2.17
C TYR C 617 51.07 -13.15 3.67
N GLY C 618 49.96 -13.24 4.41
CA GLY C 618 49.95 -12.95 5.84
C GLY C 618 50.97 -13.76 6.62
N GLY C 619 51.75 -13.06 7.44
CA GLY C 619 52.78 -13.71 8.25
C GLY C 619 54.18 -13.56 7.70
N ASP C 620 54.29 -13.35 6.40
CA ASP C 620 55.58 -13.30 5.73
C ASP C 620 56.42 -12.05 6.01
N PHE C 621 55.85 -11.11 6.77
CA PHE C 621 56.57 -9.89 7.15
C PHE C 621 56.84 -9.82 8.65
N GLY C 622 56.76 -10.97 9.31
CA GLY C 622 56.87 -11.03 10.77
C GLY C 622 55.63 -10.48 11.46
N ASP C 623 54.61 -10.16 10.67
CA ASP C 623 53.33 -9.69 11.19
C ASP C 623 52.61 -10.79 11.95
N THR C 624 52.19 -10.47 13.18
CA THR C 624 51.55 -11.44 14.06
C THR C 624 50.73 -10.75 15.16
N PRO C 625 49.50 -11.25 15.43
CA PRO C 625 48.81 -12.33 14.70
C PRO C 625 48.47 -11.96 13.25
N ASN C 626 48.21 -12.98 12.43
CA ASN C 626 47.89 -12.79 11.01
C ASN C 626 47.01 -13.92 10.51
N ASP C 627 46.33 -13.70 9.38
CA ASP C 627 45.44 -14.73 8.83
C ASP C 627 45.93 -15.38 7.54
N ARG C 628 47.26 -15.46 7.42
CA ARG C 628 47.91 -16.28 6.40
C ARG C 628 47.42 -15.99 4.98
N GLN C 629 47.00 -17.02 4.24
CA GLN C 629 46.65 -16.86 2.83
C GLN C 629 45.23 -16.33 2.57
N PHE C 630 44.48 -16.03 3.63
CA PHE C 630 43.09 -15.60 3.47
C PHE C 630 42.94 -14.26 2.74
N CYS C 631 44.06 -13.59 2.47
CA CYS C 631 44.06 -12.35 1.69
C CYS C 631 44.13 -12.60 0.18
N MET C 632 44.33 -13.85 -0.23
CA MET C 632 44.40 -14.18 -1.64
C MET C 632 43.12 -14.90 -2.05
N ASN C 633 42.17 -14.11 -2.57
CA ASN C 633 40.85 -14.66 -2.96
C ASN C 633 40.50 -14.32 -4.39
N GLY C 634 41.52 -13.95 -5.19
CA GLY C 634 41.28 -13.34 -6.49
C GLY C 634 41.06 -14.28 -7.66
N LEU C 635 40.34 -13.76 -8.65
CA LEU C 635 40.22 -14.39 -9.96
C LEU C 635 41.53 -14.27 -10.75
N VAL C 636 42.33 -13.27 -10.41
CA VAL C 636 43.64 -13.07 -11.02
C VAL C 636 44.74 -12.98 -9.95
N PHE C 637 45.96 -13.34 -10.34
CA PHE C 637 47.14 -13.16 -9.49
C PHE C 637 47.41 -11.67 -9.35
N ALA C 638 48.25 -11.29 -8.38
CA ALA C 638 48.54 -9.88 -8.12
C ALA C 638 49.09 -9.12 -9.33
N ASP C 639 49.81 -9.83 -10.21
CA ASP C 639 50.32 -9.19 -11.43
C ASP C 639 49.32 -9.24 -12.58
N ARG C 640 48.10 -9.67 -12.27
CA ARG C 640 46.97 -9.72 -13.20
C ARG C 640 46.97 -10.89 -14.22
N THR C 641 47.85 -11.86 -14.01
CA THR C 641 47.75 -13.16 -14.67
C THR C 641 46.47 -13.85 -14.19
N PRO C 642 45.65 -14.38 -15.12
CA PRO C 642 44.40 -15.04 -14.72
C PRO C 642 44.63 -16.32 -13.94
N HIS C 643 43.80 -16.57 -12.93
CA HIS C 643 43.62 -17.93 -12.40
C HIS C 643 42.72 -18.66 -13.42
N PRO C 644 42.75 -20.01 -13.42
CA PRO C 644 41.82 -20.78 -14.29
C PRO C 644 40.34 -20.44 -14.08
N ALA C 645 39.97 -20.01 -12.87
CA ALA C 645 38.56 -19.71 -12.54
C ALA C 645 37.98 -18.56 -13.38
N LEU C 646 38.86 -17.68 -13.86
CA LEU C 646 38.44 -16.52 -14.65
C LEU C 646 37.67 -16.91 -15.92
N THR C 647 38.12 -17.97 -16.60
CA THR C 647 37.43 -18.44 -17.82
C THR C 647 36.03 -19.01 -17.50
N GLU C 648 35.88 -19.62 -16.34
CA GLU C 648 34.56 -20.10 -15.89
C GLU C 648 33.62 -18.91 -15.69
N ALA C 649 34.15 -17.86 -15.04
CA ALA C 649 33.41 -16.60 -14.86
C ALA C 649 33.02 -16.01 -16.21
N LYS C 650 33.99 -15.89 -17.12
CA LYS C 650 33.75 -15.37 -18.47
C LYS C 650 32.62 -16.10 -19.19
N HIS C 651 32.68 -17.43 -19.20
CA HIS C 651 31.70 -18.26 -19.90
C HIS C 651 30.29 -18.17 -19.30
N GLN C 652 30.18 -18.18 -17.97
CA GLN C 652 28.86 -18.11 -17.33
C GLN C 652 28.22 -16.72 -17.45
N GLN C 653 29.06 -15.69 -17.57
CA GLN C 653 28.62 -14.30 -17.69
C GLN C 653 28.42 -13.84 -19.14
N GLN C 654 28.48 -14.78 -20.08
CA GLN C 654 28.24 -14.50 -21.50
C GLN C 654 26.92 -13.75 -21.74
N PHE C 655 26.93 -12.89 -22.76
CA PHE C 655 25.77 -12.06 -23.08
C PHE C 655 24.92 -12.66 -24.20
N PHE C 656 25.38 -13.79 -24.75
CA PHE C 656 24.61 -14.53 -25.74
C PHE C 656 24.33 -15.94 -25.21
N GLN C 657 23.06 -16.33 -25.26
CA GLN C 657 22.61 -17.67 -24.87
C GLN C 657 22.28 -18.47 -26.12
N PHE C 658 22.52 -19.78 -26.04
CA PHE C 658 22.40 -20.66 -27.20
C PHE C 658 21.55 -21.88 -26.92
N ARG C 659 20.73 -22.24 -27.90
CA ARG C 659 20.00 -23.50 -27.87
C ARG C 659 20.17 -24.17 -29.22
N LEU C 660 20.27 -25.50 -29.20
CA LEU C 660 20.34 -26.27 -30.42
C LEU C 660 19.11 -27.15 -30.57
N SER C 661 18.51 -27.12 -31.75
CA SER C 661 17.43 -28.03 -32.10
C SER C 661 17.65 -28.52 -33.53
N GLY C 662 18.08 -29.77 -33.65
CA GLY C 662 18.38 -30.38 -34.95
C GLY C 662 19.58 -29.73 -35.61
N GLN C 663 19.32 -28.97 -36.67
CA GLN C 663 20.36 -28.27 -37.41
C GLN C 663 20.34 -26.77 -37.09
N THR C 664 19.40 -26.34 -36.26
CA THR C 664 19.20 -24.92 -36.00
C THR C 664 19.76 -24.48 -34.64
N ILE C 665 20.63 -23.47 -34.68
CA ILE C 665 21.09 -22.78 -33.49
C ILE C 665 20.22 -21.55 -33.27
N GLU C 666 19.73 -21.39 -32.04
CA GLU C 666 19.01 -20.19 -31.65
C GLU C 666 19.90 -19.38 -30.72
N VAL C 667 20.21 -18.16 -31.15
CA VAL C 667 21.02 -17.22 -30.39
C VAL C 667 20.10 -16.19 -29.75
N THR C 668 20.20 -16.02 -28.43
CA THR C 668 19.42 -15.02 -27.71
C THR C 668 20.37 -14.00 -27.09
N SER C 669 20.09 -12.72 -27.30
CA SER C 669 20.89 -11.64 -26.74
C SER C 669 20.41 -11.30 -25.34
N GLU C 670 21.36 -11.13 -24.43
CA GLU C 670 21.02 -10.69 -23.08
C GLU C 670 21.36 -9.23 -22.93
N TYR C 671 21.82 -8.59 -24.01
CA TYR C 671 22.02 -7.14 -24.01
C TYR C 671 20.67 -6.45 -23.86
N LEU C 672 20.67 -5.33 -23.14
CA LEU C 672 19.46 -4.57 -22.87
C LEU C 672 19.29 -3.42 -23.87
N PHE C 673 20.41 -2.90 -24.36
CA PHE C 673 20.40 -1.65 -25.15
C PHE C 673 21.03 -1.81 -26.54
N ARG C 674 22.18 -2.46 -26.61
CA ARG C 674 22.89 -2.57 -27.89
C ARG C 674 22.45 -3.74 -28.77
N HIS C 675 22.47 -3.50 -30.07
CA HIS C 675 22.32 -4.51 -31.11
C HIS C 675 23.67 -5.22 -31.25
N SER C 676 23.67 -6.45 -31.77
CA SER C 676 24.94 -7.16 -31.97
C SER C 676 25.67 -6.64 -33.23
N ASP C 677 26.19 -5.42 -33.16
CA ASP C 677 26.79 -4.78 -34.33
C ASP C 677 28.31 -4.95 -34.44
N ASN C 678 28.86 -5.85 -33.63
CA ASN C 678 30.28 -6.17 -33.68
C ASN C 678 30.47 -7.64 -33.33
N GLU C 679 29.68 -8.48 -33.97
CA GLU C 679 29.60 -9.89 -33.64
C GLU C 679 29.41 -10.75 -34.88
N LEU C 680 30.21 -11.79 -35.01
CA LEU C 680 29.88 -12.88 -35.92
C LEU C 680 30.01 -14.22 -35.22
N LEU C 681 29.21 -15.19 -35.66
CA LEU C 681 29.27 -16.52 -35.08
C LEU C 681 30.12 -17.48 -35.91
N HIS C 682 31.21 -17.96 -35.32
CA HIS C 682 32.01 -19.05 -35.89
C HIS C 682 31.49 -20.38 -35.38
N TRP C 683 31.23 -21.31 -36.30
CA TRP C 683 30.86 -22.67 -35.92
C TRP C 683 31.87 -23.68 -36.48
N MET C 684 31.94 -24.83 -35.83
CA MET C 684 32.91 -25.86 -36.17
C MET C 684 32.36 -27.19 -35.70
N VAL C 685 32.40 -28.19 -36.59
CA VAL C 685 32.02 -29.55 -36.26
C VAL C 685 33.28 -30.41 -36.36
N ALA C 686 33.55 -31.19 -35.32
CA ALA C 686 34.72 -32.06 -35.30
C ALA C 686 34.38 -33.45 -34.81
N LEU C 687 35.11 -34.44 -35.33
CA LEU C 687 34.98 -35.82 -34.92
C LEU C 687 36.17 -36.18 -34.05
N ASP C 688 35.91 -36.41 -32.77
CA ASP C 688 36.96 -36.67 -31.78
C ASP C 688 38.19 -35.80 -32.05
N GLY C 689 37.98 -34.49 -32.18
CA GLY C 689 39.07 -33.53 -32.34
C GLY C 689 39.54 -33.22 -33.76
N LYS C 690 39.09 -34.00 -34.74
CA LYS C 690 39.43 -33.77 -36.14
C LYS C 690 38.36 -32.94 -36.84
N PRO C 691 38.70 -31.72 -37.28
CA PRO C 691 37.73 -30.82 -37.91
C PRO C 691 37.16 -31.37 -39.22
N LEU C 692 35.82 -31.39 -39.32
CA LEU C 692 35.13 -31.89 -40.50
C LEU C 692 34.52 -30.79 -41.34
N ALA C 693 34.06 -29.73 -40.66
CA ALA C 693 33.38 -28.62 -41.31
C ALA C 693 33.34 -27.41 -40.39
N SER C 694 33.36 -26.22 -40.99
CA SER C 694 33.30 -24.98 -40.24
C SER C 694 32.67 -23.88 -41.09
N GLY C 695 32.46 -22.73 -40.47
CA GLY C 695 31.85 -21.60 -41.16
C GLY C 695 31.62 -20.44 -40.21
N GLU C 696 31.23 -19.31 -40.80
CA GLU C 696 30.90 -18.12 -40.04
C GLU C 696 29.62 -17.47 -40.53
N VAL C 697 28.83 -16.96 -39.58
CA VAL C 697 27.54 -16.35 -39.85
C VAL C 697 27.48 -15.03 -39.07
N PRO C 698 27.16 -13.92 -39.77
CA PRO C 698 27.05 -12.64 -39.06
C PRO C 698 25.91 -12.67 -38.05
N LEU C 699 26.16 -12.16 -36.85
CA LEU C 699 25.11 -12.04 -35.84
C LEU C 699 24.41 -10.70 -35.96
N ASP C 700 23.08 -10.74 -36.03
CA ASP C 700 22.26 -9.56 -36.16
C ASP C 700 21.08 -9.69 -35.21
N VAL C 701 21.35 -9.50 -33.92
CA VAL C 701 20.36 -9.70 -32.87
C VAL C 701 20.11 -8.40 -32.11
N ALA C 702 18.82 -8.04 -32.02
CA ALA C 702 18.38 -6.90 -31.22
C ALA C 702 18.57 -7.23 -29.74
N PRO C 703 18.70 -6.19 -28.89
CA PRO C 703 18.75 -6.46 -27.45
C PRO C 703 17.55 -7.29 -27.02
N GLN C 704 17.78 -8.36 -26.25
CA GLN C 704 16.70 -9.26 -25.78
C GLN C 704 16.07 -10.12 -26.88
N GLY C 705 16.61 -10.03 -28.09
CA GLY C 705 16.00 -10.69 -29.25
C GLY C 705 16.65 -12.02 -29.55
N LYS C 706 16.11 -12.70 -30.56
CA LYS C 706 16.60 -14.02 -30.96
C LYS C 706 16.95 -14.04 -32.44
N GLN C 707 17.94 -14.84 -32.80
CA GLN C 707 18.28 -15.11 -34.20
C GLN C 707 18.42 -16.60 -34.40
N LEU C 708 17.78 -17.12 -35.45
CA LEU C 708 17.89 -18.53 -35.81
C LEU C 708 18.95 -18.71 -36.88
N ILE C 709 19.85 -19.66 -36.65
CA ILE C 709 20.89 -19.97 -37.63
C ILE C 709 20.81 -21.43 -38.06
N GLU C 710 20.52 -21.62 -39.34
CA GLU C 710 20.48 -22.94 -39.95
C GLU C 710 21.89 -23.34 -40.37
N LEU C 711 22.34 -24.48 -39.86
CA LEU C 711 23.61 -25.06 -40.30
C LEU C 711 23.38 -25.83 -41.61
N PRO C 712 24.37 -25.81 -42.51
CA PRO C 712 24.25 -26.58 -43.76
C PRO C 712 24.28 -28.08 -43.50
N GLU C 713 23.81 -28.87 -44.47
CA GLU C 713 23.93 -30.32 -44.41
C GLU C 713 25.39 -30.68 -44.24
N LEU C 714 25.69 -31.36 -43.14
CA LEU C 714 27.06 -31.73 -42.82
C LEU C 714 27.39 -33.10 -43.43
N PRO C 715 28.61 -33.24 -43.99
CA PRO C 715 29.04 -34.54 -44.50
C PRO C 715 29.17 -35.54 -43.35
N GLN C 716 28.55 -36.71 -43.50
CA GLN C 716 28.60 -37.72 -42.45
C GLN C 716 29.92 -38.48 -42.53
N PRO C 717 30.63 -38.58 -41.39
CA PRO C 717 31.95 -39.21 -41.37
C PRO C 717 31.86 -40.73 -41.51
N GLU C 718 32.90 -41.32 -42.10
CA GLU C 718 33.00 -42.78 -42.21
C GLU C 718 33.39 -43.38 -40.85
N SER C 719 34.42 -42.79 -40.24
CA SER C 719 34.96 -43.24 -38.96
C SER C 719 33.93 -43.17 -37.82
N ALA C 720 34.06 -44.10 -36.88
CA ALA C 720 33.26 -44.10 -35.67
C ALA C 720 33.71 -42.96 -34.75
N GLY C 721 32.85 -42.60 -33.79
CA GLY C 721 33.18 -41.55 -32.83
C GLY C 721 32.06 -40.53 -32.60
N GLN C 722 32.35 -39.57 -31.73
CA GLN C 722 31.39 -38.54 -31.34
C GLN C 722 31.63 -37.24 -32.09
N LEU C 723 30.61 -36.78 -32.81
CA LEU C 723 30.65 -35.47 -33.43
C LEU C 723 30.32 -34.40 -32.39
N TRP C 724 31.07 -33.31 -32.40
CA TRP C 724 30.92 -32.19 -31.48
C TRP C 724 30.77 -30.91 -32.28
N LEU C 725 29.76 -30.12 -31.93
CA LEU C 725 29.60 -28.78 -32.49
C LEU C 725 30.07 -27.74 -31.49
N THR C 726 31.03 -26.90 -31.92
CA THR C 726 31.48 -25.75 -31.13
C THR C 726 31.09 -24.45 -31.84
N VAL C 727 30.43 -23.55 -31.10
CA VAL C 727 30.21 -22.20 -31.61
C VAL C 727 30.92 -21.17 -30.77
N ARG C 728 31.36 -20.10 -31.41
CA ARG C 728 31.94 -18.98 -30.69
C ARG C 728 31.55 -17.65 -31.32
N VAL C 729 31.38 -16.65 -30.47
CA VAL C 729 31.07 -15.32 -30.92
C VAL C 729 32.37 -14.52 -30.96
N VAL C 730 32.69 -14.05 -32.16
CA VAL C 730 33.92 -13.29 -32.38
C VAL C 730 33.55 -11.85 -32.70
N GLN C 731 34.31 -10.92 -32.12
CA GLN C 731 34.16 -9.50 -32.39
C GLN C 731 35.21 -9.13 -33.45
N PRO C 732 34.75 -8.87 -34.71
CA PRO C 732 35.68 -8.57 -35.81
C PRO C 732 36.46 -7.27 -35.59
N ASN C 733 35.79 -6.26 -35.04
CA ASN C 733 36.40 -4.94 -34.87
C ASN C 733 36.94 -4.71 -33.47
N ALA C 734 38.02 -3.94 -33.39
CA ALA C 734 38.55 -3.49 -32.10
C ALA C 734 37.55 -2.55 -31.43
N THR C 735 37.64 -2.45 -30.10
CA THR C 735 36.83 -1.54 -29.30
C THR C 735 37.79 -0.80 -28.38
N ALA C 736 37.25 0.07 -27.53
CA ALA C 736 38.04 0.70 -26.48
C ALA C 736 38.60 -0.31 -25.47
N TRP C 737 37.94 -1.47 -25.38
CA TRP C 737 38.24 -2.44 -24.31
C TRP C 737 38.78 -3.79 -24.81
N SER C 738 38.81 -3.99 -26.13
CA SER C 738 39.25 -5.26 -26.72
C SER C 738 39.87 -5.12 -28.10
N GLU C 739 40.72 -6.09 -28.44
CA GLU C 739 41.34 -6.19 -29.75
C GLU C 739 40.42 -6.88 -30.75
N ALA C 740 40.67 -6.64 -32.04
CA ALA C 740 39.97 -7.33 -33.13
C ALA C 740 40.13 -8.85 -32.96
N GLY C 741 39.04 -9.58 -33.13
CA GLY C 741 39.05 -11.05 -32.96
C GLY C 741 38.78 -11.56 -31.56
N HIS C 742 38.46 -10.65 -30.63
CA HIS C 742 38.07 -11.03 -29.27
C HIS C 742 36.92 -12.05 -29.27
N ILE C 743 37.09 -13.15 -28.53
CA ILE C 743 36.02 -14.13 -28.35
C ILE C 743 35.26 -13.76 -27.08
N SER C 744 33.95 -13.50 -27.23
CA SER C 744 33.11 -13.02 -26.13
C SER C 744 32.19 -14.10 -25.56
N ALA C 745 31.99 -15.16 -26.34
CA ALA C 745 31.06 -16.24 -25.99
C ALA C 745 31.33 -17.55 -26.76
N TRP C 746 31.00 -18.67 -26.15
CA TRP C 746 31.12 -19.98 -26.78
C TRP C 746 30.17 -20.99 -26.14
N GLN C 747 29.91 -22.08 -26.87
CA GLN C 747 29.11 -23.19 -26.39
C GLN C 747 29.40 -24.43 -27.23
N GLN C 748 29.24 -25.61 -26.63
CA GLN C 748 29.42 -26.89 -27.31
C GLN C 748 28.21 -27.79 -27.13
N TRP C 749 27.94 -28.63 -28.13
CA TRP C 749 26.96 -29.72 -28.03
C TRP C 749 27.55 -30.98 -28.63
N ARG C 750 27.11 -32.13 -28.14
CA ARG C 750 27.29 -33.39 -28.84
C ARG C 750 26.29 -33.47 -29.99
N LEU C 751 26.75 -33.85 -31.18
CA LEU C 751 25.87 -34.14 -32.29
C LEU C 751 25.77 -35.66 -32.45
N ALA C 752 25.66 -36.16 -33.68
CA ALA C 752 25.58 -37.60 -33.90
C ALA C 752 26.76 -38.32 -33.27
N GLU C 753 26.49 -39.49 -32.70
CA GLU C 753 27.56 -40.38 -32.26
C GLU C 753 27.41 -41.71 -32.98
N ASN C 754 28.52 -42.22 -33.49
CA ASN C 754 28.55 -43.56 -34.08
C ASN C 754 29.47 -44.45 -33.26
N LEU C 755 28.87 -45.35 -32.50
CA LEU C 755 29.64 -46.26 -31.65
C LEU C 755 30.42 -47.26 -32.49
N SER C 756 31.66 -47.53 -32.09
CA SER C 756 32.53 -48.46 -32.82
C SER C 756 32.11 -49.90 -32.57
N VAL C 757 31.82 -50.61 -33.66
CA VAL C 757 31.44 -52.02 -33.58
C VAL C 757 32.45 -52.95 -34.28
N THR C 758 33.61 -52.41 -34.64
CA THR C 758 34.64 -53.19 -35.32
C THR C 758 35.67 -53.71 -34.32
N LEU C 759 35.77 -55.04 -34.21
CA LEU C 759 36.74 -55.70 -33.34
C LEU C 759 38.18 -55.47 -33.81
N PRO C 760 39.12 -55.30 -32.84
CA PRO C 760 40.53 -55.18 -33.20
C PRO C 760 41.05 -56.46 -33.86
N ALA C 761 42.01 -56.32 -34.78
CA ALA C 761 42.58 -57.45 -35.51
C ALA C 761 43.30 -58.43 -34.59
N ALA C 762 43.21 -59.72 -34.92
CA ALA C 762 43.86 -60.79 -34.13
C ALA C 762 45.36 -60.55 -34.06
N SER C 763 45.90 -60.63 -32.84
CA SER C 763 47.30 -60.29 -32.58
C SER C 763 48.27 -61.40 -32.99
N HIS C 764 49.45 -60.99 -33.44
CA HIS C 764 50.48 -61.93 -33.91
C HIS C 764 51.18 -62.66 -32.77
N ALA C 765 51.67 -61.90 -31.79
CA ALA C 765 52.40 -62.48 -30.66
C ALA C 765 51.50 -62.68 -29.43
N ILE C 766 51.90 -63.58 -28.56
CA ILE C 766 51.23 -63.82 -27.27
C ILE C 766 52.22 -63.48 -26.15
N PRO C 767 51.80 -62.65 -25.18
CA PRO C 767 52.68 -62.25 -24.07
C PRO C 767 52.98 -63.41 -23.12
N HIS C 768 54.19 -63.41 -22.55
CA HIS C 768 54.64 -64.52 -21.72
C HIS C 768 54.78 -64.16 -20.23
N LEU C 769 54.19 -64.99 -19.38
CA LEU C 769 54.26 -64.81 -17.93
C LEU C 769 55.43 -65.58 -17.31
N THR C 770 56.25 -64.87 -16.56
CA THR C 770 57.30 -65.48 -15.74
C THR C 770 56.93 -65.29 -14.27
N THR C 771 56.60 -66.40 -13.60
CA THR C 771 56.25 -66.38 -12.19
C THR C 771 57.47 -66.70 -11.32
N SER C 772 57.86 -65.74 -10.49
CA SER C 772 58.82 -65.97 -9.42
C SER C 772 58.07 -65.80 -8.11
N GLU C 773 58.76 -65.97 -6.98
CA GLU C 773 58.10 -65.79 -5.69
C GLU C 773 58.02 -64.31 -5.30
N MET C 774 58.87 -63.49 -5.91
CA MET C 774 58.90 -62.05 -5.66
C MET C 774 58.00 -61.26 -6.63
N ASP C 775 58.02 -61.63 -7.91
CA ASP C 775 57.30 -60.88 -8.94
C ASP C 775 56.47 -61.77 -9.87
N PHE C 776 55.49 -61.15 -10.52
CA PHE C 776 54.93 -61.66 -11.77
C PHE C 776 55.51 -60.79 -12.87
N CYS C 777 56.13 -61.41 -13.87
CA CYS C 777 56.68 -60.68 -15.00
C CYS C 777 55.94 -61.04 -16.29
N ILE C 778 55.61 -60.02 -17.06
CA ILE C 778 54.99 -60.22 -18.36
C ILE C 778 55.93 -59.64 -19.41
N GLU C 779 56.20 -60.45 -20.43
CA GLU C 779 57.09 -60.05 -21.51
C GLU C 779 56.38 -60.16 -22.85
N LEU C 780 56.57 -59.14 -23.69
CA LEU C 780 56.06 -59.14 -25.05
C LEU C 780 57.00 -58.31 -25.90
N GLY C 781 57.79 -59.00 -26.73
CA GLY C 781 58.80 -58.35 -27.55
C GLY C 781 59.77 -57.57 -26.68
N ASN C 782 59.78 -56.27 -26.89
CA ASN C 782 60.69 -55.36 -26.16
C ASN C 782 60.13 -54.86 -24.83
N LYS C 783 58.90 -55.22 -24.53
CA LYS C 783 58.19 -54.67 -23.38
C LYS C 783 58.14 -55.65 -22.21
N ARG C 784 58.22 -55.08 -21.00
CA ARG C 784 58.20 -55.85 -19.77
C ARG C 784 57.34 -55.14 -18.71
N TRP C 785 56.46 -55.90 -18.07
CA TRP C 785 55.65 -55.43 -16.95
C TRP C 785 55.99 -56.23 -15.69
N GLN C 786 56.38 -55.52 -14.64
CA GLN C 786 56.75 -56.17 -13.38
C GLN C 786 55.73 -55.85 -12.28
N PHE C 787 55.09 -56.90 -11.77
CA PHE C 787 54.13 -56.79 -10.67
C PHE C 787 54.73 -57.41 -9.40
N ASN C 788 54.99 -56.57 -8.40
CA ASN C 788 55.48 -57.01 -7.09
C ASN C 788 54.42 -57.80 -6.33
N ARG C 789 54.76 -59.04 -5.97
CA ARG C 789 53.80 -59.96 -5.33
C ARG C 789 53.55 -59.70 -3.84
N GLN C 790 54.41 -58.92 -3.21
CA GLN C 790 54.21 -58.54 -1.82
C GLN C 790 53.31 -57.32 -1.70
N SER C 791 53.56 -56.31 -2.56
CA SER C 791 52.76 -55.09 -2.56
C SER C 791 51.48 -55.23 -3.38
N GLY C 792 51.55 -56.01 -4.46
CA GLY C 792 50.40 -56.22 -5.35
C GLY C 792 50.22 -55.11 -6.37
N PHE C 793 51.26 -54.32 -6.57
CA PHE C 793 51.23 -53.23 -7.54
C PHE C 793 52.23 -53.43 -8.66
N LEU C 794 51.90 -52.90 -9.85
CA LEU C 794 52.85 -52.76 -10.93
C LEU C 794 53.94 -51.82 -10.44
N SER C 795 55.15 -52.37 -10.24
CA SER C 795 56.25 -51.63 -9.63
C SER C 795 57.24 -51.12 -10.66
N GLN C 796 57.20 -51.69 -11.86
CA GLN C 796 58.11 -51.27 -12.94
C GLN C 796 57.64 -51.70 -14.32
N MET C 797 57.99 -50.88 -15.31
CA MET C 797 57.79 -51.23 -16.71
C MET C 797 59.05 -50.90 -17.50
N TRP C 798 59.30 -51.71 -18.52
CA TRP C 798 60.44 -51.52 -19.40
C TRP C 798 60.00 -51.45 -20.86
N ILE C 799 60.55 -50.48 -21.57
CA ILE C 799 60.51 -50.50 -23.03
C ILE C 799 61.96 -50.64 -23.46
N GLY C 800 62.32 -51.85 -23.90
CA GLY C 800 63.71 -52.21 -24.17
C GLY C 800 64.48 -52.28 -22.86
N ASP C 801 65.50 -51.43 -22.75
CA ASP C 801 66.31 -51.37 -21.52
C ASP C 801 66.01 -50.15 -20.65
N LYS C 802 65.01 -49.36 -21.05
CA LYS C 802 64.62 -48.17 -20.31
C LYS C 802 63.46 -48.44 -19.34
N LYS C 803 63.74 -48.25 -18.06
CA LYS C 803 62.69 -48.31 -17.03
C LYS C 803 61.74 -47.13 -17.17
N GLN C 804 60.45 -47.37 -16.92
CA GLN C 804 59.41 -46.36 -17.15
C GLN C 804 58.92 -45.68 -15.87
N LEU C 805 59.00 -46.40 -14.76
CA LEU C 805 58.47 -45.91 -13.47
C LEU C 805 59.57 -45.61 -12.47
N LEU C 806 59.39 -44.52 -11.72
CA LEU C 806 60.24 -44.19 -10.58
C LEU C 806 59.52 -44.54 -9.29
N THR C 807 58.19 -44.57 -9.35
CA THR C 807 57.35 -44.95 -8.22
C THR C 807 56.25 -45.86 -8.77
N PRO C 808 55.95 -46.98 -8.08
CA PRO C 808 54.90 -47.90 -8.53
C PRO C 808 53.51 -47.27 -8.72
N LEU C 809 52.69 -47.93 -9.54
CA LEU C 809 51.33 -47.48 -9.82
C LEU C 809 50.38 -47.94 -8.70
N ARG C 810 49.89 -46.97 -7.91
CA ARG C 810 49.07 -47.27 -6.74
C ARG C 810 47.78 -46.43 -6.69
N ASP C 811 46.76 -46.98 -6.04
CA ASP C 811 45.51 -46.24 -5.80
C ASP C 811 45.78 -45.03 -4.94
N GLN C 812 45.02 -43.97 -5.23
CA GLN C 812 45.06 -42.75 -4.42
C GLN C 812 43.63 -42.28 -4.18
N PHE C 813 43.36 -41.91 -2.92
CA PHE C 813 42.02 -41.51 -2.49
C PHE C 813 42.03 -40.14 -1.84
N THR C 814 43.19 -39.48 -1.91
CA THR C 814 43.38 -38.18 -1.28
C THR C 814 43.88 -37.15 -2.28
N ARG C 815 43.66 -35.88 -1.95
CA ARG C 815 44.28 -34.80 -2.70
C ARG C 815 44.99 -33.86 -1.75
N ALA C 816 46.00 -33.17 -2.25
CA ALA C 816 46.62 -32.08 -1.51
C ALA C 816 45.55 -31.02 -1.30
N PRO C 817 45.15 -30.76 -0.03
CA PRO C 817 43.92 -30.01 0.24
C PRO C 817 43.89 -28.61 -0.36
N LEU C 818 42.79 -28.30 -1.03
CA LEU C 818 42.55 -26.96 -1.55
C LEU C 818 42.26 -26.03 -0.38
N ASP C 819 42.40 -24.72 -0.62
CA ASP C 819 42.01 -23.74 0.39
C ASP C 819 40.58 -23.98 0.86
N ASN C 820 39.69 -24.33 -0.08
CA ASN C 820 38.31 -24.71 0.25
C ASN C 820 38.20 -25.98 1.11
N ASP C 821 39.09 -26.94 0.89
CA ASP C 821 39.13 -28.16 1.72
C ASP C 821 39.51 -27.80 3.16
N ILE C 822 40.51 -26.92 3.29
CA ILE C 822 41.02 -26.47 4.59
C ILE C 822 39.96 -25.68 5.37
N ALA C 823 39.26 -24.78 4.67
CA ALA C 823 38.11 -24.07 5.24
C ALA C 823 38.45 -23.26 6.50
N VAL C 824 39.38 -22.32 6.35
CA VAL C 824 39.84 -21.45 7.42
C VAL C 824 39.81 -20.00 6.95
N SER C 825 39.08 -19.15 7.69
CA SER C 825 39.01 -17.71 7.41
C SER C 825 39.71 -16.90 8.48
N GLU C 826 39.85 -17.49 9.67
CA GLU C 826 40.60 -16.89 10.78
C GLU C 826 41.58 -17.93 11.30
N ALA C 827 42.85 -17.55 11.36
CA ALA C 827 43.96 -18.48 11.60
C ALA C 827 43.79 -19.49 12.73
N THR C 828 43.22 -19.08 13.85
CA THR C 828 43.08 -19.99 15.00
C THR C 828 41.77 -20.81 15.01
N ARG C 829 40.80 -20.38 14.21
CA ARG C 829 39.48 -21.03 14.19
C ARG C 829 39.42 -22.17 13.18
N ILE C 830 39.06 -23.35 13.68
CA ILE C 830 38.99 -24.56 12.87
C ILE C 830 37.57 -25.12 12.91
N ASP C 831 37.03 -25.45 11.75
CA ASP C 831 35.72 -26.09 11.65
C ASP C 831 35.93 -27.60 11.53
N PRO C 832 35.52 -28.37 12.56
CA PRO C 832 35.71 -29.83 12.52
C PRO C 832 34.97 -30.49 11.36
N ASN C 833 34.02 -29.76 10.74
CA ASN C 833 33.30 -30.26 9.58
C ASN C 833 34.01 -30.04 8.24
N ALA C 834 35.07 -29.21 8.24
CA ALA C 834 35.89 -29.01 7.04
C ALA C 834 36.29 -30.37 6.47
N TRP C 835 36.32 -30.48 5.15
CA TRP C 835 36.72 -31.73 4.49
C TRP C 835 38.11 -32.21 4.91
N VAL C 836 39.07 -31.30 5.02
CA VAL C 836 40.42 -31.66 5.40
C VAL C 836 40.46 -32.23 6.82
N GLU C 837 39.66 -31.65 7.71
CA GLU C 837 39.56 -32.11 9.09
C GLU C 837 38.96 -33.50 9.17
N ARG C 838 37.92 -33.73 8.37
CA ARG C 838 37.25 -35.03 8.33
C ARG C 838 38.14 -36.11 7.71
N TRP C 839 38.87 -35.74 6.66
CA TRP C 839 39.81 -36.67 6.02
C TRP C 839 40.97 -37.04 6.96
N LYS C 840 41.55 -36.04 7.62
CA LYS C 840 42.59 -36.28 8.62
C LYS C 840 42.12 -37.20 9.74
N ALA C 841 41.01 -36.84 10.40
CA ALA C 841 40.45 -37.62 11.51
C ALA C 841 40.05 -39.05 11.13
N ALA C 842 39.61 -39.24 9.89
CA ALA C 842 39.26 -40.58 9.41
C ALA C 842 40.48 -41.43 9.03
N GLY C 843 41.65 -40.78 8.95
CA GLY C 843 42.90 -41.45 8.59
C GLY C 843 43.16 -41.65 7.11
N HIS C 844 42.51 -40.85 6.27
CA HIS C 844 42.65 -40.97 4.81
C HIS C 844 44.08 -40.71 4.34
N TYR C 845 44.77 -39.78 4.99
CA TYR C 845 46.16 -39.46 4.64
C TYR C 845 47.18 -40.42 5.29
N GLN C 846 46.71 -41.25 6.22
CA GLN C 846 47.58 -42.20 6.94
C GLN C 846 47.39 -43.63 6.46
N ALA C 847 46.22 -43.92 5.88
CA ALA C 847 45.80 -45.28 5.52
C ALA C 847 46.87 -46.10 4.83
N GLU C 848 47.00 -47.35 5.26
CA GLU C 848 47.97 -48.29 4.70
C GLU C 848 47.29 -49.37 3.89
N ALA C 849 47.82 -49.60 2.69
CA ALA C 849 47.34 -50.65 1.79
C ALA C 849 47.74 -52.03 2.31
N ALA C 850 46.75 -52.92 2.42
CA ALA C 850 46.99 -54.31 2.80
C ALA C 850 46.56 -55.22 1.66
N LEU C 851 47.49 -56.04 1.20
CA LEU C 851 47.22 -56.95 0.08
C LEU C 851 46.31 -58.09 0.50
N LEU C 852 45.23 -58.27 -0.24
CA LEU C 852 44.29 -59.36 0.03
C LEU C 852 44.47 -60.48 -0.96
N GLN C 853 44.81 -60.13 -2.21
CA GLN C 853 44.91 -61.10 -3.29
C GLN C 853 45.82 -60.58 -4.40
N CYS C 854 46.59 -61.48 -4.98
CA CYS C 854 47.47 -61.18 -6.10
C CYS C 854 47.77 -62.46 -6.88
N THR C 855 46.95 -62.73 -7.90
CA THR C 855 47.06 -63.95 -8.70
C THR C 855 47.30 -63.65 -10.18
N ALA C 856 47.87 -64.63 -10.88
CA ALA C 856 48.18 -64.50 -12.31
C ALA C 856 47.60 -65.66 -13.12
N ASP C 857 47.05 -65.33 -14.28
CA ASP C 857 46.45 -66.32 -15.18
C ASP C 857 46.88 -66.06 -16.61
N THR C 858 47.01 -67.15 -17.38
CA THR C 858 47.31 -67.06 -18.80
C THR C 858 46.02 -67.34 -19.57
N LEU C 859 45.68 -66.43 -20.47
CA LEU C 859 44.53 -66.60 -21.35
C LEU C 859 45.01 -66.99 -22.74
N ALA C 860 44.08 -67.16 -23.67
CA ALA C 860 44.40 -67.56 -25.04
C ALA C 860 45.40 -66.60 -25.70
N ASP C 861 45.23 -65.30 -25.46
CA ASP C 861 46.06 -64.28 -26.09
C ASP C 861 46.46 -63.16 -25.13
N ALA C 862 46.45 -63.45 -23.83
CA ALA C 862 46.69 -62.43 -22.82
C ALA C 862 47.14 -63.02 -21.48
N VAL C 863 47.84 -62.20 -20.70
CA VAL C 863 48.10 -62.51 -19.30
C VAL C 863 47.17 -61.65 -18.42
N LEU C 864 46.50 -62.29 -17.46
CA LEU C 864 45.59 -61.62 -16.56
C LEU C 864 46.15 -61.59 -15.14
N ILE C 865 46.29 -60.40 -14.58
CA ILE C 865 46.73 -60.21 -13.20
C ILE C 865 45.57 -59.68 -12.36
N THR C 866 45.20 -60.41 -11.31
CA THR C 866 44.11 -60.05 -10.42
C THR C 866 44.63 -59.66 -9.05
N THR C 867 44.25 -58.45 -8.60
CA THR C 867 44.65 -57.94 -7.29
C THR C 867 43.45 -57.45 -6.49
N ALA C 868 43.59 -57.45 -5.17
CA ALA C 868 42.64 -56.85 -4.25
C ALA C 868 43.39 -56.28 -3.07
N HIS C 869 43.08 -55.05 -2.70
CA HIS C 869 43.69 -54.37 -1.57
C HIS C 869 42.64 -53.81 -0.62
N ALA C 870 43.01 -53.68 0.65
CA ALA C 870 42.21 -52.94 1.63
C ALA C 870 43.04 -51.83 2.25
N TRP C 871 42.45 -50.64 2.32
CA TRP C 871 43.07 -49.53 3.04
C TRP C 871 42.41 -49.39 4.38
N GLN C 872 43.22 -49.47 5.42
CA GLN C 872 42.72 -49.46 6.78
C GLN C 872 43.42 -48.42 7.65
N HIS C 873 42.66 -47.89 8.60
CA HIS C 873 43.20 -47.01 9.61
C HIS C 873 42.67 -47.50 10.95
N GLN C 874 43.59 -47.87 11.83
CA GLN C 874 43.26 -48.30 13.19
C GLN C 874 42.13 -49.34 13.24
N GLY C 875 42.27 -50.39 12.41
CA GLY C 875 41.30 -51.49 12.39
C GLY C 875 40.04 -51.24 11.56
N LYS C 876 39.95 -50.05 10.96
CA LYS C 876 38.80 -49.70 10.13
C LYS C 876 39.16 -49.75 8.65
N THR C 877 38.41 -50.53 7.88
CA THR C 877 38.60 -50.61 6.43
C THR C 877 37.85 -49.47 5.74
N LEU C 878 38.63 -48.54 5.18
CA LEU C 878 38.10 -47.35 4.53
C LEU C 878 37.68 -47.65 3.09
N PHE C 879 38.63 -48.20 2.33
CA PHE C 879 38.42 -48.51 0.92
C PHE C 879 38.91 -49.91 0.56
N ILE C 880 38.24 -50.53 -0.40
CA ILE C 880 38.70 -51.76 -1.01
C ILE C 880 38.83 -51.55 -2.52
N SER C 881 40.00 -51.85 -3.07
CA SER C 881 40.25 -51.75 -4.50
C SER C 881 40.48 -53.13 -5.11
N ARG C 882 39.62 -53.51 -6.05
CA ARG C 882 39.76 -54.75 -6.79
C ARG C 882 40.09 -54.43 -8.25
N LYS C 883 41.16 -55.03 -8.75
CA LYS C 883 41.62 -54.77 -10.11
C LYS C 883 41.92 -56.03 -10.91
N THR C 884 41.76 -55.93 -12.23
CA THR C 884 42.41 -56.84 -13.15
C THR C 884 43.25 -56.05 -14.15
N TYR C 885 44.44 -56.55 -14.44
CA TYR C 885 45.30 -56.02 -15.49
C TYR C 885 45.36 -57.06 -16.60
N ARG C 886 44.98 -56.66 -17.81
CA ARG C 886 44.95 -57.58 -18.95
C ARG C 886 45.91 -57.09 -20.01
N ILE C 887 47.00 -57.83 -20.16
CA ILE C 887 48.02 -57.47 -21.13
C ILE C 887 47.93 -58.44 -22.31
N ASP C 888 47.71 -57.90 -23.51
CA ASP C 888 47.49 -58.72 -24.70
C ASP C 888 48.66 -58.64 -25.68
N GLY C 889 48.53 -59.34 -26.81
CA GLY C 889 49.57 -59.39 -27.84
C GLY C 889 49.84 -58.08 -28.56
N SER C 890 48.89 -57.15 -28.50
CA SER C 890 49.07 -55.83 -29.13
C SER C 890 49.86 -54.86 -28.25
N GLY C 891 50.21 -55.30 -27.04
CA GLY C 891 51.00 -54.48 -26.12
C GLY C 891 50.20 -53.52 -25.27
N GLN C 892 48.88 -53.67 -25.28
CA GLN C 892 47.98 -52.87 -24.47
C GLN C 892 47.77 -53.50 -23.10
N MET C 893 47.78 -52.68 -22.06
CA MET C 893 47.42 -53.12 -20.71
C MET C 893 46.10 -52.48 -20.28
N ALA C 894 45.05 -53.30 -20.24
CA ALA C 894 43.74 -52.88 -19.75
C ALA C 894 43.65 -53.01 -18.23
N ILE C 895 43.45 -51.88 -17.55
CA ILE C 895 43.28 -51.86 -16.09
C ILE C 895 41.84 -51.59 -15.73
N THR C 896 41.17 -52.61 -15.19
CA THR C 896 39.81 -52.51 -14.72
C THR C 896 39.84 -52.34 -13.19
N VAL C 897 39.20 -51.29 -12.69
CA VAL C 897 39.22 -51.01 -11.25
C VAL C 897 37.81 -50.89 -10.66
N ASP C 898 37.59 -51.59 -9.56
CA ASP C 898 36.35 -51.52 -8.82
C ASP C 898 36.65 -51.19 -7.36
N VAL C 899 36.17 -50.04 -6.90
CA VAL C 899 36.45 -49.57 -5.54
C VAL C 899 35.19 -49.60 -4.68
N GLU C 900 35.35 -50.06 -3.44
CA GLU C 900 34.32 -49.98 -2.41
C GLU C 900 34.74 -48.95 -1.39
N VAL C 901 33.82 -48.06 -1.02
CA VAL C 901 34.09 -47.02 -0.02
C VAL C 901 33.11 -47.21 1.13
N ALA C 902 33.63 -47.31 2.35
CA ALA C 902 32.78 -47.49 3.53
C ALA C 902 31.81 -46.31 3.67
N SER C 903 30.53 -46.61 3.88
CA SER C 903 29.49 -45.59 3.90
C SER C 903 29.66 -44.59 5.05
N ASP C 904 30.34 -45.01 6.12
CA ASP C 904 30.53 -44.17 7.29
C ASP C 904 31.88 -43.45 7.34
N THR C 905 32.71 -43.64 6.31
CA THR C 905 33.90 -42.79 6.18
C THR C 905 33.52 -41.56 5.36
N PRO C 906 34.16 -40.40 5.64
CA PRO C 906 33.88 -39.22 4.81
C PRO C 906 34.24 -39.46 3.36
N HIS C 907 33.36 -39.04 2.46
CA HIS C 907 33.54 -39.21 1.03
C HIS C 907 34.93 -38.74 0.60
N PRO C 908 35.64 -39.57 -0.17
CA PRO C 908 37.02 -39.30 -0.57
C PRO C 908 37.16 -38.19 -1.60
N ALA C 909 38.32 -37.55 -1.59
CA ALA C 909 38.64 -36.46 -2.51
C ALA C 909 38.73 -36.92 -3.95
N ARG C 910 39.13 -38.18 -4.15
CA ARG C 910 39.30 -38.75 -5.48
C ARG C 910 39.31 -40.26 -5.43
N ILE C 911 39.10 -40.88 -6.58
CA ILE C 911 39.21 -42.33 -6.73
C ILE C 911 39.96 -42.61 -8.02
N GLY C 912 41.25 -42.90 -7.88
CA GLY C 912 42.12 -43.07 -9.04
C GLY C 912 43.45 -43.73 -8.73
N LEU C 913 44.38 -43.58 -9.67
CA LEU C 913 45.72 -44.14 -9.51
C LEU C 913 46.74 -43.04 -9.68
N ASN C 914 47.94 -43.26 -9.13
CA ASN C 914 49.05 -42.38 -9.43
C ASN C 914 50.38 -43.12 -9.54
N CYS C 915 51.33 -42.46 -10.21
CA CYS C 915 52.68 -42.98 -10.32
C CYS C 915 53.62 -41.86 -10.68
N GLN C 916 54.90 -42.10 -10.44
CA GLN C 916 55.92 -41.20 -10.89
C GLN C 916 56.59 -41.86 -12.09
N LEU C 917 56.45 -41.24 -13.25
CA LEU C 917 57.08 -41.71 -14.49
C LEU C 917 58.52 -41.21 -14.55
N ALA C 918 59.39 -42.00 -15.15
CA ALA C 918 60.78 -41.60 -15.39
C ALA C 918 60.84 -40.54 -16.49
N GLN C 919 59.89 -40.60 -17.40
CA GLN C 919 59.80 -39.69 -18.53
C GLN C 919 59.56 -38.26 -18.09
N VAL C 920 60.34 -37.35 -18.67
CA VAL C 920 60.05 -35.92 -18.64
C VAL C 920 59.97 -35.46 -20.08
N ALA C 921 58.76 -35.18 -20.57
CA ALA C 921 58.56 -34.72 -21.93
C ALA C 921 58.14 -33.26 -21.94
N GLU C 922 58.30 -32.61 -23.09
CA GLU C 922 58.01 -31.18 -23.21
C GLU C 922 56.54 -30.84 -23.38
N ARG C 923 55.76 -31.79 -23.92
CA ARG C 923 54.37 -31.54 -24.29
C ARG C 923 53.42 -32.56 -23.66
N VAL C 924 52.18 -32.12 -23.44
CA VAL C 924 51.11 -33.01 -23.03
C VAL C 924 49.96 -32.84 -24.01
N ASN C 925 49.48 -33.97 -24.52
CA ASN C 925 48.47 -33.98 -25.57
C ASN C 925 47.30 -34.80 -25.08
N TRP C 926 46.09 -34.23 -25.12
CA TRP C 926 44.90 -34.97 -24.69
C TRP C 926 43.64 -34.66 -25.47
N LEU C 927 42.78 -35.66 -25.54
CA LEU C 927 41.43 -35.50 -26.05
C LEU C 927 40.51 -35.51 -24.85
N GLY C 928 40.00 -34.33 -24.51
CA GLY C 928 39.16 -34.15 -23.33
C GLY C 928 38.81 -32.69 -23.12
N LEU C 929 38.40 -32.35 -21.91
CA LEU C 929 38.01 -30.98 -21.61
C LEU C 929 39.25 -30.12 -21.40
N GLY C 930 39.25 -28.94 -22.02
CA GLY C 930 40.38 -28.04 -21.94
C GLY C 930 40.16 -26.74 -22.67
N PRO C 931 41.23 -25.94 -22.87
CA PRO C 931 42.62 -26.31 -22.57
C PRO C 931 43.03 -26.09 -21.11
N GLN C 932 42.27 -25.28 -20.38
CA GLN C 932 42.64 -24.89 -19.02
C GLN C 932 42.17 -25.90 -17.97
N GLU C 933 42.80 -25.83 -16.79
CA GLU C 933 42.39 -26.56 -15.60
C GLU C 933 40.87 -26.52 -15.40
N ASN C 934 40.26 -27.68 -15.18
CA ASN C 934 38.82 -27.77 -14.92
C ASN C 934 38.53 -28.93 -13.98
N TYR C 935 37.55 -28.73 -13.10
CA TYR C 935 37.13 -29.71 -12.09
C TYR C 935 35.64 -29.97 -12.24
N PRO C 936 35.12 -31.07 -11.65
CA PRO C 936 33.73 -31.46 -11.94
C PRO C 936 32.66 -30.39 -11.74
N ASP C 937 32.79 -29.56 -10.69
CA ASP C 937 31.88 -28.43 -10.48
C ASP C 937 32.37 -27.09 -11.05
N ARG C 938 33.44 -27.15 -11.84
CA ARG C 938 33.97 -25.98 -12.55
C ARG C 938 34.54 -26.40 -13.91
N LEU C 939 33.70 -26.98 -14.75
CA LEU C 939 34.15 -27.42 -16.07
C LEU C 939 33.30 -26.88 -17.21
N THR C 940 32.32 -26.02 -16.92
CA THR C 940 31.42 -25.55 -17.98
C THR C 940 32.13 -24.75 -19.07
N ALA C 941 33.13 -23.96 -18.69
CA ALA C 941 33.91 -23.17 -19.64
C ALA C 941 34.81 -24.02 -20.55
N ALA C 942 35.18 -25.21 -20.07
CA ALA C 942 36.08 -26.09 -20.81
C ALA C 942 35.38 -26.70 -22.02
N CYS C 943 36.13 -26.91 -23.10
CA CYS C 943 35.59 -27.52 -24.31
C CYS C 943 36.28 -28.85 -24.59
N PHE C 944 35.51 -29.82 -25.09
CA PHE C 944 36.02 -31.09 -25.52
C PHE C 944 36.65 -30.93 -26.91
N ASP C 945 37.95 -31.19 -26.98
CA ASP C 945 38.69 -31.10 -28.22
C ASP C 945 40.05 -31.77 -28.02
N ARG C 946 40.88 -31.74 -29.05
CA ARG C 946 42.26 -32.21 -28.95
C ARG C 946 43.10 -31.02 -28.53
N TRP C 947 43.73 -31.12 -27.36
CA TRP C 947 44.55 -30.05 -26.81
C TRP C 947 46.01 -30.48 -26.71
N ASP C 948 46.93 -29.53 -26.90
CA ASP C 948 48.37 -29.80 -26.84
C ASP C 948 49.06 -28.61 -26.21
N LEU C 949 49.55 -28.79 -24.99
CA LEU C 949 50.20 -27.71 -24.25
C LEU C 949 51.58 -28.15 -23.77
N PRO C 950 52.46 -27.17 -23.50
CA PRO C 950 53.70 -27.51 -22.78
C PRO C 950 53.36 -28.00 -21.38
N LEU C 951 54.19 -28.91 -20.85
CA LEU C 951 53.96 -29.53 -19.54
C LEU C 951 53.72 -28.51 -18.40
N SER C 952 54.43 -27.39 -18.43
CA SER C 952 54.30 -26.38 -17.39
C SER C 952 52.89 -25.74 -17.31
N ASP C 953 52.20 -25.66 -18.45
CA ASP C 953 50.81 -25.19 -18.51
C ASP C 953 49.82 -26.15 -17.86
N MET C 954 50.27 -27.37 -17.56
CA MET C 954 49.45 -28.37 -16.89
C MET C 954 49.58 -28.26 -15.37
N TYR C 955 50.32 -27.25 -14.94
CA TYR C 955 50.45 -26.92 -13.53
C TYR C 955 49.93 -25.49 -13.31
N THR C 956 49.03 -25.34 -12.34
CA THR C 956 48.52 -24.02 -11.99
C THR C 956 49.25 -23.50 -10.75
N PRO C 957 49.98 -22.38 -10.89
CA PRO C 957 50.86 -21.88 -9.82
C PRO C 957 50.15 -21.07 -8.72
N TYR C 958 49.15 -21.68 -8.08
CA TYR C 958 48.50 -21.06 -6.92
C TYR C 958 49.57 -20.74 -5.87
N VAL C 959 49.50 -19.53 -5.30
CA VAL C 959 50.53 -19.07 -4.34
C VAL C 959 50.59 -20.02 -3.14
N PHE C 960 49.43 -20.37 -2.58
CA PHE C 960 49.34 -21.51 -1.67
C PHE C 960 49.10 -22.77 -2.50
N PRO C 961 50.11 -23.67 -2.55
CA PRO C 961 50.01 -24.89 -3.36
C PRO C 961 48.95 -25.89 -2.87
N SER C 962 48.29 -26.55 -3.81
CA SER C 962 47.32 -27.60 -3.52
C SER C 962 47.18 -28.46 -4.77
N GLU C 963 46.30 -29.46 -4.71
CA GLU C 963 45.84 -30.14 -5.92
C GLU C 963 45.50 -29.08 -6.96
N ASN C 964 45.97 -29.29 -8.19
CA ASN C 964 45.79 -28.32 -9.26
C ASN C 964 45.97 -28.97 -10.64
N GLY C 965 45.50 -28.28 -11.67
CA GLY C 965 45.77 -28.68 -13.03
C GLY C 965 44.97 -29.84 -13.58
N LEU C 966 43.98 -30.32 -12.81
CA LEU C 966 43.11 -31.40 -13.32
C LEU C 966 42.42 -31.00 -14.62
N ARG C 967 42.18 -31.99 -15.48
CA ARG C 967 41.35 -31.85 -16.67
C ARG C 967 40.41 -33.05 -16.67
N CYS C 968 39.12 -32.78 -16.85
CA CYS C 968 38.09 -33.82 -16.75
C CYS C 968 37.62 -34.31 -18.13
N GLY C 969 36.71 -35.28 -18.13
CA GLY C 969 36.10 -35.81 -19.35
C GLY C 969 37.11 -36.18 -20.45
N THR C 970 38.24 -36.74 -20.02
CA THR C 970 39.32 -37.08 -20.95
C THR C 970 39.24 -38.54 -21.42
N ARG C 971 39.34 -38.74 -22.73
CA ARG C 971 39.22 -40.06 -23.34
C ARG C 971 40.57 -40.62 -23.80
N GLU C 972 41.55 -39.75 -23.92
CA GLU C 972 42.89 -40.13 -24.36
C GLU C 972 43.91 -39.12 -23.86
N LEU C 973 45.01 -39.63 -23.31
CA LEU C 973 46.10 -38.81 -22.83
C LEU C 973 47.43 -39.28 -23.43
N ASN C 974 48.20 -38.35 -23.97
CA ASN C 974 49.51 -38.67 -24.58
C ASN C 974 50.64 -37.93 -23.90
N TYR C 975 51.65 -38.68 -23.46
CA TYR C 975 52.83 -38.10 -22.81
C TYR C 975 54.07 -38.94 -23.10
N GLY C 976 55.03 -38.35 -23.80
CA GLY C 976 56.19 -39.08 -24.31
C GLY C 976 55.74 -40.29 -25.10
N PRO C 977 56.19 -41.50 -24.69
CA PRO C 977 55.79 -42.71 -25.39
C PRO C 977 54.44 -43.27 -24.91
N HIS C 978 53.91 -42.71 -23.84
CA HIS C 978 52.73 -43.28 -23.19
C HIS C 978 51.42 -42.74 -23.75
N GLN C 979 50.44 -43.62 -23.83
CA GLN C 979 49.07 -43.23 -24.11
C GLN C 979 48.15 -43.93 -23.13
N TRP C 980 47.22 -43.17 -22.56
CA TRP C 980 46.18 -43.72 -21.71
C TRP C 980 44.82 -43.42 -22.34
N ARG C 981 43.98 -44.43 -22.44
CA ARG C 981 42.63 -44.25 -22.96
C ARG C 981 41.59 -44.72 -21.95
N GLY C 982 40.43 -44.09 -21.96
CA GLY C 982 39.31 -44.47 -21.11
C GLY C 982 38.33 -43.32 -21.00
N ASP C 983 37.94 -43.00 -19.77
CA ASP C 983 37.05 -41.87 -19.48
C ASP C 983 37.36 -41.37 -18.08
N PHE C 984 38.34 -40.49 -17.99
CA PHE C 984 38.97 -40.17 -16.71
C PHE C 984 39.28 -38.70 -16.55
N GLN C 985 39.67 -38.32 -15.33
CA GLN C 985 40.19 -37.00 -15.04
C GLN C 985 41.66 -37.17 -14.70
N PHE C 986 42.50 -36.21 -15.08
CA PHE C 986 43.93 -36.34 -14.82
C PHE C 986 44.58 -35.01 -14.49
N ASN C 987 45.68 -35.08 -13.73
CA ASN C 987 46.67 -34.02 -13.75
C ASN C 987 48.08 -34.59 -13.92
N ILE C 988 49.00 -33.74 -14.34
CA ILE C 988 50.34 -34.18 -14.69
C ILE C 988 51.34 -33.04 -14.49
N SER C 989 52.36 -33.30 -13.68
CA SER C 989 53.30 -32.28 -13.26
C SER C 989 54.57 -32.87 -12.65
N ARG C 990 55.51 -32.00 -12.32
CA ARG C 990 56.75 -32.36 -11.64
C ARG C 990 56.61 -32.34 -10.11
N TYR C 991 55.40 -32.12 -9.61
CA TYR C 991 55.17 -32.05 -8.16
C TYR C 991 54.20 -33.10 -7.69
N SER C 992 54.63 -33.90 -6.71
CA SER C 992 53.76 -34.92 -6.10
C SER C 992 52.70 -34.27 -5.22
N GLN C 993 51.61 -34.99 -5.00
CA GLN C 993 50.57 -34.55 -4.09
C GLN C 993 51.15 -34.33 -2.69
N GLN C 994 52.11 -35.18 -2.31
CA GLN C 994 52.77 -35.06 -1.02
C GLN C 994 53.49 -33.73 -0.86
N GLN C 995 54.28 -33.34 -1.86
CA GLN C 995 55.04 -32.09 -1.79
C GLN C 995 54.09 -30.88 -1.75
N LEU C 996 53.11 -30.88 -2.65
CA LEU C 996 52.10 -29.81 -2.70
C LEU C 996 51.42 -29.62 -1.34
N MET C 997 51.11 -30.75 -0.69
CA MET C 997 50.49 -30.81 0.62
C MET C 997 51.39 -30.28 1.75
N GLU C 998 52.70 -30.38 1.57
CA GLU C 998 53.66 -30.03 2.62
C GLU C 998 54.30 -28.66 2.42
N THR C 999 54.02 -28.03 1.28
CA THR C 999 54.61 -26.74 0.94
C THR C 999 53.56 -25.64 1.03
N SER C 1000 53.94 -24.51 1.64
CA SER C 1000 53.00 -23.42 1.93
C SER C 1000 53.07 -22.28 0.94
N HIS C 1001 54.17 -22.21 0.18
CA HIS C 1001 54.36 -21.18 -0.84
C HIS C 1001 54.84 -21.82 -2.14
N ARG C 1002 54.34 -21.33 -3.27
CA ARG C 1002 54.72 -21.88 -4.58
C ARG C 1002 56.21 -21.77 -4.92
N HIS C 1003 56.87 -20.73 -4.42
CA HIS C 1003 58.30 -20.50 -4.72
C HIS C 1003 59.21 -21.51 -4.03
N LEU C 1004 58.67 -22.24 -3.06
CA LEU C 1004 59.43 -23.27 -2.35
C LEU C 1004 59.29 -24.65 -2.97
N LEU C 1005 58.51 -24.77 -4.05
CA LEU C 1005 58.34 -26.05 -4.72
C LEU C 1005 59.55 -26.38 -5.58
N HIS C 1006 59.98 -27.63 -5.55
CA HIS C 1006 61.09 -28.10 -6.38
C HIS C 1006 60.61 -29.23 -7.31
N ALA C 1007 61.00 -29.15 -8.57
CA ALA C 1007 60.65 -30.19 -9.55
C ALA C 1007 61.27 -31.52 -9.14
N GLU C 1008 60.43 -32.55 -8.98
CA GLU C 1008 60.91 -33.88 -8.62
C GLU C 1008 61.49 -34.61 -9.84
N GLU C 1009 62.12 -35.76 -9.61
CA GLU C 1009 62.93 -36.42 -10.62
C GLU C 1009 62.19 -36.75 -11.93
N GLY C 1010 60.96 -37.25 -11.83
CA GLY C 1010 60.24 -37.60 -13.05
C GLY C 1010 59.02 -36.73 -13.29
N THR C 1011 57.93 -37.38 -13.67
CA THR C 1011 56.65 -36.70 -13.85
C THR C 1011 55.59 -37.47 -13.05
N TRP C 1012 54.92 -36.77 -12.16
CA TRP C 1012 53.83 -37.36 -11.38
C TRP C 1012 52.53 -37.31 -12.16
N LEU C 1013 51.93 -38.48 -12.35
CA LEU C 1013 50.65 -38.60 -13.00
C LEU C 1013 49.59 -39.08 -12.03
N ASN C 1014 48.51 -38.30 -11.93
CA ASN C 1014 47.34 -38.71 -11.18
C ASN C 1014 46.20 -38.89 -12.18
N ILE C 1015 45.77 -40.13 -12.38
CA ILE C 1015 44.64 -40.41 -13.26
C ILE C 1015 43.48 -40.87 -12.40
N ASP C 1016 42.37 -40.14 -12.46
CA ASP C 1016 41.22 -40.39 -11.62
C ASP C 1016 40.06 -40.91 -12.44
N GLY C 1017 39.45 -42.00 -11.97
CA GLY C 1017 38.14 -42.38 -12.49
C GLY C 1017 37.10 -41.36 -12.02
N PHE C 1018 37.30 -40.83 -10.81
CA PHE C 1018 36.35 -39.92 -10.17
C PHE C 1018 37.10 -38.91 -9.31
N HIS C 1019 36.60 -37.68 -9.27
CA HIS C 1019 37.21 -36.63 -8.47
C HIS C 1019 36.13 -35.75 -7.86
N MET C 1020 36.32 -35.38 -6.59
CA MET C 1020 35.36 -34.56 -5.85
C MET C 1020 35.37 -33.13 -6.36
N GLY C 1021 34.20 -32.49 -6.34
CA GLY C 1021 34.09 -31.06 -6.61
C GLY C 1021 34.98 -30.22 -5.72
N ILE C 1022 35.28 -29.01 -6.16
CA ILE C 1022 36.18 -28.12 -5.42
C ILE C 1022 35.44 -27.17 -4.46
N GLY C 1023 34.14 -26.96 -4.70
CA GLY C 1023 33.34 -26.05 -3.89
C GLY C 1023 33.77 -24.60 -4.03
N GLY C 1024 33.43 -23.78 -3.03
CA GLY C 1024 33.79 -22.36 -3.05
C GLY C 1024 32.69 -21.35 -2.83
N ASP C 1025 31.45 -21.81 -2.60
CA ASP C 1025 30.37 -20.89 -2.21
C ASP C 1025 30.84 -20.04 -1.03
N ASP C 1026 31.58 -20.65 -0.13
CA ASP C 1026 32.51 -19.92 0.74
C ASP C 1026 33.77 -20.78 0.94
N SER C 1027 34.77 -20.22 1.62
CA SER C 1027 36.00 -20.96 1.89
C SER C 1027 36.26 -21.19 3.38
N TRP C 1028 35.21 -21.26 4.19
CA TRP C 1028 35.37 -21.46 5.63
C TRP C 1028 34.38 -22.43 6.25
N SER C 1029 33.76 -23.23 5.38
CA SER C 1029 32.83 -24.29 5.77
C SER C 1029 32.78 -25.24 4.59
N PRO C 1030 32.24 -26.46 4.77
CA PRO C 1030 32.09 -27.34 3.61
C PRO C 1030 31.17 -26.70 2.58
N SER C 1031 31.63 -26.61 1.34
CA SER C 1031 30.92 -25.85 0.31
C SER C 1031 30.77 -26.64 -0.99
N VAL C 1032 31.10 -27.93 -0.95
CA VAL C 1032 30.96 -28.78 -2.12
C VAL C 1032 29.57 -29.37 -2.10
N SER C 1033 28.84 -29.17 -3.20
CA SER C 1033 27.45 -29.60 -3.28
C SER C 1033 27.37 -31.12 -3.36
N ALA C 1034 26.29 -31.69 -2.82
CA ALA C 1034 26.12 -33.15 -2.69
C ALA C 1034 26.34 -33.95 -3.97
N GLU C 1035 25.86 -33.42 -5.10
CA GLU C 1035 25.98 -34.10 -6.39
C GLU C 1035 27.45 -34.19 -6.87
N PHE C 1036 28.33 -33.39 -6.28
CA PHE C 1036 29.75 -33.45 -6.60
C PHE C 1036 30.60 -34.13 -5.52
N GLN C 1037 29.93 -34.75 -4.55
CA GLN C 1037 30.61 -35.55 -3.54
C GLN C 1037 30.65 -37.01 -3.99
N LEU C 1038 31.72 -37.71 -3.60
CA LEU C 1038 31.89 -39.10 -4.05
C LEU C 1038 31.26 -40.07 -3.06
N SER C 1039 29.94 -40.13 -3.12
CA SER C 1039 29.12 -40.78 -2.11
C SER C 1039 28.44 -42.06 -2.59
N ALA C 1040 28.77 -42.51 -3.79
CA ALA C 1040 28.07 -43.64 -4.39
C ALA C 1040 28.37 -44.99 -3.71
N GLY C 1041 29.49 -45.09 -2.98
CA GLY C 1041 29.84 -46.31 -2.26
C GLY C 1041 30.63 -47.32 -3.09
N ARG C 1042 30.18 -47.55 -4.31
CA ARG C 1042 30.88 -48.42 -5.26
C ARG C 1042 31.18 -47.66 -6.54
N TYR C 1043 32.42 -47.81 -7.01
CA TYR C 1043 32.89 -47.08 -8.18
C TYR C 1043 33.62 -48.00 -9.13
N HIS C 1044 33.40 -47.79 -10.42
CA HIS C 1044 34.04 -48.54 -11.48
C HIS C 1044 34.66 -47.62 -12.52
N TYR C 1045 35.92 -47.87 -12.86
CA TYR C 1045 36.53 -47.22 -14.02
C TYR C 1045 37.47 -48.17 -14.73
N GLN C 1046 37.79 -47.86 -15.99
CA GLN C 1046 38.71 -48.66 -16.78
C GLN C 1046 39.71 -47.79 -17.54
N LEU C 1047 40.98 -48.20 -17.51
CA LEU C 1047 42.05 -47.50 -18.20
C LEU C 1047 42.82 -48.46 -19.10
N VAL C 1048 43.18 -48.01 -20.30
CA VAL C 1048 44.09 -48.77 -21.14
C VAL C 1048 45.41 -48.01 -21.29
N TRP C 1049 46.49 -48.69 -20.90
CA TRP C 1049 47.83 -48.12 -21.00
C TRP C 1049 48.59 -48.83 -22.10
N CYS C 1050 49.10 -48.06 -23.07
CA CYS C 1050 49.87 -48.62 -24.17
C CYS C 1050 50.97 -47.66 -24.61
N GLN C 1051 51.87 -48.14 -25.46
CA GLN C 1051 52.91 -47.30 -26.03
C GLN C 1051 52.45 -46.66 -27.33
N LYS C 1052 52.56 -45.33 -27.39
CA LYS C 1052 52.20 -44.56 -28.56
C LYS C 1052 53.32 -44.66 -29.61
N ILE D 35 -46.09 -36.21 -23.68
CA ILE D 35 -46.31 -35.02 -22.83
C ILE D 35 -46.17 -33.73 -23.64
N ASP D 36 -46.86 -32.69 -23.20
CA ASP D 36 -46.94 -31.42 -23.92
C ASP D 36 -47.58 -30.43 -22.93
N PRO D 37 -47.97 -29.22 -23.38
CA PRO D 37 -47.62 -28.52 -24.62
C PRO D 37 -46.53 -27.46 -24.40
N VAL D 38 -46.70 -26.61 -23.38
CA VAL D 38 -45.77 -25.54 -23.07
C VAL D 38 -44.38 -26.09 -22.74
N VAL D 39 -44.35 -27.21 -22.03
CA VAL D 39 -43.13 -27.85 -21.58
C VAL D 39 -42.24 -28.25 -22.76
N LEU D 40 -42.83 -28.89 -23.77
CA LEU D 40 -42.10 -29.20 -25.00
C LEU D 40 -41.85 -27.97 -25.88
N GLN D 41 -42.82 -27.07 -25.95
CA GLN D 41 -42.71 -25.85 -26.77
C GLN D 41 -41.60 -24.91 -26.31
N ARG D 42 -41.40 -24.83 -24.99
CA ARG D 42 -40.43 -23.89 -24.44
C ARG D 42 -38.97 -24.35 -24.56
N ARG D 43 -38.75 -25.67 -24.55
CA ARG D 43 -37.38 -26.23 -24.59
C ARG D 43 -36.49 -25.48 -23.61
N ASP D 44 -36.86 -25.53 -22.33
CA ASP D 44 -36.14 -24.82 -21.29
C ASP D 44 -34.71 -25.35 -21.11
N TRP D 45 -34.48 -26.58 -21.57
CA TRP D 45 -33.18 -27.24 -21.51
C TRP D 45 -32.24 -26.81 -22.65
N GLU D 46 -32.67 -25.84 -23.44
CA GLU D 46 -31.82 -25.24 -24.48
C GLU D 46 -31.84 -23.71 -24.37
N ASN D 47 -31.86 -23.25 -23.12
CA ASN D 47 -31.93 -21.83 -22.79
C ASN D 47 -31.19 -21.57 -21.48
N PRO D 48 -29.99 -20.98 -21.57
CA PRO D 48 -29.19 -20.72 -20.36
C PRO D 48 -29.79 -19.60 -19.51
N GLY D 49 -30.82 -18.93 -20.05
CA GLY D 49 -31.58 -17.91 -19.32
C GLY D 49 -32.63 -18.51 -18.38
N VAL D 50 -33.00 -19.76 -18.65
CA VAL D 50 -33.85 -20.52 -17.73
C VAL D 50 -33.06 -21.70 -17.12
N THR D 51 -32.72 -21.56 -15.83
CA THR D 51 -32.00 -22.59 -15.09
C THR D 51 -32.91 -23.24 -14.06
N GLN D 52 -34.11 -22.67 -13.92
CA GLN D 52 -35.13 -23.19 -13.00
C GLN D 52 -36.45 -22.50 -13.26
N LEU D 53 -37.52 -23.14 -12.80
CA LEU D 53 -38.85 -22.55 -12.76
C LEU D 53 -39.52 -23.02 -11.47
N ASN D 54 -40.01 -22.07 -10.69
CA ASN D 54 -40.68 -22.32 -9.40
C ASN D 54 -39.80 -22.97 -8.32
N ARG D 55 -38.48 -22.98 -8.52
CA ARG D 55 -37.56 -23.49 -7.51
C ARG D 55 -37.49 -22.57 -6.30
N LEU D 56 -37.47 -23.17 -5.13
CA LEU D 56 -37.34 -22.44 -3.87
C LEU D 56 -35.89 -21.98 -3.64
N ALA D 57 -35.73 -20.99 -2.76
CA ALA D 57 -34.42 -20.45 -2.42
C ALA D 57 -33.52 -21.48 -1.75
N ALA D 58 -32.21 -21.40 -2.04
CA ALA D 58 -31.21 -22.28 -1.41
C ALA D 58 -30.97 -21.84 0.03
N HIS D 59 -30.48 -22.77 0.86
CA HIS D 59 -30.34 -22.55 2.30
C HIS D 59 -29.46 -23.65 2.88
N PRO D 60 -28.98 -23.48 4.12
CA PRO D 60 -28.24 -24.56 4.78
C PRO D 60 -29.15 -25.77 5.10
N PRO D 61 -28.57 -26.95 5.36
CA PRO D 61 -29.38 -28.17 5.59
C PRO D 61 -30.40 -27.98 6.72
N PHE D 62 -31.66 -28.33 6.42
CA PHE D 62 -32.77 -28.14 7.36
C PHE D 62 -33.37 -29.48 7.75
N ALA D 63 -33.97 -29.55 8.94
CA ALA D 63 -34.72 -30.73 9.35
C ALA D 63 -36.08 -30.40 9.96
N SER D 64 -36.31 -29.12 10.23
CA SER D 64 -37.53 -28.66 10.90
C SER D 64 -37.90 -29.52 12.12
N TRP D 65 -36.97 -29.65 13.05
CA TRP D 65 -37.23 -30.31 14.33
C TRP D 65 -38.31 -29.53 15.05
N ARG D 66 -39.19 -30.25 15.74
CA ARG D 66 -40.23 -29.64 16.55
C ARG D 66 -39.96 -29.95 18.02
N ASN D 67 -38.73 -30.33 18.28
CA ASN D 67 -38.25 -30.58 19.62
C ASN D 67 -36.79 -30.13 19.71
N SER D 68 -36.52 -29.22 20.63
CA SER D 68 -35.19 -28.63 20.80
C SER D 68 -34.08 -29.64 21.11
N GLU D 69 -34.41 -30.66 21.90
CA GLU D 69 -33.44 -31.67 22.31
C GLU D 69 -33.09 -32.61 21.16
N GLU D 70 -34.07 -32.90 20.31
CA GLU D 70 -33.82 -33.68 19.10
C GLU D 70 -32.85 -32.94 18.16
N ALA D 71 -33.00 -31.62 18.10
CA ALA D 71 -32.16 -30.76 17.28
C ALA D 71 -30.73 -30.71 17.82
N ARG D 72 -30.62 -30.52 19.14
CA ARG D 72 -29.32 -30.47 19.80
C ARG D 72 -28.50 -31.74 19.57
N THR D 73 -29.17 -32.90 19.68
CA THR D 73 -28.51 -34.21 19.59
C THR D 73 -28.42 -34.76 18.17
N ASP D 74 -28.96 -34.01 17.20
CA ASP D 74 -28.91 -34.37 15.77
C ASP D 74 -29.63 -35.70 15.44
N ARG D 75 -30.62 -36.04 16.25
CA ARG D 75 -31.45 -37.23 16.02
C ARG D 75 -32.45 -36.99 14.88
N PRO D 76 -33.02 -38.08 14.32
CA PRO D 76 -33.97 -37.95 13.20
C PRO D 76 -35.13 -36.99 13.49
N SER D 77 -35.58 -36.33 12.43
CA SER D 77 -36.73 -35.45 12.50
C SER D 77 -37.89 -36.11 11.79
N GLN D 78 -39.05 -36.12 12.44
CA GLN D 78 -40.27 -36.66 11.84
C GLN D 78 -40.77 -35.81 10.66
N GLN D 79 -40.25 -34.58 10.54
CA GLN D 79 -40.68 -33.64 9.52
C GLN D 79 -39.82 -33.74 8.26
N LEU D 80 -38.78 -34.57 8.32
CA LEU D 80 -37.92 -34.82 7.18
C LEU D 80 -38.04 -36.30 6.81
N ARG D 81 -38.63 -36.57 5.66
CA ARG D 81 -38.93 -37.92 5.21
C ARG D 81 -38.10 -38.27 4.01
N SER D 82 -37.47 -39.45 4.03
CA SER D 82 -36.75 -39.92 2.85
C SER D 82 -37.70 -40.62 1.87
N LEU D 83 -37.58 -40.27 0.59
CA LEU D 83 -38.30 -40.95 -0.49
C LEU D 83 -37.38 -41.87 -1.30
N ASN D 84 -36.18 -42.14 -0.78
CA ASN D 84 -35.29 -43.11 -1.42
C ASN D 84 -35.89 -44.51 -1.34
N GLY D 85 -35.65 -45.30 -2.38
CA GLY D 85 -36.14 -46.67 -2.41
C GLY D 85 -36.53 -47.04 -3.81
N GLU D 86 -37.62 -47.79 -3.93
CA GLU D 86 -38.06 -48.29 -5.23
C GLU D 86 -39.02 -47.34 -5.95
N TRP D 87 -38.63 -46.96 -7.17
CA TRP D 87 -39.39 -46.07 -8.03
C TRP D 87 -39.68 -46.80 -9.33
N ARG D 88 -40.52 -46.19 -10.16
CA ARG D 88 -40.80 -46.73 -11.48
C ARG D 88 -39.99 -45.94 -12.51
N PHE D 89 -39.42 -46.63 -13.49
CA PHE D 89 -38.54 -45.99 -14.46
C PHE D 89 -38.76 -46.49 -15.89
N ALA D 90 -38.78 -45.56 -16.83
CA ALA D 90 -38.84 -45.88 -18.24
C ALA D 90 -37.89 -44.97 -19.01
N TRP D 91 -37.10 -45.56 -19.90
CA TRP D 91 -36.15 -44.84 -20.73
C TRP D 91 -36.76 -44.46 -22.08
N PHE D 92 -36.47 -43.25 -22.55
CA PHE D 92 -36.91 -42.77 -23.87
C PHE D 92 -35.77 -42.08 -24.61
N PRO D 93 -35.78 -42.13 -25.95
CA PRO D 93 -34.68 -41.55 -26.73
C PRO D 93 -34.72 -40.01 -26.82
N ALA D 94 -35.86 -39.43 -26.45
CA ALA D 94 -36.07 -37.98 -26.53
C ALA D 94 -37.29 -37.60 -25.69
N PRO D 95 -37.36 -36.33 -25.22
CA PRO D 95 -38.54 -35.90 -24.48
C PRO D 95 -39.82 -35.97 -25.32
N GLU D 96 -39.68 -35.77 -26.63
CA GLU D 96 -40.78 -35.92 -27.59
C GLU D 96 -41.42 -37.33 -27.58
N ALA D 97 -40.64 -38.33 -27.18
CA ALA D 97 -41.08 -39.73 -27.18
C ALA D 97 -41.86 -40.12 -25.93
N VAL D 98 -41.84 -39.27 -24.91
CA VAL D 98 -42.57 -39.53 -23.67
C VAL D 98 -44.08 -39.34 -23.93
N PRO D 99 -44.89 -40.38 -23.63
CA PRO D 99 -46.34 -40.26 -23.85
C PRO D 99 -47.04 -39.50 -22.73
N GLU D 100 -48.03 -38.69 -23.10
CA GLU D 100 -48.81 -37.86 -22.16
C GLU D 100 -49.42 -38.67 -21.02
N SER D 101 -49.85 -39.90 -21.31
CA SER D 101 -50.45 -40.79 -20.30
C SER D 101 -49.58 -40.93 -19.05
N TRP D 102 -48.26 -40.91 -19.24
CA TRP D 102 -47.29 -41.07 -18.15
C TRP D 102 -47.49 -40.07 -17.01
N LEU D 103 -48.00 -38.88 -17.33
CA LEU D 103 -48.29 -37.87 -16.32
C LEU D 103 -49.44 -38.27 -15.39
N GLU D 104 -50.40 -39.02 -15.93
CA GLU D 104 -51.61 -39.41 -15.19
C GLU D 104 -51.45 -40.71 -14.41
N CYS D 105 -50.79 -41.69 -15.03
CA CYS D 105 -50.60 -42.99 -14.38
C CYS D 105 -49.38 -43.77 -14.88
N ASP D 106 -48.98 -44.76 -14.10
CA ASP D 106 -47.84 -45.63 -14.41
C ASP D 106 -47.90 -46.21 -15.82
N LEU D 107 -46.73 -46.32 -16.44
CA LEU D 107 -46.59 -47.02 -17.72
C LEU D 107 -46.34 -48.48 -17.43
N PRO D 108 -47.16 -49.39 -18.01
CA PRO D 108 -46.96 -50.83 -17.80
C PRO D 108 -45.56 -51.32 -18.19
N GLU D 109 -44.97 -50.69 -19.21
CA GLU D 109 -43.62 -51.05 -19.67
C GLU D 109 -42.47 -50.56 -18.75
N ALA D 110 -42.80 -49.71 -17.76
CA ALA D 110 -41.80 -49.19 -16.82
C ALA D 110 -41.28 -50.28 -15.90
N ASP D 111 -40.04 -50.14 -15.46
CA ASP D 111 -39.41 -51.09 -14.54
C ASP D 111 -39.35 -50.53 -13.14
N THR D 112 -39.19 -51.41 -12.16
CA THR D 112 -38.96 -50.99 -10.80
C THR D 112 -37.45 -50.97 -10.54
N VAL D 113 -36.95 -49.79 -10.15
CA VAL D 113 -35.52 -49.59 -9.90
C VAL D 113 -35.28 -48.83 -8.61
N VAL D 114 -34.06 -48.94 -8.09
CA VAL D 114 -33.66 -48.22 -6.88
C VAL D 114 -33.27 -46.77 -7.25
N VAL D 115 -33.71 -45.85 -6.40
CA VAL D 115 -33.33 -44.44 -6.48
C VAL D 115 -32.81 -44.10 -5.09
N PRO D 116 -31.67 -43.37 -5.00
CA PRO D 116 -30.88 -42.79 -6.10
C PRO D 116 -30.10 -43.80 -6.93
N SER D 117 -29.93 -43.48 -8.20
CA SER D 117 -29.17 -44.28 -9.13
C SER D 117 -28.79 -43.43 -10.33
N ASN D 118 -27.75 -43.86 -11.05
CA ASN D 118 -27.54 -43.44 -12.43
C ASN D 118 -28.09 -44.52 -13.36
N TRP D 119 -28.85 -44.11 -14.37
CA TRP D 119 -29.54 -45.10 -15.22
C TRP D 119 -28.61 -45.87 -16.16
N GLN D 120 -27.41 -45.35 -16.37
CA GLN D 120 -26.35 -46.07 -17.07
C GLN D 120 -25.88 -47.29 -16.29
N MET D 121 -25.99 -47.21 -14.96
CA MET D 121 -25.56 -48.28 -14.07
C MET D 121 -26.61 -49.39 -13.98
N HIS D 122 -27.75 -49.17 -14.63
CA HIS D 122 -28.82 -50.16 -14.73
C HIS D 122 -28.90 -50.73 -16.14
N GLY D 123 -28.07 -50.22 -17.05
CA GLY D 123 -27.99 -50.74 -18.42
C GLY D 123 -28.89 -50.12 -19.47
N TYR D 124 -29.58 -49.03 -19.12
CA TYR D 124 -30.53 -48.40 -20.04
C TYR D 124 -29.87 -47.70 -21.22
N ASP D 125 -28.72 -47.07 -20.96
CA ASP D 125 -27.84 -46.60 -22.01
C ASP D 125 -26.39 -46.55 -21.52
N ALA D 126 -25.46 -46.19 -22.40
CA ALA D 126 -24.04 -46.26 -22.09
C ALA D 126 -23.53 -45.04 -21.32
N PRO D 127 -22.65 -45.28 -20.32
CA PRO D 127 -21.91 -44.15 -19.78
C PRO D 127 -20.81 -43.75 -20.76
N ILE D 128 -20.45 -42.47 -20.78
CA ILE D 128 -19.48 -41.96 -21.74
C ILE D 128 -18.28 -41.41 -20.99
N TYR D 129 -17.07 -41.89 -21.32
CA TYR D 129 -15.89 -41.24 -20.78
C TYR D 129 -15.15 -40.39 -21.81
N THR D 130 -15.29 -39.07 -21.66
CA THR D 130 -14.49 -38.11 -22.42
C THR D 130 -13.85 -37.09 -21.46
N ASN D 131 -12.67 -36.61 -21.83
CA ASN D 131 -11.91 -35.70 -20.99
C ASN D 131 -12.31 -34.25 -21.27
N VAL D 132 -11.74 -33.68 -22.33
CA VAL D 132 -11.94 -32.28 -22.69
C VAL D 132 -13.10 -32.09 -23.67
N THR D 133 -13.08 -32.84 -24.77
CA THR D 133 -14.09 -32.71 -25.83
C THR D 133 -15.47 -33.05 -25.29
N TYR D 134 -16.42 -32.13 -25.48
CA TYR D 134 -17.79 -32.32 -25.02
C TYR D 134 -18.36 -33.62 -25.61
N PRO D 135 -19.18 -34.34 -24.83
CA PRO D 135 -19.85 -35.54 -25.35
C PRO D 135 -20.93 -35.21 -26.38
N ILE D 136 -21.17 -33.92 -26.60
CA ILE D 136 -22.17 -33.46 -27.57
C ILE D 136 -21.55 -32.42 -28.49
N THR D 137 -22.12 -32.27 -29.69
CA THR D 137 -21.72 -31.22 -30.63
C THR D 137 -21.71 -29.86 -29.94
N VAL D 138 -20.62 -29.12 -30.10
CA VAL D 138 -20.49 -27.81 -29.48
C VAL D 138 -21.28 -26.80 -30.29
N ASN D 139 -22.45 -26.43 -29.78
CA ASN D 139 -23.37 -25.55 -30.48
C ASN D 139 -24.31 -24.93 -29.43
N PRO D 140 -23.75 -24.12 -28.50
CA PRO D 140 -24.53 -23.61 -27.38
C PRO D 140 -25.61 -22.61 -27.84
N PRO D 141 -26.80 -22.64 -27.19
CA PRO D 141 -27.17 -23.46 -26.04
C PRO D 141 -27.82 -24.80 -26.38
N PHE D 142 -27.68 -25.26 -27.63
CA PHE D 142 -28.43 -26.42 -28.11
C PHE D 142 -27.80 -27.76 -27.75
N VAL D 143 -28.65 -28.75 -27.56
CA VAL D 143 -28.24 -30.14 -27.34
C VAL D 143 -28.81 -31.05 -28.45
N PRO D 144 -28.35 -32.32 -28.53
CA PRO D 144 -28.89 -33.21 -29.57
C PRO D 144 -30.41 -33.40 -29.45
N THR D 145 -31.07 -33.59 -30.58
CA THR D 145 -32.50 -33.87 -30.60
C THR D 145 -32.75 -35.25 -29.99
N GLU D 146 -31.84 -36.19 -30.28
CA GLU D 146 -31.81 -37.46 -29.56
C GLU D 146 -31.15 -37.23 -28.20
N ASN D 147 -32.01 -37.05 -27.20
CA ASN D 147 -31.59 -36.68 -25.86
C ASN D 147 -32.17 -37.70 -24.89
N PRO D 148 -31.36 -38.69 -24.48
CA PRO D 148 -31.83 -39.72 -23.56
C PRO D 148 -32.62 -39.13 -22.39
N THR D 149 -33.82 -39.66 -22.18
CA THR D 149 -34.78 -39.09 -21.23
C THR D 149 -35.24 -40.17 -20.25
N GLY D 150 -34.98 -39.93 -18.97
CA GLY D 150 -35.35 -40.86 -17.91
C GLY D 150 -36.62 -40.43 -17.21
N CYS D 151 -37.65 -41.26 -17.32
CA CYS D 151 -38.95 -40.98 -16.72
C CYS D 151 -39.13 -41.70 -15.39
N TYR D 152 -38.96 -40.95 -14.31
CA TYR D 152 -39.09 -41.51 -12.97
C TYR D 152 -40.46 -41.17 -12.41
N SER D 153 -41.01 -42.10 -11.63
CA SER D 153 -42.26 -41.85 -10.93
C SER D 153 -42.32 -42.63 -9.62
N LEU D 154 -43.10 -42.11 -8.69
CA LEU D 154 -43.31 -42.72 -7.39
C LEU D 154 -44.73 -42.45 -6.88
N THR D 155 -45.37 -43.49 -6.34
CA THR D 155 -46.66 -43.36 -5.67
C THR D 155 -46.44 -43.39 -4.16
N PHE D 156 -46.88 -42.35 -3.48
CA PHE D 156 -46.59 -42.19 -2.06
C PHE D 156 -47.81 -41.66 -1.30
N ASN D 157 -47.82 -41.91 0.00
CA ASN D 157 -48.85 -41.39 0.89
C ASN D 157 -48.26 -40.31 1.79
N VAL D 158 -49.10 -39.34 2.15
CA VAL D 158 -48.70 -38.25 3.03
C VAL D 158 -49.52 -38.31 4.32
N ASP D 159 -48.88 -38.00 5.44
CA ASP D 159 -49.57 -37.81 6.72
C ASP D 159 -50.71 -36.80 6.56
N GLU D 160 -51.85 -37.10 7.17
CA GLU D 160 -53.04 -36.27 7.09
C GLU D 160 -52.78 -34.85 7.60
N SER D 161 -52.04 -34.73 8.70
CA SER D 161 -51.74 -33.44 9.32
C SER D 161 -50.90 -32.51 8.44
N TRP D 162 -50.12 -33.10 7.52
CA TRP D 162 -49.32 -32.34 6.56
C TRP D 162 -50.19 -31.62 5.54
N LEU D 163 -51.35 -32.21 5.22
CA LEU D 163 -52.30 -31.62 4.28
C LEU D 163 -53.06 -30.44 4.88
N GLN D 164 -53.27 -30.48 6.20
CA GLN D 164 -54.03 -29.46 6.92
C GLN D 164 -53.32 -28.11 6.98
N GLU D 165 -52.11 -28.10 7.52
CA GLU D 165 -51.33 -26.88 7.71
C GLU D 165 -49.86 -27.04 7.35
N GLY D 166 -49.15 -25.92 7.27
CA GLY D 166 -47.72 -25.93 7.01
C GLY D 166 -47.33 -26.11 5.55
N GLN D 167 -46.03 -26.13 5.32
CA GLN D 167 -45.49 -26.18 3.98
C GLN D 167 -44.75 -27.50 3.75
N THR D 168 -45.17 -28.25 2.74
CA THR D 168 -44.48 -29.47 2.36
C THR D 168 -43.72 -29.26 1.06
N ARG D 169 -42.40 -29.33 1.15
CA ARG D 169 -41.56 -29.21 -0.04
C ARG D 169 -40.94 -30.56 -0.38
N ILE D 170 -40.59 -30.72 -1.65
CA ILE D 170 -39.79 -31.87 -2.07
C ILE D 170 -38.36 -31.38 -2.38
N ILE D 171 -37.38 -32.20 -2.02
CA ILE D 171 -35.97 -31.86 -2.21
C ILE D 171 -35.28 -32.94 -3.02
N PHE D 172 -34.76 -32.56 -4.18
CA PHE D 172 -33.91 -33.45 -4.97
C PHE D 172 -32.46 -33.01 -4.80
N ASP D 173 -31.68 -33.77 -4.03
CA ASP D 173 -30.29 -33.42 -3.77
C ASP D 173 -29.40 -33.45 -5.01
N GLY D 174 -29.77 -34.25 -6.01
CA GLY D 174 -28.99 -34.34 -7.24
C GLY D 174 -29.70 -34.99 -8.40
N VAL D 175 -29.93 -34.22 -9.46
CA VAL D 175 -30.54 -34.70 -10.69
C VAL D 175 -29.70 -34.25 -11.88
N ASN D 176 -29.30 -35.20 -12.72
CA ASN D 176 -28.31 -34.99 -13.78
C ASN D 176 -28.98 -35.22 -15.15
N SER D 177 -29.10 -34.19 -16.01
CA SER D 177 -28.57 -32.83 -15.81
C SER D 177 -29.65 -31.74 -15.64
N ALA D 178 -30.92 -32.08 -15.96
CA ALA D 178 -32.05 -31.14 -15.83
C ALA D 178 -33.34 -31.95 -15.76
N PHE D 179 -34.41 -31.36 -15.21
CA PHE D 179 -35.67 -32.09 -15.06
C PHE D 179 -36.90 -31.23 -14.92
N HIS D 180 -38.02 -31.73 -15.44
CA HIS D 180 -39.35 -31.22 -15.10
C HIS D 180 -40.01 -32.09 -14.05
N LEU D 181 -40.76 -31.46 -13.15
CA LEU D 181 -41.46 -32.16 -12.09
C LEU D 181 -42.98 -31.99 -12.20
N TRP D 182 -43.70 -33.09 -12.04
CA TRP D 182 -45.16 -33.08 -11.97
C TRP D 182 -45.60 -33.77 -10.69
N CYS D 183 -46.66 -33.25 -10.08
CA CYS D 183 -47.28 -33.91 -8.92
C CYS D 183 -48.78 -34.08 -9.18
N ASN D 184 -49.25 -35.33 -9.07
CA ASN D 184 -50.65 -35.67 -9.37
C ASN D 184 -51.12 -35.15 -10.72
N GLY D 185 -50.27 -35.27 -11.74
CA GLY D 185 -50.61 -34.85 -13.10
C GLY D 185 -50.45 -33.37 -13.40
N ARG D 186 -50.19 -32.59 -12.35
CA ARG D 186 -50.05 -31.12 -12.44
C ARG D 186 -48.58 -30.68 -12.42
N TRP D 187 -48.16 -29.87 -13.41
CA TRP D 187 -46.79 -29.38 -13.52
C TRP D 187 -46.40 -28.48 -12.35
N VAL D 188 -45.27 -28.81 -11.71
CA VAL D 188 -44.76 -28.09 -10.53
C VAL D 188 -43.60 -27.12 -10.86
N GLY D 189 -42.60 -27.64 -11.56
CA GLY D 189 -41.39 -26.85 -11.81
C GLY D 189 -40.30 -27.53 -12.60
N TYR D 190 -39.12 -26.91 -12.59
CA TYR D 190 -38.01 -27.25 -13.46
C TYR D 190 -36.72 -26.85 -12.75
N GLY D 191 -35.66 -27.64 -12.94
CA GLY D 191 -34.37 -27.33 -12.32
C GLY D 191 -33.17 -27.81 -13.11
N GLN D 192 -32.07 -27.07 -12.99
CA GLN D 192 -30.77 -27.42 -13.57
C GLN D 192 -29.68 -27.34 -12.47
N ASP D 193 -28.44 -27.64 -12.86
CA ASP D 193 -27.30 -27.83 -11.95
C ASP D 193 -27.39 -29.19 -11.28
N SER D 194 -26.59 -30.12 -11.79
CA SER D 194 -26.64 -31.52 -11.39
C SER D 194 -26.20 -31.79 -9.96
N ARG D 195 -25.53 -30.81 -9.33
CA ARG D 195 -24.81 -31.10 -8.08
C ARG D 195 -25.25 -30.29 -6.86
N LEU D 196 -26.37 -29.57 -6.98
CA LEU D 196 -26.98 -28.91 -5.83
C LEU D 196 -28.47 -29.30 -5.74
N PRO D 197 -29.06 -29.23 -4.53
CA PRO D 197 -30.48 -29.57 -4.37
C PRO D 197 -31.41 -28.61 -5.07
N SER D 198 -32.42 -29.15 -5.73
CA SER D 198 -33.53 -28.38 -6.28
C SER D 198 -34.78 -28.68 -5.44
N GLU D 199 -35.38 -27.63 -4.87
CA GLU D 199 -36.51 -27.78 -3.96
C GLU D 199 -37.76 -27.09 -4.48
N PHE D 200 -38.92 -27.73 -4.28
CA PHE D 200 -40.20 -27.24 -4.80
C PHE D 200 -41.29 -27.40 -3.76
N ASP D 201 -42.16 -26.40 -3.66
CA ASP D 201 -43.28 -26.42 -2.73
C ASP D 201 -44.41 -27.24 -3.32
N LEU D 202 -44.78 -28.32 -2.62
CA LEU D 202 -45.85 -29.22 -3.08
C LEU D 202 -47.15 -29.05 -2.31
N SER D 203 -47.17 -28.11 -1.37
CA SER D 203 -48.32 -27.87 -0.49
C SER D 203 -49.66 -27.84 -1.22
N ALA D 204 -49.71 -27.14 -2.36
CA ALA D 204 -50.93 -26.96 -3.15
C ALA D 204 -51.23 -28.10 -4.13
N PHE D 205 -50.33 -29.08 -4.20
CA PHE D 205 -50.41 -30.16 -5.19
C PHE D 205 -50.84 -31.48 -4.58
N LEU D 206 -50.63 -31.62 -3.27
CA LEU D 206 -50.88 -32.89 -2.59
C LEU D 206 -52.35 -33.11 -2.26
N ARG D 207 -52.71 -34.37 -2.04
CA ARG D 207 -54.09 -34.75 -1.75
C ARG D 207 -54.15 -35.85 -0.68
N ALA D 208 -55.35 -36.08 -0.15
CA ALA D 208 -55.62 -37.24 0.70
C ALA D 208 -55.35 -38.53 -0.05
N GLY D 209 -54.72 -39.50 0.62
CA GLY D 209 -54.45 -40.80 0.03
C GLY D 209 -53.17 -40.89 -0.79
N GLU D 210 -53.26 -41.53 -1.95
CA GLU D 210 -52.12 -41.76 -2.83
C GLU D 210 -51.80 -40.55 -3.71
N ASN D 211 -50.53 -40.21 -3.77
CA ASN D 211 -50.04 -39.15 -4.66
C ASN D 211 -49.02 -39.71 -5.62
N ARG D 212 -48.92 -39.12 -6.80
CA ARG D 212 -47.94 -39.57 -7.79
C ARG D 212 -47.03 -38.47 -8.30
N LEU D 213 -45.73 -38.67 -8.10
CA LEU D 213 -44.70 -37.83 -8.69
C LEU D 213 -44.36 -38.36 -10.05
N ALA D 214 -44.19 -37.45 -11.01
CA ALA D 214 -43.61 -37.77 -12.30
C ALA D 214 -42.43 -36.83 -12.51
N VAL D 215 -41.25 -37.42 -12.73
CA VAL D 215 -40.02 -36.64 -12.91
C VAL D 215 -39.38 -37.00 -14.23
N MET D 216 -39.38 -36.05 -15.17
CA MET D 216 -38.75 -36.27 -16.47
C MET D 216 -37.34 -35.68 -16.49
N VAL D 217 -36.34 -36.56 -16.50
CA VAL D 217 -34.93 -36.16 -16.41
C VAL D 217 -34.26 -36.19 -17.78
N LEU D 218 -33.70 -35.05 -18.17
CA LEU D 218 -32.98 -34.95 -19.43
C LEU D 218 -31.48 -35.16 -19.21
N ARG D 219 -30.87 -35.97 -20.08
CA ARG D 219 -29.44 -36.23 -20.00
C ARG D 219 -28.63 -35.00 -20.38
N TRP D 220 -29.04 -34.36 -21.47
CA TRP D 220 -28.36 -33.18 -21.99
C TRP D 220 -29.24 -31.95 -21.87
N SER D 221 -28.61 -30.83 -21.55
CA SER D 221 -29.27 -29.54 -21.41
C SER D 221 -28.23 -28.44 -21.56
N ASP D 222 -28.67 -27.18 -21.54
CA ASP D 222 -27.71 -26.06 -21.58
C ASP D 222 -26.79 -26.08 -20.34
N GLY D 223 -27.24 -26.72 -19.27
CA GLY D 223 -26.40 -26.97 -18.09
C GLY D 223 -25.16 -27.78 -18.41
N SER D 224 -25.26 -28.64 -19.43
CA SER D 224 -24.15 -29.52 -19.84
C SER D 224 -22.92 -28.76 -20.34
N TYR D 225 -23.14 -27.57 -20.89
CA TYR D 225 -22.02 -26.72 -21.30
C TYR D 225 -21.16 -26.25 -20.13
N LEU D 226 -21.72 -26.29 -18.92
CA LEU D 226 -20.99 -25.92 -17.70
C LEU D 226 -20.57 -27.14 -16.88
N GLU D 227 -20.77 -28.34 -17.45
CA GLU D 227 -20.50 -29.59 -16.75
C GLU D 227 -19.54 -30.50 -17.53
N ASP D 228 -18.43 -29.92 -17.99
CA ASP D 228 -17.50 -30.67 -18.83
C ASP D 228 -16.31 -31.26 -18.04
N GLN D 229 -16.58 -31.76 -16.84
CA GLN D 229 -15.54 -32.36 -16.01
C GLN D 229 -15.03 -33.67 -16.61
N ASP D 230 -13.72 -33.87 -16.47
CA ASP D 230 -12.99 -35.05 -16.93
C ASP D 230 -13.41 -36.25 -16.09
N MET D 231 -14.53 -36.86 -16.46
CA MET D 231 -15.14 -37.93 -15.67
C MET D 231 -16.19 -38.61 -16.53
N TRP D 232 -16.72 -39.74 -16.06
CA TRP D 232 -17.85 -40.39 -16.72
C TRP D 232 -19.03 -39.44 -16.81
N ARG D 233 -19.66 -39.42 -17.99
CA ARG D 233 -20.84 -38.62 -18.22
C ARG D 233 -22.06 -39.54 -18.09
N MET D 234 -22.77 -39.36 -16.98
CA MET D 234 -23.94 -40.17 -16.64
C MET D 234 -25.17 -39.27 -16.48
N SER D 235 -26.26 -39.81 -15.95
CA SER D 235 -27.48 -39.04 -15.74
C SER D 235 -28.45 -39.76 -14.80
N GLY D 236 -29.49 -39.03 -14.37
CA GLY D 236 -30.52 -39.59 -13.50
C GLY D 236 -30.67 -38.93 -12.14
N ILE D 237 -31.48 -39.54 -11.29
CA ILE D 237 -31.69 -39.05 -9.93
C ILE D 237 -30.71 -39.76 -9.00
N PHE D 238 -29.52 -39.17 -8.85
CA PHE D 238 -28.37 -39.87 -8.29
C PHE D 238 -28.02 -39.48 -6.85
N ARG D 239 -28.81 -38.57 -6.29
CA ARG D 239 -28.72 -38.25 -4.87
C ARG D 239 -30.13 -38.31 -4.27
N ASP D 240 -30.21 -38.19 -2.94
CA ASP D 240 -31.44 -38.37 -2.18
C ASP D 240 -32.64 -37.57 -2.68
N VAL D 241 -33.82 -38.15 -2.51
CA VAL D 241 -35.08 -37.42 -2.65
C VAL D 241 -35.73 -37.44 -1.27
N SER D 242 -36.24 -36.29 -0.84
CA SER D 242 -36.88 -36.20 0.47
C SER D 242 -38.05 -35.22 0.50
N LEU D 243 -38.89 -35.35 1.54
CA LEU D 243 -39.98 -34.42 1.78
C LEU D 243 -39.73 -33.69 3.09
N LEU D 244 -39.86 -32.38 3.07
CA LEU D 244 -39.64 -31.58 4.26
C LEU D 244 -40.88 -30.76 4.60
N HIS D 245 -41.29 -30.87 5.86
CA HIS D 245 -42.47 -30.16 6.34
C HIS D 245 -42.10 -29.09 7.36
N LYS D 246 -42.24 -27.84 6.95
CA LYS D 246 -41.94 -26.68 7.79
C LYS D 246 -43.24 -25.98 8.14
N PRO D 247 -43.27 -25.27 9.29
CA PRO D 247 -44.43 -24.41 9.53
C PRO D 247 -44.46 -23.25 8.53
N THR D 248 -45.62 -22.59 8.39
CA THR D 248 -45.76 -21.41 7.53
C THR D 248 -44.89 -20.25 8.04
N THR D 249 -44.87 -20.07 9.35
CA THR D 249 -43.93 -19.17 10.01
C THR D 249 -42.69 -20.00 10.35
N GLN D 250 -41.57 -19.70 9.70
CA GLN D 250 -40.42 -20.63 9.65
C GLN D 250 -39.06 -19.94 9.63
N ILE D 251 -38.04 -20.66 10.08
CA ILE D 251 -36.65 -20.29 9.83
C ILE D 251 -36.39 -20.59 8.36
N SER D 252 -36.08 -19.56 7.58
CA SER D 252 -35.81 -19.73 6.16
C SER D 252 -34.31 -19.68 5.81
N ASP D 253 -33.48 -19.20 6.73
CA ASP D 253 -32.03 -19.14 6.55
C ASP D 253 -31.37 -18.78 7.87
N PHE D 254 -30.13 -19.25 8.06
CA PHE D 254 -29.28 -18.79 9.17
C PHE D 254 -27.81 -18.91 8.79
N HIS D 255 -27.02 -17.92 9.21
CA HIS D 255 -25.58 -17.90 8.96
C HIS D 255 -24.85 -17.82 10.29
N VAL D 256 -23.87 -18.69 10.48
CA VAL D 256 -23.05 -18.69 11.69
C VAL D 256 -21.65 -18.18 11.33
N ALA D 257 -21.16 -17.23 12.10
CA ALA D 257 -19.80 -16.70 11.96
C ALA D 257 -19.11 -16.70 13.32
N THR D 258 -17.80 -16.96 13.33
CA THR D 258 -17.01 -16.89 14.56
C THR D 258 -15.82 -15.96 14.39
N ARG D 259 -15.79 -14.89 15.19
CA ARG D 259 -14.66 -13.95 15.19
C ARG D 259 -13.88 -14.03 16.51
N PHE D 260 -12.58 -13.72 16.45
CA PHE D 260 -11.68 -13.96 17.56
C PHE D 260 -10.86 -12.74 17.90
N ASN D 261 -10.31 -12.73 19.12
CA ASN D 261 -9.28 -11.75 19.46
C ASN D 261 -7.90 -12.25 19.02
N ASP D 262 -6.85 -11.49 19.33
CA ASP D 262 -5.50 -11.75 18.82
C ASP D 262 -4.97 -13.16 19.08
N ASP D 263 -5.18 -13.67 20.29
CA ASP D 263 -4.64 -14.97 20.68
C ASP D 263 -5.72 -16.05 20.82
N PHE D 264 -6.92 -15.77 20.30
CA PHE D 264 -8.02 -16.74 20.26
C PHE D 264 -8.52 -17.19 21.64
N SER D 265 -8.33 -16.34 22.64
CA SER D 265 -8.81 -16.60 24.00
C SER D 265 -10.27 -16.14 24.17
N ARG D 266 -10.74 -15.29 23.26
CA ARG D 266 -12.11 -14.83 23.23
C ARG D 266 -12.70 -14.94 21.83
N ALA D 267 -13.94 -15.40 21.75
CA ALA D 267 -14.66 -15.46 20.49
C ALA D 267 -16.04 -14.85 20.61
N VAL D 268 -16.55 -14.37 19.48
CA VAL D 268 -17.96 -13.98 19.38
C VAL D 268 -18.56 -14.83 18.28
N LEU D 269 -19.60 -15.59 18.63
CA LEU D 269 -20.41 -16.26 17.63
C LEU D 269 -21.55 -15.34 17.24
N GLU D 270 -21.62 -15.04 15.94
CA GLU D 270 -22.66 -14.17 15.42
C GLU D 270 -23.57 -15.00 14.52
N ALA D 271 -24.85 -15.08 14.87
CA ALA D 271 -25.79 -15.87 14.10
C ALA D 271 -26.89 -14.99 13.53
N GLU D 272 -26.94 -14.86 12.21
CA GLU D 272 -28.06 -14.20 11.53
C GLU D 272 -29.15 -15.21 11.17
N VAL D 273 -30.38 -14.90 11.57
CA VAL D 273 -31.52 -15.78 11.35
C VAL D 273 -32.56 -15.03 10.53
N GLN D 274 -33.05 -15.67 9.48
CA GLN D 274 -34.08 -15.10 8.62
C GLN D 274 -35.36 -15.91 8.74
N MET D 275 -36.50 -15.24 8.72
CA MET D 275 -37.80 -15.94 8.75
C MET D 275 -38.62 -15.67 7.49
N CYS D 276 -39.52 -16.60 7.19
CA CYS D 276 -40.65 -16.36 6.28
C CYS D 276 -41.96 -16.61 7.04
N GLY D 277 -43.04 -15.99 6.55
CA GLY D 277 -44.35 -16.09 7.22
C GLY D 277 -44.74 -14.77 7.83
N GLU D 278 -45.78 -14.78 8.66
CA GLU D 278 -46.33 -13.56 9.22
C GLU D 278 -45.56 -13.14 10.47
N LEU D 279 -45.03 -11.92 10.44
CA LEU D 279 -44.33 -11.37 11.60
C LEU D 279 -45.35 -11.08 12.71
N ARG D 280 -44.96 -11.42 13.94
CA ARG D 280 -45.78 -11.16 15.11
C ARG D 280 -44.87 -10.70 16.24
N ASP D 281 -45.35 -9.75 17.04
CA ASP D 281 -44.56 -9.15 18.12
C ASP D 281 -44.09 -10.12 19.19
N TYR D 282 -44.78 -11.25 19.33
CA TYR D 282 -44.42 -12.27 20.32
C TYR D 282 -43.35 -13.23 19.83
N LEU D 283 -43.03 -13.17 18.54
CA LEU D 283 -42.02 -14.08 17.96
C LEU D 283 -40.63 -13.72 18.51
N ARG D 284 -39.82 -14.76 18.70
CA ARG D 284 -38.46 -14.62 19.21
C ARG D 284 -37.57 -15.64 18.53
N VAL D 285 -36.27 -15.38 18.51
CA VAL D 285 -35.29 -16.40 18.14
C VAL D 285 -34.34 -16.54 19.33
N THR D 286 -34.05 -17.79 19.69
CA THR D 286 -32.97 -18.10 20.61
C THR D 286 -31.91 -18.92 19.90
N VAL D 287 -30.67 -18.48 20.01
CA VAL D 287 -29.55 -19.28 19.52
C VAL D 287 -28.74 -19.75 20.73
N SER D 288 -28.68 -21.06 20.90
CA SER D 288 -27.96 -21.66 22.01
C SER D 288 -26.76 -22.45 21.49
N LEU D 289 -25.64 -22.34 22.21
CA LEU D 289 -24.42 -23.04 21.86
C LEU D 289 -24.09 -24.10 22.91
N TRP D 290 -23.83 -25.32 22.43
CA TRP D 290 -23.64 -26.46 23.32
C TRP D 290 -22.28 -27.12 23.10
N GLN D 291 -21.69 -27.55 24.21
CA GLN D 291 -20.52 -28.41 24.20
C GLN D 291 -20.96 -29.69 24.93
N GLY D 292 -21.31 -30.71 24.15
CA GLY D 292 -21.99 -31.88 24.71
C GLY D 292 -23.30 -31.47 25.37
N GLU D 293 -23.51 -31.91 26.61
CA GLU D 293 -24.73 -31.58 27.35
C GLU D 293 -24.65 -30.26 28.09
N THR D 294 -23.51 -29.59 27.99
CA THR D 294 -23.32 -28.27 28.62
C THR D 294 -23.70 -27.16 27.65
N GLN D 295 -24.55 -26.25 28.11
CA GLN D 295 -24.86 -25.05 27.36
C GLN D 295 -23.82 -24.00 27.72
N VAL D 296 -23.08 -23.54 26.72
CA VAL D 296 -22.00 -22.60 27.00
C VAL D 296 -22.47 -21.16 26.87
N ALA D 297 -23.44 -20.93 26.00
CA ALA D 297 -23.85 -19.58 25.62
C ALA D 297 -25.22 -19.57 24.98
N SER D 298 -25.96 -18.49 25.21
CA SER D 298 -27.30 -18.35 24.67
C SER D 298 -27.67 -16.88 24.50
N GLY D 299 -28.44 -16.59 23.45
CA GLY D 299 -28.98 -15.25 23.23
C GLY D 299 -30.38 -15.34 22.67
N THR D 300 -31.25 -14.45 23.13
CA THR D 300 -32.63 -14.35 22.65
C THR D 300 -32.94 -12.91 22.21
N ALA D 301 -33.71 -12.77 21.14
CA ALA D 301 -34.13 -11.48 20.62
C ALA D 301 -35.41 -11.59 19.81
N PRO D 302 -36.22 -10.52 19.77
CA PRO D 302 -37.29 -10.47 18.79
C PRO D 302 -36.72 -10.20 17.40
N PHE D 303 -37.53 -10.42 16.36
CA PHE D 303 -37.13 -10.03 15.01
C PHE D 303 -37.03 -8.52 14.87
N GLY D 304 -36.10 -8.10 14.00
CA GLY D 304 -35.93 -6.69 13.68
C GLY D 304 -34.46 -6.37 13.72
N GLY D 305 -33.82 -6.41 12.54
CA GLY D 305 -32.40 -6.10 12.43
C GLY D 305 -32.13 -4.61 12.56
N GLU D 306 -30.85 -4.26 12.69
CA GLU D 306 -30.44 -2.86 12.72
C GLU D 306 -30.84 -2.13 11.45
N ILE D 307 -30.96 -0.81 11.54
CA ILE D 307 -31.14 0.03 10.36
C ILE D 307 -29.95 -0.20 9.42
N ILE D 308 -30.22 -0.50 8.15
CA ILE D 308 -29.11 -0.60 7.20
C ILE D 308 -29.12 0.49 6.11
N ASP D 309 -30.27 1.09 5.82
CA ASP D 309 -30.32 2.21 4.87
C ASP D 309 -31.49 3.17 5.10
N GLU D 310 -31.70 4.09 4.16
CA GLU D 310 -32.74 5.11 4.28
C GLU D 310 -34.15 4.54 4.45
N ARG D 311 -34.33 3.27 4.05
CA ARG D 311 -35.64 2.64 4.14
C ARG D 311 -35.80 1.76 5.39
N GLY D 312 -34.79 1.76 6.26
CA GLY D 312 -34.84 1.00 7.51
C GLY D 312 -33.98 -0.26 7.51
N GLY D 313 -34.51 -1.32 8.12
CA GLY D 313 -33.80 -2.58 8.25
C GLY D 313 -34.67 -3.77 7.87
N TYR D 314 -34.15 -4.97 8.11
CA TYR D 314 -34.89 -6.20 7.86
C TYR D 314 -35.75 -6.56 9.07
N ALA D 315 -37.06 -6.40 8.91
CA ALA D 315 -38.01 -6.72 9.98
C ALA D 315 -38.11 -8.23 10.19
N ASP D 316 -37.71 -8.98 9.17
CA ASP D 316 -37.83 -10.43 9.12
C ASP D 316 -36.50 -11.12 9.40
N ARG D 317 -35.57 -10.38 9.99
CA ARG D 317 -34.26 -10.90 10.35
C ARG D 317 -33.85 -10.44 11.74
N VAL D 318 -32.92 -11.19 12.34
CA VAL D 318 -32.36 -10.86 13.64
C VAL D 318 -30.96 -11.47 13.72
N THR D 319 -30.04 -10.77 14.39
CA THR D 319 -28.68 -11.27 14.56
C THR D 319 -28.43 -11.45 16.05
N LEU D 320 -28.04 -12.67 16.44
CA LEU D 320 -27.70 -12.96 17.83
C LEU D 320 -26.18 -12.98 17.96
N ARG D 321 -25.67 -12.41 19.07
CA ARG D 321 -24.23 -12.40 19.34
C ARG D 321 -23.94 -13.07 20.69
N LEU D 322 -23.16 -14.15 20.64
CA LEU D 322 -22.82 -14.92 21.84
C LEU D 322 -21.34 -14.84 22.13
N ASN D 323 -20.98 -14.44 23.36
CA ASN D 323 -19.59 -14.43 23.79
C ASN D 323 -19.15 -15.80 24.25
N VAL D 324 -18.00 -16.25 23.75
CA VAL D 324 -17.43 -17.52 24.18
C VAL D 324 -15.99 -17.28 24.63
N GLU D 325 -15.73 -17.63 25.89
CA GLU D 325 -14.42 -17.51 26.47
C GLU D 325 -13.61 -18.78 26.24
N ASN D 326 -12.36 -18.62 25.85
CA ASN D 326 -11.44 -19.75 25.61
C ASN D 326 -12.08 -20.88 24.79
N PRO D 327 -12.64 -20.57 23.60
CA PRO D 327 -13.31 -21.61 22.83
C PRO D 327 -12.33 -22.70 22.42
N LYS D 328 -12.82 -23.93 22.32
CA LYS D 328 -12.03 -25.02 21.78
C LYS D 328 -12.05 -24.90 20.27
N LEU D 329 -10.87 -24.74 19.68
CA LEU D 329 -10.74 -24.41 18.26
C LEU D 329 -10.80 -25.64 17.36
N TRP D 330 -11.44 -25.49 16.20
CA TRP D 330 -11.53 -26.57 15.22
C TRP D 330 -10.33 -26.55 14.27
N SER D 331 -9.82 -27.73 13.98
CA SER D 331 -8.80 -27.95 12.97
C SER D 331 -8.91 -29.39 12.54
N ALA D 332 -8.23 -29.76 11.45
CA ALA D 332 -8.17 -31.16 11.02
C ALA D 332 -7.40 -32.03 12.02
N GLU D 333 -6.49 -31.40 12.78
CA GLU D 333 -5.73 -32.07 13.82
C GLU D 333 -6.60 -32.47 15.01
N ILE D 334 -7.38 -31.51 15.53
CA ILE D 334 -8.36 -31.74 16.59
C ILE D 334 -9.67 -31.08 16.16
N PRO D 335 -10.60 -31.88 15.62
CA PRO D 335 -11.86 -31.32 15.11
C PRO D 335 -12.87 -30.97 16.21
N ASN D 336 -12.48 -30.13 17.16
CA ASN D 336 -13.41 -29.63 18.19
C ASN D 336 -14.68 -29.00 17.58
N LEU D 337 -15.84 -29.58 17.90
CA LEU D 337 -17.12 -29.02 17.45
C LEU D 337 -18.04 -28.62 18.61
N TYR D 338 -18.87 -27.62 18.35
CA TYR D 338 -19.94 -27.24 19.25
C TYR D 338 -21.25 -27.45 18.48
N ARG D 339 -22.37 -27.44 19.18
CA ARG D 339 -23.66 -27.54 18.51
C ARG D 339 -24.44 -26.24 18.71
N ALA D 340 -24.85 -25.63 17.61
CA ALA D 340 -25.67 -24.42 17.66
C ALA D 340 -27.11 -24.80 17.37
N VAL D 341 -28.00 -24.42 18.27
CA VAL D 341 -29.42 -24.70 18.10
C VAL D 341 -30.15 -23.38 17.86
N VAL D 342 -30.90 -23.32 16.77
CA VAL D 342 -31.63 -22.11 16.41
C VAL D 342 -33.12 -22.36 16.60
N GLU D 343 -33.70 -21.68 17.58
CA GLU D 343 -35.10 -21.88 17.96
C GLU D 343 -35.94 -20.69 17.54
N LEU D 344 -36.95 -20.96 16.73
CA LEU D 344 -38.00 -20.00 16.44
C LEU D 344 -39.14 -20.27 17.42
N HIS D 345 -39.43 -19.29 18.27
CA HIS D 345 -40.38 -19.52 19.35
C HIS D 345 -41.13 -18.25 19.74
N THR D 346 -41.95 -18.36 20.76
CA THR D 346 -42.72 -17.21 21.25
C THR D 346 -42.12 -16.76 22.57
N ALA D 347 -42.37 -15.50 22.93
CA ALA D 347 -41.87 -14.94 24.20
C ALA D 347 -42.39 -15.70 25.42
N ASP D 348 -43.60 -16.25 25.32
CA ASP D 348 -44.18 -17.03 26.43
C ASP D 348 -43.75 -18.50 26.42
N GLY D 349 -42.88 -18.86 25.48
CA GLY D 349 -42.16 -20.14 25.55
C GLY D 349 -42.65 -21.30 24.70
N THR D 350 -43.46 -21.01 23.68
CA THR D 350 -43.88 -22.04 22.74
C THR D 350 -42.92 -22.17 21.56
N LEU D 351 -42.43 -23.38 21.31
CA LEU D 351 -41.53 -23.64 20.19
C LEU D 351 -42.31 -23.75 18.90
N ILE D 352 -41.86 -23.05 17.86
CA ILE D 352 -42.48 -23.14 16.54
C ILE D 352 -41.73 -24.16 15.69
N GLU D 353 -40.41 -24.00 15.61
CA GLU D 353 -39.54 -25.01 15.03
C GLU D 353 -38.09 -24.76 15.42
N ALA D 354 -37.24 -25.76 15.23
CA ALA D 354 -35.83 -25.60 15.51
C ALA D 354 -34.98 -26.10 14.35
N GLU D 355 -33.85 -25.43 14.14
CA GLU D 355 -32.82 -25.88 13.22
C GLU D 355 -31.50 -25.90 13.97
N ALA D 356 -30.50 -26.53 13.39
CA ALA D 356 -29.21 -26.67 14.07
C ALA D 356 -28.07 -26.98 13.12
N CYS D 357 -26.84 -26.81 13.60
CA CYS D 357 -25.65 -27.21 12.86
C CYS D 357 -24.48 -27.41 13.81
N ASP D 358 -23.49 -28.18 13.38
CA ASP D 358 -22.21 -28.23 14.07
C ASP D 358 -21.44 -26.95 13.78
N VAL D 359 -20.82 -26.39 14.81
CA VAL D 359 -20.01 -25.19 14.69
C VAL D 359 -18.56 -25.52 15.05
N GLY D 360 -17.65 -25.11 14.19
CA GLY D 360 -16.22 -25.24 14.46
C GLY D 360 -15.64 -23.85 14.57
N PHE D 361 -15.13 -23.52 15.75
CA PHE D 361 -14.46 -22.24 15.97
C PHE D 361 -13.10 -22.26 15.30
N ARG D 362 -13.02 -21.65 14.13
CA ARG D 362 -11.74 -21.45 13.46
C ARG D 362 -11.76 -20.19 12.60
N GLU D 363 -10.57 -19.60 12.46
CA GLU D 363 -10.37 -18.45 11.60
C GLU D 363 -9.52 -18.87 10.42
N VAL D 364 -9.94 -18.49 9.23
CA VAL D 364 -9.15 -18.70 8.02
C VAL D 364 -8.87 -17.31 7.44
N ARG D 365 -7.59 -16.99 7.29
CA ARG D 365 -7.18 -15.71 6.71
C ARG D 365 -5.83 -15.81 6.01
N ILE D 366 -5.62 -14.93 5.04
CA ILE D 366 -4.33 -14.81 4.38
C ILE D 366 -3.69 -13.53 4.90
N GLU D 367 -2.48 -13.65 5.46
CA GLU D 367 -1.78 -12.49 5.97
C GLU D 367 -0.30 -12.57 5.65
N ASN D 368 0.23 -11.47 5.11
CA ASN D 368 1.63 -11.40 4.69
C ASN D 368 1.99 -12.51 3.71
N GLY D 369 1.00 -12.92 2.91
CA GLY D 369 1.20 -13.94 1.89
C GLY D 369 1.10 -15.38 2.35
N LEU D 370 0.62 -15.61 3.57
CA LEU D 370 0.47 -16.96 4.10
C LEU D 370 -0.99 -17.27 4.43
N LEU D 371 -1.45 -18.45 4.06
CA LEU D 371 -2.77 -18.92 4.50
C LEU D 371 -2.67 -19.42 5.93
N LEU D 372 -3.38 -18.75 6.84
CA LEU D 372 -3.36 -19.10 8.25
C LEU D 372 -4.68 -19.74 8.70
N LEU D 373 -4.57 -20.82 9.47
CA LEU D 373 -5.71 -21.33 10.22
C LEU D 373 -5.42 -21.14 11.69
N ASN D 374 -6.33 -20.45 12.39
CA ASN D 374 -6.15 -20.10 13.80
C ASN D 374 -4.77 -19.51 14.08
N GLY D 375 -4.32 -18.63 13.18
CA GLY D 375 -3.07 -17.90 13.34
C GLY D 375 -1.83 -18.62 12.88
N LYS D 376 -1.97 -19.90 12.48
CA LYS D 376 -0.82 -20.72 12.09
C LYS D 376 -0.82 -21.08 10.61
N PRO D 377 0.37 -21.10 9.99
CA PRO D 377 0.44 -21.37 8.54
C PRO D 377 0.19 -22.83 8.20
N LEU D 378 -0.83 -23.07 7.40
CA LEU D 378 -1.19 -24.41 6.97
C LEU D 378 -0.16 -25.02 6.04
N LEU D 379 -0.02 -26.32 6.13
CA LEU D 379 0.65 -27.11 5.10
C LEU D 379 -0.34 -28.13 4.59
N ILE D 380 -0.84 -27.88 3.38
CA ILE D 380 -1.93 -28.67 2.81
C ILE D 380 -1.43 -29.99 2.28
N ARG D 381 -1.84 -31.05 2.95
CA ARG D 381 -1.57 -32.41 2.49
C ARG D 381 -2.86 -32.90 1.84
N GLY D 382 -3.10 -32.48 0.61
CA GLY D 382 -4.41 -32.63 0.03
C GLY D 382 -4.55 -33.63 -1.10
N VAL D 383 -5.79 -33.95 -1.40
CA VAL D 383 -6.12 -34.79 -2.55
C VAL D 383 -7.43 -34.34 -3.18
N ASN D 384 -7.51 -34.46 -4.51
CA ASN D 384 -8.75 -34.25 -5.22
C ASN D 384 -9.57 -35.53 -5.11
N ARG D 385 -10.87 -35.39 -4.86
CA ARG D 385 -11.74 -36.55 -4.74
C ARG D 385 -13.06 -36.38 -5.48
N HIS D 386 -13.27 -37.25 -6.47
CA HIS D 386 -14.55 -37.37 -7.17
C HIS D 386 -15.49 -38.28 -6.39
N GLU D 387 -16.79 -38.10 -6.59
CA GLU D 387 -17.80 -38.99 -6.04
C GLU D 387 -17.97 -40.12 -7.05
N HIS D 388 -17.19 -41.18 -6.87
CA HIS D 388 -17.16 -42.27 -7.80
C HIS D 388 -17.25 -43.62 -7.07
N HIS D 389 -18.04 -44.52 -7.63
CA HIS D 389 -18.20 -45.88 -7.12
C HIS D 389 -18.21 -46.84 -8.32
N PRO D 390 -17.39 -47.91 -8.29
CA PRO D 390 -17.29 -48.77 -9.47
C PRO D 390 -18.57 -49.51 -9.83
N LEU D 391 -19.44 -49.75 -8.83
CA LEU D 391 -20.73 -50.41 -9.02
C LEU D 391 -21.89 -49.43 -9.23
N HIS D 392 -21.92 -48.38 -8.41
CA HIS D 392 -23.06 -47.46 -8.36
C HIS D 392 -22.82 -46.14 -9.12
N GLY D 393 -21.67 -46.03 -9.76
CA GLY D 393 -21.35 -44.86 -10.58
C GLY D 393 -21.09 -43.63 -9.74
N GLN D 394 -22.04 -42.69 -9.74
CA GLN D 394 -21.82 -41.39 -9.11
C GLN D 394 -22.76 -41.18 -7.92
N VAL D 395 -23.43 -42.26 -7.54
CA VAL D 395 -24.24 -42.30 -6.34
C VAL D 395 -23.32 -42.58 -5.15
N MET D 396 -23.41 -41.72 -4.14
CA MET D 396 -22.58 -41.83 -2.95
C MET D 396 -23.33 -42.35 -1.74
N ASP D 397 -22.65 -43.15 -0.93
CA ASP D 397 -23.21 -43.70 0.30
C ASP D 397 -22.28 -43.40 1.47
N GLU D 398 -22.83 -43.41 2.70
CA GLU D 398 -22.09 -43.11 3.91
C GLU D 398 -20.84 -43.98 4.10
N GLN D 399 -21.00 -45.29 3.91
CA GLN D 399 -19.90 -46.24 4.10
C GLN D 399 -18.70 -45.96 3.21
N THR D 400 -18.97 -45.68 1.92
CA THR D 400 -17.91 -45.32 0.98
C THR D 400 -17.23 -44.01 1.40
N MET D 401 -18.02 -43.04 1.86
CA MET D 401 -17.50 -41.76 2.33
C MET D 401 -16.58 -41.95 3.53
N VAL D 402 -17.07 -42.69 4.51
CA VAL D 402 -16.32 -42.94 5.73
C VAL D 402 -15.04 -43.71 5.39
N GLN D 403 -15.15 -44.72 4.53
CA GLN D 403 -13.99 -45.52 4.09
C GLN D 403 -12.91 -44.62 3.47
N ASP D 404 -13.32 -43.70 2.59
CA ASP D 404 -12.40 -42.73 1.98
C ASP D 404 -11.73 -41.84 3.02
N ILE D 405 -12.52 -41.25 3.91
CA ILE D 405 -11.99 -40.36 4.95
C ILE D 405 -10.99 -41.06 5.86
N LEU D 406 -11.31 -42.30 6.25
CA LEU D 406 -10.39 -43.09 7.09
C LEU D 406 -9.06 -43.38 6.37
N LEU D 407 -9.14 -43.85 5.12
CA LEU D 407 -7.95 -44.13 4.32
C LEU D 407 -7.09 -42.87 4.07
N MET D 408 -7.76 -41.76 3.79
CA MET D 408 -7.10 -40.48 3.60
C MET D 408 -6.32 -40.08 4.85
N LYS D 409 -7.00 -40.04 6.00
CA LYS D 409 -6.36 -39.64 7.24
C LYS D 409 -5.27 -40.62 7.67
N GLN D 410 -5.49 -41.90 7.42
CA GLN D 410 -4.48 -42.92 7.72
C GLN D 410 -3.23 -42.75 6.88
N ASN D 411 -3.38 -42.12 5.73
CA ASN D 411 -2.26 -41.88 4.84
C ASN D 411 -1.76 -40.43 4.85
N ASN D 412 -2.01 -39.77 5.98
CA ASN D 412 -1.51 -38.43 6.29
C ASN D 412 -2.02 -37.29 5.41
N PHE D 413 -3.20 -37.48 4.82
CA PHE D 413 -3.92 -36.38 4.18
C PHE D 413 -4.69 -35.59 5.23
N ASN D 414 -4.74 -34.27 5.06
CA ASN D 414 -5.54 -33.41 5.95
C ASN D 414 -6.53 -32.52 5.20
N ALA D 415 -6.66 -32.73 3.89
CA ALA D 415 -7.45 -31.83 3.04
C ALA D 415 -7.95 -32.47 1.76
N VAL D 416 -9.12 -32.02 1.33
CA VAL D 416 -9.73 -32.56 0.13
C VAL D 416 -10.28 -31.42 -0.72
N ARG D 417 -10.17 -31.57 -2.04
CA ARG D 417 -10.83 -30.66 -2.97
C ARG D 417 -11.99 -31.41 -3.63
N CYS D 418 -13.19 -30.83 -3.52
CA CYS D 418 -14.40 -31.36 -4.15
C CYS D 418 -14.37 -31.12 -5.65
N SER D 419 -13.61 -31.96 -6.35
CA SER D 419 -13.45 -31.83 -7.79
C SER D 419 -14.61 -32.49 -8.53
N HIS D 420 -15.35 -31.75 -9.36
CA HIS D 420 -15.30 -30.28 -9.45
C HIS D 420 -16.74 -29.77 -9.34
N TYR D 421 -17.31 -29.90 -8.15
CA TYR D 421 -18.73 -29.65 -7.91
C TYR D 421 -19.03 -29.76 -6.42
N PRO D 422 -20.13 -29.12 -5.97
CA PRO D 422 -20.58 -29.35 -4.62
C PRO D 422 -20.88 -30.83 -4.40
N ASN D 423 -20.47 -31.34 -3.26
CA ASN D 423 -20.66 -32.76 -2.94
C ASN D 423 -22.01 -33.03 -2.29
N HIS D 424 -22.34 -34.33 -2.24
CA HIS D 424 -23.40 -34.86 -1.40
C HIS D 424 -23.28 -34.21 -0.01
N PRO D 425 -24.42 -33.76 0.57
CA PRO D 425 -24.39 -33.01 1.82
C PRO D 425 -23.71 -33.70 3.00
N LEU D 426 -23.81 -35.03 3.08
CA LEU D 426 -23.20 -35.75 4.19
C LEU D 426 -21.67 -35.63 4.23
N TRP D 427 -21.05 -35.41 3.06
CA TRP D 427 -19.59 -35.30 2.97
C TRP D 427 -19.01 -34.21 3.89
N TYR D 428 -19.66 -33.04 3.94
CA TYR D 428 -19.19 -31.92 4.75
C TYR D 428 -19.35 -32.19 6.24
N THR D 429 -20.46 -32.84 6.60
CA THR D 429 -20.71 -33.26 7.98
C THR D 429 -19.60 -34.20 8.46
N LEU D 430 -19.25 -35.18 7.63
CA LEU D 430 -18.15 -36.10 7.92
C LEU D 430 -16.80 -35.39 8.03
N CYS D 431 -16.53 -34.45 7.12
CA CYS D 431 -15.29 -33.68 7.17
C CYS D 431 -15.22 -32.77 8.39
N ASP D 432 -16.37 -32.20 8.79
CA ASP D 432 -16.46 -31.45 10.04
C ASP D 432 -16.08 -32.32 11.24
N ARG D 433 -16.57 -33.56 11.26
CA ARG D 433 -16.49 -34.43 12.44
C ARG D 433 -15.17 -35.19 12.52
N TYR D 434 -14.71 -35.73 11.39
CA TYR D 434 -13.41 -36.42 11.34
C TYR D 434 -12.23 -35.46 11.25
N GLY D 435 -12.44 -34.27 10.69
CA GLY D 435 -11.37 -33.30 10.56
C GLY D 435 -10.64 -33.40 9.24
N LEU D 436 -11.16 -32.68 8.24
CA LEU D 436 -10.48 -32.49 6.96
C LEU D 436 -10.78 -31.09 6.46
N TYR D 437 -9.74 -30.40 5.99
CA TYR D 437 -9.93 -29.10 5.33
C TYR D 437 -10.54 -29.34 3.96
N VAL D 438 -11.54 -28.54 3.61
CA VAL D 438 -12.27 -28.73 2.36
C VAL D 438 -12.22 -27.49 1.46
N VAL D 439 -11.94 -27.71 0.18
CA VAL D 439 -12.17 -26.68 -0.83
C VAL D 439 -13.50 -27.02 -1.51
N ASP D 440 -14.52 -26.21 -1.26
CA ASP D 440 -15.85 -26.41 -1.85
C ASP D 440 -15.88 -25.70 -3.21
N GLU D 441 -16.21 -26.45 -4.27
CA GLU D 441 -16.01 -25.98 -5.64
C GLU D 441 -17.31 -25.93 -6.43
N ALA D 442 -17.54 -24.82 -7.12
CA ALA D 442 -18.77 -24.65 -7.92
C ALA D 442 -18.79 -25.59 -9.11
N ASN D 443 -19.99 -26.08 -9.44
CA ASN D 443 -20.16 -27.00 -10.58
C ASN D 443 -20.08 -26.24 -11.90
N ILE D 444 -18.89 -25.75 -12.24
CA ILE D 444 -18.65 -25.02 -13.48
C ILE D 444 -17.35 -25.46 -14.15
N GLU D 445 -17.48 -26.24 -15.22
CA GLU D 445 -16.33 -26.53 -16.07
C GLU D 445 -16.74 -26.48 -17.54
N THR D 446 -16.02 -25.65 -18.29
CA THR D 446 -16.27 -25.47 -19.72
C THR D 446 -14.98 -25.77 -20.52
N HIS D 447 -14.26 -26.80 -20.10
CA HIS D 447 -12.93 -27.12 -20.67
C HIS D 447 -12.93 -27.21 -22.18
N GLY D 448 -14.00 -27.78 -22.74
CA GLY D 448 -14.05 -28.08 -24.17
C GLY D 448 -14.31 -26.90 -25.08
N MET D 449 -14.63 -25.75 -24.50
CA MET D 449 -14.84 -24.53 -25.29
C MET D 449 -13.53 -24.09 -25.93
N VAL D 450 -13.63 -23.36 -27.05
CA VAL D 450 -12.45 -22.79 -27.70
C VAL D 450 -12.70 -21.30 -27.99
N PRO D 451 -11.93 -20.41 -27.32
CA PRO D 451 -10.96 -20.71 -26.25
C PRO D 451 -11.70 -21.11 -24.98
N MET D 452 -10.98 -21.43 -23.92
CA MET D 452 -11.62 -22.03 -22.75
C MET D 452 -12.58 -21.06 -22.05
N ASN D 453 -12.36 -19.77 -22.21
CA ASN D 453 -13.21 -18.77 -21.53
C ASN D 453 -14.38 -18.25 -22.38
N ARG D 454 -14.70 -18.94 -23.48
CA ARG D 454 -15.72 -18.43 -24.40
C ARG D 454 -17.06 -18.13 -23.72
N LEU D 455 -17.52 -19.04 -22.86
CA LEU D 455 -18.77 -18.86 -22.10
C LEU D 455 -18.58 -17.98 -20.86
N THR D 456 -17.48 -18.17 -20.15
CA THR D 456 -17.24 -17.47 -18.88
C THR D 456 -16.87 -15.99 -19.04
N ASP D 457 -16.51 -15.58 -20.25
CA ASP D 457 -16.33 -14.15 -20.52
C ASP D 457 -17.57 -13.51 -21.15
N ASP D 458 -18.63 -14.30 -21.27
CA ASP D 458 -19.84 -13.89 -21.98
C ASP D 458 -20.93 -13.51 -20.96
N PRO D 459 -21.38 -12.23 -20.97
CA PRO D 459 -22.34 -11.80 -19.94
C PRO D 459 -23.65 -12.57 -19.96
N ARG D 460 -23.97 -13.19 -21.09
CA ARG D 460 -25.22 -13.95 -21.22
C ARG D 460 -25.17 -15.26 -20.44
N TRP D 461 -23.96 -15.71 -20.12
CA TRP D 461 -23.78 -16.91 -19.31
C TRP D 461 -23.54 -16.61 -17.83
N LEU D 462 -23.44 -15.33 -17.47
CA LEU D 462 -23.29 -14.92 -16.06
C LEU D 462 -24.44 -15.41 -15.14
N PRO D 463 -25.71 -15.27 -15.58
CA PRO D 463 -26.78 -15.79 -14.74
C PRO D 463 -26.67 -17.29 -14.37
N ALA D 464 -26.51 -18.15 -15.37
CA ALA D 464 -26.36 -19.58 -15.11
C ALA D 464 -25.15 -19.88 -14.23
N MET D 465 -24.05 -19.18 -14.49
CA MET D 465 -22.83 -19.32 -13.68
C MET D 465 -23.01 -18.87 -12.24
N SER D 466 -23.63 -17.71 -12.04
CA SER D 466 -23.81 -17.16 -10.69
C SER D 466 -24.58 -18.11 -9.78
N GLU D 467 -25.59 -18.78 -10.32
CA GLU D 467 -26.38 -19.71 -9.51
C GLU D 467 -25.56 -20.90 -9.02
N ARG D 468 -24.62 -21.34 -9.83
CA ARG D 468 -23.76 -22.45 -9.45
C ARG D 468 -22.81 -22.08 -8.31
N VAL D 469 -22.48 -20.80 -8.23
CA VAL D 469 -21.66 -20.27 -7.15
C VAL D 469 -22.49 -19.86 -5.93
N THR D 470 -23.51 -19.04 -6.15
CA THR D 470 -24.26 -18.46 -5.04
C THR D 470 -25.02 -19.52 -4.22
N ARG D 471 -25.60 -20.49 -4.92
CA ARG D 471 -26.40 -21.53 -4.27
C ARG D 471 -25.52 -22.54 -3.52
N MET D 472 -24.27 -22.67 -3.97
CA MET D 472 -23.27 -23.47 -3.24
C MET D 472 -22.95 -22.79 -1.90
N VAL D 473 -22.64 -21.49 -1.96
CA VAL D 473 -22.34 -20.70 -0.77
C VAL D 473 -23.50 -20.71 0.23
N GLN D 474 -24.72 -20.48 -0.26
CA GLN D 474 -25.92 -20.49 0.60
C GLN D 474 -26.13 -21.84 1.30
N ARG D 475 -25.69 -22.92 0.65
CA ARG D 475 -25.87 -24.27 1.20
C ARG D 475 -24.81 -24.63 2.24
N ASP D 476 -23.55 -24.31 1.95
CA ASP D 476 -22.42 -24.90 2.67
C ASP D 476 -21.67 -23.95 3.60
N ARG D 477 -22.11 -22.70 3.68
CA ARG D 477 -21.36 -21.64 4.38
C ARG D 477 -21.23 -21.80 5.90
N ASN D 478 -22.03 -22.68 6.51
CA ASN D 478 -21.92 -22.92 7.95
C ASN D 478 -21.05 -24.12 8.31
N HIS D 479 -20.49 -24.79 7.30
CA HIS D 479 -19.61 -25.93 7.56
C HIS D 479 -18.20 -25.44 7.90
N PRO D 480 -17.72 -25.75 9.13
CA PRO D 480 -16.35 -25.40 9.50
C PRO D 480 -15.28 -26.05 8.61
N SER D 481 -15.53 -27.27 8.14
CA SER D 481 -14.57 -27.97 7.27
C SER D 481 -14.25 -27.20 5.97
N VAL D 482 -15.25 -26.51 5.42
CA VAL D 482 -15.04 -25.68 4.24
C VAL D 482 -14.22 -24.47 4.65
N ILE D 483 -12.99 -24.40 4.16
CA ILE D 483 -12.10 -23.30 4.50
C ILE D 483 -11.79 -22.39 3.31
N ILE D 484 -12.05 -22.89 2.10
CA ILE D 484 -11.77 -22.17 0.85
C ILE D 484 -12.91 -22.41 -0.14
N TRP D 485 -13.37 -21.35 -0.83
CA TRP D 485 -14.31 -21.48 -1.95
C TRP D 485 -13.54 -21.53 -3.26
N SER D 486 -14.03 -22.34 -4.20
CA SER D 486 -13.48 -22.36 -5.53
C SER D 486 -14.57 -22.05 -6.56
N LEU D 487 -14.20 -21.24 -7.56
CA LEU D 487 -15.14 -20.78 -8.60
C LEU D 487 -15.43 -21.84 -9.69
N GLY D 488 -14.77 -22.98 -9.59
CA GLY D 488 -14.97 -24.06 -10.55
C GLY D 488 -13.63 -24.58 -11.07
N ASN D 489 -13.65 -25.12 -12.28
CA ASN D 489 -12.46 -25.74 -12.84
C ASN D 489 -12.40 -25.60 -14.35
N GLU D 490 -11.20 -25.40 -14.87
CA GLU D 490 -10.94 -25.42 -16.31
C GLU D 490 -12.02 -24.72 -17.17
N SER D 491 -12.23 -23.44 -16.89
CA SER D 491 -13.17 -22.64 -17.67
C SER D 491 -12.52 -21.32 -18.11
N GLY D 492 -11.21 -21.38 -18.34
CA GLY D 492 -10.40 -20.20 -18.62
C GLY D 492 -10.59 -19.13 -17.56
N HIS D 493 -10.34 -17.88 -17.93
CA HIS D 493 -10.66 -16.76 -17.05
C HIS D 493 -11.53 -15.75 -17.80
N GLY D 494 -12.76 -15.56 -17.34
CA GLY D 494 -13.65 -14.58 -17.95
C GLY D 494 -14.07 -13.54 -16.93
N ALA D 495 -14.67 -12.47 -17.42
CA ALA D 495 -15.18 -11.41 -16.53
C ALA D 495 -16.22 -11.93 -15.55
N ASN D 496 -16.94 -12.99 -15.92
CA ASN D 496 -17.90 -13.63 -15.00
C ASN D 496 -17.24 -14.18 -13.72
N HIS D 497 -16.02 -14.70 -13.85
CA HIS D 497 -15.26 -15.15 -12.69
C HIS D 497 -14.96 -13.97 -11.75
N ASP D 498 -14.53 -12.86 -12.31
CA ASP D 498 -14.22 -11.66 -11.53
C ASP D 498 -15.44 -11.19 -10.74
N ALA D 499 -16.61 -11.17 -11.38
CA ALA D 499 -17.84 -10.75 -10.73
C ALA D 499 -18.21 -11.68 -9.58
N LEU D 500 -18.03 -12.98 -9.80
CA LEU D 500 -18.45 -13.98 -8.82
C LEU D 500 -17.45 -14.08 -7.68
N TYR D 501 -16.17 -13.89 -8.02
CA TYR D 501 -15.13 -13.74 -7.00
C TYR D 501 -15.55 -12.65 -6.00
N ARG D 502 -15.92 -11.48 -6.53
CA ARG D 502 -16.27 -10.33 -5.68
C ARG D 502 -17.55 -10.59 -4.89
N TRP D 503 -18.49 -11.30 -5.51
CA TRP D 503 -19.73 -11.66 -4.83
C TRP D 503 -19.44 -12.46 -3.56
N ILE D 504 -18.59 -13.48 -3.66
CA ILE D 504 -18.25 -14.28 -2.48
C ILE D 504 -17.54 -13.44 -1.42
N LYS D 505 -16.55 -12.66 -1.86
CA LYS D 505 -15.74 -11.83 -0.95
C LYS D 505 -16.64 -10.93 -0.14
N SER D 506 -17.69 -10.43 -0.80
CA SER D 506 -18.65 -9.54 -0.19
C SER D 506 -19.57 -10.28 0.78
N VAL D 507 -20.11 -11.44 0.38
CA VAL D 507 -21.07 -12.14 1.23
C VAL D 507 -20.44 -13.00 2.33
N ASP D 508 -19.19 -13.41 2.13
CA ASP D 508 -18.50 -14.26 3.10
C ASP D 508 -17.03 -13.92 3.19
N PRO D 509 -16.68 -12.92 4.02
CA PRO D 509 -15.26 -12.57 4.17
C PRO D 509 -14.44 -13.61 4.96
N SER D 510 -15.11 -14.64 5.48
CA SER D 510 -14.45 -15.63 6.36
C SER D 510 -13.54 -16.62 5.62
N ARG D 511 -13.71 -16.77 4.31
CA ARG D 511 -12.97 -17.75 3.52
C ARG D 511 -12.33 -17.15 2.27
N PRO D 512 -11.06 -17.48 2.01
CA PRO D 512 -10.40 -17.15 0.74
C PRO D 512 -11.12 -17.78 -0.45
N VAL D 513 -11.04 -17.13 -1.60
CA VAL D 513 -11.58 -17.68 -2.85
C VAL D 513 -10.44 -17.99 -3.79
N GLN D 514 -10.46 -19.19 -4.36
CA GLN D 514 -9.45 -19.55 -5.35
C GLN D 514 -10.06 -20.01 -6.65
N TYR D 515 -9.24 -20.01 -7.69
CA TYR D 515 -9.63 -20.40 -9.04
C TYR D 515 -8.39 -20.45 -9.93
N GLU D 516 -8.21 -21.58 -10.59
CA GLU D 516 -6.99 -21.83 -11.37
C GLU D 516 -7.06 -21.33 -12.82
N GLY D 517 -8.27 -21.24 -13.38
CA GLY D 517 -8.40 -20.94 -14.81
C GLY D 517 -7.70 -19.68 -15.26
N GLY D 518 -7.21 -19.69 -16.51
CA GLY D 518 -6.61 -18.51 -17.11
C GLY D 518 -5.22 -18.16 -16.61
N GLY D 519 -4.51 -19.16 -16.05
CA GLY D 519 -3.12 -18.93 -15.66
C GLY D 519 -2.81 -19.05 -14.17
N ALA D 520 -3.82 -19.41 -13.37
CA ALA D 520 -3.65 -19.77 -11.95
C ALA D 520 -3.31 -18.62 -10.99
N ASP D 521 -3.09 -17.42 -11.53
CA ASP D 521 -2.73 -16.27 -10.71
C ASP D 521 -3.47 -14.98 -11.14
N THR D 522 -4.67 -15.15 -11.68
CA THR D 522 -5.49 -14.03 -12.13
C THR D 522 -6.08 -13.24 -10.95
N THR D 523 -6.85 -12.21 -11.28
CA THR D 523 -7.53 -11.38 -10.29
C THR D 523 -8.73 -12.07 -9.66
N ALA D 524 -9.06 -13.29 -10.11
CA ALA D 524 -10.17 -14.05 -9.53
C ALA D 524 -9.72 -15.10 -8.50
N THR D 525 -8.49 -14.96 -7.99
CA THR D 525 -7.99 -15.93 -7.01
C THR D 525 -7.12 -15.28 -5.94
N ASP D 526 -7.36 -15.67 -4.70
CA ASP D 526 -6.54 -15.22 -3.56
C ASP D 526 -5.28 -16.08 -3.38
N ILE D 527 -5.26 -17.21 -4.08
CA ILE D 527 -4.21 -18.20 -3.93
C ILE D 527 -3.70 -18.57 -5.33
N ILE D 528 -2.39 -18.55 -5.51
CA ILE D 528 -1.79 -19.06 -6.74
C ILE D 528 -1.99 -20.57 -6.70
N CYS D 529 -2.78 -21.08 -7.63
CA CYS D 529 -3.25 -22.46 -7.49
C CYS D 529 -3.10 -23.26 -8.77
N PRO D 530 -1.86 -23.35 -9.30
CA PRO D 530 -1.70 -24.01 -10.60
C PRO D 530 -1.96 -25.51 -10.56
N MET D 531 -2.17 -26.09 -11.73
CA MET D 531 -2.17 -27.54 -11.85
C MET D 531 -0.90 -27.96 -12.57
N TYR D 532 -0.17 -28.89 -11.96
CA TYR D 532 0.99 -29.55 -12.57
C TYR D 532 2.16 -28.64 -12.89
N ALA D 533 2.22 -27.50 -12.20
CA ALA D 533 3.44 -26.70 -12.18
C ALA D 533 4.49 -27.55 -11.48
N ARG D 534 5.70 -27.54 -12.02
CA ARG D 534 6.80 -28.39 -11.53
C ARG D 534 7.62 -27.65 -10.48
N VAL D 535 8.43 -28.39 -9.72
CA VAL D 535 9.15 -27.79 -8.59
C VAL D 535 10.20 -26.79 -9.09
N ASP D 536 11.06 -27.24 -10.01
CA ASP D 536 12.22 -26.47 -10.48
C ASP D 536 12.13 -26.07 -11.94
N GLU D 537 11.37 -26.84 -12.71
CA GLU D 537 11.35 -26.69 -14.16
C GLU D 537 10.17 -25.80 -14.61
N ASP D 538 10.49 -24.72 -15.33
CA ASP D 538 9.48 -23.86 -15.94
C ASP D 538 8.83 -24.55 -17.14
N GLN D 539 7.53 -24.29 -17.34
CA GLN D 539 6.88 -24.67 -18.59
C GLN D 539 6.27 -23.41 -19.18
N PRO D 540 7.04 -22.69 -20.01
CA PRO D 540 6.62 -21.34 -20.42
C PRO D 540 5.62 -21.35 -21.59
N PHE D 541 4.48 -22.00 -21.41
CA PHE D 541 3.42 -21.96 -22.42
C PHE D 541 2.96 -20.52 -22.62
N PRO D 542 2.60 -20.14 -23.87
CA PRO D 542 2.06 -18.81 -24.14
C PRO D 542 0.77 -18.55 -23.35
N ALA D 543 0.65 -17.33 -22.82
CA ALA D 543 -0.56 -16.84 -22.11
C ALA D 543 -0.81 -17.48 -20.74
N VAL D 544 -0.57 -18.78 -20.63
CA VAL D 544 -0.83 -19.52 -19.39
C VAL D 544 0.38 -20.35 -18.94
N PRO D 545 1.53 -19.71 -18.73
CA PRO D 545 2.71 -20.53 -18.39
C PRO D 545 2.57 -21.23 -17.03
N LYS D 546 3.23 -22.38 -16.89
CA LYS D 546 3.35 -23.02 -15.58
C LYS D 546 4.77 -22.82 -15.09
N TRP D 547 4.97 -21.78 -14.31
CA TRP D 547 6.29 -21.49 -13.76
C TRP D 547 6.65 -22.55 -12.73
N SER D 548 7.94 -22.79 -12.57
CA SER D 548 8.46 -23.43 -11.37
C SER D 548 7.79 -22.79 -10.17
N ILE D 549 7.28 -23.60 -9.25
CA ILE D 549 6.53 -23.07 -8.09
C ILE D 549 7.38 -22.20 -7.19
N LYS D 550 8.67 -22.50 -7.08
CA LYS D 550 9.58 -21.67 -6.30
C LYS D 550 9.77 -20.31 -6.97
N LYS D 551 9.88 -20.31 -8.30
CA LYS D 551 10.00 -19.08 -9.10
C LYS D 551 8.72 -18.26 -9.06
N TRP D 552 7.57 -18.93 -9.22
CA TRP D 552 6.28 -18.26 -9.31
C TRP D 552 6.06 -17.30 -8.13
N LEU D 553 6.38 -17.80 -6.94
CA LEU D 553 6.21 -17.03 -5.71
C LEU D 553 6.84 -15.66 -5.74
N SER D 554 8.02 -15.56 -6.35
CA SER D 554 8.79 -14.29 -6.30
C SER D 554 8.79 -13.47 -7.58
N LEU D 555 7.91 -13.80 -8.52
CA LEU D 555 7.72 -12.94 -9.70
C LEU D 555 7.46 -11.51 -9.23
N PRO D 556 7.95 -10.52 -9.99
CA PRO D 556 7.81 -9.13 -9.57
C PRO D 556 6.38 -8.80 -9.17
N GLY D 557 6.21 -8.26 -7.96
CA GLY D 557 4.89 -7.86 -7.45
C GLY D 557 4.04 -8.95 -6.81
N GLU D 558 4.44 -10.21 -6.97
CA GLU D 558 3.62 -11.31 -6.47
C GLU D 558 3.79 -11.51 -4.96
N THR D 559 2.69 -11.67 -4.25
CA THR D 559 2.71 -11.78 -2.79
C THR D 559 1.92 -12.97 -2.25
N ARG D 560 1.10 -13.60 -3.09
CA ARG D 560 0.13 -14.59 -2.61
C ARG D 560 0.77 -15.93 -2.22
N PRO D 561 0.06 -16.71 -1.38
CA PRO D 561 0.50 -18.09 -1.13
C PRO D 561 0.27 -18.95 -2.37
N LEU D 562 1.04 -20.05 -2.47
CA LEU D 562 0.86 -21.00 -3.57
C LEU D 562 0.50 -22.39 -3.07
N ILE D 563 -0.65 -22.87 -3.52
CA ILE D 563 -1.14 -24.22 -3.20
C ILE D 563 -1.68 -24.82 -4.50
N LEU D 564 -1.06 -25.88 -4.98
CA LEU D 564 -1.48 -26.48 -6.25
C LEU D 564 -2.85 -27.13 -6.12
N CYS D 565 -3.75 -26.81 -7.05
CA CYS D 565 -5.09 -27.38 -7.04
C CYS D 565 -5.02 -28.82 -7.54
N GLU D 566 -4.03 -29.11 -8.38
CA GLU D 566 -3.73 -30.47 -8.84
C GLU D 566 -2.23 -30.58 -9.07
N TYR D 567 -1.65 -31.68 -8.60
CA TYR D 567 -0.23 -31.99 -8.83
C TYR D 567 -0.01 -33.48 -8.65
N ALA D 568 1.18 -33.96 -9.04
CA ALA D 568 1.56 -35.36 -8.88
C ALA D 568 0.48 -36.28 -9.47
N HIS D 569 0.33 -36.21 -10.79
CA HIS D 569 -0.71 -36.96 -11.49
C HIS D 569 -0.47 -38.47 -11.28
N ALA D 570 -1.36 -39.11 -10.52
CA ALA D 570 -1.14 -40.47 -10.06
C ALA D 570 -1.66 -41.55 -11.02
N MET D 571 -1.44 -41.34 -12.32
CA MET D 571 -1.99 -42.22 -13.33
C MET D 571 -1.14 -43.49 -13.52
N GLY D 572 -1.70 -44.63 -13.13
CA GLY D 572 -0.98 -45.91 -13.20
C GLY D 572 0.27 -45.91 -12.35
N ASN D 573 1.37 -46.38 -12.94
CA ASN D 573 2.65 -46.45 -12.26
C ASN D 573 3.27 -45.05 -12.23
N SER D 574 3.01 -44.33 -11.14
CA SER D 574 3.30 -42.90 -11.09
C SER D 574 3.62 -42.42 -9.68
N LEU D 575 3.65 -41.10 -9.53
CA LEU D 575 4.12 -40.39 -8.32
C LEU D 575 5.64 -40.32 -8.23
N GLY D 576 6.32 -40.47 -9.36
CA GLY D 576 7.74 -40.19 -9.43
C GLY D 576 7.99 -38.71 -9.21
N GLY D 577 8.93 -38.39 -8.32
CA GLY D 577 9.26 -37.01 -8.01
C GLY D 577 8.39 -36.38 -6.94
N PHE D 578 7.62 -37.20 -6.24
CA PHE D 578 6.71 -36.71 -5.19
C PHE D 578 7.50 -36.07 -4.05
N ALA D 579 8.64 -36.67 -3.70
CA ALA D 579 9.50 -36.16 -2.62
C ALA D 579 10.04 -34.78 -2.93
N LYS D 580 10.23 -34.47 -4.21
CA LYS D 580 10.73 -33.16 -4.62
C LYS D 580 9.73 -32.05 -4.26
N TYR D 581 8.44 -32.32 -4.43
CA TYR D 581 7.40 -31.36 -4.02
C TYR D 581 7.47 -31.08 -2.52
N TRP D 582 7.49 -32.16 -1.74
CA TRP D 582 7.44 -32.05 -0.29
C TRP D 582 8.66 -31.38 0.30
N GLN D 583 9.83 -31.65 -0.26
CA GLN D 583 11.04 -30.93 0.15
C GLN D 583 10.85 -29.42 -0.06
N ALA D 584 10.26 -29.05 -1.19
CA ALA D 584 10.02 -27.64 -1.52
C ALA D 584 8.95 -27.03 -0.61
N PHE D 585 7.86 -27.77 -0.39
CA PHE D 585 6.81 -27.31 0.52
C PHE D 585 7.38 -27.01 1.89
N ARG D 586 8.30 -27.85 2.36
CA ARG D 586 8.87 -27.67 3.69
C ARG D 586 9.89 -26.53 3.77
N GLN D 587 10.61 -26.28 2.68
CA GLN D 587 11.63 -25.22 2.70
C GLN D 587 11.07 -23.81 2.54
N TYR D 588 10.00 -23.67 1.74
CA TYR D 588 9.45 -22.36 1.39
C TYR D 588 8.16 -22.10 2.15
N PRO D 589 8.16 -21.08 3.03
CA PRO D 589 6.96 -20.71 3.79
C PRO D 589 5.71 -20.56 2.92
N ARG D 590 5.81 -19.81 1.82
CA ARG D 590 4.66 -19.52 0.96
C ARG D 590 4.26 -20.65 0.01
N LEU D 591 5.09 -21.69 -0.09
CA LEU D 591 4.66 -22.92 -0.74
C LEU D 591 3.91 -23.77 0.28
N GLN D 592 2.58 -23.71 0.26
CA GLN D 592 1.77 -24.35 1.31
C GLN D 592 1.09 -25.67 0.95
N GLY D 593 1.68 -26.40 0.01
CA GLY D 593 1.21 -27.74 -0.32
C GLY D 593 0.43 -27.82 -1.62
N GLY D 594 -0.53 -28.75 -1.66
CA GLY D 594 -1.32 -28.97 -2.85
C GLY D 594 -2.26 -30.15 -2.74
N PHE D 595 -3.03 -30.38 -3.80
CA PHE D 595 -3.99 -31.47 -3.86
C PHE D 595 -3.63 -32.45 -4.98
N VAL D 596 -3.22 -33.66 -4.60
CA VAL D 596 -2.84 -34.69 -5.56
C VAL D 596 -4.03 -35.00 -6.50
N TRP D 597 -3.75 -35.20 -7.78
CA TRP D 597 -4.76 -35.72 -8.69
C TRP D 597 -4.47 -37.19 -9.03
N ASP D 598 -5.31 -38.12 -8.55
CA ASP D 598 -6.40 -37.84 -7.61
C ASP D 598 -6.61 -39.02 -6.66
N TRP D 599 -7.76 -39.09 -5.99
CA TRP D 599 -7.96 -40.13 -4.98
C TRP D 599 -8.19 -41.53 -5.55
N VAL D 600 -9.22 -41.67 -6.40
CA VAL D 600 -9.67 -42.99 -6.80
C VAL D 600 -9.84 -43.12 -8.32
N ASP D 601 -9.31 -44.21 -8.88
CA ASP D 601 -9.54 -44.59 -10.28
C ASP D 601 -11.02 -44.55 -10.61
N GLN D 602 -11.38 -43.91 -11.72
CA GLN D 602 -12.76 -43.92 -12.18
C GLN D 602 -13.04 -45.14 -13.06
N SER D 603 -12.67 -46.32 -12.59
CA SER D 603 -12.98 -47.54 -13.34
C SER D 603 -14.38 -48.04 -12.94
N LEU D 604 -15.07 -48.66 -13.90
CA LEU D 604 -16.39 -49.24 -13.66
C LEU D 604 -16.37 -50.75 -13.83
N ILE D 605 -17.18 -51.45 -13.04
CA ILE D 605 -17.31 -52.90 -13.15
C ILE D 605 -18.19 -53.33 -14.32
N LYS D 606 -17.61 -54.14 -15.21
CA LYS D 606 -18.35 -54.90 -16.21
C LYS D 606 -18.17 -56.39 -15.92
N TYR D 607 -18.99 -57.23 -16.55
CA TYR D 607 -18.98 -58.68 -16.32
C TYR D 607 -18.73 -59.43 -17.62
N ASP D 608 -17.86 -60.44 -17.58
CA ASP D 608 -17.59 -61.27 -18.75
C ASP D 608 -18.71 -62.30 -18.97
N GLU D 609 -18.59 -63.09 -20.03
CA GLU D 609 -19.59 -64.12 -20.35
C GLU D 609 -19.90 -65.05 -19.17
N ASN D 610 -18.89 -65.35 -18.36
CA ASN D 610 -19.05 -66.21 -17.18
C ASN D 610 -19.60 -65.49 -15.95
N GLY D 611 -19.81 -64.17 -16.07
CA GLY D 611 -20.32 -63.37 -14.97
C GLY D 611 -19.24 -62.90 -13.99
N ASN D 612 -17.97 -63.05 -14.38
CA ASN D 612 -16.85 -62.56 -13.58
C ASN D 612 -16.60 -61.06 -13.81
N PRO D 613 -16.45 -60.29 -12.72
CA PRO D 613 -16.27 -58.84 -12.83
C PRO D 613 -14.87 -58.43 -13.32
N TRP D 614 -14.83 -57.36 -14.09
CA TRP D 614 -13.56 -56.75 -14.49
C TRP D 614 -13.66 -55.23 -14.58
N SER D 615 -12.51 -54.58 -14.44
CA SER D 615 -12.43 -53.12 -14.38
C SER D 615 -12.42 -52.51 -15.76
N ALA D 616 -13.43 -51.70 -16.05
CA ALA D 616 -13.59 -51.07 -17.36
C ALA D 616 -13.23 -49.59 -17.33
N TYR D 617 -12.80 -49.06 -18.48
CA TYR D 617 -12.54 -47.63 -18.62
C TYR D 617 -13.13 -47.08 -19.94
N GLY D 618 -12.70 -45.89 -20.34
CA GLY D 618 -13.26 -45.22 -21.51
C GLY D 618 -13.27 -46.12 -22.74
N GLY D 619 -14.42 -46.17 -23.42
CA GLY D 619 -14.54 -46.97 -24.64
C GLY D 619 -15.13 -48.35 -24.44
N ASP D 620 -15.10 -48.85 -23.20
CA ASP D 620 -15.54 -50.21 -22.92
C ASP D 620 -17.05 -50.40 -22.92
N PHE D 621 -17.80 -49.32 -23.13
CA PHE D 621 -19.26 -49.37 -23.12
C PHE D 621 -19.84 -49.06 -24.50
N GLY D 622 -18.97 -49.07 -25.50
CA GLY D 622 -19.34 -48.67 -26.85
C GLY D 622 -19.31 -47.16 -27.02
N ASP D 623 -18.93 -46.45 -25.96
CA ASP D 623 -18.85 -44.98 -25.96
C ASP D 623 -17.72 -44.48 -26.84
N THR D 624 -18.08 -43.60 -27.77
CA THR D 624 -17.15 -43.08 -28.76
C THR D 624 -17.64 -41.71 -29.25
N PRO D 625 -16.72 -40.74 -29.39
CA PRO D 625 -15.33 -40.79 -28.96
C PRO D 625 -15.20 -40.94 -27.44
N ASN D 626 -14.03 -41.41 -27.01
CA ASN D 626 -13.74 -41.60 -25.59
C ASN D 626 -12.24 -41.40 -25.39
N ASP D 627 -11.83 -41.22 -24.14
CA ASP D 627 -10.42 -41.00 -23.82
C ASP D 627 -9.78 -42.13 -23.01
N ARG D 628 -10.34 -43.33 -23.16
CA ARG D 628 -9.70 -44.58 -22.72
C ARG D 628 -9.37 -44.57 -21.23
N GLN D 629 -8.11 -44.84 -20.87
CA GLN D 629 -7.72 -45.00 -19.48
C GLN D 629 -7.47 -43.68 -18.73
N PHE D 630 -7.65 -42.54 -19.38
CA PHE D 630 -7.34 -41.24 -18.74
C PHE D 630 -8.27 -40.89 -17.57
N CYS D 631 -9.32 -41.70 -17.38
CA CYS D 631 -10.20 -41.58 -16.21
C CYS D 631 -9.64 -42.28 -14.97
N MET D 632 -8.55 -43.02 -15.12
CA MET D 632 -7.96 -43.73 -13.98
C MET D 632 -6.66 -43.06 -13.58
N ASN D 633 -6.75 -42.18 -12.58
CA ASN D 633 -5.61 -41.38 -12.14
C ASN D 633 -5.39 -41.49 -10.63
N GLY D 634 -5.98 -42.49 -10.01
CA GLY D 634 -6.09 -42.54 -8.56
C GLY D 634 -4.90 -43.08 -7.80
N LEU D 635 -4.81 -42.69 -6.53
CA LEU D 635 -3.89 -43.29 -5.58
C LEU D 635 -4.44 -44.65 -5.11
N VAL D 636 -5.77 -44.82 -5.19
CA VAL D 636 -6.40 -46.10 -4.88
C VAL D 636 -7.20 -46.64 -6.08
N PHE D 637 -7.35 -47.96 -6.14
CA PHE D 637 -8.24 -48.63 -7.10
C PHE D 637 -9.69 -48.28 -6.76
N ALA D 638 -10.59 -48.44 -7.71
CA ALA D 638 -12.00 -48.10 -7.49
C ALA D 638 -12.62 -48.77 -6.26
N ASP D 639 -12.13 -49.96 -5.89
CA ASP D 639 -12.60 -50.64 -4.66
C ASP D 639 -11.84 -50.22 -3.40
N ARG D 640 -10.98 -49.22 -3.55
CA ARG D 640 -10.26 -48.58 -2.43
C ARG D 640 -9.02 -49.35 -1.95
N THR D 641 -8.64 -50.38 -2.71
CA THR D 641 -7.34 -51.03 -2.54
C THR D 641 -6.23 -50.06 -2.97
N PRO D 642 -5.23 -49.86 -2.10
CA PRO D 642 -4.18 -48.90 -2.45
C PRO D 642 -3.38 -49.28 -3.68
N HIS D 643 -3.01 -48.29 -4.50
CA HIS D 643 -1.90 -48.43 -5.43
C HIS D 643 -0.65 -48.31 -4.57
N PRO D 644 0.50 -48.80 -5.08
CA PRO D 644 1.79 -48.61 -4.38
C PRO D 644 2.14 -47.13 -4.13
N ALA D 645 1.68 -46.23 -4.99
CA ALA D 645 1.96 -44.79 -4.83
C ALA D 645 1.46 -44.21 -3.50
N LEU D 646 0.40 -44.80 -2.93
CA LEU D 646 -0.21 -44.27 -1.69
C LEU D 646 0.78 -44.23 -0.53
N THR D 647 1.65 -45.24 -0.45
CA THR D 647 2.64 -45.30 0.63
C THR D 647 3.71 -44.22 0.47
N GLU D 648 4.03 -43.87 -0.78
CA GLU D 648 4.90 -42.72 -1.03
C GLU D 648 4.25 -41.44 -0.55
N ALA D 649 2.96 -41.26 -0.85
CA ALA D 649 2.23 -40.09 -0.35
C ALA D 649 2.27 -40.05 1.18
N LYS D 650 1.94 -41.18 1.81
CA LYS D 650 1.90 -41.27 3.27
C LYS D 650 3.21 -40.84 3.90
N HIS D 651 4.31 -41.39 3.39
CA HIS D 651 5.64 -41.12 3.90
C HIS D 651 6.04 -39.65 3.74
N GLN D 652 5.81 -39.07 2.56
CA GLN D 652 6.20 -37.68 2.33
C GLN D 652 5.31 -36.68 3.08
N GLN D 653 4.08 -37.08 3.35
CA GLN D 653 3.12 -36.26 4.11
C GLN D 653 3.17 -36.45 5.63
N GLN D 654 4.19 -37.18 6.12
CA GLN D 654 4.38 -37.41 7.56
C GLN D 654 4.40 -36.11 8.35
N PHE D 655 3.93 -36.17 9.60
CA PHE D 655 3.81 -35.00 10.45
C PHE D 655 4.97 -34.90 11.42
N PHE D 656 5.81 -35.93 11.42
CA PHE D 656 7.04 -35.93 12.21
C PHE D 656 8.24 -36.02 11.28
N GLN D 657 9.21 -35.14 11.51
CA GLN D 657 10.45 -35.08 10.72
C GLN D 657 11.63 -35.51 11.57
N PHE D 658 12.60 -36.18 10.95
CA PHE D 658 13.70 -36.76 11.70
C PHE D 658 15.06 -36.35 11.16
N ARG D 659 16.00 -36.10 12.07
CA ARG D 659 17.41 -35.96 11.72
C ARG D 659 18.23 -36.80 12.69
N LEU D 660 19.32 -37.38 12.20
CA LEU D 660 20.21 -38.20 13.01
C LEU D 660 21.58 -37.55 13.12
N SER D 661 22.09 -37.48 14.33
CA SER D 661 23.42 -36.98 14.59
C SER D 661 24.07 -37.86 15.65
N GLY D 662 24.96 -38.77 15.21
CA GLY D 662 25.59 -39.73 16.11
C GLY D 662 24.58 -40.67 16.72
N GLN D 663 24.37 -40.53 18.02
CA GLN D 663 23.45 -41.37 18.77
C GLN D 663 22.08 -40.71 18.95
N THR D 664 22.00 -39.42 18.63
CA THR D 664 20.82 -38.60 18.91
C THR D 664 19.88 -38.47 17.71
N ILE D 665 18.64 -38.93 17.88
CA ILE D 665 17.56 -38.69 16.93
C ILE D 665 16.83 -37.41 17.31
N GLU D 666 16.72 -36.47 16.37
CA GLU D 666 15.94 -35.27 16.59
C GLU D 666 14.58 -35.44 15.91
N VAL D 667 13.51 -35.35 16.70
CA VAL D 667 12.15 -35.46 16.18
C VAL D 667 11.51 -34.07 16.17
N THR D 668 11.11 -33.62 14.99
CA THR D 668 10.40 -32.34 14.83
C THR D 668 8.94 -32.60 14.46
N SER D 669 8.02 -31.98 15.19
CA SER D 669 6.60 -32.08 14.89
C SER D 669 6.16 -30.98 13.92
N GLU D 670 5.39 -31.37 12.91
CA GLU D 670 4.80 -30.42 11.98
C GLU D 670 3.34 -30.12 12.30
N TYR D 671 2.86 -30.61 13.45
CA TYR D 671 1.53 -30.24 13.91
C TYR D 671 1.52 -28.78 14.33
N LEU D 672 0.39 -28.14 14.10
CA LEU D 672 0.24 -26.72 14.41
C LEU D 672 -0.41 -26.53 15.75
N PHE D 673 -1.25 -27.49 16.12
CA PHE D 673 -2.13 -27.34 17.27
C PHE D 673 -1.95 -28.44 18.32
N ARG D 674 -1.82 -29.68 17.89
CA ARG D 674 -1.79 -30.79 18.83
C ARG D 674 -0.39 -31.18 19.28
N HIS D 675 -0.31 -31.63 20.53
CA HIS D 675 0.85 -32.27 21.14
C HIS D 675 0.85 -33.74 20.70
N SER D 676 2.01 -34.39 20.72
CA SER D 676 2.11 -35.80 20.34
C SER D 676 1.66 -36.72 21.49
N ASP D 677 0.40 -36.62 21.87
CA ASP D 677 -0.14 -37.32 23.05
C ASP D 677 -0.72 -38.72 22.75
N ASN D 678 -0.45 -39.24 21.56
CA ASN D 678 -0.82 -40.61 21.20
C ASN D 678 0.25 -41.21 20.30
N GLU D 679 1.49 -41.06 20.71
CA GLU D 679 2.62 -41.46 19.88
C GLU D 679 3.78 -42.02 20.70
N LEU D 680 4.41 -43.07 20.17
CA LEU D 680 5.73 -43.50 20.65
C LEU D 680 6.65 -43.89 19.51
N LEU D 681 7.94 -43.66 19.70
CA LEU D 681 8.92 -43.97 18.67
C LEU D 681 9.51 -45.34 18.92
N HIS D 682 9.25 -46.27 17.99
CA HIS D 682 9.94 -47.54 17.93
C HIS D 682 11.21 -47.37 17.10
N TRP D 683 12.31 -47.93 17.58
CA TRP D 683 13.56 -47.96 16.81
C TRP D 683 14.12 -49.39 16.71
N MET D 684 14.75 -49.67 15.57
CA MET D 684 15.33 -50.98 15.27
C MET D 684 16.68 -50.79 14.57
N VAL D 685 17.70 -51.50 15.05
CA VAL D 685 18.98 -51.59 14.34
C VAL D 685 19.16 -53.01 13.83
N ALA D 686 19.47 -53.13 12.54
CA ALA D 686 19.65 -54.43 11.91
C ALA D 686 20.89 -54.45 11.02
N LEU D 687 21.53 -55.62 10.95
CA LEU D 687 22.67 -55.85 10.08
C LEU D 687 22.22 -56.68 8.90
N ASP D 688 22.24 -56.08 7.71
CA ASP D 688 21.74 -56.74 6.49
C ASP D 688 20.49 -57.58 6.75
N GLY D 689 19.48 -56.95 7.34
CA GLY D 689 18.20 -57.62 7.59
C GLY D 689 18.09 -58.38 8.90
N LYS D 690 19.22 -58.58 9.58
CA LYS D 690 19.24 -59.33 10.84
C LYS D 690 19.16 -58.38 12.02
N PRO D 691 18.08 -58.47 12.83
CA PRO D 691 17.92 -57.55 13.96
C PRO D 691 18.98 -57.75 15.03
N LEU D 692 19.46 -56.63 15.59
CA LEU D 692 20.50 -56.64 16.61
C LEU D 692 20.04 -56.01 17.91
N ALA D 693 19.27 -54.93 17.80
CA ALA D 693 18.75 -54.19 18.93
C ALA D 693 17.46 -53.50 18.53
N SER D 694 16.58 -53.30 19.51
CA SER D 694 15.35 -52.55 19.30
C SER D 694 14.87 -51.94 20.62
N GLY D 695 13.80 -51.16 20.54
CA GLY D 695 13.26 -50.50 21.72
C GLY D 695 12.20 -49.48 21.36
N GLU D 696 11.69 -48.79 22.38
CA GLU D 696 10.69 -47.75 22.19
C GLU D 696 10.85 -46.62 23.20
N VAL D 697 10.55 -45.41 22.76
CA VAL D 697 10.65 -44.21 23.58
C VAL D 697 9.38 -43.38 23.33
N PRO D 698 8.74 -42.90 24.42
CA PRO D 698 7.55 -42.05 24.27
C PRO D 698 7.88 -40.75 23.55
N LEU D 699 7.01 -40.34 22.63
CA LEU D 699 7.14 -39.03 21.99
C LEU D 699 6.37 -37.99 22.78
N ASP D 700 7.08 -36.94 23.19
CA ASP D 700 6.50 -35.83 23.92
C ASP D 700 6.89 -34.54 23.21
N VAL D 701 6.32 -34.35 22.01
CA VAL D 701 6.68 -33.20 21.17
C VAL D 701 5.52 -32.21 21.08
N ALA D 702 5.81 -30.95 21.41
CA ALA D 702 4.84 -29.88 21.24
C ALA D 702 4.63 -29.56 19.75
N PRO D 703 3.48 -28.96 19.39
CA PRO D 703 3.32 -28.54 17.99
C PRO D 703 4.47 -27.61 17.57
N GLN D 704 5.06 -27.89 16.41
CA GLN D 704 6.23 -27.15 15.90
C GLN D 704 7.49 -27.32 16.75
N GLY D 705 7.46 -28.21 17.73
CA GLY D 705 8.56 -28.38 18.67
C GLY D 705 9.48 -29.51 18.27
N LYS D 706 10.52 -29.71 19.09
CA LYS D 706 11.53 -30.74 18.84
C LYS D 706 11.71 -31.61 20.08
N GLN D 707 12.12 -32.86 19.86
CA GLN D 707 12.50 -33.75 20.95
C GLN D 707 13.77 -34.49 20.56
N LEU D 708 14.76 -34.48 21.46
CA LEU D 708 16.01 -35.19 21.24
C LEU D 708 15.99 -36.55 21.95
N ILE D 709 16.24 -37.62 21.19
CA ILE D 709 16.24 -38.98 21.72
C ILE D 709 17.64 -39.59 21.56
N GLU D 710 18.32 -39.79 22.69
CA GLU D 710 19.62 -40.44 22.74
C GLU D 710 19.42 -41.96 22.69
N LEU D 711 19.84 -42.58 21.60
CA LEU D 711 19.80 -44.05 21.49
C LEU D 711 20.81 -44.67 22.45
N PRO D 712 20.46 -45.82 23.04
CA PRO D 712 21.41 -46.50 23.93
C PRO D 712 22.64 -47.00 23.17
N GLU D 713 23.71 -47.31 23.91
CA GLU D 713 24.92 -47.88 23.32
C GLU D 713 24.55 -49.17 22.59
N LEU D 714 24.91 -49.24 21.31
CA LEU D 714 24.56 -50.38 20.46
C LEU D 714 25.73 -51.35 20.36
N PRO D 715 25.46 -52.66 20.55
CA PRO D 715 26.51 -53.67 20.46
C PRO D 715 27.11 -53.74 19.06
N GLN D 716 28.44 -53.67 18.98
CA GLN D 716 29.15 -53.86 17.71
C GLN D 716 28.92 -55.28 17.21
N PRO D 717 28.46 -55.43 15.96
CA PRO D 717 28.28 -56.77 15.41
C PRO D 717 29.62 -57.40 15.06
N GLU D 718 29.66 -58.74 15.02
CA GLU D 718 30.84 -59.47 14.58
C GLU D 718 30.97 -59.37 13.06
N SER D 719 29.95 -59.88 12.38
CA SER D 719 29.92 -59.98 10.93
C SER D 719 30.10 -58.64 10.21
N ALA D 720 30.72 -58.70 9.04
CA ALA D 720 30.80 -57.58 8.13
C ALA D 720 29.41 -57.24 7.59
N GLY D 721 29.24 -56.02 7.10
CA GLY D 721 27.96 -55.59 6.53
C GLY D 721 27.54 -54.20 6.97
N GLN D 722 26.39 -53.76 6.48
CA GLN D 722 25.87 -52.43 6.75
C GLN D 722 24.81 -52.47 7.86
N LEU D 723 25.04 -51.69 8.91
CA LEU D 723 24.04 -51.50 9.94
C LEU D 723 23.01 -50.48 9.46
N TRP D 724 21.74 -50.78 9.72
CA TRP D 724 20.65 -49.87 9.35
C TRP D 724 19.81 -49.54 10.58
N LEU D 725 19.54 -48.25 10.76
CA LEU D 725 18.60 -47.80 11.79
C LEU D 725 17.26 -47.46 11.16
N THR D 726 16.19 -48.11 11.63
CA THR D 726 14.82 -47.82 11.22
C THR D 726 14.00 -47.30 12.41
N VAL D 727 13.36 -46.15 12.24
CA VAL D 727 12.44 -45.65 13.26
C VAL D 727 11.01 -45.58 12.71
N ARG D 728 10.04 -45.77 13.59
CA ARG D 728 8.64 -45.65 13.23
C ARG D 728 7.83 -45.06 14.37
N VAL D 729 6.88 -44.19 14.02
CA VAL D 729 5.99 -43.60 15.00
C VAL D 729 4.72 -44.44 15.03
N VAL D 730 4.43 -44.99 16.20
CA VAL D 730 3.29 -45.87 16.39
C VAL D 730 2.28 -45.15 17.28
N GLN D 731 1.00 -45.24 16.93
CA GLN D 731 -0.07 -44.72 17.77
C GLN D 731 -0.62 -45.88 18.62
N PRO D 732 -0.31 -45.89 19.94
CA PRO D 732 -0.73 -47.00 20.82
C PRO D 732 -2.25 -47.13 20.97
N ASN D 733 -2.95 -45.99 20.98
CA ASN D 733 -4.40 -45.99 21.14
C ASN D 733 -5.15 -45.80 19.83
N ALA D 734 -6.32 -46.43 19.74
CA ALA D 734 -7.21 -46.23 18.61
C ALA D 734 -7.75 -44.80 18.63
N THR D 735 -8.12 -44.31 17.45
CA THR D 735 -8.78 -42.99 17.34
C THR D 735 -10.09 -43.19 16.58
N ALA D 736 -10.79 -42.09 16.32
CA ALA D 736 -11.97 -42.13 15.45
C ALA D 736 -11.61 -42.55 14.02
N TRP D 737 -10.34 -42.36 13.65
CA TRP D 737 -9.91 -42.55 12.26
C TRP D 737 -8.92 -43.72 12.06
N SER D 738 -8.37 -44.24 13.15
CA SER D 738 -7.36 -45.30 13.08
C SER D 738 -7.43 -46.35 14.20
N GLU D 739 -6.90 -47.53 13.92
CA GLU D 739 -6.81 -48.61 14.90
C GLU D 739 -5.58 -48.46 15.78
N ALA D 740 -5.57 -49.15 16.92
CA ALA D 740 -4.42 -49.19 17.81
C ALA D 740 -3.24 -49.81 17.08
N GLY D 741 -2.05 -49.24 17.29
CA GLY D 741 -0.84 -49.69 16.59
C GLY D 741 -0.63 -49.09 15.21
N HIS D 742 -1.45 -48.12 14.83
CA HIS D 742 -1.31 -47.44 13.53
C HIS D 742 0.07 -46.77 13.42
N ILE D 743 0.75 -47.04 12.31
CA ILE D 743 2.05 -46.43 12.04
C ILE D 743 1.81 -45.16 11.21
N SER D 744 2.26 -44.02 11.74
CA SER D 744 2.00 -42.72 11.13
C SER D 744 3.20 -42.11 10.41
N ALA D 745 4.40 -42.55 10.79
CA ALA D 745 5.64 -41.99 10.26
C ALA D 745 6.77 -43.01 10.38
N TRP D 746 7.78 -42.86 9.51
CA TRP D 746 8.98 -43.70 9.57
C TRP D 746 10.14 -43.06 8.82
N GLN D 747 11.36 -43.51 9.16
CA GLN D 747 12.59 -43.04 8.54
C GLN D 747 13.72 -44.05 8.72
N GLN D 748 14.67 -44.06 7.79
CA GLN D 748 15.80 -44.98 7.82
C GLN D 748 17.12 -44.26 7.62
N TRP D 749 18.16 -44.76 8.29
CA TRP D 749 19.52 -44.29 8.11
C TRP D 749 20.50 -45.46 8.05
N ARG D 750 21.59 -45.28 7.31
CA ARG D 750 22.74 -46.15 7.39
C ARG D 750 23.55 -45.75 8.62
N LEU D 751 23.86 -46.72 9.47
CA LEU D 751 24.80 -46.48 10.57
C LEU D 751 26.20 -46.90 10.13
N ALA D 752 26.99 -47.47 11.04
CA ALA D 752 28.32 -47.95 10.69
C ALA D 752 28.28 -49.07 9.63
N GLU D 753 29.28 -49.08 8.76
CA GLU D 753 29.48 -50.18 7.82
C GLU D 753 30.86 -50.79 8.07
N ASN D 754 30.92 -52.12 8.06
CA ASN D 754 32.19 -52.84 8.08
C ASN D 754 32.34 -53.62 6.79
N LEU D 755 33.28 -53.18 5.95
CA LEU D 755 33.49 -53.81 4.65
C LEU D 755 34.13 -55.18 4.82
N SER D 756 33.63 -56.16 4.08
CA SER D 756 34.15 -57.52 4.13
C SER D 756 35.53 -57.57 3.49
N VAL D 757 36.51 -58.05 4.25
CA VAL D 757 37.90 -58.13 3.77
C VAL D 757 38.37 -59.58 3.61
N THR D 758 37.58 -60.53 4.10
CA THR D 758 37.97 -61.94 4.06
C THR D 758 37.67 -62.56 2.71
N LEU D 759 38.62 -63.35 2.21
CA LEU D 759 38.46 -64.05 0.93
C LEU D 759 37.53 -65.25 1.08
N PRO D 760 36.75 -65.57 0.03
CA PRO D 760 35.89 -66.75 0.06
C PRO D 760 36.69 -68.04 0.18
N ALA D 761 36.08 -69.07 0.77
CA ALA D 761 36.71 -70.37 0.94
C ALA D 761 37.24 -70.93 -0.38
N ALA D 762 38.49 -71.42 -0.36
CA ALA D 762 39.12 -71.97 -1.55
C ALA D 762 38.32 -73.13 -2.12
N SER D 763 38.18 -73.14 -3.44
CA SER D 763 37.36 -74.13 -4.13
C SER D 763 38.15 -75.39 -4.48
N HIS D 764 37.55 -76.55 -4.18
CA HIS D 764 38.17 -77.85 -4.50
C HIS D 764 38.04 -78.21 -5.98
N ALA D 765 36.81 -78.19 -6.49
CA ALA D 765 36.51 -78.60 -7.86
C ALA D 765 36.85 -77.53 -8.89
N ILE D 766 36.92 -77.95 -10.16
CA ILE D 766 37.17 -77.07 -11.30
C ILE D 766 36.17 -77.38 -12.41
N PRO D 767 35.45 -76.36 -12.92
CA PRO D 767 34.45 -76.62 -13.95
C PRO D 767 35.10 -76.97 -15.30
N HIS D 768 34.41 -77.80 -16.08
CA HIS D 768 34.92 -78.26 -17.36
C HIS D 768 34.22 -77.58 -18.53
N LEU D 769 35.01 -77.12 -19.50
CA LEU D 769 34.51 -76.54 -20.74
C LEU D 769 34.46 -77.58 -21.86
N THR D 770 33.29 -77.69 -22.48
CA THR D 770 33.09 -78.49 -23.68
C THR D 770 32.73 -77.55 -24.83
N THR D 771 33.42 -77.70 -25.95
CA THR D 771 33.24 -76.81 -27.10
C THR D 771 32.69 -77.52 -28.33
N SER D 772 31.69 -76.90 -28.95
CA SER D 772 31.25 -77.24 -30.30
C SER D 772 31.19 -75.95 -31.10
N GLU D 773 30.97 -76.05 -32.41
CA GLU D 773 30.85 -74.84 -33.24
C GLU D 773 29.68 -73.96 -32.78
N MET D 774 28.63 -74.60 -32.26
CA MET D 774 27.39 -73.91 -31.90
C MET D 774 27.30 -73.46 -30.44
N ASP D 775 28.04 -74.12 -29.54
CA ASP D 775 27.87 -73.91 -28.10
C ASP D 775 29.17 -74.01 -27.29
N PHE D 776 29.27 -73.20 -26.24
CA PHE D 776 30.20 -73.45 -25.13
C PHE D 776 29.39 -74.03 -23.97
N CYS D 777 29.75 -75.22 -23.52
CA CYS D 777 29.07 -75.86 -22.39
C CYS D 777 30.01 -76.01 -21.20
N ILE D 778 29.53 -75.67 -20.03
CA ILE D 778 30.32 -75.72 -18.80
C ILE D 778 29.61 -76.62 -17.78
N GLU D 779 30.35 -77.56 -17.21
CA GLU D 779 29.78 -78.51 -16.26
C GLU D 779 30.53 -78.48 -14.93
N LEU D 780 29.78 -78.62 -13.84
CA LEU D 780 30.34 -78.75 -12.49
C LEU D 780 29.36 -79.52 -11.62
N GLY D 781 29.76 -80.72 -11.20
CA GLY D 781 28.85 -81.62 -10.49
C GLY D 781 27.63 -81.89 -11.34
N ASN D 782 26.44 -81.68 -10.77
CA ASN D 782 25.19 -81.85 -11.52
C ASN D 782 24.71 -80.59 -12.25
N LYS D 783 25.55 -79.55 -12.25
CA LYS D 783 25.21 -78.27 -12.86
C LYS D 783 25.84 -78.08 -14.25
N ARG D 784 25.04 -77.57 -15.19
CA ARG D 784 25.52 -77.31 -16.54
C ARG D 784 25.05 -75.95 -17.05
N TRP D 785 25.96 -75.25 -17.72
CA TRP D 785 25.65 -73.97 -18.36
C TRP D 785 25.90 -74.08 -19.86
N GLN D 786 24.94 -73.63 -20.66
CA GLN D 786 25.09 -73.64 -22.12
C GLN D 786 25.03 -72.23 -22.71
N PHE D 787 26.12 -71.84 -23.38
CA PHE D 787 26.20 -70.57 -24.10
C PHE D 787 26.17 -70.79 -25.61
N ASN D 788 25.15 -70.22 -26.26
CA ASN D 788 24.99 -70.34 -27.70
C ASN D 788 25.98 -69.42 -28.42
N ARG D 789 26.77 -69.99 -29.33
CA ARG D 789 27.83 -69.25 -30.02
C ARG D 789 27.33 -68.42 -31.20
N GLN D 790 26.10 -68.69 -31.64
CA GLN D 790 25.51 -67.91 -32.73
C GLN D 790 24.84 -66.64 -32.19
N SER D 791 24.14 -66.77 -31.06
CA SER D 791 23.45 -65.65 -30.43
C SER D 791 24.34 -64.94 -29.41
N GLY D 792 25.24 -65.69 -28.76
CA GLY D 792 26.12 -65.13 -27.73
C GLY D 792 25.49 -65.02 -26.36
N PHE D 793 24.38 -65.73 -26.14
CA PHE D 793 23.66 -65.68 -24.87
C PHE D 793 23.64 -67.03 -24.15
N LEU D 794 23.56 -66.97 -22.82
CA LEU D 794 23.26 -68.15 -22.01
C LEU D 794 21.88 -68.65 -22.39
N SER D 795 21.83 -69.76 -23.13
CA SER D 795 20.57 -70.28 -23.65
C SER D 795 19.91 -71.31 -22.73
N GLN D 796 20.72 -71.97 -21.92
CA GLN D 796 20.20 -72.94 -20.98
C GLN D 796 21.12 -73.17 -19.79
N MET D 797 20.51 -73.51 -18.66
CA MET D 797 21.19 -73.99 -17.47
C MET D 797 20.51 -75.26 -16.98
N TRP D 798 21.31 -76.19 -16.46
CA TRP D 798 20.76 -77.44 -15.93
C TRP D 798 21.20 -77.70 -14.49
N ILE D 799 20.27 -78.17 -13.68
CA ILE D 799 20.59 -78.75 -12.38
C ILE D 799 20.08 -80.17 -12.45
N GLY D 800 21.00 -81.14 -12.46
CA GLY D 800 20.67 -82.52 -12.78
C GLY D 800 20.19 -82.60 -14.21
N ASP D 801 19.04 -83.24 -14.42
CA ASP D 801 18.43 -83.27 -15.75
C ASP D 801 17.36 -82.18 -15.94
N LYS D 802 17.17 -81.36 -14.92
CA LYS D 802 16.16 -80.29 -14.95
C LYS D 802 16.67 -79.01 -15.62
N LYS D 803 16.00 -78.61 -16.70
CA LYS D 803 16.32 -77.33 -17.37
C LYS D 803 15.79 -76.15 -16.54
N GLN D 804 16.55 -75.05 -16.54
CA GLN D 804 16.22 -73.91 -15.69
C GLN D 804 15.55 -72.74 -16.43
N LEU D 805 15.81 -72.64 -17.74
CA LEU D 805 15.33 -71.51 -18.54
C LEU D 805 14.37 -71.94 -19.63
N LEU D 806 13.39 -71.08 -19.92
CA LEU D 806 12.49 -71.26 -21.07
C LEU D 806 12.87 -70.29 -22.18
N THR D 807 13.54 -69.20 -21.80
CA THR D 807 14.01 -68.16 -22.72
C THR D 807 15.43 -67.78 -22.30
N PRO D 808 16.36 -67.65 -23.26
CA PRO D 808 17.73 -67.23 -22.98
C PRO D 808 17.85 -65.96 -22.15
N LEU D 809 18.96 -65.84 -21.40
CA LEU D 809 19.28 -64.61 -20.66
C LEU D 809 19.84 -63.58 -21.63
N ARG D 810 19.08 -62.50 -21.85
CA ARG D 810 19.44 -61.48 -22.85
C ARG D 810 19.34 -60.07 -22.26
N ASP D 811 20.11 -59.13 -22.82
CA ASP D 811 20.03 -57.74 -22.39
C ASP D 811 18.63 -57.19 -22.68
N GLN D 812 18.17 -56.26 -21.86
CA GLN D 812 16.91 -55.58 -22.12
C GLN D 812 17.11 -54.08 -21.89
N PHE D 813 16.65 -53.29 -22.85
CA PHE D 813 16.80 -51.83 -22.80
C PHE D 813 15.47 -51.09 -22.81
N THR D 814 14.38 -51.86 -22.88
CA THR D 814 13.02 -51.32 -22.97
C THR D 814 12.16 -51.78 -21.80
N ARG D 815 11.04 -51.07 -21.60
CA ARG D 815 10.02 -51.50 -20.65
C ARG D 815 8.65 -51.37 -21.31
N ALA D 816 7.70 -52.17 -20.84
CA ALA D 816 6.32 -52.05 -21.26
C ALA D 816 5.87 -50.68 -20.80
N PRO D 817 5.49 -49.80 -21.75
CA PRO D 817 5.39 -48.37 -21.43
C PRO D 817 4.37 -48.03 -20.35
N LEU D 818 4.79 -47.23 -19.38
CA LEU D 818 3.88 -46.72 -18.35
C LEU D 818 2.90 -45.74 -18.97
N ASP D 819 1.77 -45.49 -18.30
CA ASP D 819 0.90 -44.41 -18.73
C ASP D 819 1.65 -43.08 -18.91
N ASN D 820 2.61 -42.79 -18.00
CA ASN D 820 3.49 -41.63 -18.12
C ASN D 820 4.41 -41.66 -19.34
N ASP D 821 4.90 -42.86 -19.70
CA ASP D 821 5.73 -43.01 -20.91
C ASP D 821 4.89 -42.71 -22.17
N ILE D 822 3.63 -43.14 -22.14
CA ILE D 822 2.72 -42.98 -23.27
C ILE D 822 2.31 -41.52 -23.44
N ALA D 823 1.99 -40.87 -22.32
CA ALA D 823 1.76 -39.42 -22.26
C ALA D 823 0.63 -38.95 -23.17
N VAL D 824 -0.56 -39.48 -22.94
CA VAL D 824 -1.76 -39.13 -23.70
C VAL D 824 -2.86 -38.75 -22.74
N SER D 825 -3.44 -37.56 -22.94
CA SER D 825 -4.57 -37.09 -22.14
C SER D 825 -5.85 -37.03 -22.97
N GLU D 826 -5.69 -36.96 -24.29
CA GLU D 826 -6.80 -36.96 -25.24
C GLU D 826 -6.46 -37.97 -26.32
N ALA D 827 -7.32 -38.98 -26.48
CA ALA D 827 -7.06 -40.14 -27.35
C ALA D 827 -6.52 -39.83 -28.76
N THR D 828 -6.88 -38.67 -29.31
CA THR D 828 -6.42 -38.31 -30.65
C THR D 828 -5.06 -37.59 -30.66
N ARG D 829 -4.65 -37.05 -29.51
CA ARG D 829 -3.44 -36.22 -29.42
C ARG D 829 -2.19 -37.00 -29.04
N ILE D 830 -1.15 -36.80 -29.83
CA ILE D 830 0.13 -37.45 -29.60
C ILE D 830 1.22 -36.39 -29.48
N ASP D 831 2.01 -36.48 -28.41
CA ASP D 831 3.17 -35.63 -28.22
C ASP D 831 4.39 -36.39 -28.76
N PRO D 832 5.03 -35.88 -29.82
CA PRO D 832 6.22 -36.54 -30.38
C PRO D 832 7.40 -36.64 -29.40
N ASN D 833 7.40 -35.80 -28.36
CA ASN D 833 8.44 -35.86 -27.33
C ASN D 833 8.16 -36.88 -26.24
N ALA D 834 6.98 -37.49 -26.25
CA ALA D 834 6.65 -38.55 -25.28
C ALA D 834 7.74 -39.62 -25.33
N TRP D 835 8.11 -40.15 -24.17
CA TRP D 835 9.16 -41.17 -24.13
C TRP D 835 8.86 -42.37 -25.03
N VAL D 836 7.62 -42.86 -25.01
CA VAL D 836 7.25 -44.02 -25.83
C VAL D 836 7.41 -43.73 -27.33
N GLU D 837 7.12 -42.48 -27.71
CA GLU D 837 7.21 -42.07 -29.11
C GLU D 837 8.66 -42.01 -29.56
N ARG D 838 9.52 -41.46 -28.71
CA ARG D 838 10.94 -41.37 -29.03
C ARG D 838 11.59 -42.77 -29.08
N TRP D 839 11.21 -43.64 -28.14
CA TRP D 839 11.70 -45.02 -28.12
C TRP D 839 11.28 -45.81 -29.36
N LYS D 840 10.02 -45.68 -29.74
CA LYS D 840 9.51 -46.32 -30.96
C LYS D 840 10.23 -45.85 -32.22
N ALA D 841 10.34 -44.53 -32.37
CA ALA D 841 10.95 -43.93 -33.56
C ALA D 841 12.44 -44.25 -33.70
N ALA D 842 13.14 -44.45 -32.57
CA ALA D 842 14.56 -44.77 -32.61
C ALA D 842 14.80 -46.27 -32.80
N GLY D 843 13.74 -47.07 -32.70
CA GLY D 843 13.82 -48.51 -32.91
C GLY D 843 14.18 -49.33 -31.68
N HIS D 844 14.03 -48.74 -30.49
CA HIS D 844 14.34 -49.44 -29.24
C HIS D 844 13.58 -50.77 -29.09
N TYR D 845 12.30 -50.78 -29.47
CA TYR D 845 11.49 -52.00 -29.40
C TYR D 845 11.76 -53.00 -30.54
N GLN D 846 12.40 -52.56 -31.62
CA GLN D 846 12.67 -53.42 -32.78
C GLN D 846 14.12 -53.88 -32.87
N ALA D 847 14.97 -53.34 -32.01
CA ALA D 847 16.42 -53.52 -32.12
C ALA D 847 16.88 -54.97 -32.06
N GLU D 848 17.68 -55.37 -33.03
CA GLU D 848 18.18 -56.74 -33.13
C GLU D 848 19.61 -56.82 -32.62
N ALA D 849 19.88 -57.84 -31.82
CA ALA D 849 21.24 -58.10 -31.33
C ALA D 849 22.13 -58.66 -32.43
N ALA D 850 23.29 -58.06 -32.60
CA ALA D 850 24.30 -58.57 -33.51
C ALA D 850 25.49 -59.01 -32.68
N LEU D 851 25.90 -60.25 -32.84
CA LEU D 851 27.02 -60.78 -32.06
C LEU D 851 28.33 -60.29 -32.66
N LEU D 852 29.14 -59.66 -31.83
CA LEU D 852 30.43 -59.14 -32.26
C LEU D 852 31.57 -60.06 -31.81
N GLN D 853 31.40 -60.68 -30.64
CA GLN D 853 32.44 -61.48 -30.01
C GLN D 853 31.84 -62.48 -29.05
N CYS D 854 32.29 -63.73 -29.14
CA CYS D 854 31.95 -64.78 -28.18
C CYS D 854 33.13 -65.74 -28.03
N THR D 855 33.88 -65.60 -26.94
CA THR D 855 35.06 -66.44 -26.69
C THR D 855 34.96 -67.18 -25.36
N ALA D 856 35.73 -68.25 -25.24
CA ALA D 856 35.81 -69.03 -24.00
C ALA D 856 37.26 -69.26 -23.58
N ASP D 857 37.52 -69.13 -22.28
CA ASP D 857 38.85 -69.34 -21.73
C ASP D 857 38.75 -70.17 -20.46
N THR D 858 39.78 -70.98 -20.22
CA THR D 858 39.87 -71.76 -18.99
C THR D 858 40.93 -71.15 -18.07
N LEU D 859 40.53 -70.86 -16.84
CA LEU D 859 41.43 -70.32 -15.82
C LEU D 859 41.77 -71.39 -14.77
N ALA D 860 42.53 -70.99 -13.76
CA ALA D 860 42.96 -71.89 -12.68
C ALA D 860 41.82 -72.65 -12.01
N ASP D 861 40.77 -71.93 -11.62
CA ASP D 861 39.59 -72.55 -11.01
C ASP D 861 38.26 -72.09 -11.61
N ALA D 862 38.30 -71.55 -12.84
CA ALA D 862 37.09 -71.03 -13.48
C ALA D 862 37.11 -71.17 -15.00
N VAL D 863 35.91 -71.19 -15.59
CA VAL D 863 35.74 -70.99 -17.03
C VAL D 863 35.23 -69.56 -17.28
N LEU D 864 35.86 -68.86 -18.21
CA LEU D 864 35.54 -67.47 -18.53
C LEU D 864 34.94 -67.34 -19.93
N ILE D 865 33.72 -66.81 -20.00
CA ILE D 865 33.06 -66.53 -21.28
C ILE D 865 32.96 -65.01 -21.51
N THR D 866 33.51 -64.55 -22.62
CA THR D 866 33.50 -63.13 -22.97
C THR D 866 32.59 -62.92 -24.18
N THR D 867 31.67 -61.96 -24.08
CA THR D 867 30.77 -61.64 -25.20
C THR D 867 30.71 -60.14 -25.48
N ALA D 868 30.32 -59.81 -26.71
CA ALA D 868 30.04 -58.42 -27.09
C ALA D 868 28.91 -58.42 -28.10
N HIS D 869 27.95 -57.53 -27.89
CA HIS D 869 26.80 -57.39 -28.78
C HIS D 869 26.59 -55.94 -29.18
N ALA D 870 26.12 -55.73 -30.41
CA ALA D 870 25.64 -54.41 -30.83
C ALA D 870 24.14 -54.50 -31.12
N TRP D 871 23.38 -53.57 -30.56
CA TRP D 871 21.96 -53.42 -30.88
C TRP D 871 21.78 -52.33 -31.89
N GLN D 872 21.17 -52.69 -33.01
CA GLN D 872 21.13 -51.81 -34.16
C GLN D 872 19.71 -51.70 -34.72
N HIS D 873 19.41 -50.54 -35.30
CA HIS D 873 18.16 -50.33 -35.98
C HIS D 873 18.44 -49.57 -37.26
N GLN D 874 18.18 -50.22 -38.38
CA GLN D 874 18.38 -49.64 -39.71
C GLN D 874 19.74 -48.91 -39.85
N GLY D 875 20.81 -49.63 -39.51
CA GLY D 875 22.17 -49.11 -39.67
C GLY D 875 22.75 -48.42 -38.44
N LYS D 876 21.89 -47.98 -37.54
CA LYS D 876 22.30 -47.24 -36.36
C LYS D 876 22.57 -48.16 -35.17
N THR D 877 23.75 -48.05 -34.57
CA THR D 877 24.04 -48.80 -33.34
C THR D 877 23.54 -48.03 -32.13
N LEU D 878 22.51 -48.58 -31.50
CA LEU D 878 21.88 -47.95 -30.34
C LEU D 878 22.67 -48.23 -29.07
N PHE D 879 22.99 -49.51 -28.87
CA PHE D 879 23.58 -50.02 -27.65
C PHE D 879 24.67 -51.04 -27.96
N ILE D 880 25.71 -51.06 -27.12
CA ILE D 880 26.69 -52.14 -27.10
C ILE D 880 26.77 -52.70 -25.68
N SER D 881 26.68 -54.03 -25.57
CA SER D 881 26.82 -54.72 -24.30
C SER D 881 28.05 -55.64 -24.33
N ARG D 882 29.01 -55.36 -23.45
CA ARG D 882 30.19 -56.21 -23.31
C ARG D 882 30.12 -56.94 -21.98
N LYS D 883 30.21 -58.27 -22.02
CA LYS D 883 30.05 -59.07 -20.81
C LYS D 883 31.18 -60.07 -20.59
N THR D 884 31.38 -60.44 -19.33
CA THR D 884 32.08 -61.68 -18.99
C THR D 884 31.23 -62.49 -18.04
N TYR D 885 31.28 -63.81 -18.21
CA TYR D 885 30.66 -64.75 -17.29
C TYR D 885 31.78 -65.61 -16.73
N ARG D 886 31.99 -65.55 -15.42
CA ARG D 886 33.00 -66.36 -14.77
C ARG D 886 32.34 -67.41 -13.87
N ILE D 887 32.44 -68.67 -14.28
CA ILE D 887 31.89 -69.77 -13.50
C ILE D 887 33.05 -70.48 -12.81
N ASP D 888 33.06 -70.41 -11.48
CA ASP D 888 34.14 -70.99 -10.69
C ASP D 888 33.76 -72.38 -10.13
N GLY D 889 34.66 -72.94 -9.32
CA GLY D 889 34.43 -74.27 -8.75
C GLY D 889 33.41 -74.33 -7.62
N SER D 890 32.96 -73.16 -7.17
CA SER D 890 31.91 -73.11 -6.13
C SER D 890 30.49 -73.13 -6.72
N GLY D 891 30.39 -73.16 -8.05
CA GLY D 891 29.09 -73.23 -8.72
C GLY D 891 28.46 -71.86 -8.97
N GLN D 892 29.24 -70.81 -8.76
CA GLN D 892 28.75 -69.44 -8.88
C GLN D 892 29.14 -68.82 -10.22
N MET D 893 28.19 -68.13 -10.83
CA MET D 893 28.42 -67.47 -12.10
C MET D 893 28.39 -65.95 -11.92
N ALA D 894 29.58 -65.34 -11.97
CA ALA D 894 29.70 -63.88 -11.88
C ALA D 894 29.56 -63.25 -13.25
N ILE D 895 28.53 -62.43 -13.43
CA ILE D 895 28.27 -61.77 -14.71
C ILE D 895 28.62 -60.29 -14.61
N THR D 896 29.59 -59.86 -15.42
CA THR D 896 30.02 -58.47 -15.45
C THR D 896 29.54 -57.83 -16.74
N VAL D 897 28.77 -56.74 -16.63
CA VAL D 897 28.16 -56.11 -17.79
C VAL D 897 28.58 -54.64 -17.93
N ASP D 898 29.15 -54.30 -19.09
CA ASP D 898 29.46 -52.91 -19.41
C ASP D 898 28.75 -52.52 -20.69
N VAL D 899 27.90 -51.49 -20.58
CA VAL D 899 27.05 -51.09 -21.69
C VAL D 899 27.42 -49.70 -22.18
N GLU D 900 27.45 -49.54 -23.50
CA GLU D 900 27.57 -48.21 -24.12
C GLU D 900 26.24 -47.85 -24.76
N VAL D 901 25.78 -46.63 -24.50
CA VAL D 901 24.54 -46.10 -25.10
C VAL D 901 24.88 -44.91 -25.98
N ALA D 902 24.46 -44.96 -27.25
CA ALA D 902 24.77 -43.87 -28.19
C ALA D 902 24.16 -42.59 -27.66
N SER D 903 24.95 -41.51 -27.64
CA SER D 903 24.53 -40.27 -27.01
C SER D 903 23.32 -39.62 -27.71
N ASP D 904 23.17 -39.92 -29.00
CA ASP D 904 22.11 -39.32 -29.81
C ASP D 904 20.84 -40.18 -29.92
N THR D 905 20.82 -41.33 -29.26
CA THR D 905 19.60 -42.11 -29.11
C THR D 905 18.86 -41.65 -27.84
N PRO D 906 17.51 -41.73 -27.83
CA PRO D 906 16.81 -41.37 -26.59
C PRO D 906 17.25 -42.26 -25.43
N HIS D 907 17.41 -41.65 -24.25
CA HIS D 907 17.83 -42.39 -23.07
C HIS D 907 16.90 -43.59 -22.83
N PRO D 908 17.49 -44.78 -22.62
CA PRO D 908 16.69 -46.01 -22.55
C PRO D 908 15.95 -46.16 -21.22
N ALA D 909 14.82 -46.87 -21.27
CA ALA D 909 13.99 -47.13 -20.09
C ALA D 909 14.71 -47.91 -18.98
N ARG D 910 15.62 -48.79 -19.38
CA ARG D 910 16.36 -49.61 -18.42
C ARG D 910 17.65 -50.13 -19.04
N ILE D 911 18.59 -50.52 -18.19
CA ILE D 911 19.76 -51.27 -18.63
C ILE D 911 19.88 -52.50 -17.73
N GLY D 912 19.50 -53.64 -18.28
CA GLY D 912 19.46 -54.88 -17.51
C GLY D 912 19.40 -56.14 -18.33
N LEU D 913 19.05 -57.22 -17.64
CA LEU D 913 18.96 -58.54 -18.24
C LEU D 913 17.58 -59.09 -17.96
N ASN D 914 17.10 -59.93 -18.85
CA ASN D 914 15.87 -60.67 -18.58
C ASN D 914 15.92 -62.10 -19.11
N CYS D 915 15.13 -62.96 -18.50
CA CYS D 915 15.01 -64.34 -18.92
C CYS D 915 13.70 -64.88 -18.38
N GLN D 916 13.19 -65.94 -19.00
CA GLN D 916 12.06 -66.67 -18.45
C GLN D 916 12.58 -67.91 -17.72
N LEU D 917 12.34 -67.97 -16.42
CA LEU D 917 12.71 -69.14 -15.63
C LEU D 917 11.65 -70.22 -15.76
N ALA D 918 12.08 -71.48 -15.75
CA ALA D 918 11.15 -72.61 -15.76
C ALA D 918 10.45 -72.71 -14.41
N GLN D 919 11.17 -72.34 -13.36
CA GLN D 919 10.68 -72.38 -11.99
C GLN D 919 9.47 -71.47 -11.76
N VAL D 920 8.44 -72.02 -11.12
CA VAL D 920 7.36 -71.24 -10.54
C VAL D 920 7.34 -71.55 -9.05
N ALA D 921 7.77 -70.60 -8.23
CA ALA D 921 7.78 -70.77 -6.78
C ALA D 921 6.69 -69.91 -6.13
N GLU D 922 6.42 -70.18 -4.85
CA GLU D 922 5.34 -69.53 -4.14
C GLU D 922 5.79 -68.21 -3.54
N ARG D 923 7.06 -68.13 -3.15
CA ARG D 923 7.58 -66.97 -2.42
C ARG D 923 8.71 -66.27 -3.17
N VAL D 924 8.90 -64.98 -2.85
CA VAL D 924 10.05 -64.22 -3.29
C VAL D 924 10.67 -63.60 -2.05
N ASN D 925 11.97 -63.80 -1.89
CA ASN D 925 12.70 -63.30 -0.74
C ASN D 925 13.81 -62.39 -1.23
N TRP D 926 13.89 -61.18 -0.70
CA TRP D 926 14.94 -60.26 -1.13
C TRP D 926 15.46 -59.36 -0.01
N LEU D 927 16.75 -59.03 -0.12
CA LEU D 927 17.37 -58.03 0.72
C LEU D 927 17.52 -56.75 -0.12
N GLY D 928 16.69 -55.76 0.19
CA GLY D 928 16.63 -54.53 -0.59
C GLY D 928 15.46 -53.66 -0.16
N LEU D 929 15.14 -52.66 -0.97
CA LEU D 929 14.05 -51.75 -0.65
C LEU D 929 12.70 -52.43 -0.83
N GLY D 930 11.83 -52.23 0.15
CA GLY D 930 10.48 -52.78 0.09
C GLY D 930 9.61 -52.40 1.29
N PRO D 931 8.49 -53.11 1.50
CA PRO D 931 8.11 -54.30 0.74
C PRO D 931 7.43 -54.03 -0.61
N GLN D 932 6.88 -52.84 -0.79
CA GLN D 932 6.07 -52.54 -1.97
C GLN D 932 6.90 -52.11 -3.17
N GLU D 933 6.26 -52.16 -4.33
CA GLU D 933 6.78 -51.60 -5.58
C GLU D 933 7.42 -50.22 -5.37
N ASN D 934 8.63 -50.06 -5.87
CA ASN D 934 9.36 -48.80 -5.77
C ASN D 934 10.29 -48.60 -6.96
N TYR D 935 10.39 -47.35 -7.41
CA TYR D 935 11.19 -46.99 -8.57
C TYR D 935 12.19 -45.90 -8.17
N PRO D 936 13.19 -45.63 -9.04
CA PRO D 936 14.23 -44.68 -8.62
C PRO D 936 13.72 -43.30 -8.14
N ASP D 937 12.70 -42.76 -8.79
CA ASP D 937 12.08 -41.48 -8.33
C ASP D 937 10.84 -41.67 -7.45
N ARG D 938 10.55 -42.93 -7.08
CA ARG D 938 9.51 -43.23 -6.09
C ARG D 938 9.93 -44.40 -5.19
N LEU D 939 10.91 -44.16 -4.32
CA LEU D 939 11.41 -45.18 -3.39
C LEU D 939 11.67 -44.65 -1.99
N THR D 940 11.32 -43.38 -1.73
CA THR D 940 11.61 -42.80 -0.42
C THR D 940 10.85 -43.51 0.72
N ALA D 941 9.67 -44.04 0.40
CA ALA D 941 8.81 -44.74 1.37
C ALA D 941 9.31 -46.16 1.69
N ALA D 942 9.94 -46.80 0.70
CA ALA D 942 10.48 -48.15 0.83
C ALA D 942 11.61 -48.19 1.85
N CYS D 943 11.76 -49.34 2.51
CA CYS D 943 12.82 -49.52 3.49
C CYS D 943 13.74 -50.68 3.09
N PHE D 944 15.03 -50.53 3.39
CA PHE D 944 15.98 -51.60 3.16
C PHE D 944 15.89 -52.58 4.30
N ASP D 945 15.54 -53.83 3.95
CA ASP D 945 15.41 -54.92 4.91
C ASP D 945 15.22 -56.23 4.16
N ARG D 946 15.04 -57.31 4.91
CA ARG D 946 14.73 -58.62 4.37
C ARG D 946 13.22 -58.74 4.22
N TRP D 947 12.76 -58.89 2.98
CA TRP D 947 11.34 -58.97 2.69
C TRP D 947 10.99 -60.32 2.09
N ASP D 948 9.79 -60.83 2.39
CA ASP D 948 9.34 -62.13 1.92
C ASP D 948 7.84 -62.07 1.65
N LEU D 949 7.46 -62.21 0.39
CA LEU D 949 6.07 -62.08 -0.02
C LEU D 949 5.69 -63.20 -0.98
N PRO D 950 4.39 -63.50 -1.12
CA PRO D 950 4.00 -64.41 -2.20
C PRO D 950 4.31 -63.79 -3.56
N LEU D 951 4.51 -64.62 -4.58
CA LEU D 951 4.87 -64.15 -5.91
C LEU D 951 3.89 -63.10 -6.44
N SER D 952 2.60 -63.32 -6.19
CA SER D 952 1.55 -62.45 -6.72
C SER D 952 1.65 -61.01 -6.22
N ASP D 953 2.19 -60.83 -5.01
CA ASP D 953 2.43 -59.49 -4.44
C ASP D 953 3.56 -58.73 -5.15
N MET D 954 4.30 -59.42 -6.00
CA MET D 954 5.39 -58.83 -6.78
C MET D 954 4.90 -58.34 -8.15
N TYR D 955 3.59 -58.46 -8.37
CA TYR D 955 2.92 -57.91 -9.53
C TYR D 955 1.91 -56.87 -9.03
N THR D 956 1.88 -55.71 -9.67
CA THR D 956 0.91 -54.67 -9.32
C THR D 956 -0.17 -54.63 -10.37
N PRO D 957 -1.42 -54.95 -9.99
CA PRO D 957 -2.48 -55.09 -10.98
C PRO D 957 -3.06 -53.75 -11.46
N TYR D 958 -2.21 -52.89 -12.03
CA TYR D 958 -2.68 -51.69 -12.73
C TYR D 958 -3.70 -52.09 -13.79
N VAL D 959 -4.86 -51.43 -13.79
CA VAL D 959 -5.94 -51.76 -14.73
C VAL D 959 -5.46 -51.70 -16.18
N PHE D 960 -4.71 -50.65 -16.51
CA PHE D 960 -3.97 -50.64 -17.77
C PHE D 960 -2.55 -51.18 -17.50
N PRO D 961 -2.22 -52.36 -18.07
CA PRO D 961 -0.95 -53.03 -17.76
C PRO D 961 0.25 -52.30 -18.34
N SER D 962 1.34 -52.33 -17.58
CA SER D 962 2.61 -51.73 -17.96
C SER D 962 3.69 -52.37 -17.11
N GLU D 963 4.94 -51.97 -17.33
CA GLU D 963 6.01 -52.30 -16.40
C GLU D 963 5.50 -52.01 -15.00
N ASN D 964 5.74 -52.96 -14.09
CA ASN D 964 5.25 -52.86 -12.72
C ASN D 964 6.06 -53.78 -11.80
N GLY D 965 5.97 -53.51 -10.50
CA GLY D 965 6.47 -54.41 -9.48
C GLY D 965 7.95 -54.31 -9.17
N LEU D 966 8.63 -53.32 -9.73
CA LEU D 966 10.07 -53.16 -9.50
C LEU D 966 10.36 -52.89 -8.04
N ARG D 967 11.49 -53.42 -7.57
CA ARG D 967 12.05 -53.11 -6.27
C ARG D 967 13.49 -52.70 -6.52
N CYS D 968 13.90 -51.59 -5.91
CA CYS D 968 15.23 -51.04 -6.14
C CYS D 968 16.17 -51.36 -4.97
N GLY D 969 17.44 -50.98 -5.13
CA GLY D 969 18.45 -51.07 -4.09
C GLY D 969 18.60 -52.47 -3.51
N THR D 970 18.47 -53.48 -4.38
CA THR D 970 18.46 -54.87 -3.93
C THR D 970 19.84 -55.51 -4.05
N ARG D 971 20.27 -56.14 -2.96
CA ARG D 971 21.59 -56.74 -2.88
C ARG D 971 21.55 -58.26 -3.01
N GLU D 972 20.39 -58.83 -2.71
CA GLU D 972 20.19 -60.28 -2.77
C GLU D 972 18.74 -60.60 -3.09
N LEU D 973 18.55 -61.51 -4.04
CA LEU D 973 17.23 -61.96 -4.44
C LEU D 973 17.18 -63.48 -4.45
N ASN D 974 16.14 -64.03 -3.85
CA ASN D 974 15.95 -65.49 -3.74
C ASN D 974 14.63 -65.93 -4.34
N TYR D 975 14.69 -66.88 -5.27
CA TYR D 975 13.51 -67.44 -5.89
C TYR D 975 13.73 -68.91 -6.19
N GLY D 976 13.00 -69.78 -5.48
CA GLY D 976 13.21 -71.23 -5.58
C GLY D 976 14.64 -71.57 -5.18
N PRO D 977 15.36 -72.29 -6.06
CA PRO D 977 16.77 -72.63 -5.79
C PRO D 977 17.74 -71.51 -6.20
N HIS D 978 17.26 -70.51 -6.92
CA HIS D 978 18.12 -69.44 -7.44
C HIS D 978 18.38 -68.34 -6.41
N GLN D 979 19.62 -67.83 -6.43
CA GLN D 979 19.98 -66.61 -5.71
C GLN D 979 20.81 -65.69 -6.60
N TRP D 980 20.40 -64.43 -6.69
CA TRP D 980 21.19 -63.41 -7.38
C TRP D 980 21.71 -62.40 -6.39
N ARG D 981 22.96 -62.01 -6.54
CA ARG D 981 23.56 -61.03 -5.65
C ARG D 981 24.22 -59.91 -6.45
N GLY D 982 24.26 -58.73 -5.87
CA GLY D 982 24.89 -57.55 -6.48
C GLY D 982 24.32 -56.26 -5.91
N ASP D 983 24.00 -55.33 -6.80
CA ASP D 983 23.34 -54.08 -6.44
C ASP D 983 22.44 -53.67 -7.62
N PHE D 984 21.19 -54.13 -7.57
CA PHE D 984 20.32 -54.08 -8.74
C PHE D 984 18.88 -53.74 -8.43
N GLN D 985 18.08 -53.56 -9.48
CA GLN D 985 16.64 -53.41 -9.36
C GLN D 985 16.05 -54.60 -10.08
N PHE D 986 14.89 -55.06 -9.64
CA PHE D 986 14.28 -56.23 -10.24
C PHE D 986 12.76 -56.19 -10.18
N ASN D 987 12.13 -56.80 -11.17
CA ASN D 987 10.78 -57.26 -11.00
C ASN D 987 10.69 -58.74 -11.38
N ILE D 988 9.65 -59.40 -10.90
CA ILE D 988 9.51 -60.83 -11.11
C ILE D 988 8.02 -61.17 -11.12
N SER D 989 7.58 -61.86 -12.16
CA SER D 989 6.17 -62.18 -12.32
C SER D 989 5.95 -63.21 -13.43
N ARG D 990 4.69 -63.59 -13.59
CA ARG D 990 4.28 -64.55 -14.61
C ARG D 990 3.96 -63.89 -15.95
N TYR D 991 4.22 -62.58 -16.06
CA TYR D 991 3.89 -61.85 -17.29
C TYR D 991 5.11 -61.21 -17.92
N SER D 992 5.35 -61.51 -19.20
CA SER D 992 6.45 -60.90 -19.94
C SER D 992 6.20 -59.41 -20.20
N GLN D 993 7.28 -58.66 -20.35
CA GLN D 993 7.20 -57.26 -20.78
C GLN D 993 6.42 -57.14 -22.08
N GLN D 994 6.67 -58.06 -23.00
CA GLN D 994 5.92 -58.13 -24.26
C GLN D 994 4.42 -58.24 -24.03
N GLN D 995 3.99 -59.17 -23.18
CA GLN D 995 2.56 -59.34 -22.90
C GLN D 995 1.94 -58.10 -22.25
N LEU D 996 2.61 -57.54 -21.24
CA LEU D 996 2.14 -56.33 -20.57
C LEU D 996 1.94 -55.20 -21.57
N MET D 997 2.86 -55.12 -22.52
CA MET D 997 2.90 -54.09 -23.56
C MET D 997 1.79 -54.24 -24.61
N GLU D 998 1.41 -55.48 -24.89
CA GLU D 998 0.39 -55.76 -25.92
C GLU D 998 -1.03 -55.89 -25.35
N THR D 999 -1.18 -55.78 -24.03
CA THR D 999 -2.46 -56.03 -23.37
C THR D 999 -3.04 -54.74 -22.78
N SER D 1000 -4.32 -54.47 -23.07
CA SER D 1000 -4.96 -53.20 -22.69
C SER D 1000 -5.64 -53.21 -21.32
N HIS D 1001 -6.04 -54.39 -20.85
CA HIS D 1001 -6.73 -54.54 -19.57
C HIS D 1001 -6.12 -55.65 -18.75
N ARG D 1002 -6.04 -55.46 -17.43
CA ARG D 1002 -5.44 -56.44 -16.52
C ARG D 1002 -6.13 -57.80 -16.53
N HIS D 1003 -7.46 -57.81 -16.72
CA HIS D 1003 -8.23 -59.05 -16.70
C HIS D 1003 -7.92 -59.94 -17.93
N LEU D 1004 -7.35 -59.36 -18.97
CA LEU D 1004 -7.00 -60.10 -20.18
C LEU D 1004 -5.58 -60.71 -20.15
N LEU D 1005 -4.87 -60.52 -19.05
CA LEU D 1005 -3.54 -61.10 -18.88
C LEU D 1005 -3.66 -62.57 -18.54
N HIS D 1006 -2.74 -63.38 -19.05
CA HIS D 1006 -2.67 -64.80 -18.71
C HIS D 1006 -1.27 -65.14 -18.21
N ALA D 1007 -1.20 -65.91 -17.13
CA ALA D 1007 0.08 -66.38 -16.60
C ALA D 1007 0.80 -67.18 -17.68
N GLU D 1008 2.06 -66.85 -17.91
CA GLU D 1008 2.89 -67.55 -18.89
C GLU D 1008 3.55 -68.76 -18.24
N GLU D 1009 4.18 -69.61 -19.04
CA GLU D 1009 4.67 -70.92 -18.56
C GLU D 1009 5.53 -70.87 -17.30
N GLY D 1010 6.52 -69.99 -17.27
CA GLY D 1010 7.42 -69.95 -16.14
C GLY D 1010 7.30 -68.66 -15.36
N THR D 1011 8.44 -68.08 -15.00
CA THR D 1011 8.49 -66.84 -14.25
C THR D 1011 9.45 -65.90 -14.96
N TRP D 1012 8.94 -64.74 -15.38
CA TRP D 1012 9.77 -63.74 -16.02
C TRP D 1012 10.51 -62.94 -14.99
N LEU D 1013 11.83 -62.86 -15.17
CA LEU D 1013 12.67 -62.07 -14.29
C LEU D 1013 13.34 -60.98 -15.09
N ASN D 1014 13.19 -59.75 -14.63
CA ASN D 1014 13.90 -58.60 -15.21
C ASN D 1014 14.82 -58.04 -14.14
N ILE D 1015 16.13 -58.21 -14.33
CA ILE D 1015 17.10 -57.68 -13.37
C ILE D 1015 17.88 -56.53 -14.00
N ASP D 1016 17.78 -55.35 -13.39
CA ASP D 1016 18.33 -54.14 -13.98
C ASP D 1016 19.52 -53.61 -13.19
N GLY D 1017 20.58 -53.27 -13.89
CA GLY D 1017 21.63 -52.47 -13.28
C GLY D 1017 21.08 -51.09 -13.00
N PHE D 1018 20.25 -50.60 -13.92
CA PHE D 1018 19.76 -49.23 -13.92
C PHE D 1018 18.36 -49.21 -14.51
N HIS D 1019 17.51 -48.33 -13.98
CA HIS D 1019 16.14 -48.19 -14.45
C HIS D 1019 15.77 -46.71 -14.44
N MET D 1020 15.06 -46.27 -15.48
CA MET D 1020 14.62 -44.87 -15.61
C MET D 1020 13.53 -44.56 -14.61
N GLY D 1021 13.52 -43.33 -14.12
CA GLY D 1021 12.40 -42.82 -13.34
C GLY D 1021 11.06 -43.02 -14.04
N ILE D 1022 9.98 -42.92 -13.28
CA ILE D 1022 8.63 -43.12 -13.84
C ILE D 1022 7.94 -41.80 -14.13
N GLY D 1023 8.41 -40.72 -13.49
CA GLY D 1023 7.80 -39.40 -13.66
C GLY D 1023 6.39 -39.31 -13.09
N GLY D 1024 5.61 -38.37 -13.61
CA GLY D 1024 4.25 -38.16 -13.17
C GLY D 1024 3.89 -36.72 -12.83
N ASP D 1025 4.84 -35.80 -12.95
CA ASP D 1025 4.53 -34.38 -12.71
C ASP D 1025 3.26 -34.02 -13.49
N ASP D 1026 3.19 -34.51 -14.72
CA ASP D 1026 1.93 -34.74 -15.40
C ASP D 1026 2.06 -36.05 -16.21
N SER D 1027 1.00 -36.46 -16.90
CA SER D 1027 1.00 -37.72 -17.65
C SER D 1027 0.66 -37.53 -19.13
N TRP D 1028 1.05 -36.37 -19.68
CA TRP D 1028 0.77 -36.05 -21.08
C TRP D 1028 1.91 -35.27 -21.73
N SER D 1029 3.08 -35.34 -21.11
CA SER D 1029 4.31 -34.77 -21.64
C SER D 1029 5.47 -35.47 -20.92
N PRO D 1030 6.69 -35.40 -21.49
CA PRO D 1030 7.82 -35.99 -20.76
C PRO D 1030 7.95 -35.36 -19.37
N SER D 1031 7.99 -36.20 -18.34
CA SER D 1031 7.92 -35.72 -16.95
C SER D 1031 8.95 -36.35 -16.01
N VAL D 1032 9.90 -37.10 -16.56
CA VAL D 1032 10.96 -37.71 -15.77
C VAL D 1032 12.10 -36.71 -15.65
N SER D 1033 12.43 -36.34 -14.41
CA SER D 1033 13.46 -35.34 -14.18
C SER D 1033 14.83 -35.86 -14.66
N ALA D 1034 15.68 -34.94 -15.09
CA ALA D 1034 16.96 -35.28 -15.70
C ALA D 1034 17.82 -36.26 -14.89
N GLU D 1035 17.85 -36.08 -13.57
CA GLU D 1035 18.68 -36.91 -12.70
C GLU D 1035 18.23 -38.36 -12.63
N PHE D 1036 17.02 -38.64 -13.14
CA PHE D 1036 16.47 -40.00 -13.18
C PHE D 1036 16.43 -40.59 -14.59
N GLN D 1037 17.02 -39.89 -15.55
CA GLN D 1037 17.15 -40.39 -16.92
C GLN D 1037 18.50 -41.11 -17.07
N LEU D 1038 18.56 -42.12 -17.92
CA LEU D 1038 19.78 -42.92 -18.11
C LEU D 1038 20.65 -42.31 -19.21
N SER D 1039 21.35 -41.24 -18.83
CA SER D 1039 22.07 -40.40 -19.76
C SER D 1039 23.60 -40.47 -19.63
N ALA D 1040 24.09 -41.33 -18.74
CA ALA D 1040 25.54 -41.40 -18.47
C ALA D 1040 26.38 -41.89 -19.65
N GLY D 1041 25.75 -42.58 -20.61
CA GLY D 1041 26.45 -43.03 -21.81
C GLY D 1041 27.14 -44.38 -21.64
N ARG D 1042 27.80 -44.55 -20.50
CA ARG D 1042 28.42 -45.83 -20.17
C ARG D 1042 27.93 -46.32 -18.81
N TYR D 1043 27.58 -47.60 -18.75
CA TYR D 1043 27.02 -48.20 -17.53
C TYR D 1043 27.70 -49.51 -17.18
N HIS D 1044 27.94 -49.70 -15.89
CA HIS D 1044 28.56 -50.91 -15.39
C HIS D 1044 27.73 -51.51 -14.28
N TYR D 1045 27.51 -52.82 -14.36
CA TYR D 1045 26.90 -53.56 -13.26
C TYR D 1045 27.37 -55.01 -13.20
N GLN D 1046 27.31 -55.59 -12.01
CA GLN D 1046 27.76 -56.97 -11.82
C GLN D 1046 26.81 -57.77 -10.95
N LEU D 1047 26.52 -58.98 -11.41
CA LEU D 1047 25.60 -59.90 -10.73
C LEU D 1047 26.29 -61.23 -10.48
N VAL D 1048 25.95 -61.87 -9.36
CA VAL D 1048 26.37 -63.25 -9.13
C VAL D 1048 25.14 -64.14 -9.03
N TRP D 1049 25.10 -65.16 -9.88
CA TRP D 1049 24.02 -66.15 -9.91
C TRP D 1049 24.52 -67.48 -9.38
N CYS D 1050 23.85 -68.02 -8.37
CA CYS D 1050 24.17 -69.34 -7.84
C CYS D 1050 22.92 -70.10 -7.39
N GLN D 1051 23.11 -71.34 -6.96
CA GLN D 1051 22.03 -72.11 -6.34
C GLN D 1051 22.19 -72.10 -4.82
N LYS D 1052 21.12 -71.72 -4.13
CA LYS D 1052 21.07 -71.75 -2.68
C LYS D 1052 20.42 -73.06 -2.23
#